data_7EZT
#
_entry.id   7EZT
#
_cell.length_a   96.200
_cell.length_b   119.505
_cell.length_c   161.931
_cell.angle_alpha   90.000
_cell.angle_beta   103.401
_cell.angle_gamma   90.000
#
_symmetry.space_group_name_H-M   'P 1 21 1'
#
loop_
_entity.id
_entity.type
_entity.pdbx_description
1 polymer Beta-N-acetylhexosaminidase
2 polymer Beta-N-acetylhexosaminidase
3 polymer Beta-N-acetylhexosaminidase
4 polymer Beta-N-acetylhexosaminidase
5 non-polymer 'MAGNESIUM ION'
6 water water
#
loop_
_entity_poly.entity_id
_entity_poly.type
_entity_poly.pdbx_seq_one_letter_code
_entity_poly.pdbx_strand_id
1 'polypeptide(L)'
;QDAKQIADSLSIPPVKAGAKQLP(MSE)PSVSGAQIKLLGADYEQLVNSKGKIAPVISDTPVNVSFKVTKDGKEAVSKDY
EI(MSE)LQAPQAAQGNPKPRIIPEILQWKGGQGEYKLGNTVTIACPDKELGKLFAAD(MSE)EDVLGKKVKLVAPGAKA
DISLSLLKGGNLGREGYRLQIARDGVRLGAAAPTGLFWGTRTLLQ(MSE)LRQTPGSVPCGTAVDFPRYQLRGF(MSE)L
DVARTPYPLSYLKDVIRT(MSE)AWYK(MSE)NDLHLVINNNYIFHEHYVDNGHDPFKESYAAFRLESK(MSE)KGKDGT
PLTARDLFYTKKEFADLVSYARKYGVNIVPEFDTPGHALSFTRLRPDLIYKGP(MSE)NHEKRRCE(MSE)LDAANPETI
DLVSKVFDEY(MSE)LKDPKLGRPVFADCGVVHVGADEFYGDKEDYRHFANAVLTHALKRGYTPRIWGSLSAKPGKTPVV
SKGVQ(MSE)NLWSTGW(MSE)KAWEAVNQGYDVINTNDGALYIVPFAGYYR(MSE)DRNHKGLYNNWIPNRIGNETLPS
GHPQLLGGTFAVWNDETDI(MSE)HTGYAPYDIWGIISGS(MSE)DVLSQKLWGTAKAPDTFEQHRELVSSIGNAPRTNP
LHKWKDSQPLTVKPSSLPQKLDKPALGPNYRLT(MSE)ELELTAAPEGKEQVLLAAPEGELLAV(MSE)KDGTVGFRRDD
SLEFSFGAKLPVGKKVKVEIVGEPEKTSLLLDGEPAGTAVLKNFSDKSKDFSDKFKHRPKVHRSTFILPLKELGSSFQGK
VFH(MSE)NVQPL
;
A
2 'polypeptide(L)'
;SIPPVKAGAKQLP(MSE)PSVSGAQIKLLGADYEQLVNSKGKIAPVISDTPVNVSFKVTKDGKEAVSKDYEI(MSE)LQA
PQAAQGNPKPRIIPEILQWKGGQGEYKLGNTVTIACPDKELGKLFAAD(MSE)EDVLGKKVKLVAPGAKADISLSLLKGG
NLGREGYRLQIARDGVRLGAAAPTGLFWGTRTLLQ(MSE)LRQTPGSVPCGTAVDFPRYQLRGF(MSE)LDVARTPYPLS
YLKDVIRT(MSE)AWYK(MSE)NDLHLVINNNYIFHEHYVDNGHDPFKESYAAFRLESK(MSE)KGKDGTPLTARDLFYT
KKEFADLVSYARKYGVNIVPEFDTPGHALSFTRLRPDLIYKGP(MSE)NHEKRRCE(MSE)LDAANPETIDLVSKVFDEY
(MSE)LKDPKLGRPVFADCGVVHVGADEFYGDKEDYRHFANAVLTHALKRGYTPRIWGSLSAKPGKTPVVSKGVQ(MSE)
NLWSTGW(MSE)KAWEAVNQGYDVINTNDGALYIVPFAGYYR(MSE)DRNHKGLYNNWIPNRIGNETLPSGHPQLLGGTF
AVWNDETDI(MSE)HTGYAPYDIWGIISGS(MSE)DVLSQKLWGTAKAPDTFEQHRELVSSIGNAPRTNPLHKWKDSQPL
TVKPSSLPQKLDKPALGPNYRLT(MSE)ELELTAAPEGKEQVLLAAPEGELLAV(MSE)KDGTVGFRRDDSLEFSFGAKL
PVGKKVKVEIVGEPEKTSLLLDGEPAGTAVLKNFSDKSKDFSDKFKHRPKVHRSTFILPLKELGSSFQGKVFH(MSE)NV
QPL
;
B
3 'polypeptide(L)'
;ADSLSIPPVKAGAKQLP(MSE)PSVSGAQIKLLGADYEQLVNSKGKIAPVISDTPVNVSFKVTKDGKEAVSKDYEI
(MSE)LQAPQAAQGNPKPRIIPEILQWKGGQGEYKLGNTVTIACPDKELGKLFAAD(MSE)EDVLGKKVKLVAPGAKADI
SLSLLKGGNLGREGYRLQIARDGVRLGAAAPTGLFWGTRTLLQ(MSE)LRQTPGSVPCGTAVDFPRYQLRGF(MSE)LDV
ARTPYPLSYLKDVIRT(MSE)AWYK(MSE)NDLHLVINNNYIFHEHYVDNGHDPFKESYAAFRLESK(MSE)KGKDGTPL
TARDLFYTKKEFADLVSYARKYGVNIVPEFDTPGHALSFTRLRPDLIYKGP(MSE)NHEKRRCE(MSE)LDAANPETIDL
VSKVFDEY(MSE)LKDPKLGRPVFADCGVVHVGADEFYGDKEDYRHFANAVLTHALKRGYTPRIWGSLSAKPGKTPVVSK
GVQ(MSE)NLWSTGW(MSE)KAWEAVNQGYDVINTNDGALYIVPFAGYYR(MSE)DRNHKGLYNNWIPNRIGNETLPSGH
PQLLGGTFAVWNDETDI(MSE)HTGYAPYDIWGIISGS(MSE)DVLSQKLWGTAKAPDTFEQHRELVSSIGNAPRTNPLH
KWKDSQPLTVKPSSLPQKLDKPALGPNYRLT(MSE)ELELTAAPEGKEQVLLAAPEGELLAV(MSE)KDGTVGFRRDDSL
EFSFGAKLPVGKKVKVEIVGEPEKTSLLLDGEPAGTAVLKNFSDKSKDFSDKFKHRPKVHRSTFILPLKELGSSFQGKVF
H(MSE)NVQPL
;
C
4 'polypeptide(L)'
;KQIADSLSIPPVKAGAKQLP(MSE)PSVSGAQIKLLGADYEQLVNSKGKIAPVISDTPVNVSFKVTKDGKEAVSKDYEI
(MSE)LQAPQAAQGNPKPRIIPEILQWKGGQGEYKLGNTVTIACPDKELGKLFAAD(MSE)EDVLGKKVKLVAPGAKADI
SLSLLKGGNLGREGYRLQIARDGVRLGAAAPTGLFWGTRTLLQ(MSE)LRQTPGSVPCGTAVDFPRYQLRGF(MSE)LDV
ARTPYPLSYLKDVIRT(MSE)AWYK(MSE)NDLHLVINNNYIFHEHYVDNGHDPFKESYAAFRLESK(MSE)KGKDGTPL
TARDLFYTKKEFADLVSYARKYGVNIVPEFDTPGHALSFTRLRPDLIYKGP(MSE)NHEKRRCE(MSE)LDAANPETIDL
VSKVFDEY(MSE)LKDPKLGRPVFADCGVVHVGADEFYGDKEDYRHFANAVLTHALKRGYTPRIWGSLSAKPGKTPVVSK
GVQ(MSE)NLWSTGW(MSE)KAWEAVNQGYDVINTNDGALYIVPFAGYYR(MSE)DRNHKGLYNNWIPNRIGNETLPSGH
PQLLGGTFAVWNDETDI(MSE)HTGYAPYDIWGIISGS(MSE)DVLSQKLWGTAKAPDTFEQHRELVSSIGNAPRTNPLH
KWKDSQPLTVKPSSLPQKLDKPALGPNYRLT(MSE)ELELTAAPEGKEQVLLAAPEGELLAV(MSE)KDGTVGFRRDDSL
EFSFGAKLPVGKKVKVEIVGEPEKTSLLLDGEPAGTAVLKNFSDKSKDFSDKFKHRPKVHRSTFILPLKELGSSFQGKVF
H(MSE)NVQPL
;
D
#
# COMPACT_ATOMS: atom_id res chain seq x y z
N GLN A 1 -68.51 -7.91 -21.30
CA GLN A 1 -67.22 -8.52 -21.00
C GLN A 1 -66.10 -7.49 -20.90
N ASP A 2 -65.59 -7.27 -19.70
CA ASP A 2 -64.42 -6.43 -19.52
C ASP A 2 -63.18 -7.18 -20.01
N ALA A 3 -62.14 -6.42 -20.34
CA ALA A 3 -60.85 -6.99 -20.74
C ALA A 3 -59.79 -6.00 -20.30
N LYS A 4 -59.23 -6.27 -19.12
CA LYS A 4 -58.43 -5.38 -18.26
C LYS A 4 -58.90 -3.92 -18.29
N GLN A 5 -60.12 -3.73 -18.77
CA GLN A 5 -61.03 -2.72 -18.27
C GLN A 5 -61.43 -2.99 -16.82
N ILE A 6 -61.27 -4.25 -16.39
CA ILE A 6 -61.58 -4.65 -15.02
C ILE A 6 -60.91 -3.70 -14.03
N ALA A 7 -59.68 -3.27 -14.35
CA ALA A 7 -58.91 -2.45 -13.43
C ALA A 7 -59.56 -1.09 -13.17
N ASP A 8 -60.21 -0.49 -14.17
CA ASP A 8 -60.90 0.78 -13.93
C ASP A 8 -62.37 0.58 -13.57
N SER A 9 -62.75 -0.62 -13.16
CA SER A 9 -64.09 -0.85 -12.63
C SER A 9 -64.05 -1.72 -11.37
N LEU A 10 -62.90 -1.85 -10.73
CA LEU A 10 -62.75 -2.75 -9.59
C LEU A 10 -63.58 -2.27 -8.41
N SER A 11 -63.89 -3.21 -7.52
CA SER A 11 -64.76 -2.95 -6.35
C SER A 11 -64.05 -3.40 -5.08
N ILE A 12 -63.35 -2.46 -4.44
CA ILE A 12 -62.68 -2.69 -3.16
C ILE A 12 -63.72 -3.06 -2.09
N PRO A 13 -63.57 -4.27 -1.47
CA PRO A 13 -64.55 -4.57 -0.40
C PRO A 13 -64.44 -3.59 0.76
N PRO A 14 -65.60 -3.42 1.47
CA PRO A 14 -65.70 -2.38 2.55
C PRO A 14 -64.47 -1.80 3.23
N VAL A 15 -63.47 -2.63 3.57
CA VAL A 15 -62.23 -2.36 4.33
C VAL A 15 -62.58 -2.28 5.82
N LYS A 16 -63.82 -2.60 6.17
CA LYS A 16 -64.38 -2.40 7.52
C LYS A 16 -63.86 -1.12 8.17
N ALA A 17 -63.43 -1.23 9.43
CA ALA A 17 -62.87 -0.09 10.15
C ALA A 17 -61.80 -0.60 11.10
N GLY A 18 -60.62 0.00 11.04
CA GLY A 18 -59.49 -0.52 11.81
C GLY A 18 -59.19 -1.97 11.51
N ALA A 19 -59.27 -2.36 10.24
CA ALA A 19 -58.95 -3.72 9.85
C ALA A 19 -57.45 -3.96 9.92
N LYS A 20 -57.05 -5.21 9.69
CA LYS A 20 -55.63 -5.56 9.62
C LYS A 20 -55.16 -5.92 8.22
N GLN A 21 -56.05 -6.33 7.33
CA GLN A 21 -55.63 -6.74 6.00
C GLN A 21 -56.48 -6.02 4.96
N LEU A 22 -55.83 -5.59 3.89
CA LEU A 22 -56.55 -4.96 2.78
C LEU A 22 -57.41 -5.99 2.09
N PRO A 23 -58.74 -5.86 2.10
CA PRO A 23 -59.57 -6.82 1.36
C PRO A 23 -59.35 -6.66 -0.14
N PRO A 25 -60.23 -7.15 -4.28
CA PRO A 25 -61.29 -7.28 -5.29
C PRO A 25 -61.08 -8.52 -6.14
N SER A 26 -62.14 -9.28 -6.35
CA SER A 26 -62.11 -10.47 -7.18
C SER A 26 -63.02 -10.29 -8.38
N VAL A 27 -62.54 -10.72 -9.56
CA VAL A 27 -63.33 -10.79 -10.78
C VAL A 27 -63.08 -12.14 -11.42
N SER A 28 -64.14 -12.77 -11.94
CA SER A 28 -64.14 -14.20 -12.23
C SER A 28 -62.96 -14.63 -13.10
N GLY A 29 -62.82 -14.05 -14.28
CA GLY A 29 -61.83 -14.56 -15.21
C GLY A 29 -60.46 -13.91 -15.14
N ALA A 30 -60.11 -13.33 -13.99
CA ALA A 30 -58.94 -12.46 -13.90
C ALA A 30 -58.21 -12.69 -12.58
N GLN A 31 -56.91 -12.40 -12.59
CA GLN A 31 -56.06 -12.64 -11.44
C GLN A 31 -55.69 -11.22 -11.04
N ILE A 32 -55.74 -10.88 -9.76
CA ILE A 32 -55.53 -9.49 -9.39
C ILE A 32 -54.57 -9.41 -8.22
N LYS A 33 -53.45 -8.73 -8.40
CA LYS A 33 -52.44 -8.63 -7.36
C LYS A 33 -52.46 -7.19 -6.84
N LEU A 34 -51.78 -6.94 -5.71
CA LEU A 34 -51.62 -5.58 -5.24
C LEU A 34 -50.32 -5.01 -5.76
N LEU A 35 -50.40 -3.91 -6.52
CA LEU A 35 -49.18 -3.23 -6.96
C LEU A 35 -48.50 -2.50 -5.79
N GLY A 36 -49.26 -1.69 -5.06
CA GLY A 36 -48.72 -0.97 -3.92
C GLY A 36 -49.59 0.23 -3.59
N ALA A 37 -49.35 0.77 -2.40
CA ALA A 37 -50.01 1.98 -1.92
C ALA A 37 -49.06 3.17 -2.01
N ASP A 38 -49.64 4.37 -1.97
CA ASP A 38 -48.79 5.55 -1.92
C ASP A 38 -48.12 5.67 -0.56
N TYR A 39 -48.81 5.27 0.50
CA TYR A 39 -48.22 5.16 1.83
C TYR A 39 -47.91 3.70 2.11
N GLU A 40 -46.74 3.26 1.64
CA GLU A 40 -46.25 1.92 1.94
C GLU A 40 -46.25 1.65 3.45
N GLN A 41 -46.08 2.70 4.26
CA GLN A 41 -46.11 2.59 5.70
C GLN A 41 -47.51 2.34 6.25
N LEU A 42 -48.54 2.47 5.43
CA LEU A 42 -49.91 2.26 5.86
C LEU A 42 -50.55 1.02 5.25
N VAL A 43 -50.18 0.67 4.02
CA VAL A 43 -50.64 -0.54 3.35
C VAL A 43 -49.44 -1.09 2.57
N ASN A 44 -48.88 -2.20 3.05
CA ASN A 44 -47.65 -2.73 2.48
C ASN A 44 -47.93 -3.69 1.31
N SER A 45 -46.85 -4.15 0.66
CA SER A 45 -47.00 -5.04 -0.49
C SER A 45 -47.84 -6.27 -0.14
N LYS A 46 -47.59 -6.86 1.04
CA LYS A 46 -48.38 -7.92 1.67
C LYS A 46 -49.81 -7.52 2.03
N GLY A 47 -50.18 -6.24 1.90
CA GLY A 47 -51.56 -5.80 2.11
C GLY A 47 -51.94 -5.58 3.56
N LYS A 48 -50.98 -5.57 4.47
CA LYS A 48 -51.27 -5.39 5.88
C LYS A 48 -51.44 -3.90 6.17
N ILE A 49 -52.48 -3.57 6.95
CA ILE A 49 -52.85 -2.19 7.24
C ILE A 49 -52.41 -1.86 8.66
N ALA A 50 -51.79 -0.66 8.83
CA ALA A 50 -51.33 -0.07 10.07
C ALA A 50 -52.37 0.87 10.65
N PRO A 51 -52.46 0.96 11.97
CA PRO A 51 -53.44 1.86 12.59
C PRO A 51 -53.09 3.32 12.37
N VAL A 52 -54.12 4.16 12.50
CA VAL A 52 -53.99 5.60 12.34
C VAL A 52 -54.68 6.27 13.52
N ILE A 53 -54.15 7.43 13.92
CA ILE A 53 -54.79 8.21 14.98
C ILE A 53 -55.73 9.25 14.43
N SER A 54 -55.72 9.47 13.11
CA SER A 54 -56.65 10.36 12.43
C SER A 54 -56.92 9.76 11.06
N ASP A 55 -58.14 9.95 10.57
CA ASP A 55 -58.53 9.35 9.29
C ASP A 55 -57.61 9.82 8.18
N THR A 56 -56.98 8.87 7.49
CA THR A 56 -55.96 9.14 6.49
C THR A 56 -56.29 8.46 5.17
N PRO A 57 -56.13 9.16 4.05
CA PRO A 57 -56.37 8.52 2.74
C PRO A 57 -55.14 7.81 2.23
N VAL A 58 -55.38 6.63 1.64
CA VAL A 58 -54.35 5.81 1.05
C VAL A 58 -54.80 5.39 -0.35
N ASN A 59 -53.89 5.47 -1.32
CA ASN A 59 -54.20 5.14 -2.71
C ASN A 59 -53.55 3.82 -3.10
N VAL A 60 -54.39 2.83 -3.39
CA VAL A 60 -53.93 1.51 -3.83
C VAL A 60 -54.20 1.35 -5.33
N SER A 61 -53.39 0.50 -5.95
CA SER A 61 -53.53 0.13 -7.36
C SER A 61 -53.18 -1.35 -7.52
N PHE A 62 -53.54 -1.92 -8.66
CA PHE A 62 -53.47 -3.37 -8.84
C PHE A 62 -52.91 -3.72 -10.21
N LYS A 63 -52.51 -4.99 -10.33
CA LYS A 63 -52.21 -5.63 -11.61
C LYS A 63 -53.31 -6.65 -11.90
N VAL A 64 -54.05 -6.45 -12.98
CA VAL A 64 -55.13 -7.35 -13.37
C VAL A 64 -54.64 -8.22 -14.50
N THR A 65 -54.70 -9.54 -14.31
CA THR A 65 -54.27 -10.48 -15.34
C THR A 65 -55.48 -11.26 -15.85
N LYS A 66 -55.60 -11.30 -17.17
CA LYS A 66 -56.67 -11.97 -17.89
C LYS A 66 -56.27 -12.20 -19.34
N ASP A 67 -56.38 -13.45 -19.76
CA ASP A 67 -55.86 -13.99 -21.02
C ASP A 67 -54.35 -13.91 -20.84
N GLY A 68 -53.61 -13.38 -21.82
CA GLY A 68 -52.20 -13.20 -21.63
C GLY A 68 -51.78 -11.78 -21.36
N LYS A 69 -52.69 -10.83 -21.11
CA LYS A 69 -52.19 -9.48 -20.95
C LYS A 69 -52.48 -8.95 -19.54
N GLU A 70 -51.77 -7.89 -19.22
CA GLU A 70 -52.06 -7.03 -18.10
C GLU A 70 -51.99 -5.55 -18.42
N ALA A 71 -52.33 -4.80 -17.36
CA ALA A 71 -52.30 -3.35 -17.27
C ALA A 71 -52.44 -3.00 -15.80
N VAL A 72 -51.66 -2.02 -15.31
CA VAL A 72 -51.78 -1.67 -13.90
C VAL A 72 -53.02 -0.80 -13.76
N SER A 73 -53.66 -0.86 -12.60
CA SER A 73 -54.97 -0.24 -12.45
C SER A 73 -54.84 1.27 -12.30
N LYS A 74 -55.98 1.93 -12.13
CA LYS A 74 -55.98 3.30 -11.67
C LYS A 74 -55.81 3.31 -10.15
N ASP A 75 -55.63 4.51 -9.58
CA ASP A 75 -55.57 4.63 -8.13
C ASP A 75 -56.96 4.58 -7.51
N TYR A 76 -57.05 3.83 -6.42
CA TYR A 76 -58.25 3.74 -5.60
C TYR A 76 -57.92 4.34 -4.23
N GLU A 77 -58.60 5.43 -3.88
CA GLU A 77 -58.44 5.99 -2.55
C GLU A 77 -59.36 5.28 -1.58
N ILE A 78 -58.79 4.49 -0.72
CA ILE A 78 -59.44 4.02 0.50
C ILE A 78 -59.05 4.95 1.64
N LEU A 80 -58.36 4.84 5.58
CA LEU A 80 -58.19 4.19 6.87
C LEU A 80 -58.78 5.06 7.96
N GLN A 81 -59.73 4.50 8.72
CA GLN A 81 -60.45 5.22 9.75
C GLN A 81 -59.82 4.99 11.11
N ALA A 82 -59.64 6.04 11.85
CA ALA A 82 -59.12 5.98 13.21
C ALA A 82 -60.26 5.83 14.21
N PRO A 83 -59.98 5.26 15.38
CA PRO A 83 -61.00 5.21 16.44
C PRO A 83 -61.09 6.58 17.11
N GLN A 84 -62.24 7.25 16.97
CA GLN A 84 -62.41 8.59 17.51
C GLN A 84 -62.67 8.55 19.01
N ALA A 85 -61.64 8.09 19.74
CA ALA A 85 -61.74 7.98 21.20
C ALA A 85 -61.97 9.34 21.85
N ALA A 86 -61.43 10.40 21.25
CA ALA A 86 -61.54 11.75 21.79
C ALA A 86 -61.54 12.74 20.64
N GLN A 87 -61.46 14.02 21.00
CA GLN A 87 -61.19 15.13 20.10
C GLN A 87 -60.67 16.26 20.98
N GLY A 88 -59.77 17.07 20.42
CA GLY A 88 -59.23 18.14 21.23
C GLY A 88 -58.67 19.30 20.46
N ASN A 89 -57.41 19.63 20.75
CA ASN A 89 -56.72 20.71 20.07
C ASN A 89 -56.73 20.47 18.57
N PRO A 90 -56.67 21.52 17.76
CA PRO A 90 -56.60 21.32 16.31
C PRO A 90 -55.16 21.08 15.86
N LYS A 91 -55.03 20.58 14.63
CA LYS A 91 -53.72 20.19 14.12
C LYS A 91 -52.86 21.43 13.84
N PRO A 92 -51.58 21.39 14.23
CA PRO A 92 -50.69 22.53 13.94
C PRO A 92 -50.30 22.61 12.48
N ARG A 93 -50.39 23.83 11.93
CA ARG A 93 -50.07 24.09 10.53
C ARG A 93 -48.55 24.05 10.33
N ILE A 94 -48.08 23.04 9.58
CA ILE A 94 -46.67 22.82 9.35
C ILE A 94 -46.44 22.69 7.84
N ILE A 95 -45.24 23.04 7.40
CA ILE A 95 -44.83 22.81 6.02
C ILE A 95 -43.67 21.83 6.00
N PRO A 96 -43.87 20.62 5.48
CA PRO A 96 -45.16 20.20 4.92
C PRO A 96 -46.15 19.75 5.98
N GLU A 97 -47.38 19.49 5.52
CA GLU A 97 -48.47 19.11 6.41
C GLU A 97 -48.15 17.86 7.21
N ILE A 98 -48.59 17.84 8.47
CA ILE A 98 -48.51 16.65 9.30
C ILE A 98 -49.58 15.67 8.84
N LEU A 99 -49.22 14.40 8.68
CA LEU A 99 -50.16 13.44 8.14
C LEU A 99 -51.29 13.14 9.12
N GLN A 100 -50.94 12.71 10.33
CA GLN A 100 -51.92 12.31 11.32
C GLN A 100 -51.77 13.16 12.58
N TRP A 101 -52.91 13.46 13.22
CA TRP A 101 -52.91 14.25 14.44
C TRP A 101 -54.13 13.89 15.28
N LYS A 102 -53.90 13.62 16.56
CA LYS A 102 -54.97 13.37 17.52
C LYS A 102 -54.93 14.53 18.50
N GLY A 103 -55.93 15.40 18.45
CA GLY A 103 -55.91 16.59 19.27
C GLY A 103 -55.95 16.26 20.75
N GLY A 104 -55.29 17.10 21.54
CA GLY A 104 -55.22 16.86 22.96
C GLY A 104 -55.79 17.97 23.81
N GLN A 105 -55.47 17.86 25.08
CA GLN A 105 -55.89 18.77 26.15
C GLN A 105 -54.84 19.84 26.47
N GLY A 106 -55.25 21.11 26.35
CA GLY A 106 -54.44 22.24 26.76
C GLY A 106 -53.14 22.43 26.00
N GLU A 107 -52.16 23.01 26.69
CA GLU A 107 -50.92 23.48 26.11
C GLU A 107 -49.77 22.96 26.96
N TYR A 108 -48.57 22.92 26.38
CA TYR A 108 -47.34 22.75 27.15
C TYR A 108 -46.57 24.06 27.08
N LYS A 109 -46.58 24.82 28.17
CA LYS A 109 -45.79 26.04 28.21
C LYS A 109 -44.33 25.70 28.49
N LEU A 110 -43.43 26.43 27.85
CA LEU A 110 -42.01 26.21 27.98
C LEU A 110 -41.43 27.05 29.11
N GLY A 111 -40.37 26.54 29.73
CA GLY A 111 -39.72 27.25 30.81
C GLY A 111 -38.73 28.29 30.30
N ASN A 112 -38.13 29.00 31.25
CA ASN A 112 -37.10 29.99 30.93
C ASN A 112 -35.86 29.34 30.35
N THR A 113 -35.61 28.07 30.69
CA THR A 113 -34.61 27.26 30.03
C THR A 113 -35.28 25.98 29.55
N VAL A 114 -34.72 25.38 28.50
CA VAL A 114 -35.23 24.14 27.94
C VAL A 114 -34.15 23.09 28.03
N THR A 115 -34.52 21.89 28.47
CA THR A 115 -33.63 20.76 28.54
C THR A 115 -34.05 19.70 27.52
N ILE A 116 -33.07 18.99 26.98
CA ILE A 116 -33.32 18.03 25.90
C ILE A 116 -32.46 16.80 26.14
N ALA A 117 -33.08 15.62 26.11
CA ALA A 117 -32.38 14.35 26.09
C ALA A 117 -32.33 13.81 24.67
N CYS A 118 -31.15 13.39 24.23
CA CYS A 118 -30.99 12.91 22.86
C CYS A 118 -29.90 11.85 22.76
N PRO A 119 -30.24 10.63 22.31
CA PRO A 119 -29.21 9.60 22.11
C PRO A 119 -28.32 9.83 20.92
N ASP A 120 -28.57 10.87 20.12
CA ASP A 120 -27.70 11.22 19.01
C ASP A 120 -26.93 12.48 19.37
N LYS A 121 -25.63 12.32 19.64
CA LYS A 121 -24.80 13.43 20.12
C LYS A 121 -24.79 14.57 19.10
N GLU A 122 -24.52 14.26 17.82
CA GLU A 122 -24.48 15.32 16.82
C GLU A 122 -25.87 15.88 16.52
N LEU A 123 -26.91 15.04 16.53
CA LEU A 123 -28.26 15.56 16.37
C LEU A 123 -28.65 16.45 17.54
N GLY A 124 -28.32 16.03 18.77
CA GLY A 124 -28.74 16.80 19.94
C GLY A 124 -28.09 18.17 19.97
N LYS A 125 -26.83 18.25 19.54
CA LYS A 125 -26.15 19.54 19.51
C LYS A 125 -26.79 20.44 18.47
N LEU A 126 -26.98 19.94 17.26
CA LEU A 126 -27.73 20.63 16.20
C LEU A 126 -29.06 21.17 16.69
N PHE A 127 -29.84 20.30 17.34
CA PHE A 127 -31.20 20.65 17.76
C PHE A 127 -31.17 21.77 18.79
N ALA A 128 -30.25 21.70 19.74
CA ALA A 128 -30.22 22.70 20.81
C ALA A 128 -29.85 24.08 20.27
N ALA A 129 -28.95 24.14 19.29
CA ALA A 129 -28.57 25.45 18.75
C ALA A 129 -29.68 26.02 17.87
N ASP A 130 -30.43 25.18 17.16
CA ASP A 130 -31.60 25.67 16.45
C ASP A 130 -32.65 26.18 17.43
N GLU A 132 -32.11 27.51 20.56
CA GLU A 132 -31.75 28.81 21.12
C GLU A 132 -31.98 29.92 20.11
N ASP A 133 -31.71 29.63 18.84
CA ASP A 133 -31.96 30.61 17.78
C ASP A 133 -33.43 31.02 17.75
N VAL A 134 -34.33 30.02 17.70
CA VAL A 134 -35.75 30.33 17.56
C VAL A 134 -36.30 30.91 18.87
N LEU A 135 -35.93 30.33 20.00
CA LEU A 135 -36.55 30.72 21.27
C LEU A 135 -35.92 31.95 21.91
N GLY A 136 -34.61 32.15 21.76
CA GLY A 136 -33.89 33.18 22.49
C GLY A 136 -33.51 32.75 23.90
N LYS A 137 -34.29 31.85 24.49
CA LYS A 137 -33.92 31.19 25.72
C LYS A 137 -32.72 30.28 25.47
N LYS A 138 -32.10 29.82 26.56
CA LYS A 138 -30.91 28.99 26.46
C LYS A 138 -31.22 27.55 26.82
N VAL A 139 -30.67 26.63 26.03
CA VAL A 139 -31.09 25.23 25.98
C VAL A 139 -29.97 24.34 26.45
N LYS A 140 -30.30 23.40 27.33
CA LYS A 140 -29.35 22.48 27.94
C LYS A 140 -29.53 21.09 27.34
N LEU A 141 -28.43 20.40 27.09
CA LEU A 141 -28.48 18.98 26.75
C LEU A 141 -28.26 18.16 28.01
N VAL A 142 -29.15 17.20 28.26
CA VAL A 142 -29.08 16.35 29.43
C VAL A 142 -28.66 14.96 28.95
N ALA A 143 -28.39 14.07 29.89
CA ALA A 143 -27.97 12.72 29.54
C ALA A 143 -29.07 12.01 28.75
N PRO A 144 -28.71 11.22 27.71
CA PRO A 144 -29.72 10.46 26.94
C PRO A 144 -30.52 9.50 27.83
N GLY A 145 -31.68 9.96 28.30
CA GLY A 145 -32.44 9.21 29.27
C GLY A 145 -32.54 9.85 30.63
N ALA A 146 -32.03 11.07 30.81
CA ALA A 146 -32.25 11.83 32.01
C ALA A 146 -33.58 12.59 31.89
N LYS A 147 -33.96 13.19 33.01
CA LYS A 147 -35.23 13.92 33.08
C LYS A 147 -35.13 15.30 32.41
N ALA A 148 -35.87 15.50 31.32
CA ALA A 148 -35.70 16.63 30.42
C ALA A 148 -37.07 17.08 29.90
N ASP A 149 -37.13 18.30 29.35
CA ASP A 149 -38.39 18.83 28.83
C ASP A 149 -38.80 18.13 27.55
N ILE A 150 -37.84 17.91 26.65
CA ILE A 150 -38.07 17.26 25.37
C ILE A 150 -37.15 16.06 25.29
N SER A 151 -37.73 14.90 24.98
CA SER A 151 -36.99 13.63 25.00
C SER A 151 -37.09 12.98 23.62
N LEU A 152 -35.97 12.88 22.95
CA LEU A 152 -35.87 12.16 21.69
C LEU A 152 -35.40 10.74 21.96
N SER A 153 -36.06 9.76 21.35
CA SER A 153 -35.78 8.37 21.66
C SER A 153 -36.04 7.51 20.43
N LEU A 154 -35.26 6.44 20.29
CA LEU A 154 -35.33 5.57 19.13
C LEU A 154 -36.28 4.41 19.40
N LEU A 155 -37.37 4.35 18.64
CA LEU A 155 -38.41 3.34 18.81
C LEU A 155 -38.12 2.15 17.89
N LYS A 156 -38.34 0.95 18.43
CA LYS A 156 -38.09 -0.29 17.70
C LYS A 156 -39.40 -0.88 17.19
N GLY A 157 -39.39 -1.33 15.94
CA GLY A 157 -40.59 -1.85 15.33
C GLY A 157 -41.40 -0.76 14.65
N GLY A 158 -42.72 -0.83 14.75
CA GLY A 158 -43.58 0.21 14.20
C GLY A 158 -43.55 0.30 12.68
N ASN A 159 -44.29 1.30 12.17
CA ASN A 159 -44.40 1.55 10.75
C ASN A 159 -43.63 2.79 10.29
N LEU A 160 -43.17 3.64 11.21
CA LEU A 160 -42.51 4.91 10.90
C LEU A 160 -41.46 4.84 9.78
N GLY A 161 -40.58 3.81 9.77
CA GLY A 161 -39.49 3.72 8.79
C GLY A 161 -38.45 4.81 8.94
N ARG A 162 -37.57 4.94 7.95
CA ARG A 162 -36.45 5.80 8.29
C ARG A 162 -36.80 7.27 8.26
N GLU A 163 -38.01 7.62 7.89
CA GLU A 163 -38.32 9.02 7.88
C GLU A 163 -39.53 9.37 8.71
N GLY A 164 -40.20 8.39 9.35
CA GLY A 164 -41.31 8.72 10.23
C GLY A 164 -40.88 9.18 11.62
N TYR A 165 -41.88 9.57 12.42
CA TYR A 165 -41.68 9.99 13.80
C TYR A 165 -43.03 10.18 14.49
N ARG A 166 -43.06 9.85 15.79
CA ARG A 166 -44.21 10.09 16.68
C ARG A 166 -43.87 11.31 17.53
N LEU A 167 -44.56 12.43 17.30
CA LEU A 167 -44.37 13.62 18.12
C LEU A 167 -45.53 13.73 19.11
N GLN A 168 -45.21 13.70 20.41
CA GLN A 168 -46.22 13.70 21.46
C GLN A 168 -45.97 14.88 22.39
N ILE A 169 -47.02 15.65 22.66
CA ILE A 169 -46.95 16.84 23.48
C ILE A 169 -47.95 16.68 24.61
N ALA A 170 -47.45 16.58 25.83
CA ALA A 170 -48.31 16.75 27.00
C ALA A 170 -47.78 17.93 27.81
N ARG A 171 -48.63 18.39 28.73
CA ARG A 171 -48.25 19.48 29.61
C ARG A 171 -47.17 19.09 30.62
N ASP A 172 -46.78 17.80 30.71
CA ASP A 172 -45.60 17.40 31.46
C ASP A 172 -44.33 17.32 30.60
N GLY A 173 -44.39 17.71 29.33
CA GLY A 173 -43.25 17.67 28.44
C GLY A 173 -43.57 17.06 27.09
N VAL A 174 -42.57 17.11 26.21
CA VAL A 174 -42.68 16.65 24.83
C VAL A 174 -41.78 15.44 24.64
N ARG A 175 -42.25 14.45 23.85
CA ARG A 175 -41.54 13.18 23.69
C ARG A 175 -41.55 12.87 22.20
N LEU A 176 -40.40 12.97 21.52
CA LEU A 176 -40.32 12.70 20.09
C LEU A 176 -39.66 11.33 19.88
N GLY A 177 -40.36 10.47 19.15
CA GLY A 177 -39.86 9.12 18.89
C GLY A 177 -39.83 8.81 17.41
N ALA A 178 -38.81 8.06 17.00
CA ALA A 178 -38.66 7.69 15.60
C ALA A 178 -37.96 6.34 15.51
N ALA A 179 -38.06 5.73 14.33
CA ALA A 179 -37.41 4.44 14.08
C ALA A 179 -35.93 4.60 13.78
N ALA A 180 -35.57 5.63 13.04
CA ALA A 180 -34.22 5.99 12.69
C ALA A 180 -33.90 7.38 13.20
N PRO A 181 -32.62 7.71 13.37
CA PRO A 181 -32.25 9.08 13.75
C PRO A 181 -32.60 10.13 12.71
N THR A 182 -32.90 9.71 11.48
CA THR A 182 -33.22 10.67 10.43
C THR A 182 -34.64 11.18 10.57
N GLY A 183 -35.58 10.31 10.96
CA GLY A 183 -36.92 10.76 11.28
C GLY A 183 -36.98 11.58 12.56
N LEU A 184 -36.07 11.32 13.51
CA LEU A 184 -35.98 12.19 14.68
C LEU A 184 -35.59 13.61 14.27
N PHE A 185 -34.73 13.75 13.27
CA PHE A 185 -34.38 15.08 12.79
C PHE A 185 -35.60 15.77 12.16
N TRP A 186 -36.38 15.05 11.34
CA TRP A 186 -37.59 15.68 10.81
C TRP A 186 -38.53 16.09 11.93
N GLY A 187 -38.55 15.35 13.04
CA GLY A 187 -39.39 15.75 14.16
C GLY A 187 -39.02 17.10 14.71
N THR A 188 -37.71 17.38 14.80
CA THR A 188 -37.26 18.70 15.25
C THR A 188 -37.77 19.80 14.34
N ARG A 189 -37.68 19.60 13.02
CA ARG A 189 -38.19 20.59 12.08
C ARG A 189 -39.67 20.90 12.34
N THR A 190 -40.48 19.87 12.58
CA THR A 190 -41.88 20.10 12.91
C THR A 190 -42.02 20.91 14.19
N LEU A 191 -41.26 20.53 15.22
CA LEU A 191 -41.36 21.23 16.51
C LEU A 191 -40.85 22.66 16.40
N LEU A 192 -39.82 22.88 15.60
CA LEU A 192 -39.26 24.22 15.47
C LEU A 192 -40.19 25.15 14.72
N GLN A 193 -40.90 24.63 13.71
CA GLN A 193 -41.86 25.46 12.98
C GLN A 193 -43.02 25.89 13.87
N LEU A 195 -42.83 26.20 17.30
CA LEU A 195 -42.18 27.19 18.16
C LEU A 195 -41.92 28.49 17.41
N ARG A 196 -41.82 28.45 16.09
CA ARG A 196 -41.74 29.67 15.31
C ARG A 196 -43.04 30.47 15.40
N GLN A 197 -44.19 29.78 15.43
CA GLN A 197 -45.48 30.42 15.47
C GLN A 197 -45.91 30.78 16.90
N THR A 198 -45.62 29.90 17.86
CA THR A 198 -45.97 30.12 19.26
C THR A 198 -44.76 29.71 20.10
N PRO A 199 -43.81 30.62 20.32
CA PRO A 199 -42.58 30.24 21.03
C PRO A 199 -42.79 29.92 22.50
N GLY A 200 -43.89 30.33 23.09
CA GLY A 200 -44.07 30.06 24.51
C GLY A 200 -44.79 28.76 24.84
N SER A 201 -45.39 28.10 23.84
CA SER A 201 -46.33 27.04 24.15
C SER A 201 -46.64 26.24 22.89
N VAL A 202 -46.75 24.92 23.05
CA VAL A 202 -47.13 24.04 21.95
C VAL A 202 -48.35 23.23 22.37
N PRO A 203 -49.35 23.07 21.51
CA PRO A 203 -50.59 22.39 21.92
C PRO A 203 -50.33 20.91 22.18
N CYS A 204 -51.11 20.37 23.09
CA CYS A 204 -50.97 18.96 23.44
C CYS A 204 -51.69 18.09 22.41
N GLY A 205 -51.13 16.91 22.19
CA GLY A 205 -51.64 16.00 21.20
C GLY A 205 -50.53 15.09 20.73
N THR A 206 -50.89 14.18 19.82
CA THR A 206 -49.96 13.23 19.25
C THR A 206 -49.92 13.41 17.74
N ALA A 207 -48.72 13.52 17.19
CA ALA A 207 -48.50 13.69 15.76
C ALA A 207 -47.72 12.48 15.24
N VAL A 208 -48.33 11.74 14.32
CA VAL A 208 -47.66 10.66 13.60
C VAL A 208 -47.57 11.06 12.14
N ASP A 209 -46.35 11.03 11.57
CA ASP A 209 -46.12 11.68 10.30
C ASP A 209 -45.03 10.94 9.52
N PHE A 210 -45.31 10.73 8.22
CA PHE A 210 -44.60 9.92 7.24
C PHE A 210 -44.44 10.76 5.98
N PRO A 211 -43.35 10.59 5.23
CA PRO A 211 -43.35 11.09 3.85
C PRO A 211 -44.00 10.11 2.89
N ARG A 212 -44.82 10.65 1.98
CA ARG A 212 -45.44 9.82 0.96
C ARG A 212 -44.44 9.38 -0.10
N TYR A 213 -43.38 10.16 -0.32
CA TYR A 213 -42.38 9.81 -1.32
C TYR A 213 -40.98 9.85 -0.74
N GLN A 214 -40.14 8.95 -1.23
CA GLN A 214 -38.81 8.70 -0.69
C GLN A 214 -37.80 9.76 -1.10
N LEU A 215 -37.95 10.34 -2.29
CA LEU A 215 -36.97 11.24 -2.88
C LEU A 215 -37.64 12.57 -3.19
N ARG A 216 -37.26 13.61 -2.44
CA ARG A 216 -37.87 14.94 -2.53
C ARG A 216 -36.73 15.91 -2.76
N GLY A 217 -36.48 16.26 -4.03
CA GLY A 217 -35.18 16.72 -4.44
C GLY A 217 -35.19 18.04 -5.18
N PHE A 218 -34.00 18.61 -5.25
CA PHE A 218 -33.69 19.85 -5.94
C PHE A 218 -32.33 19.66 -6.59
N LEU A 220 -29.21 21.52 -8.59
CA LEU A 220 -28.70 22.86 -8.82
C LEU A 220 -27.53 22.82 -9.80
N ASP A 221 -27.63 23.61 -10.85
CA ASP A 221 -26.57 23.77 -11.83
C ASP A 221 -25.50 24.67 -11.23
N VAL A 222 -24.55 24.06 -10.54
CA VAL A 222 -23.50 24.84 -9.87
C VAL A 222 -22.26 24.91 -10.76
N ALA A 223 -22.43 24.60 -12.05
CA ALA A 223 -21.31 24.52 -12.97
C ALA A 223 -21.29 25.66 -13.98
N ARG A 224 -22.43 25.98 -14.59
CA ARG A 224 -22.46 27.06 -15.57
C ARG A 224 -22.21 28.43 -14.94
N THR A 225 -22.52 28.59 -13.66
CA THR A 225 -22.15 29.80 -12.93
C THR A 225 -21.87 29.41 -11.48
N PRO A 226 -20.91 30.05 -10.82
CA PRO A 226 -20.42 29.54 -9.53
C PRO A 226 -21.39 29.76 -8.37
N TYR A 227 -21.31 28.84 -7.40
CA TYR A 227 -22.08 28.92 -6.15
C TYR A 227 -21.13 28.65 -4.99
N PRO A 228 -20.93 29.61 -4.10
CA PRO A 228 -20.06 29.36 -2.95
C PRO A 228 -20.67 28.32 -2.02
N LEU A 229 -19.78 27.63 -1.29
CA LEU A 229 -20.21 26.61 -0.32
C LEU A 229 -21.19 27.19 0.70
N SER A 230 -20.94 28.43 1.15
CA SER A 230 -21.83 29.01 2.16
C SER A 230 -23.25 29.05 1.65
N TYR A 231 -23.43 29.39 0.37
CA TYR A 231 -24.76 29.39 -0.24
C TYR A 231 -25.36 27.98 -0.25
N LEU A 232 -24.58 26.96 -0.63
CA LEU A 232 -25.08 25.59 -0.69
C LEU A 232 -25.47 25.06 0.69
N LYS A 233 -24.86 25.58 1.76
CA LYS A 233 -25.28 25.17 3.10
C LYS A 233 -26.53 25.90 3.57
N ASP A 234 -26.75 27.13 3.08
CA ASP A 234 -28.08 27.74 3.22
C ASP A 234 -29.14 26.88 2.52
N VAL A 235 -28.79 26.29 1.37
CA VAL A 235 -29.74 25.44 0.64
C VAL A 235 -30.01 24.14 1.39
N ILE A 236 -28.99 23.56 2.03
CA ILE A 236 -29.20 22.32 2.77
C ILE A 236 -30.17 22.55 3.92
N ARG A 237 -29.93 23.61 4.70
CA ARG A 237 -30.76 23.87 5.87
C ARG A 237 -32.17 24.27 5.46
N THR A 238 -32.31 24.98 4.34
CA THR A 238 -33.65 25.37 3.92
C THR A 238 -34.44 24.16 3.39
N ALA A 240 -33.90 20.95 4.46
CA ALA A 240 -34.21 20.25 5.70
C ALA A 240 -35.40 20.89 6.42
N TRP A 241 -35.49 22.21 6.34
CA TRP A 241 -36.56 22.94 7.00
C TRP A 241 -37.93 22.53 6.46
N TYR A 242 -38.03 22.33 5.14
CA TYR A 242 -39.24 21.79 4.53
C TYR A 242 -39.14 20.28 4.26
N LYS A 243 -38.25 19.59 4.98
CA LYS A 243 -38.13 18.13 4.93
C LYS A 243 -37.86 17.60 3.53
N ASN A 245 -34.86 16.22 0.87
CA ASN A 245 -33.75 15.38 1.28
C ASN A 245 -32.84 14.95 0.12
N ASP A 246 -32.85 15.63 -1.03
CA ASP A 246 -32.04 15.19 -2.17
C ASP A 246 -31.48 16.39 -2.91
N LEU A 247 -30.20 16.67 -2.70
CA LEU A 247 -29.51 17.83 -3.30
C LEU A 247 -28.63 17.31 -4.43
N HIS A 248 -29.18 17.35 -5.64
CA HIS A 248 -28.50 16.93 -6.85
C HIS A 248 -27.66 18.09 -7.37
N LEU A 249 -26.36 17.89 -7.53
CA LEU A 249 -25.44 18.97 -7.88
C LEU A 249 -24.69 18.62 -9.15
N VAL A 250 -24.84 19.47 -10.17
CA VAL A 250 -24.15 19.31 -11.46
C VAL A 250 -22.73 19.85 -11.32
N ILE A 251 -21.73 18.96 -11.34
CA ILE A 251 -20.36 19.37 -11.08
C ILE A 251 -19.69 19.93 -12.34
N ASN A 252 -20.01 19.39 -13.51
CA ASN A 252 -19.40 19.87 -14.74
C ASN A 252 -20.47 20.17 -15.77
N ASN A 253 -20.27 21.27 -16.47
CA ASN A 253 -21.16 21.70 -17.55
C ASN A 253 -20.43 22.77 -18.34
N ASN A 254 -21.07 23.25 -19.39
CA ASN A 254 -20.44 24.25 -20.23
C ASN A 254 -21.53 25.10 -20.88
N TYR A 255 -21.12 26.21 -21.47
CA TYR A 255 -22.05 27.11 -22.13
C TYR A 255 -22.79 26.39 -23.25
N ILE A 256 -24.12 26.53 -23.30
CA ILE A 256 -24.90 25.77 -24.26
C ILE A 256 -24.68 26.30 -25.67
N PHE A 257 -24.66 27.61 -25.82
CA PHE A 257 -24.83 28.24 -27.13
C PHE A 257 -23.47 28.53 -27.77
N HIS A 258 -22.77 27.43 -28.10
CA HIS A 258 -21.50 27.54 -28.81
C HIS A 258 -21.64 28.25 -30.16
N GLU A 259 -22.84 28.25 -30.74
CA GLU A 259 -23.06 28.95 -32.00
C GLU A 259 -22.71 30.43 -31.89
N HIS A 260 -22.95 31.04 -30.73
CA HIS A 260 -22.69 32.47 -30.58
C HIS A 260 -21.24 32.79 -30.91
N TYR A 261 -20.32 31.90 -30.58
CA TYR A 261 -18.92 32.15 -30.91
C TYR A 261 -18.62 31.86 -32.37
N VAL A 262 -19.19 30.76 -32.91
CA VAL A 262 -18.94 30.39 -34.30
C VAL A 262 -19.43 31.50 -35.24
N ASP A 263 -20.71 31.88 -35.12
CA ASP A 263 -21.28 32.85 -36.04
C ASP A 263 -20.64 34.23 -35.93
N ASN A 264 -19.76 34.45 -34.96
CA ASN A 264 -19.08 35.74 -34.81
C ASN A 264 -17.57 35.62 -35.01
N GLY A 265 -17.10 34.50 -35.54
CA GLY A 265 -15.71 34.37 -35.90
C GLY A 265 -14.80 33.89 -34.82
N HIS A 266 -15.32 33.21 -33.79
CA HIS A 266 -14.52 32.74 -32.67
C HIS A 266 -14.65 31.24 -32.52
N ASP A 267 -13.77 30.67 -31.70
CA ASP A 267 -13.73 29.23 -31.48
C ASP A 267 -14.40 28.88 -30.16
N PRO A 268 -15.56 28.20 -30.16
CA PRO A 268 -16.18 27.84 -28.88
C PRO A 268 -15.33 26.89 -28.07
N PHE A 269 -14.67 25.94 -28.73
CA PHE A 269 -13.76 25.04 -28.02
C PHE A 269 -12.70 25.80 -27.25
N LYS A 270 -12.40 27.03 -27.64
CA LYS A 270 -11.36 27.84 -27.00
C LYS A 270 -11.92 28.93 -26.11
N GLU A 271 -13.20 29.30 -26.25
CA GLU A 271 -13.74 30.43 -25.51
C GLU A 271 -15.06 30.16 -24.79
N SER A 272 -15.82 29.14 -25.17
CA SER A 272 -17.04 28.81 -24.44
C SER A 272 -16.74 28.48 -22.98
N TYR A 273 -17.61 28.95 -22.09
CA TYR A 273 -17.43 28.74 -20.67
C TYR A 273 -17.69 27.29 -20.29
N ALA A 274 -16.73 26.69 -19.57
CA ALA A 274 -16.83 25.32 -19.08
C ALA A 274 -16.34 25.28 -17.63
N ALA A 275 -16.81 24.29 -16.86
CA ALA A 275 -16.38 24.19 -15.47
C ALA A 275 -16.47 22.75 -14.96
N PHE A 276 -15.54 22.41 -14.05
CA PHE A 276 -15.55 21.17 -13.26
C PHE A 276 -15.23 21.59 -11.83
N ARG A 277 -16.26 21.65 -10.97
CA ARG A 277 -16.15 22.35 -9.69
C ARG A 277 -15.36 21.58 -8.63
N LEU A 278 -15.08 20.31 -8.84
CA LEU A 278 -14.34 19.54 -7.85
C LEU A 278 -12.85 19.66 -8.12
N GLU A 279 -12.09 19.77 -7.04
CA GLU A 279 -10.64 19.74 -7.15
C GLU A 279 -10.20 18.41 -7.74
N SER A 280 -9.20 18.46 -8.60
CA SER A 280 -8.77 17.25 -9.30
C SER A 280 -7.30 17.36 -9.65
N LYS A 281 -6.62 16.22 -9.58
CA LYS A 281 -5.24 16.10 -10.05
C LYS A 281 -5.15 16.08 -11.57
N LYS A 283 -4.86 17.02 -15.33
CA LYS A 283 -4.40 18.13 -16.14
C LYS A 283 -4.08 17.60 -17.53
N GLY A 284 -4.25 18.45 -18.55
CA GLY A 284 -3.94 18.07 -19.90
C GLY A 284 -2.45 18.20 -20.23
N LYS A 285 -2.07 17.67 -21.40
CA LYS A 285 -0.68 17.73 -21.85
C LYS A 285 -0.21 19.17 -22.00
N ASP A 286 -1.09 20.04 -22.43
CA ASP A 286 -0.93 21.47 -22.50
C ASP A 286 -1.11 22.17 -21.16
N GLY A 287 -1.05 21.41 -20.06
CA GLY A 287 -1.09 21.94 -18.71
C GLY A 287 -2.46 22.40 -18.22
N THR A 288 -3.44 22.49 -19.12
CA THR A 288 -4.77 22.97 -18.74
C THR A 288 -5.40 22.02 -17.74
N PRO A 289 -5.88 22.51 -16.60
CA PRO A 289 -6.49 21.63 -15.60
C PRO A 289 -7.96 21.34 -15.91
N LEU A 290 -8.43 20.23 -15.33
CA LEU A 290 -9.84 19.90 -15.38
C LEU A 290 -10.64 20.76 -14.42
N THR A 291 -10.14 20.95 -13.20
CA THR A 291 -10.82 21.75 -12.20
C THR A 291 -10.96 23.19 -12.68
N ALA A 292 -12.13 23.78 -12.44
CA ALA A 292 -12.39 25.16 -12.82
C ALA A 292 -11.43 26.11 -12.11
N ARG A 293 -11.07 27.20 -12.79
CA ARG A 293 -10.00 28.08 -12.35
C ARG A 293 -10.52 29.27 -11.53
N ASP A 294 -11.82 29.57 -11.60
CA ASP A 294 -12.42 30.72 -10.91
C ASP A 294 -13.03 30.37 -9.56
N LEU A 295 -13.73 29.24 -9.46
CA LEU A 295 -14.31 28.79 -8.21
C LEU A 295 -14.40 27.27 -8.26
N PHE A 296 -13.91 26.61 -7.21
CA PHE A 296 -14.01 25.17 -7.16
C PHE A 296 -14.04 24.70 -5.71
N TYR A 297 -14.39 23.44 -5.53
CA TYR A 297 -14.45 22.82 -4.22
C TYR A 297 -13.27 21.86 -4.09
N THR A 298 -12.54 21.98 -2.97
CA THR A 298 -11.52 21.01 -2.65
C THR A 298 -12.18 19.69 -2.25
N LYS A 299 -11.41 18.60 -2.35
CA LYS A 299 -11.96 17.29 -2.01
C LYS A 299 -12.46 17.25 -0.58
N LYS A 300 -11.71 17.84 0.37
CA LYS A 300 -12.18 17.82 1.75
C LYS A 300 -13.41 18.70 1.93
N GLU A 301 -13.41 19.88 1.28
CA GLU A 301 -14.58 20.74 1.32
C GLU A 301 -15.83 19.99 0.88
N PHE A 302 -15.72 19.24 -0.22
CA PHE A 302 -16.89 18.53 -0.72
C PHE A 302 -17.23 17.34 0.16
N ALA A 303 -16.21 16.61 0.63
CA ALA A 303 -16.45 15.50 1.53
C ALA A 303 -17.13 15.97 2.80
N ASP A 304 -16.74 17.15 3.29
CA ASP A 304 -17.38 17.70 4.49
C ASP A 304 -18.77 18.24 4.17
N LEU A 305 -18.99 18.74 2.96
CA LEU A 305 -20.31 19.21 2.60
C LEU A 305 -21.32 18.06 2.60
N VAL A 306 -20.89 16.88 2.14
CA VAL A 306 -21.79 15.72 2.09
C VAL A 306 -22.12 15.23 3.49
N SER A 307 -21.16 15.29 4.40
CA SER A 307 -21.43 14.87 5.78
C SER A 307 -22.31 15.87 6.49
N TYR A 308 -22.10 17.16 6.23
CA TYR A 308 -22.97 18.18 6.82
C TYR A 308 -24.42 18.00 6.35
N ALA A 309 -24.61 17.83 5.05
CA ALA A 309 -25.98 17.66 4.54
C ALA A 309 -26.64 16.41 5.11
N ARG A 310 -25.86 15.35 5.36
CA ARG A 310 -26.41 14.15 5.99
C ARG A 310 -26.85 14.42 7.41
N LYS A 311 -26.17 15.34 8.09
CA LYS A 311 -26.61 15.71 9.43
C LYS A 311 -28.02 16.29 9.39
N TYR A 312 -28.38 16.96 8.30
CA TYR A 312 -29.69 17.60 8.16
C TYR A 312 -30.61 16.82 7.22
N GLY A 313 -30.37 15.52 7.07
CA GLY A 313 -31.27 14.63 6.35
C GLY A 313 -31.19 14.68 4.84
N VAL A 314 -30.25 15.44 4.27
CA VAL A 314 -30.18 15.64 2.84
C VAL A 314 -29.06 14.78 2.28
N ASN A 315 -29.36 14.06 1.19
CA ASN A 315 -28.36 13.30 0.46
C ASN A 315 -27.93 14.12 -0.76
N ILE A 316 -26.65 14.46 -0.81
CA ILE A 316 -26.08 15.13 -1.97
C ILE A 316 -25.77 14.10 -3.05
N VAL A 317 -26.21 14.37 -4.26
CA VAL A 317 -25.97 13.49 -5.40
C VAL A 317 -25.16 14.26 -6.44
N PRO A 318 -23.86 13.95 -6.56
CA PRO A 318 -23.03 14.64 -7.55
C PRO A 318 -23.18 14.02 -8.93
N GLU A 319 -23.14 14.89 -9.95
CA GLU A 319 -23.35 14.51 -11.33
C GLU A 319 -22.11 14.87 -12.14
N PHE A 320 -21.61 13.92 -12.93
CA PHE A 320 -20.57 14.15 -13.94
C PHE A 320 -21.22 14.02 -15.30
N ASP A 321 -21.36 15.12 -16.04
CA ASP A 321 -21.96 15.06 -17.37
C ASP A 321 -20.96 14.54 -18.38
N THR A 322 -21.30 13.42 -19.01
CA THR A 322 -20.58 12.77 -20.10
C THR A 322 -21.59 11.90 -20.86
N PRO A 323 -21.43 11.77 -22.19
CA PRO A 323 -20.36 12.33 -23.00
C PRO A 323 -20.65 13.74 -23.47
N GLY A 324 -21.88 14.20 -23.20
CA GLY A 324 -22.28 15.55 -23.52
C GLY A 324 -22.00 16.54 -22.40
N HIS A 325 -21.97 17.82 -22.77
CA HIS A 325 -21.71 18.92 -21.83
C HIS A 325 -20.33 18.80 -21.22
N ALA A 326 -19.39 18.21 -21.96
CA ALA A 326 -18.10 17.78 -21.42
C ALA A 326 -16.94 18.61 -21.99
N LEU A 327 -17.17 19.90 -22.25
CA LEU A 327 -16.08 20.74 -22.76
C LEU A 327 -14.92 20.80 -21.78
N SER A 328 -15.18 20.61 -20.48
CA SER A 328 -14.08 20.49 -19.54
C SER A 328 -13.23 19.26 -19.82
N PHE A 329 -13.83 18.16 -20.28
CA PHE A 329 -13.05 16.96 -20.61
C PHE A 329 -12.39 17.09 -21.97
N THR A 330 -13.16 17.44 -23.01
CA THR A 330 -12.61 17.50 -24.36
C THR A 330 -11.42 18.45 -24.42
N ARG A 331 -11.41 19.47 -23.55
CA ARG A 331 -10.26 20.35 -23.49
C ARG A 331 -9.01 19.62 -23.04
N LEU A 332 -9.17 18.56 -22.25
CA LEU A 332 -8.04 17.72 -21.88
C LEU A 332 -7.67 16.77 -23.01
N ARG A 333 -8.66 16.31 -23.77
CA ARG A 333 -8.47 15.24 -24.75
C ARG A 333 -9.18 15.63 -26.04
N PRO A 334 -8.66 16.63 -26.75
CA PRO A 334 -9.31 17.05 -28.01
C PRO A 334 -9.43 15.93 -29.03
N ASP A 335 -8.55 14.94 -28.96
CA ASP A 335 -8.54 13.78 -29.84
C ASP A 335 -9.72 12.85 -29.60
N LEU A 336 -10.54 13.10 -28.58
CA LEU A 336 -11.71 12.27 -28.30
C LEU A 336 -13.00 12.97 -28.65
N ILE A 337 -12.92 14.22 -29.13
CA ILE A 337 -14.12 14.92 -29.59
C ILE A 337 -14.79 14.11 -30.67
N TYR A 338 -16.09 13.88 -30.50
CA TYR A 338 -16.89 13.18 -31.50
C TYR A 338 -16.79 13.88 -32.85
N LYS A 339 -16.54 13.08 -33.91
CA LYS A 339 -16.32 13.60 -35.25
C LYS A 339 -17.35 13.14 -36.26
N GLY A 340 -18.34 12.35 -35.85
CA GLY A 340 -19.32 11.83 -36.77
C GLY A 340 -20.36 12.86 -37.18
N PRO A 341 -21.28 12.43 -38.05
CA PRO A 341 -22.33 13.34 -38.51
C PRO A 341 -23.30 13.67 -37.37
N ASN A 343 -26.65 16.80 -35.98
CA ASN A 343 -27.73 17.70 -36.37
C ASN A 343 -27.42 19.18 -36.17
N HIS A 344 -26.56 19.54 -35.21
CA HIS A 344 -26.19 20.94 -34.97
C HIS A 344 -24.67 20.99 -34.81
N GLU A 345 -23.97 20.92 -35.93
CA GLU A 345 -22.51 20.78 -35.97
C GLU A 345 -21.77 21.89 -35.23
N LYS A 346 -22.41 23.00 -34.90
CA LYS A 346 -21.68 24.08 -34.26
C LYS A 346 -21.45 23.83 -32.77
N ARG A 347 -22.06 22.80 -32.21
CA ARG A 347 -21.88 22.45 -30.80
C ARG A 347 -21.14 21.13 -30.64
N ARG A 348 -20.18 20.86 -31.53
CA ARG A 348 -19.34 19.67 -31.44
C ARG A 348 -18.33 19.63 -30.30
N CYS A 349 -17.67 20.74 -29.97
CA CYS A 349 -16.53 20.66 -29.05
C CYS A 349 -16.88 20.08 -27.68
N GLU A 350 -18.15 20.12 -27.29
CA GLU A 350 -18.56 19.65 -25.98
C GLU A 350 -18.89 18.15 -25.97
N LEU A 352 -17.95 14.15 -26.22
CA LEU A 352 -17.01 13.04 -26.24
C LEU A 352 -17.49 11.96 -27.19
N ASP A 353 -16.54 11.31 -27.85
CA ASP A 353 -16.87 10.15 -28.67
C ASP A 353 -17.21 8.95 -27.79
N ALA A 354 -18.50 8.79 -27.48
CA ALA A 354 -18.96 7.67 -26.67
C ALA A 354 -18.61 6.32 -27.31
N ALA A 355 -18.36 6.28 -28.62
CA ALA A 355 -17.98 5.03 -29.27
C ALA A 355 -16.55 4.63 -28.97
N ASN A 356 -15.67 5.60 -28.71
CA ASN A 356 -14.24 5.31 -28.51
C ASN A 356 -14.00 4.68 -27.13
N PRO A 357 -13.42 3.48 -27.06
CA PRO A 357 -13.04 2.92 -25.76
C PRO A 357 -12.05 3.77 -24.99
N GLU A 358 -11.27 4.60 -25.68
CA GLU A 358 -10.30 5.40 -24.97
C GLU A 358 -10.98 6.57 -24.26
N THR A 359 -12.26 6.83 -24.58
CA THR A 359 -13.11 7.79 -23.88
C THR A 359 -13.69 7.24 -22.58
N ILE A 360 -14.34 6.06 -22.62
CA ILE A 360 -14.77 5.41 -21.37
C ILE A 360 -13.63 5.26 -20.39
N ASP A 361 -12.42 4.98 -20.88
CA ASP A 361 -11.25 4.91 -19.99
C ASP A 361 -11.08 6.22 -19.22
N LEU A 362 -11.12 7.35 -19.93
CA LEU A 362 -10.98 8.66 -19.29
C LEU A 362 -12.10 8.92 -18.29
N VAL A 363 -13.35 8.75 -18.70
CA VAL A 363 -14.48 9.03 -17.81
C VAL A 363 -14.39 8.16 -16.56
N SER A 364 -13.96 6.90 -16.73
CA SER A 364 -13.77 6.02 -15.58
CA SER A 364 -13.76 6.02 -15.59
C SER A 364 -12.70 6.56 -14.65
N LYS A 365 -11.58 7.02 -15.21
CA LYS A 365 -10.50 7.57 -14.39
C LYS A 365 -10.98 8.76 -13.57
N VAL A 366 -11.78 9.64 -14.17
CA VAL A 366 -12.30 10.79 -13.44
C VAL A 366 -13.21 10.33 -12.30
N PHE A 367 -14.10 9.39 -12.59
CA PHE A 367 -14.96 8.85 -11.55
C PHE A 367 -14.16 8.21 -10.42
N ASP A 368 -13.15 7.41 -10.77
CA ASP A 368 -12.41 6.68 -9.74
C ASP A 368 -11.72 7.62 -8.77
N GLU A 369 -11.39 8.85 -9.21
CA GLU A 369 -10.71 9.79 -8.34
C GLU A 369 -11.57 10.22 -7.15
N TYR A 370 -12.85 9.90 -7.16
CA TYR A 370 -13.76 10.26 -6.10
C TYR A 370 -14.51 9.06 -5.56
N LEU A 372 -12.93 5.82 -5.56
CA LEU A 372 -11.92 5.03 -4.88
C LEU A 372 -11.31 5.83 -3.74
N LYS A 373 -10.49 5.16 -2.94
CA LYS A 373 -9.91 5.80 -1.76
C LYS A 373 -9.00 6.95 -2.15
N ASP A 374 -9.20 8.07 -1.47
CA ASP A 374 -8.31 9.22 -1.55
C ASP A 374 -7.19 9.05 -0.53
N PRO A 375 -5.93 9.25 -0.92
CA PRO A 375 -4.81 9.06 0.04
C PRO A 375 -4.94 9.92 1.28
N LYS A 376 -5.19 11.21 1.12
CA LYS A 376 -5.21 12.11 2.27
C LYS A 376 -6.41 11.86 3.15
N LEU A 377 -7.60 11.69 2.56
CA LEU A 377 -8.77 11.49 3.40
C LEU A 377 -8.83 10.10 4.03
N GLY A 378 -8.06 9.14 3.49
CA GLY A 378 -8.18 7.76 3.91
C GLY A 378 -9.49 7.11 3.56
N ARG A 379 -10.23 7.66 2.62
CA ARG A 379 -11.54 7.17 2.21
C ARG A 379 -11.93 7.88 0.92
N PRO A 380 -12.94 7.39 0.20
CA PRO A 380 -13.31 8.05 -1.05
C PRO A 380 -13.91 9.42 -0.80
N VAL A 381 -13.67 10.34 -1.73
CA VAL A 381 -14.32 11.65 -1.65
C VAL A 381 -15.84 11.46 -1.66
N PHE A 382 -16.34 10.53 -2.49
CA PHE A 382 -17.76 10.23 -2.56
C PHE A 382 -18.18 9.14 -1.59
N ALA A 383 -17.49 9.03 -0.45
CA ALA A 383 -17.77 7.96 0.51
C ALA A 383 -19.18 8.07 1.10
N ASP A 384 -19.64 9.29 1.35
CA ASP A 384 -20.97 9.47 1.93
C ASP A 384 -22.04 9.69 0.88
N CYS A 385 -21.72 9.52 -0.40
CA CYS A 385 -22.69 9.65 -1.49
C CYS A 385 -23.16 8.26 -1.89
N GLY A 386 -24.32 7.84 -1.41
CA GLY A 386 -24.86 6.57 -1.83
C GLY A 386 -25.17 6.54 -3.32
N VAL A 387 -25.53 7.69 -3.87
CA VAL A 387 -25.94 7.81 -5.26
C VAL A 387 -25.01 8.77 -5.97
N VAL A 388 -24.50 8.36 -7.14
CA VAL A 388 -23.74 9.23 -8.03
C VAL A 388 -24.44 9.29 -9.38
N HIS A 389 -24.58 10.49 -9.92
CA HIS A 389 -25.26 10.72 -11.19
C HIS A 389 -24.25 10.69 -12.34
N VAL A 390 -24.50 9.82 -13.32
CA VAL A 390 -23.54 9.56 -14.39
C VAL A 390 -23.83 10.38 -15.64
N GLY A 391 -24.87 11.21 -15.62
CA GLY A 391 -25.15 12.08 -16.76
C GLY A 391 -25.87 11.36 -17.87
N ALA A 392 -25.23 11.31 -19.04
CA ALA A 392 -25.67 10.47 -20.16
C ALA A 392 -27.05 10.88 -20.68
N ASP A 393 -27.21 12.16 -20.99
CA ASP A 393 -28.49 12.60 -21.56
C ASP A 393 -28.55 12.35 -23.07
N GLU A 394 -27.44 12.56 -23.77
CA GLU A 394 -27.45 12.65 -25.22
C GLU A 394 -26.09 12.23 -25.74
N PHE A 395 -26.10 11.62 -26.93
CA PHE A 395 -24.89 11.39 -27.70
C PHE A 395 -25.20 11.57 -29.18
N TYR A 396 -24.41 12.40 -29.84
CA TYR A 396 -24.66 12.78 -31.21
C TYR A 396 -24.45 11.66 -32.22
N GLY A 397 -23.81 10.56 -31.83
CA GLY A 397 -23.51 9.46 -32.72
C GLY A 397 -24.53 8.35 -32.68
N ASP A 398 -24.09 7.15 -33.03
CA ASP A 398 -24.96 5.98 -33.13
C ASP A 398 -25.73 5.76 -31.83
N LYS A 399 -27.01 5.40 -31.97
CA LYS A 399 -27.84 5.08 -30.82
C LYS A 399 -27.27 3.89 -30.07
N GLU A 400 -26.84 2.85 -30.80
CA GLU A 400 -26.21 1.71 -30.13
C GLU A 400 -24.96 2.12 -29.39
N ASP A 401 -24.21 3.09 -29.93
CA ASP A 401 -23.00 3.54 -29.24
C ASP A 401 -23.36 4.26 -27.93
N TYR A 402 -24.45 5.03 -27.94
CA TYR A 402 -24.93 5.63 -26.69
C TYR A 402 -25.27 4.56 -25.66
N ARG A 403 -26.02 3.54 -26.08
CA ARG A 403 -26.43 2.49 -25.14
C ARG A 403 -25.23 1.76 -24.56
N HIS A 404 -24.20 1.51 -25.37
CA HIS A 404 -23.01 0.86 -24.83
C HIS A 404 -22.34 1.74 -23.78
N PHE A 405 -22.26 3.06 -24.04
CA PHE A 405 -21.62 3.97 -23.09
C PHE A 405 -22.47 4.12 -21.83
N ALA A 406 -23.78 4.29 -22.00
CA ALA A 406 -24.66 4.38 -20.85
C ALA A 406 -24.49 3.16 -19.96
N ASN A 407 -24.48 1.98 -20.57
CA ASN A 407 -24.32 0.76 -19.80
C ASN A 407 -22.93 0.68 -19.14
N ALA A 408 -21.91 1.24 -19.80
CA ALA A 408 -20.57 1.24 -19.21
C ALA A 408 -20.54 2.06 -17.95
N VAL A 409 -21.08 3.28 -18.03
CA VAL A 409 -20.94 4.23 -16.92
C VAL A 409 -21.89 3.87 -15.79
N LEU A 410 -23.09 3.37 -16.09
CA LEU A 410 -23.97 2.86 -15.02
C LEU A 410 -23.32 1.70 -14.29
N THR A 411 -22.74 0.76 -15.03
CA THR A 411 -22.16 -0.43 -14.39
C THR A 411 -20.88 -0.08 -13.66
N HIS A 412 -20.14 0.92 -14.13
CA HIS A 412 -18.98 1.37 -13.38
C HIS A 412 -19.37 1.70 -11.95
N ALA A 413 -20.40 2.52 -11.78
CA ALA A 413 -20.84 2.88 -10.43
C ALA A 413 -21.31 1.66 -9.66
N LEU A 414 -22.04 0.76 -10.33
CA LEU A 414 -22.52 -0.44 -9.65
C LEU A 414 -21.35 -1.29 -9.16
N LYS A 415 -20.28 -1.39 -9.95
CA LYS A 415 -19.19 -2.25 -9.54
C LYS A 415 -18.31 -1.58 -8.47
N ARG A 416 -18.31 -0.25 -8.40
CA ARG A 416 -17.56 0.46 -7.36
C ARG A 416 -18.32 0.55 -6.05
N GLY A 417 -19.53 -0.01 -5.98
CA GLY A 417 -20.35 0.06 -4.79
C GLY A 417 -21.15 1.34 -4.65
N TYR A 418 -21.69 1.86 -5.76
CA TYR A 418 -22.49 3.07 -5.78
C TYR A 418 -23.76 2.85 -6.59
N THR A 419 -24.85 3.48 -6.18
CA THR A 419 -26.01 3.41 -7.04
C THR A 419 -25.96 4.54 -8.07
N PRO A 420 -26.22 4.27 -9.32
CA PRO A 420 -26.14 5.34 -10.31
C PRO A 420 -27.49 5.99 -10.59
N ARG A 421 -27.47 7.26 -10.95
CA ARG A 421 -28.64 7.95 -11.45
C ARG A 421 -28.35 8.46 -12.84
N ILE A 422 -29.32 8.37 -13.73
CA ILE A 422 -29.10 8.71 -15.13
C ILE A 422 -30.30 9.49 -15.67
N TRP A 423 -30.00 10.42 -16.57
CA TRP A 423 -31.06 11.10 -17.31
C TRP A 423 -31.76 10.11 -18.24
N GLY A 424 -33.07 9.98 -18.11
CA GLY A 424 -33.81 9.09 -18.98
C GLY A 424 -33.79 9.49 -20.45
N SER A 425 -33.14 8.67 -21.28
CA SER A 425 -33.02 8.98 -22.71
C SER A 425 -33.20 7.74 -23.57
N LEU A 426 -33.78 6.66 -23.05
CA LEU A 426 -33.80 5.41 -23.78
C LEU A 426 -34.91 5.37 -24.84
N SER A 427 -36.00 6.10 -24.65
CA SER A 427 -37.00 6.19 -25.72
C SER A 427 -36.42 6.89 -26.94
N ALA A 428 -35.65 7.97 -26.72
CA ALA A 428 -34.94 8.64 -27.80
C ALA A 428 -33.80 7.79 -28.37
N LYS A 429 -33.25 6.87 -27.58
CA LYS A 429 -32.09 6.07 -27.98
C LYS A 429 -32.41 4.57 -27.87
N PRO A 430 -33.40 4.09 -28.60
CA PRO A 430 -33.73 2.66 -28.52
C PRO A 430 -32.71 1.83 -29.29
N GLY A 431 -32.66 0.55 -28.97
CA GLY A 431 -31.68 -0.32 -29.58
C GLY A 431 -31.66 -1.69 -28.93
N LYS A 432 -30.74 -2.52 -29.43
CA LYS A 432 -30.65 -3.89 -28.98
C LYS A 432 -29.51 -4.13 -27.99
N THR A 433 -28.61 -3.16 -27.84
CA THR A 433 -27.55 -3.28 -26.85
C THR A 433 -28.15 -3.19 -25.46
N PRO A 434 -28.03 -4.22 -24.62
CA PRO A 434 -28.68 -4.16 -23.30
C PRO A 434 -28.07 -3.08 -22.42
N VAL A 435 -28.95 -2.39 -21.69
CA VAL A 435 -28.56 -1.36 -20.73
C VAL A 435 -29.10 -1.78 -19.36
N VAL A 436 -28.22 -1.78 -18.35
CA VAL A 436 -28.62 -2.32 -17.05
C VAL A 436 -29.72 -1.48 -16.45
N SER A 437 -30.66 -2.13 -15.79
CA SER A 437 -31.78 -1.43 -15.18
C SER A 437 -31.89 -1.66 -13.67
N LYS A 438 -31.76 -2.89 -13.22
CA LYS A 438 -31.86 -3.19 -11.79
C LYS A 438 -30.69 -2.57 -11.04
N GLY A 439 -31.00 -1.75 -10.04
CA GLY A 439 -29.99 -0.97 -9.33
C GLY A 439 -29.79 0.44 -9.83
N VAL A 440 -30.57 0.89 -10.82
CA VAL A 440 -30.31 2.12 -11.54
C VAL A 440 -31.46 3.09 -11.32
N GLN A 441 -31.12 4.33 -10.97
CA GLN A 441 -32.12 5.40 -10.84
C GLN A 441 -32.12 6.26 -12.10
N ASN A 443 -33.78 9.86 -14.01
CA ASN A 443 -34.51 11.12 -14.03
C ASN A 443 -35.40 11.17 -15.27
N LEU A 444 -36.72 11.22 -15.05
CA LEU A 444 -37.67 11.38 -16.14
C LEU A 444 -37.84 12.88 -16.39
N TRP A 445 -36.92 13.42 -17.18
CA TRP A 445 -36.95 14.86 -17.44
C TRP A 445 -37.80 15.24 -18.65
N SER A 446 -37.86 14.41 -19.70
CA SER A 446 -38.70 14.67 -20.87
C SER A 446 -39.41 13.40 -21.35
N THR A 447 -40.65 13.56 -21.79
CA THR A 447 -41.43 12.41 -22.23
C THR A 447 -40.98 11.89 -23.59
N GLY A 448 -40.49 12.77 -24.47
CA GLY A 448 -40.00 12.31 -25.75
C GLY A 448 -38.71 11.50 -25.64
N TRP A 449 -37.94 11.74 -24.59
CA TRP A 449 -36.66 11.04 -24.42
C TRP A 449 -36.79 9.77 -23.58
N LYS A 451 -40.26 7.60 -21.90
CA LYS A 451 -41.66 7.56 -21.46
C LYS A 451 -41.70 6.97 -20.06
N ALA A 452 -42.48 7.57 -19.18
CA ALA A 452 -42.55 7.10 -17.81
C ALA A 452 -42.98 5.64 -17.75
N TRP A 453 -43.88 5.23 -18.63
CA TRP A 453 -44.39 3.87 -18.58
C TRP A 453 -43.36 2.87 -19.05
N GLU A 454 -42.66 3.17 -20.14
CA GLU A 454 -41.66 2.23 -20.63
C GLU A 454 -40.40 2.23 -19.77
N ALA A 455 -40.18 3.30 -19.00
CA ALA A 455 -39.08 3.29 -18.03
C ALA A 455 -39.37 2.31 -16.90
N VAL A 456 -40.60 2.28 -16.40
CA VAL A 456 -40.85 1.37 -15.28
C VAL A 456 -40.89 -0.08 -15.75
N ASN A 457 -41.38 -0.35 -16.97
CA ASN A 457 -41.37 -1.72 -17.44
C ASN A 457 -39.97 -2.22 -17.80
N GLN A 458 -39.07 -1.34 -18.21
CA GLN A 458 -37.69 -1.77 -18.40
C GLN A 458 -36.99 -2.04 -17.06
N GLY A 459 -37.51 -1.51 -15.96
CA GLY A 459 -37.06 -1.86 -14.63
C GLY A 459 -36.35 -0.78 -13.82
N TYR A 460 -36.54 0.50 -14.13
CA TYR A 460 -35.85 1.57 -13.43
C TYR A 460 -36.69 2.14 -12.29
N ASP A 461 -36.00 2.62 -11.26
CA ASP A 461 -36.58 3.53 -10.29
C ASP A 461 -36.57 4.93 -10.88
N VAL A 462 -37.73 5.58 -10.89
CA VAL A 462 -37.94 6.78 -11.70
C VAL A 462 -38.20 7.98 -10.81
N ILE A 463 -37.74 9.14 -11.28
CA ILE A 463 -37.87 10.40 -10.56
C ILE A 463 -38.53 11.41 -11.47
N ASN A 464 -39.69 11.91 -11.05
CA ASN A 464 -40.35 12.98 -11.80
C ASN A 464 -39.45 14.21 -11.84
N THR A 465 -38.91 14.51 -13.02
CA THR A 465 -38.06 15.67 -13.22
C THR A 465 -38.51 16.42 -14.46
N ASN A 466 -39.82 16.46 -14.70
CA ASN A 466 -40.32 16.85 -16.02
C ASN A 466 -40.02 18.31 -16.35
N ASP A 467 -39.53 18.53 -17.57
CA ASP A 467 -39.01 19.84 -17.94
C ASP A 467 -40.12 20.88 -18.02
N GLY A 468 -41.23 20.54 -18.68
CA GLY A 468 -42.34 21.47 -18.80
C GLY A 468 -42.92 21.90 -17.46
N ALA A 469 -42.65 21.17 -16.39
CA ALA A 469 -43.24 21.49 -15.11
C ALA A 469 -42.24 21.95 -14.04
N LEU A 470 -40.99 21.47 -14.07
CA LEU A 470 -40.11 21.63 -12.91
C LEU A 470 -38.77 22.26 -13.24
N TYR A 471 -38.60 22.85 -14.42
CA TYR A 471 -37.36 23.51 -14.79
C TYR A 471 -37.45 25.01 -14.55
N ILE A 472 -36.39 25.58 -13.99
CA ILE A 472 -36.25 27.03 -13.84
C ILE A 472 -34.96 27.46 -14.53
N VAL A 473 -35.08 28.39 -15.47
CA VAL A 473 -33.93 29.06 -16.05
C VAL A 473 -34.02 30.52 -15.64
N PRO A 474 -33.22 30.98 -14.67
CA PRO A 474 -33.41 32.33 -14.12
C PRO A 474 -33.39 33.41 -15.18
N PHE A 475 -34.39 34.29 -15.11
CA PHE A 475 -34.44 35.53 -15.90
C PHE A 475 -34.48 35.25 -17.40
N ALA A 476 -35.16 34.18 -17.78
CA ALA A 476 -35.19 33.72 -19.15
C ALA A 476 -36.63 33.72 -19.64
N GLY A 477 -36.80 33.75 -20.97
CA GLY A 477 -38.13 33.75 -21.56
C GLY A 477 -38.85 32.42 -21.49
N TYR A 478 -38.13 31.32 -21.29
CA TYR A 478 -38.70 29.98 -21.28
C TYR A 478 -38.34 29.31 -19.96
N TYR A 479 -39.05 28.21 -19.65
CA TYR A 479 -38.78 27.41 -18.46
C TYR A 479 -38.91 28.23 -17.17
N ARG A 480 -40.02 28.96 -17.05
CA ARG A 480 -40.23 29.84 -15.90
C ARG A 480 -41.27 29.21 -14.99
N ASP A 482 -41.00 29.32 -11.86
CA ASP A 482 -41.12 30.21 -10.71
C ASP A 482 -42.33 31.12 -10.80
N ARG A 483 -42.93 31.25 -11.98
CA ARG A 483 -44.16 32.00 -12.15
C ARG A 483 -45.39 31.11 -12.16
N ASN A 484 -45.25 29.84 -11.74
CA ASN A 484 -46.37 28.89 -11.71
C ASN A 484 -46.40 28.15 -10.38
N HIS A 485 -45.93 28.79 -9.30
CA HIS A 485 -45.95 28.14 -7.98
C HIS A 485 -47.38 27.87 -7.53
N LYS A 486 -48.32 28.77 -7.89
CA LYS A 486 -49.71 28.58 -7.51
C LYS A 486 -50.32 27.35 -8.18
N GLY A 487 -50.09 27.19 -9.49
CA GLY A 487 -50.59 26.03 -10.19
C GLY A 487 -49.95 24.74 -9.70
N LEU A 488 -48.65 24.76 -9.44
CA LEU A 488 -47.99 23.59 -8.86
C LEU A 488 -48.61 23.23 -7.52
N TYR A 489 -48.77 24.20 -6.64
CA TYR A 489 -49.25 23.91 -5.29
C TYR A 489 -50.64 23.27 -5.31
N ASN A 490 -51.48 23.63 -6.27
CA ASN A 490 -52.85 23.15 -6.31
C ASN A 490 -53.03 21.86 -7.11
N ASN A 491 -52.22 21.63 -8.14
CA ASN A 491 -52.46 20.52 -9.06
C ASN A 491 -51.33 19.50 -9.14
N TRP A 492 -50.08 19.90 -8.92
CA TRP A 492 -48.96 19.01 -9.22
C TRP A 492 -48.91 17.85 -8.24
N ILE A 493 -48.81 16.64 -8.78
CA ILE A 493 -48.64 15.44 -7.97
C ILE A 493 -47.43 14.69 -8.52
N PRO A 494 -46.69 13.95 -7.70
CA PRO A 494 -45.47 13.29 -8.20
C PRO A 494 -45.73 12.19 -9.24
N ASN A 495 -46.88 11.53 -9.23
CA ASN A 495 -47.06 10.40 -10.13
C ASN A 495 -47.53 10.80 -11.53
N ARG A 496 -47.93 12.04 -11.73
CA ARG A 496 -48.20 12.50 -13.09
C ARG A 496 -46.93 13.14 -13.64
N ILE A 497 -46.37 12.53 -14.69
CA ILE A 497 -45.11 12.96 -15.27
C ILE A 497 -45.40 13.36 -16.70
N GLY A 498 -45.50 14.66 -16.95
CA GLY A 498 -45.98 15.13 -18.24
C GLY A 498 -47.40 14.63 -18.47
N ASN A 499 -47.60 13.98 -19.59
CA ASN A 499 -48.93 13.60 -19.98
C ASN A 499 -49.22 12.13 -19.65
N GLU A 500 -48.24 11.44 -19.09
CA GLU A 500 -48.39 10.13 -18.48
C GLU A 500 -48.69 10.26 -16.99
N THR A 501 -49.42 9.27 -16.47
CA THR A 501 -49.73 9.17 -15.05
C THR A 501 -49.44 7.75 -14.59
N LEU A 502 -48.50 7.63 -13.64
CA LEU A 502 -48.30 6.40 -12.89
C LEU A 502 -49.24 6.35 -11.70
N PRO A 503 -49.53 5.16 -11.18
CA PRO A 503 -50.23 5.10 -9.89
C PRO A 503 -49.33 5.64 -8.79
N SER A 504 -49.90 6.43 -7.89
CA SER A 504 -49.10 7.04 -6.83
C SER A 504 -48.39 6.00 -5.98
N GLY A 505 -48.90 4.77 -5.95
CA GLY A 505 -48.32 3.70 -5.16
C GLY A 505 -47.36 2.78 -5.87
N HIS A 506 -46.95 3.12 -7.09
CA HIS A 506 -46.00 2.28 -7.82
C HIS A 506 -44.66 2.27 -7.10
N PRO A 507 -44.08 1.10 -6.84
CA PRO A 507 -42.88 1.04 -6.00
C PRO A 507 -41.64 1.61 -6.66
N GLN A 508 -41.63 1.70 -7.99
CA GLN A 508 -40.48 2.26 -8.71
C GLN A 508 -40.52 3.78 -8.79
N LEU A 509 -41.61 4.39 -8.35
CA LEU A 509 -41.71 5.85 -8.29
C LEU A 509 -41.03 6.33 -7.01
N LEU A 510 -39.86 6.95 -7.16
CA LEU A 510 -39.13 7.42 -5.98
C LEU A 510 -39.70 8.72 -5.44
N GLY A 511 -40.10 9.62 -6.32
CA GLY A 511 -40.48 10.97 -5.95
C GLY A 511 -40.20 11.92 -7.11
N GLY A 512 -39.81 13.14 -6.78
CA GLY A 512 -39.63 14.16 -7.81
C GLY A 512 -38.55 15.17 -7.45
N THR A 513 -38.09 15.88 -8.48
CA THR A 513 -37.02 16.85 -8.38
C THR A 513 -37.33 18.03 -9.29
N PHE A 514 -37.21 19.24 -8.75
CA PHE A 514 -37.22 20.44 -9.57
C PHE A 514 -35.80 20.92 -9.80
N ALA A 515 -35.59 21.58 -10.93
CA ALA A 515 -34.25 21.81 -11.47
C ALA A 515 -34.05 23.27 -11.82
N VAL A 516 -32.85 23.78 -11.50
CA VAL A 516 -32.44 25.15 -11.79
C VAL A 516 -31.26 25.09 -12.75
N TRP A 517 -31.47 25.53 -13.99
CA TRP A 517 -30.44 25.52 -15.01
C TRP A 517 -30.01 26.95 -15.31
N ASN A 518 -28.70 27.19 -15.38
CA ASN A 518 -28.19 28.54 -15.60
C ASN A 518 -27.74 28.69 -17.06
N ASP A 519 -28.72 28.81 -17.95
CA ASP A 519 -28.46 28.89 -19.38
C ASP A 519 -27.84 30.23 -19.77
N GLU A 520 -28.42 31.33 -19.32
CA GLU A 520 -28.02 32.65 -19.80
C GLU A 520 -26.82 33.17 -18.99
N THR A 521 -25.69 32.48 -19.19
CA THR A 521 -24.42 32.81 -18.55
C THR A 521 -23.37 33.09 -19.63
N ASP A 522 -22.10 33.24 -19.22
CA ASP A 522 -20.98 33.53 -20.13
C ASP A 522 -21.25 34.85 -20.85
N ILE A 523 -21.26 34.88 -22.18
CA ILE A 523 -21.41 36.13 -22.94
C ILE A 523 -22.85 36.62 -22.91
N HIS A 525 -24.31 36.58 -19.70
CA HIS A 525 -24.54 36.70 -18.27
C HIS A 525 -24.94 38.13 -17.88
N THR A 526 -26.12 38.26 -17.27
CA THR A 526 -26.59 39.55 -16.80
C THR A 526 -25.82 40.05 -15.58
N GLY A 527 -25.13 39.15 -14.88
CA GLY A 527 -24.53 39.49 -13.60
C GLY A 527 -25.37 39.12 -12.41
N TYR A 528 -26.40 38.29 -12.58
CA TYR A 528 -27.21 37.87 -11.45
C TYR A 528 -26.43 36.93 -10.53
N ALA A 529 -26.90 36.82 -9.29
CA ALA A 529 -26.16 36.15 -8.23
C ALA A 529 -26.97 34.99 -7.66
N PRO A 530 -26.35 34.09 -6.88
CA PRO A 530 -27.15 33.12 -6.10
C PRO A 530 -28.12 33.77 -5.14
N TYR A 531 -27.79 34.98 -4.65
CA TYR A 531 -28.76 35.76 -3.89
C TYR A 531 -30.00 36.08 -4.72
N ASP A 532 -29.82 36.39 -6.00
CA ASP A 532 -30.91 36.91 -6.82
C ASP A 532 -31.95 35.84 -7.12
N ILE A 533 -31.60 34.55 -7.02
CA ILE A 533 -32.55 33.48 -7.29
C ILE A 533 -32.98 32.79 -6.01
N TRP A 534 -32.59 33.31 -4.84
CA TRP A 534 -32.95 32.67 -3.58
C TRP A 534 -34.45 32.60 -3.39
N GLY A 535 -35.16 33.71 -3.66
CA GLY A 535 -36.59 33.75 -3.41
C GLY A 535 -37.35 32.69 -4.18
N ILE A 536 -36.92 32.42 -5.40
CA ILE A 536 -37.65 31.45 -6.21
C ILE A 536 -37.22 30.02 -5.90
N ILE A 537 -35.95 29.83 -5.53
CA ILE A 537 -35.50 28.52 -5.06
C ILE A 537 -36.18 28.14 -3.75
N SER A 538 -36.12 29.02 -2.75
CA SER A 538 -36.80 28.72 -1.50
CA SER A 538 -36.79 28.74 -1.49
C SER A 538 -38.30 28.64 -1.69
N GLY A 539 -38.86 29.43 -2.60
CA GLY A 539 -40.29 29.41 -2.84
C GLY A 539 -40.76 28.21 -3.64
N SER A 540 -39.91 27.70 -4.54
CA SER A 540 -40.20 26.42 -5.17
C SER A 540 -40.23 25.30 -4.14
N ASP A 542 -40.94 25.44 -0.72
CA ASP A 542 -42.06 25.45 0.21
C ASP A 542 -43.35 24.97 -0.46
N VAL A 543 -43.45 25.08 -1.77
CA VAL A 543 -44.60 24.49 -2.48
C VAL A 543 -44.39 22.99 -2.69
N LEU A 544 -43.30 22.62 -3.36
CA LEU A 544 -43.15 21.22 -3.75
C LEU A 544 -42.93 20.30 -2.55
N SER A 545 -42.29 20.81 -1.49
CA SER A 545 -42.15 20.00 -0.28
C SER A 545 -43.50 19.52 0.22
N GLN A 546 -44.55 20.32 0.06
CA GLN A 546 -45.87 19.85 0.44
C GLN A 546 -46.35 18.74 -0.47
N LYS A 547 -46.14 18.89 -1.77
CA LYS A 547 -46.66 17.92 -2.71
C LYS A 547 -45.80 16.67 -2.80
N LEU A 548 -44.58 16.71 -2.26
CA LEU A 548 -43.70 15.55 -2.26
C LEU A 548 -43.85 14.72 -0.99
N TRP A 549 -43.89 15.39 0.17
CA TRP A 549 -43.97 14.69 1.45
C TRP A 549 -45.42 14.35 1.79
N GLY A 550 -46.36 15.21 1.39
CA GLY A 550 -47.72 15.14 1.88
C GLY A 550 -48.64 14.34 0.97
N THR A 551 -49.93 14.49 1.24
CA THR A 551 -50.98 13.80 0.48
C THR A 551 -51.14 14.43 -0.89
N ALA A 552 -52.02 13.84 -1.71
CA ALA A 552 -52.22 14.34 -3.07
C ALA A 552 -52.94 15.68 -3.11
N LYS A 553 -53.48 16.15 -1.99
CA LYS A 553 -54.28 17.36 -1.97
C LYS A 553 -53.65 18.38 -1.03
N ALA A 554 -53.47 19.60 -1.52
CA ALA A 554 -52.95 20.68 -0.68
C ALA A 554 -53.93 20.98 0.45
N PRO A 555 -53.44 21.11 1.69
CA PRO A 555 -54.37 21.33 2.82
C PRO A 555 -54.99 22.72 2.86
N ASP A 556 -54.66 23.60 1.93
CA ASP A 556 -55.16 24.97 1.97
C ASP A 556 -55.00 25.58 0.58
N THR A 557 -55.26 26.88 0.48
CA THR A 557 -55.01 27.58 -0.78
C THR A 557 -53.56 27.99 -0.87
N PHE A 558 -53.13 28.35 -2.09
CA PHE A 558 -51.78 28.84 -2.27
C PHE A 558 -51.56 30.14 -1.51
N GLU A 559 -52.62 30.95 -1.36
CA GLU A 559 -52.51 32.24 -0.70
C GLU A 559 -52.40 32.08 0.82
N GLN A 560 -53.12 31.13 1.40
CA GLN A 560 -52.96 30.82 2.81
C GLN A 560 -51.60 30.15 3.08
N HIS A 561 -51.16 29.29 2.16
CA HIS A 561 -49.88 28.61 2.31
C HIS A 561 -48.72 29.60 2.37
N ARG A 562 -48.83 30.73 1.69
CA ARG A 562 -47.71 31.66 1.62
C ARG A 562 -47.62 32.57 2.83
N GLU A 563 -48.77 32.90 3.46
CA GLU A 563 -48.72 33.64 4.70
C GLU A 563 -48.33 32.75 5.88
N LEU A 564 -48.40 31.43 5.73
CA LEU A 564 -47.83 30.54 6.74
C LEU A 564 -46.33 30.39 6.54
N VAL A 565 -45.88 30.35 5.30
CA VAL A 565 -44.45 30.40 5.00
C VAL A 565 -43.82 31.60 5.71
N SER A 566 -44.56 32.71 5.80
CA SER A 566 -44.06 33.92 6.43
C SER A 566 -44.02 33.81 7.94
N SER A 567 -45.07 33.26 8.55
CA SER A 567 -45.05 33.08 10.00
C SER A 567 -43.88 32.22 10.43
N ILE A 568 -43.59 31.18 9.64
CA ILE A 568 -42.54 30.24 10.01
C ILE A 568 -41.14 30.80 9.69
N GLY A 569 -41.01 31.63 8.66
CA GLY A 569 -39.75 32.31 8.44
C GLY A 569 -38.66 31.42 7.86
N ASN A 570 -37.43 31.93 7.89
CA ASN A 570 -36.30 31.17 7.38
C ASN A 570 -35.99 30.00 8.31
N ALA A 571 -35.13 29.12 7.81
CA ALA A 571 -34.67 27.98 8.58
C ALA A 571 -33.82 28.47 9.76
N PRO A 572 -33.78 27.70 10.87
CA PRO A 572 -33.00 28.12 12.03
C PRO A 572 -31.55 28.40 11.65
N ARG A 573 -31.03 29.52 12.13
CA ARG A 573 -29.62 29.89 11.93
C ARG A 573 -29.28 30.00 10.44
N THR A 574 -30.23 30.48 9.64
CA THR A 574 -30.05 30.58 8.19
C THR A 574 -30.54 31.95 7.76
N ASN A 575 -29.61 32.84 7.42
CA ASN A 575 -29.91 34.21 7.01
C ASN A 575 -29.47 34.40 5.56
N PRO A 576 -30.25 33.89 4.60
CA PRO A 576 -29.82 33.95 3.20
C PRO A 576 -29.84 35.34 2.59
N LEU A 577 -30.55 36.30 3.18
CA LEU A 577 -30.56 37.65 2.63
C LEU A 577 -29.64 38.60 3.38
N HIS A 578 -28.93 38.12 4.40
CA HIS A 578 -28.00 38.94 5.15
C HIS A 578 -28.70 40.20 5.68
N LYS A 579 -29.91 40.02 6.16
CA LYS A 579 -30.65 41.10 6.80
C LYS A 579 -30.13 41.30 8.21
N TRP A 580 -30.01 42.57 8.59
CA TRP A 580 -29.50 42.85 9.92
C TRP A 580 -30.63 42.80 10.93
N LYS A 581 -30.21 42.55 12.18
CA LYS A 581 -31.21 42.28 13.20
C LYS A 581 -31.84 43.59 13.66
N ASP A 582 -31.02 44.65 13.77
CA ASP A 582 -31.46 46.00 14.05
C ASP A 582 -31.05 46.91 12.90
N SER A 583 -31.96 47.80 12.51
CA SER A 583 -31.65 48.78 11.49
C SER A 583 -30.91 50.01 12.07
N GLN A 584 -30.14 49.85 13.19
CA GLN A 584 -29.34 51.05 13.47
C GLN A 584 -28.06 51.05 12.67
N PRO A 585 -27.50 52.22 12.40
CA PRO A 585 -26.30 52.33 11.56
C PRO A 585 -25.02 51.91 12.28
N LEU A 586 -24.02 51.57 11.46
CA LEU A 586 -22.67 51.29 11.90
C LEU A 586 -21.79 52.50 11.58
N THR A 587 -21.18 53.09 12.61
CA THR A 587 -20.35 54.27 12.46
C THR A 587 -18.94 53.98 12.98
N VAL A 588 -17.94 54.28 12.15
CA VAL A 588 -16.55 54.03 12.46
C VAL A 588 -15.73 55.23 12.03
N LYS A 589 -14.96 55.80 12.95
CA LYS A 589 -13.91 56.75 12.58
C LYS A 589 -12.58 56.02 12.72
N PRO A 590 -12.01 55.51 11.63
CA PRO A 590 -10.85 54.63 11.75
C PRO A 590 -9.65 55.32 12.37
N SER A 591 -8.91 54.56 13.17
CA SER A 591 -7.70 55.04 13.83
C SER A 591 -6.50 54.93 12.91
N SER A 592 -6.39 53.81 12.21
CA SER A 592 -5.36 53.51 11.24
C SER A 592 -5.87 52.32 10.43
N LEU A 593 -5.07 51.89 9.46
CA LEU A 593 -5.57 50.81 8.61
C LEU A 593 -4.58 49.66 8.56
N PRO A 594 -5.07 48.43 8.35
CA PRO A 594 -6.49 48.12 8.25
C PRO A 594 -7.18 48.04 9.61
N GLN A 595 -8.44 48.45 9.62
CA GLN A 595 -9.28 48.40 10.80
C GLN A 595 -10.14 47.14 10.72
N LYS A 596 -10.25 46.42 11.81
CA LYS A 596 -11.06 45.21 11.84
C LYS A 596 -12.41 45.54 12.47
N LEU A 597 -13.49 45.27 11.72
CA LEU A 597 -14.85 45.63 12.08
C LEU A 597 -15.64 44.47 12.69
N ASP A 598 -15.49 43.27 12.15
CA ASP A 598 -16.17 42.06 12.65
C ASP A 598 -17.68 42.28 12.82
N LYS A 599 -18.32 42.68 11.73
CA LYS A 599 -19.77 42.72 11.66
C LYS A 599 -20.29 41.80 10.56
N PRO A 600 -21.52 41.30 10.69
CA PRO A 600 -22.07 40.41 9.67
C PRO A 600 -22.25 41.14 8.34
N ALA A 601 -22.18 40.38 7.27
CA ALA A 601 -22.40 40.95 5.95
C ALA A 601 -23.83 41.45 5.84
N LEU A 602 -24.02 42.52 5.08
CA LEU A 602 -25.29 43.23 5.00
C LEU A 602 -25.80 43.20 3.55
N GLY A 603 -26.99 42.64 3.36
CA GLY A 603 -27.59 42.58 2.05
C GLY A 603 -28.47 43.79 1.79
N PRO A 604 -28.99 43.90 0.57
CA PRO A 604 -29.84 45.05 0.24
C PRO A 604 -31.12 45.02 1.07
N ASN A 605 -31.68 46.21 1.33
CA ASN A 605 -31.11 47.49 0.89
C ASN A 605 -30.25 48.17 1.95
N TYR A 606 -29.24 48.91 1.49
CA TYR A 606 -28.32 49.59 2.38
C TYR A 606 -27.71 50.77 1.66
N ARG A 607 -27.07 51.65 2.44
CA ARG A 607 -26.24 52.72 1.88
C ARG A 607 -24.94 52.81 2.66
N LEU A 608 -23.82 52.80 1.93
CA LEU A 608 -22.48 52.94 2.49
C LEU A 608 -21.98 54.37 2.27
N THR A 609 -21.50 55.01 3.33
CA THR A 609 -20.97 56.35 3.22
C THR A 609 -19.55 56.38 3.79
N GLU A 611 -15.84 58.88 4.00
CA GLU A 611 -14.93 59.99 3.73
C GLU A 611 -13.52 59.41 3.67
N LEU A 612 -12.87 59.53 2.51
CA LEU A 612 -11.55 58.92 2.33
C LEU A 612 -10.73 59.76 1.36
N GLU A 613 -9.43 59.45 1.31
CA GLU A 613 -8.50 60.06 0.39
C GLU A 613 -7.53 58.99 -0.09
N LEU A 614 -7.36 58.89 -1.41
CA LEU A 614 -6.49 57.89 -2.01
C LEU A 614 -5.08 58.47 -2.12
N THR A 615 -4.14 57.91 -1.36
CA THR A 615 -2.80 58.48 -1.30
C THR A 615 -1.95 58.06 -2.50
N ALA A 616 -2.19 56.88 -3.05
CA ALA A 616 -1.52 56.44 -4.26
C ALA A 616 -2.40 55.41 -4.98
N ALA A 617 -2.18 55.30 -6.29
CA ALA A 617 -2.89 54.33 -7.11
C ALA A 617 -1.94 53.73 -8.13
N PRO A 618 -0.93 52.99 -7.68
CA PRO A 618 -0.02 52.34 -8.62
C PRO A 618 -0.82 51.50 -9.60
N GLU A 619 -0.34 51.43 -10.83
CA GLU A 619 -1.11 50.83 -11.91
C GLU A 619 -0.98 49.32 -11.90
N GLY A 620 -2.13 48.63 -11.98
CA GLY A 620 -2.16 47.19 -11.98
C GLY A 620 -2.32 46.54 -10.63
N LYS A 621 -2.20 47.31 -9.54
CA LYS A 621 -2.27 46.79 -8.17
C LYS A 621 -3.67 47.01 -7.60
N GLU A 622 -4.31 45.93 -7.19
CA GLU A 622 -5.63 45.98 -6.60
C GLU A 622 -5.57 46.54 -5.18
N GLN A 623 -6.61 47.27 -4.78
CA GLN A 623 -6.68 47.89 -3.45
C GLN A 623 -8.02 47.53 -2.79
N VAL A 624 -7.98 46.58 -1.85
CA VAL A 624 -9.17 46.15 -1.14
C VAL A 624 -9.50 47.14 -0.04
N LEU A 625 -10.73 47.65 -0.06
CA LEU A 625 -11.22 48.61 0.92
C LEU A 625 -12.11 47.99 1.99
N LEU A 626 -12.92 47.01 1.64
CA LEU A 626 -13.79 46.29 2.56
C LEU A 626 -13.74 44.82 2.21
N ALA A 627 -13.61 43.97 3.24
CA ALA A 627 -13.35 42.55 3.00
C ALA A 627 -14.11 41.70 3.99
N ALA A 628 -14.59 40.56 3.51
CA ALA A 628 -15.32 39.55 4.27
C ALA A 628 -15.50 38.34 3.36
N PRO A 629 -15.79 37.17 3.91
CA PRO A 629 -15.93 35.97 3.05
C PRO A 629 -16.94 36.16 1.93
N GLU A 630 -17.92 37.05 2.10
CA GLU A 630 -18.92 37.29 1.07
C GLU A 630 -18.39 38.11 -0.10
N GLY A 631 -17.24 38.76 0.03
CA GLY A 631 -16.64 39.45 -1.10
C GLY A 631 -15.73 40.59 -0.64
N GLU A 632 -15.30 41.37 -1.63
CA GLU A 632 -14.38 42.48 -1.43
C GLU A 632 -14.88 43.73 -2.15
N LEU A 633 -14.77 44.89 -1.50
CA LEU A 633 -15.03 46.18 -2.14
C LEU A 633 -13.70 46.77 -2.61
N LEU A 634 -13.52 46.86 -3.93
CA LEU A 634 -12.24 47.25 -4.51
C LEU A 634 -12.22 48.75 -4.73
N ALA A 635 -11.47 49.48 -3.90
CA ALA A 635 -11.28 50.90 -4.12
C ALA A 635 -10.62 51.17 -5.47
N VAL A 636 -9.54 50.43 -5.76
CA VAL A 636 -8.87 50.49 -7.06
C VAL A 636 -8.75 49.08 -7.60
N LYS A 638 -7.50 46.49 -11.10
CA LYS A 638 -6.35 46.44 -12.00
C LYS A 638 -6.47 47.45 -13.14
N ASP A 639 -7.70 47.78 -13.54
CA ASP A 639 -7.93 48.80 -14.56
C ASP A 639 -8.10 50.20 -13.98
N GLY A 640 -7.88 50.36 -12.66
CA GLY A 640 -7.95 51.66 -12.02
C GLY A 640 -9.32 52.04 -11.48
N THR A 641 -10.37 51.33 -11.88
CA THR A 641 -11.73 51.70 -11.52
C THR A 641 -12.10 51.18 -10.13
N VAL A 642 -13.16 51.75 -9.59
CA VAL A 642 -13.80 51.25 -8.38
C VAL A 642 -14.74 50.10 -8.77
N GLY A 643 -14.79 49.08 -7.93
CA GLY A 643 -15.67 47.96 -8.21
C GLY A 643 -15.64 47.00 -7.05
N PHE A 644 -15.99 45.75 -7.34
CA PHE A 644 -16.04 44.75 -6.29
C PHE A 644 -16.00 43.35 -6.89
N ARG A 645 -15.60 42.41 -6.04
CA ARG A 645 -15.65 40.99 -6.34
C ARG A 645 -16.57 40.33 -5.33
N ARG A 646 -17.47 39.48 -5.81
CA ARG A 646 -18.37 38.76 -4.93
C ARG A 646 -17.76 37.41 -4.54
N ASP A 647 -18.42 36.72 -3.60
CA ASP A 647 -17.97 35.40 -3.21
C ASP A 647 -18.38 34.32 -4.21
N ASP A 648 -19.20 34.65 -5.21
CA ASP A 648 -19.41 33.76 -6.35
C ASP A 648 -18.36 34.00 -7.44
N SER A 649 -17.39 34.88 -7.18
CA SER A 649 -16.22 35.21 -7.97
C SER A 649 -16.51 36.19 -9.11
N LEU A 650 -17.76 36.54 -9.39
CA LEU A 650 -18.05 37.53 -10.42
C LEU A 650 -17.57 38.91 -10.00
N GLU A 651 -16.85 39.58 -10.88
CA GLU A 651 -16.32 40.92 -10.66
C GLU A 651 -17.16 41.95 -11.39
N PHE A 652 -17.26 43.14 -10.80
CA PHE A 652 -18.08 44.22 -11.32
C PHE A 652 -17.33 45.53 -11.20
N SER A 653 -17.50 46.41 -12.19
CA SER A 653 -16.88 47.72 -12.20
C SER A 653 -17.93 48.81 -12.30
N PHE A 654 -17.68 49.91 -11.59
CA PHE A 654 -18.53 51.09 -11.67
C PHE A 654 -18.17 51.97 -12.86
N GLY A 655 -16.99 51.76 -13.46
CA GLY A 655 -16.50 52.58 -14.54
C GLY A 655 -15.91 53.91 -14.10
N ALA A 656 -15.92 54.21 -12.81
CA ALA A 656 -15.35 55.44 -12.27
C ALA A 656 -14.08 55.13 -11.50
N LYS A 657 -13.22 56.14 -11.40
CA LYS A 657 -11.98 56.04 -10.65
C LYS A 657 -11.99 57.06 -9.51
N LEU A 658 -11.26 56.74 -8.43
CA LEU A 658 -11.11 57.71 -7.34
C LEU A 658 -9.98 58.68 -7.65
N PRO A 659 -10.15 59.96 -7.32
CA PRO A 659 -9.04 60.91 -7.45
C PRO A 659 -7.92 60.58 -6.46
N VAL A 660 -6.69 60.61 -6.95
CA VAL A 660 -5.53 60.44 -6.09
C VAL A 660 -5.21 61.75 -5.39
N GLY A 661 -5.08 61.71 -4.07
CA GLY A 661 -4.69 62.87 -3.29
C GLY A 661 -5.78 63.86 -2.98
N LYS A 662 -7.04 63.52 -3.26
CA LYS A 662 -8.20 64.36 -2.98
C LYS A 662 -9.03 63.70 -1.89
N LYS A 663 -9.58 64.50 -0.99
CA LYS A 663 -10.69 64.07 -0.13
C LYS A 663 -11.96 63.90 -0.94
N VAL A 664 -12.54 62.70 -0.88
CA VAL A 664 -13.75 62.38 -1.63
C VAL A 664 -14.74 61.68 -0.71
N LYS A 665 -16.02 62.01 -0.87
CA LYS A 665 -17.10 61.36 -0.16
C LYS A 665 -17.68 60.27 -1.05
N VAL A 666 -17.50 59.01 -0.66
CA VAL A 666 -17.94 57.87 -1.45
C VAL A 666 -19.23 57.34 -0.87
N GLU A 667 -20.23 57.12 -1.73
CA GLU A 667 -21.48 56.47 -1.35
C GLU A 667 -21.72 55.31 -2.30
N ILE A 668 -22.12 54.16 -1.76
CA ILE A 668 -22.54 53.04 -2.59
C ILE A 668 -23.89 52.58 -2.08
N VAL A 669 -24.85 52.40 -2.99
CA VAL A 669 -26.23 52.07 -2.64
C VAL A 669 -26.52 50.67 -3.14
N GLY A 670 -26.77 49.74 -2.19
CA GLY A 670 -27.04 48.37 -2.53
C GLY A 670 -28.53 48.08 -2.59
N GLU A 671 -28.98 47.66 -3.77
CA GLU A 671 -30.35 47.23 -4.01
C GLU A 671 -30.32 45.86 -4.66
N PRO A 672 -31.43 45.12 -4.61
CA PRO A 672 -31.50 43.86 -5.35
C PRO A 672 -31.24 44.09 -6.83
N GLU A 673 -30.14 43.52 -7.32
CA GLU A 673 -29.73 43.54 -8.73
C GLU A 673 -29.20 44.90 -9.19
N LYS A 674 -28.98 45.84 -8.26
CA LYS A 674 -28.45 47.15 -8.63
C LYS A 674 -27.56 47.66 -7.52
N THR A 675 -26.29 47.94 -7.84
CA THR A 675 -25.36 48.57 -6.91
C THR A 675 -24.80 49.81 -7.57
N SER A 676 -25.03 50.98 -6.95
CA SER A 676 -24.78 52.28 -7.55
C SER A 676 -23.68 53.02 -6.80
N LEU A 677 -22.94 53.87 -7.51
CA LEU A 677 -21.82 54.61 -6.94
C LEU A 677 -22.04 56.12 -7.08
N LEU A 678 -21.78 56.87 -6.01
CA LEU A 678 -21.87 58.33 -6.10
C LEU A 678 -20.59 58.88 -5.48
N LEU A 679 -19.79 59.61 -6.25
CA LEU A 679 -18.61 60.27 -5.70
C LEU A 679 -18.90 61.75 -5.54
N ASP A 680 -18.83 62.25 -4.31
CA ASP A 680 -19.11 63.65 -4.00
C ASP A 680 -20.54 64.02 -4.40
N GLY A 681 -21.47 63.10 -4.17
CA GLY A 681 -22.86 63.33 -4.49
C GLY A 681 -23.23 63.15 -5.94
N GLU A 682 -22.26 63.15 -6.85
CA GLU A 682 -22.57 63.00 -8.27
C GLU A 682 -22.58 61.53 -8.66
N PRO A 683 -23.58 61.10 -9.43
CA PRO A 683 -23.59 59.72 -9.92
C PRO A 683 -22.30 59.42 -10.66
N ALA A 684 -21.54 58.46 -10.14
CA ALA A 684 -20.28 58.07 -10.73
C ALA A 684 -20.42 56.90 -11.70
N GLY A 685 -21.57 56.22 -11.68
CA GLY A 685 -21.77 55.06 -12.53
C GLY A 685 -22.45 53.90 -11.83
N THR A 686 -22.97 52.95 -12.59
CA THR A 686 -23.62 51.77 -12.04
C THR A 686 -22.83 50.52 -12.42
N ALA A 687 -22.85 49.54 -11.53
CA ALA A 687 -21.93 48.41 -11.65
C ALA A 687 -22.27 47.53 -12.85
N VAL A 688 -21.24 47.00 -13.49
CA VAL A 688 -21.38 46.14 -14.66
C VAL A 688 -20.46 44.94 -14.50
N LEU A 689 -21.02 43.74 -14.64
CA LEU A 689 -20.21 42.53 -14.73
C LEU A 689 -19.12 42.67 -15.78
N LYS A 690 -17.86 42.50 -15.36
CA LYS A 690 -16.70 42.57 -16.24
C LYS A 690 -16.19 41.21 -16.66
N ASN A 691 -16.65 40.17 -15.98
CA ASN A 691 -16.20 38.82 -16.23
C ASN A 691 -16.25 38.40 -17.70
N PHE A 692 -17.32 38.67 -18.48
CA PHE A 692 -17.01 37.97 -19.72
C PHE A 692 -17.17 38.96 -20.87
N SER A 693 -16.82 40.22 -20.60
CA SER A 693 -17.16 41.34 -21.48
C SER A 693 -16.29 41.34 -22.73
N ASP A 694 -15.01 41.07 -22.56
CA ASP A 694 -14.10 40.62 -23.58
C ASP A 694 -14.68 39.43 -24.34
N LYS A 695 -14.07 39.06 -25.47
CA LYS A 695 -14.57 38.02 -26.36
C LYS A 695 -15.82 38.51 -27.06
N SER A 696 -16.84 38.91 -26.29
CA SER A 696 -18.01 39.55 -26.89
C SER A 696 -17.69 40.94 -27.44
N LYS A 697 -16.62 41.58 -26.99
CA LYS A 697 -16.10 42.75 -27.68
C LYS A 697 -15.44 42.30 -28.98
N ASP A 698 -15.98 42.77 -30.10
CA ASP A 698 -15.59 42.65 -31.51
C ASP A 698 -16.66 41.82 -32.19
N PHE A 699 -17.45 41.10 -31.38
CA PHE A 699 -18.66 40.46 -31.90
C PHE A 699 -19.48 41.49 -32.65
N SER A 700 -19.52 42.72 -32.15
CA SER A 700 -20.18 43.87 -32.79
C SER A 700 -21.67 43.55 -32.93
N ASP A 701 -22.27 43.71 -34.11
CA ASP A 701 -23.67 43.42 -34.30
C ASP A 701 -23.86 41.91 -34.48
N LYS A 702 -25.10 41.52 -34.77
CA LYS A 702 -25.53 40.11 -34.79
C LYS A 702 -25.30 39.42 -33.44
N PHE A 703 -24.94 40.17 -32.39
CA PHE A 703 -24.95 39.63 -31.04
C PHE A 703 -26.12 40.26 -30.31
N LYS A 704 -27.24 39.78 -30.78
CA LYS A 704 -28.56 40.12 -30.34
C LYS A 704 -28.79 39.60 -28.94
N HIS A 705 -27.92 38.69 -28.49
CA HIS A 705 -27.96 38.05 -27.20
C HIS A 705 -27.06 38.69 -26.14
N ARG A 706 -26.37 39.81 -26.45
CA ARG A 706 -25.70 40.53 -25.36
C ARG A 706 -26.70 40.80 -24.26
N PRO A 707 -26.26 40.78 -23.00
CA PRO A 707 -27.18 41.02 -21.87
C PRO A 707 -27.82 42.40 -21.96
N LYS A 708 -29.16 42.43 -21.89
CA LYS A 708 -29.87 43.70 -22.01
C LYS A 708 -30.24 44.33 -20.66
N VAL A 709 -30.08 43.60 -19.56
CA VAL A 709 -30.11 44.17 -18.22
C VAL A 709 -28.74 43.97 -17.58
N HIS A 710 -28.34 44.93 -16.76
CA HIS A 710 -27.06 44.84 -16.05
C HIS A 710 -27.36 44.71 -14.56
N ARG A 711 -27.31 43.48 -14.06
CA ARG A 711 -27.60 43.19 -12.66
C ARG A 711 -26.31 43.11 -11.84
N SER A 712 -26.31 43.68 -10.65
CA SER A 712 -25.10 43.74 -9.86
C SER A 712 -25.42 43.74 -8.36
N THR A 713 -26.07 42.69 -7.89
CA THR A 713 -26.29 42.54 -6.46
C THR A 713 -24.95 42.42 -5.74
N PHE A 714 -24.88 43.01 -4.55
CA PHE A 714 -23.62 43.06 -3.81
C PHE A 714 -23.91 43.03 -2.32
N ILE A 715 -23.65 41.89 -1.69
CA ILE A 715 -23.73 41.81 -0.23
C ILE A 715 -22.51 42.52 0.35
N LEU A 716 -22.74 43.51 1.21
CA LEU A 716 -21.66 44.40 1.65
C LEU A 716 -20.71 43.71 2.63
N PRO A 717 -19.41 43.61 2.33
CA PRO A 717 -18.46 42.95 3.24
C PRO A 717 -18.10 43.90 4.38
N LEU A 718 -18.14 43.40 5.62
CA LEU A 718 -17.93 44.28 6.76
C LEU A 718 -17.11 43.60 7.85
N LYS A 719 -16.10 42.82 7.47
CA LYS A 719 -15.23 42.19 8.46
C LYS A 719 -13.96 43.00 8.73
N GLU A 720 -13.28 43.45 7.68
CA GLU A 720 -12.10 44.28 7.84
C GLU A 720 -12.15 45.45 6.87
N LEU A 721 -11.71 46.62 7.34
CA LEU A 721 -11.77 47.86 6.59
C LEU A 721 -10.38 48.25 6.08
N GLY A 722 -10.28 48.52 4.79
CA GLY A 722 -9.02 48.94 4.18
C GLY A 722 -7.91 47.92 4.27
N SER A 723 -8.17 46.68 3.85
CA SER A 723 -7.16 45.63 3.89
C SER A 723 -5.89 46.05 3.15
N SER A 724 -6.03 46.43 1.88
CA SER A 724 -4.90 46.83 1.05
C SER A 724 -5.18 48.17 0.39
N PHE A 725 -5.66 49.12 1.18
CA PHE A 725 -6.05 50.45 0.69
C PHE A 725 -4.94 51.44 1.00
N GLN A 726 -4.28 51.95 -0.04
CA GLN A 726 -3.18 52.91 0.13
C GLN A 726 -3.74 54.32 0.25
N GLY A 727 -4.24 54.60 1.45
CA GLY A 727 -4.85 55.90 1.69
C GLY A 727 -5.40 55.95 3.10
N LYS A 728 -6.11 57.03 3.38
CA LYS A 728 -6.73 57.24 4.68
C LYS A 728 -8.24 57.11 4.57
N VAL A 729 -8.85 56.63 5.64
CA VAL A 729 -10.30 56.56 5.76
C VAL A 729 -10.68 57.38 7.00
N PHE A 730 -11.34 58.50 6.78
CA PHE A 730 -11.68 59.40 7.89
C PHE A 730 -12.98 58.99 8.57
N HIS A 731 -14.04 58.75 7.80
CA HIS A 731 -15.34 58.43 8.36
C HIS A 731 -16.02 57.37 7.51
N ASN A 733 -19.79 54.99 7.30
CA ASN A 733 -21.15 54.77 7.78
C ASN A 733 -21.89 53.77 6.92
N VAL A 734 -22.56 52.82 7.56
CA VAL A 734 -23.35 51.78 6.90
C VAL A 734 -24.77 51.87 7.43
N GLN A 735 -25.74 51.86 6.53
CA GLN A 735 -27.12 52.09 6.92
C GLN A 735 -28.07 51.14 6.20
N PRO A 736 -28.73 50.22 6.90
CA PRO A 736 -29.82 49.47 6.26
C PRO A 736 -31.02 50.39 6.00
N LEU A 737 -31.70 50.13 4.90
CA LEU A 737 -32.80 50.97 4.44
C LEU A 737 -34.14 50.22 4.39
N SER B 1 51.51 29.40 25.89
CA SER B 1 52.66 28.51 25.87
C SER B 1 53.17 28.28 24.44
N ILE B 2 52.67 29.05 23.46
CA ILE B 2 53.14 28.79 22.11
C ILE B 2 52.86 29.91 21.09
N PRO B 3 51.69 30.59 21.04
CA PRO B 3 51.27 31.24 19.75
C PRO B 3 51.54 32.73 19.68
N PRO B 4 51.53 33.31 18.42
CA PRO B 4 51.65 34.77 18.24
C PRO B 4 50.30 35.49 18.27
N VAL B 5 50.15 36.61 17.53
CA VAL B 5 48.89 37.36 17.43
C VAL B 5 48.98 38.48 16.39
N LYS B 6 47.87 38.79 15.72
CA LYS B 6 47.80 39.92 14.78
C LYS B 6 46.58 40.79 15.08
N ALA B 7 46.26 41.69 14.12
CA ALA B 7 45.25 42.73 14.29
C ALA B 7 44.49 42.95 12.99
N GLY B 8 43.25 42.45 12.92
CA GLY B 8 42.41 42.61 11.74
C GLY B 8 42.94 41.87 10.51
N ALA B 9 43.20 40.57 10.64
CA ALA B 9 43.86 39.76 9.62
C ALA B 9 42.82 38.95 8.83
N LYS B 10 43.24 37.97 8.01
CA LYS B 10 42.20 37.11 7.50
C LYS B 10 42.50 35.59 7.59
N GLN B 11 43.75 35.14 7.88
CA GLN B 11 43.73 33.82 8.48
C GLN B 11 44.31 34.06 9.86
N LEU B 12 44.38 32.99 10.63
CA LEU B 12 45.09 32.99 11.88
C LEU B 12 46.56 32.62 11.65
N PRO B 13 47.54 33.41 12.13
CA PRO B 13 48.94 32.99 12.01
C PRO B 13 49.18 31.73 12.83
N PRO B 15 51.23 28.87 14.81
CA PRO B 15 52.53 28.78 15.50
C PRO B 15 53.40 27.63 15.00
N SER B 16 54.71 27.80 15.16
CA SER B 16 55.70 26.82 14.74
C SER B 16 56.62 26.51 15.92
N VAL B 17 56.82 25.21 16.19
CA VAL B 17 57.72 24.77 17.24
C VAL B 17 58.35 23.45 16.82
N SER B 18 59.68 23.34 17.02
CA SER B 18 60.48 22.15 16.76
C SER B 18 60.10 21.42 15.47
N GLY B 19 60.16 20.09 15.49
CA GLY B 19 59.71 19.27 14.39
C GLY B 19 58.41 18.56 14.72
N ALA B 20 57.52 19.28 15.40
CA ALA B 20 56.21 18.77 15.78
C ALA B 20 55.18 19.16 14.73
N GLN B 21 53.96 18.65 14.90
CA GLN B 21 52.83 19.08 14.10
C GLN B 21 51.87 19.90 14.96
N ILE B 22 51.39 20.99 14.37
CA ILE B 22 50.52 21.98 15.00
C ILE B 22 49.42 22.23 13.99
N LYS B 23 48.29 21.54 14.16
CA LYS B 23 47.08 21.79 13.40
C LYS B 23 46.09 22.56 14.29
N LEU B 24 45.09 23.18 13.65
CA LEU B 24 44.02 23.86 14.38
C LEU B 24 42.90 22.88 14.78
N LEU B 25 42.71 22.67 16.08
CA LEU B 25 41.57 21.89 16.56
C LEU B 25 40.27 22.57 16.20
N GLY B 26 40.08 23.80 16.67
CA GLY B 26 38.89 24.56 16.36
C GLY B 26 38.78 25.78 17.24
N ALA B 27 37.77 26.59 16.94
CA ALA B 27 37.48 27.78 17.72
C ALA B 27 36.11 27.64 18.38
N ASP B 28 35.94 28.27 19.54
CA ASP B 28 34.64 28.26 20.19
C ASP B 28 33.60 28.98 19.34
N TYR B 29 34.03 29.94 18.53
CA TYR B 29 33.17 30.59 17.54
C TYR B 29 33.61 30.15 16.15
N GLU B 30 32.98 29.06 15.68
CA GLU B 30 33.20 28.58 14.32
C GLU B 30 33.02 29.69 13.30
N GLN B 31 32.01 30.53 13.52
CA GLN B 31 31.62 31.57 12.58
C GLN B 31 32.69 32.64 12.43
N LEU B 32 33.61 32.74 13.39
CA LEU B 32 34.65 33.76 13.38
C LEU B 32 36.01 33.23 12.93
N VAL B 33 36.42 32.05 13.41
CA VAL B 33 37.66 31.43 12.98
C VAL B 33 37.34 29.97 12.67
N ASN B 34 37.43 29.59 11.40
CA ASN B 34 37.06 28.24 10.98
C ASN B 34 38.26 27.29 11.06
N SER B 35 38.04 26.04 10.64
CA SER B 35 39.09 25.03 10.76
C SER B 35 40.30 25.39 9.90
N LYS B 36 40.07 25.76 8.64
CA LYS B 36 41.16 26.06 7.71
C LYS B 36 41.91 27.35 8.06
N GLY B 37 41.50 28.06 9.12
CA GLY B 37 42.25 29.19 9.62
C GLY B 37 41.69 30.56 9.30
N LYS B 38 40.64 30.64 8.47
CA LYS B 38 40.14 31.93 8.01
C LYS B 38 39.45 32.70 9.14
N ILE B 39 39.78 33.98 9.28
CA ILE B 39 39.20 34.84 10.30
C ILE B 39 38.09 35.68 9.69
N ALA B 40 36.87 35.62 10.30
CA ALA B 40 35.75 36.42 9.84
C ALA B 40 35.77 37.80 10.50
N PRO B 41 35.27 38.81 9.77
CA PRO B 41 35.31 40.18 10.30
C PRO B 41 34.28 40.42 11.39
N VAL B 42 34.67 41.21 12.38
CA VAL B 42 33.75 41.63 13.44
C VAL B 42 33.48 43.12 13.31
N ILE B 43 32.40 43.56 13.94
CA ILE B 43 32.03 44.97 13.99
C ILE B 43 32.21 45.58 15.37
N SER B 44 32.55 44.76 16.37
CA SER B 44 33.02 45.22 17.67
C SER B 44 34.05 44.20 18.14
N ASP B 45 34.89 44.61 19.08
CA ASP B 45 35.90 43.71 19.60
C ASP B 45 35.24 42.52 20.30
N THR B 46 35.73 41.31 20.02
CA THR B 46 35.06 40.06 20.39
C THR B 46 36.12 39.02 20.73
N PRO B 47 35.92 38.21 21.81
CA PRO B 47 36.94 37.21 22.14
C PRO B 47 36.72 35.86 21.49
N VAL B 48 37.78 35.29 20.91
CA VAL B 48 37.71 33.97 20.28
C VAL B 48 38.75 33.07 20.95
N ASN B 49 38.29 31.91 21.41
CA ASN B 49 39.17 30.93 22.03
C ASN B 49 39.52 29.85 21.00
N VAL B 50 40.81 29.62 20.83
CA VAL B 50 41.28 28.60 19.90
C VAL B 50 42.19 27.61 20.62
N SER B 51 42.22 26.39 20.10
CA SER B 51 43.05 25.33 20.62
C SER B 51 43.68 24.59 19.44
N PHE B 52 44.77 23.89 19.73
CA PHE B 52 45.56 23.26 18.68
C PHE B 52 45.73 21.77 18.96
N LYS B 53 46.03 21.06 17.87
CA LYS B 53 46.20 19.62 17.84
C LYS B 53 47.67 19.34 17.55
N VAL B 54 48.38 18.80 18.54
CA VAL B 54 49.82 18.61 18.45
C VAL B 54 50.10 17.12 18.24
N THR B 55 51.06 16.82 17.35
CA THR B 55 51.44 15.43 17.06
C THR B 55 52.97 15.37 17.04
N LYS B 56 53.56 14.97 18.15
CA LYS B 56 55.00 14.83 18.29
C LYS B 56 55.34 13.35 18.49
N ASP B 57 56.35 12.87 17.77
CA ASP B 57 56.84 11.48 17.86
C ASP B 57 55.77 10.45 17.49
N GLY B 58 54.73 10.83 16.77
CA GLY B 58 53.72 9.90 16.33
C GLY B 58 52.54 9.72 17.28
N LYS B 59 52.62 10.28 18.48
CA LYS B 59 51.48 10.35 19.40
C LYS B 59 50.87 11.76 19.34
N GLU B 60 49.66 11.89 19.87
CA GLU B 60 48.86 13.11 19.73
C GLU B 60 48.74 13.85 21.07
N ALA B 61 48.44 15.15 20.99
CA ALA B 61 48.28 16.01 22.17
C ALA B 61 47.40 17.20 21.81
N VAL B 62 46.55 17.60 22.76
CA VAL B 62 45.60 18.71 22.56
C VAL B 62 46.01 19.87 23.46
N SER B 63 46.04 21.07 22.88
CA SER B 63 46.47 22.27 23.62
C SER B 63 45.35 22.74 24.56
N LYS B 64 45.59 23.86 25.22
CA LYS B 64 44.58 24.56 26.00
C LYS B 64 44.01 25.70 25.16
N ASP B 65 43.10 26.47 25.75
CA ASP B 65 42.49 27.59 25.06
C ASP B 65 43.42 28.79 25.05
N TYR B 66 43.41 29.51 23.92
CA TYR B 66 44.19 30.74 23.75
C TYR B 66 43.25 31.83 23.25
N GLU B 67 42.96 32.82 24.10
CA GLU B 67 42.01 33.87 23.76
C GLU B 67 42.68 34.89 22.86
N ILE B 68 42.45 34.78 21.56
CA ILE B 68 42.86 35.84 20.64
C ILE B 68 41.75 36.87 20.59
N LEU B 70 39.88 39.35 18.18
CA LEU B 70 39.59 39.91 16.87
C LEU B 70 39.23 41.39 17.00
N GLN B 71 40.04 42.24 16.42
CA GLN B 71 39.79 43.68 16.47
C GLN B 71 38.84 44.07 15.35
N ALA B 72 38.05 45.12 15.62
CA ALA B 72 37.09 45.63 14.65
C ALA B 72 37.58 46.92 14.01
N PRO B 73 37.13 47.22 12.79
CA PRO B 73 37.42 48.54 12.21
C PRO B 73 37.02 49.68 13.14
N GLN B 74 37.86 50.72 13.13
CA GLN B 74 37.68 51.94 13.92
C GLN B 74 36.22 52.34 14.09
N ALA B 75 35.85 52.65 15.33
CA ALA B 75 34.48 52.90 15.76
C ALA B 75 34.19 54.40 15.77
N ALA B 76 33.10 54.77 16.44
CA ALA B 76 32.65 56.17 16.52
C ALA B 76 31.45 56.31 17.45
N GLN B 77 31.71 56.57 18.73
CA GLN B 77 30.69 56.73 19.78
C GLN B 77 29.49 55.79 19.59
N GLY B 78 28.37 56.33 19.15
CA GLY B 78 27.18 55.52 18.91
C GLY B 78 26.42 55.21 20.18
N ASN B 79 25.23 54.64 20.00
CA ASN B 79 24.46 54.18 21.15
C ASN B 79 25.09 52.92 21.72
N PRO B 80 25.01 52.71 23.04
CA PRO B 80 25.62 51.52 23.63
C PRO B 80 24.80 50.27 23.33
N LYS B 81 25.45 49.13 23.53
CA LYS B 81 24.83 47.85 23.19
C LYS B 81 23.57 47.65 24.03
N PRO B 82 22.45 47.27 23.42
CA PRO B 82 21.24 47.00 24.19
C PRO B 82 21.35 45.69 24.94
N ARG B 83 20.72 45.64 26.12
CA ARG B 83 20.90 44.56 27.07
C ARG B 83 19.83 43.50 26.84
N ILE B 84 20.25 42.34 26.31
CA ILE B 84 19.40 41.23 25.92
C ILE B 84 19.89 39.98 26.64
N ILE B 85 18.98 39.02 26.84
CA ILE B 85 19.34 37.69 27.33
C ILE B 85 19.01 36.68 26.24
N PRO B 86 20.02 35.98 25.68
CA PRO B 86 21.42 36.20 26.07
C PRO B 86 22.06 37.42 25.39
N GLU B 87 23.26 37.78 25.83
CA GLU B 87 23.92 38.98 25.35
C GLU B 87 24.15 38.94 23.84
N ILE B 88 23.88 40.07 23.18
CA ILE B 88 24.28 40.23 21.79
C ILE B 88 25.80 40.20 21.70
N LEU B 89 26.33 39.45 20.72
CA LEU B 89 27.78 39.25 20.63
C LEU B 89 28.50 40.51 20.15
N GLN B 90 28.15 40.98 18.95
CA GLN B 90 28.77 42.16 18.36
C GLN B 90 27.73 43.26 18.20
N TRP B 91 28.15 44.50 18.45
CA TRP B 91 27.29 45.66 18.25
C TRP B 91 28.14 46.84 17.85
N LYS B 92 27.69 47.56 16.82
CA LYS B 92 28.27 48.81 16.37
C LYS B 92 27.18 49.87 16.46
N GLY B 93 27.33 50.81 17.38
CA GLY B 93 26.27 51.76 17.67
C GLY B 93 25.99 52.71 16.52
N GLY B 94 24.73 53.17 16.45
CA GLY B 94 24.29 54.18 15.51
C GLY B 94 23.97 55.49 16.17
N GLN B 95 23.20 56.33 15.45
CA GLN B 95 22.92 57.71 15.85
C GLN B 95 21.40 57.91 15.87
N GLY B 96 20.87 58.28 17.02
CA GLY B 96 19.44 58.43 17.18
C GLY B 96 18.70 57.10 17.39
N GLU B 97 17.42 57.19 17.75
CA GLU B 97 16.56 56.00 17.84
C GLU B 97 15.87 55.81 16.48
N TYR B 98 14.99 54.85 16.46
CA TYR B 98 13.97 54.73 15.44
C TYR B 98 12.60 54.69 16.10
N LYS B 99 11.76 55.69 15.82
CA LYS B 99 10.45 55.78 16.47
C LYS B 99 9.48 54.79 15.81
N LEU B 100 8.70 54.10 16.64
CA LEU B 100 7.63 53.23 16.15
C LEU B 100 6.32 53.98 16.21
N GLY B 101 5.49 53.81 15.18
CA GLY B 101 4.19 54.44 15.11
C GLY B 101 3.08 53.51 15.61
N ASN B 102 1.87 54.08 15.64
CA ASN B 102 0.69 53.35 16.11
C ASN B 102 0.43 52.11 15.26
N THR B 103 0.94 52.10 14.04
CA THR B 103 0.87 51.00 13.10
C THR B 103 2.26 50.48 12.77
N VAL B 104 2.43 49.16 12.85
CA VAL B 104 3.71 48.50 12.59
C VAL B 104 3.49 47.53 11.45
N THR B 105 4.28 47.66 10.39
CA THR B 105 4.20 46.75 9.25
C THR B 105 5.47 45.88 9.21
N ILE B 106 5.28 44.57 9.09
CA ILE B 106 6.37 43.61 9.08
C ILE B 106 6.34 42.85 7.76
N ALA B 107 7.50 42.72 7.13
CA ALA B 107 7.66 41.93 5.91
C ALA B 107 8.50 40.70 6.20
N CYS B 108 8.00 39.53 5.83
CA CYS B 108 8.72 38.30 6.11
C CYS B 108 8.48 37.24 5.05
N PRO B 109 9.52 36.58 4.55
CA PRO B 109 9.34 35.49 3.58
C PRO B 109 8.92 34.18 4.19
N ASP B 110 8.95 34.02 5.51
CA ASP B 110 8.42 32.82 6.14
C ASP B 110 7.02 33.10 6.64
N LYS B 111 6.05 32.49 5.90
CA LYS B 111 4.63 32.58 6.22
C LYS B 111 4.39 32.75 7.78
N GLU B 112 4.52 31.64 8.47
CA GLU B 112 3.90 31.26 9.72
C GLU B 112 4.81 31.60 10.91
N LEU B 113 6.10 31.95 10.64
CA LEU B 113 6.91 32.80 11.50
C LEU B 113 6.39 34.23 11.48
N GLY B 114 6.15 34.76 10.28
CA GLY B 114 5.63 36.12 10.20
C GLY B 114 4.35 36.29 11.00
N LYS B 115 3.42 35.34 10.85
CA LYS B 115 2.21 35.34 11.66
C LYS B 115 2.53 35.36 13.15
N LEU B 116 3.47 34.52 13.61
CA LEU B 116 3.75 34.49 15.04
C LEU B 116 4.53 35.72 15.50
N PHE B 117 5.44 36.23 14.67
CA PHE B 117 6.14 37.47 15.01
C PHE B 117 5.16 38.61 15.23
N ALA B 118 4.21 38.77 14.31
CA ALA B 118 3.20 39.82 14.43
C ALA B 118 2.38 39.67 15.70
N ALA B 119 1.89 38.47 15.94
CA ALA B 119 1.14 38.21 17.17
C ALA B 119 2.01 38.45 18.40
N ASP B 120 3.30 38.20 18.30
CA ASP B 120 4.16 38.46 19.45
C ASP B 120 4.37 39.95 19.63
N GLU B 122 2.23 42.58 18.72
CA GLU B 122 1.01 43.18 19.25
C GLU B 122 0.92 43.02 20.76
N ASP B 123 1.26 41.83 21.26
CA ASP B 123 1.16 41.57 22.69
C ASP B 123 2.11 42.46 23.49
N VAL B 124 3.29 42.75 22.94
CA VAL B 124 4.28 43.56 23.65
C VAL B 124 4.00 45.05 23.49
N LEU B 125 3.51 45.46 22.31
CA LEU B 125 3.35 46.89 22.04
C LEU B 125 1.95 47.40 22.34
N GLY B 126 0.93 46.55 22.26
CA GLY B 126 -0.43 47.04 22.32
C GLY B 126 -0.86 47.81 21.09
N LYS B 127 -0.23 47.55 19.95
CA LYS B 127 -0.54 48.22 18.69
C LYS B 127 -0.93 47.19 17.64
N LYS B 128 -1.49 47.67 16.55
CA LYS B 128 -1.81 46.80 15.42
C LYS B 128 -0.54 46.50 14.64
N VAL B 129 -0.45 45.27 14.13
CA VAL B 129 0.68 44.85 13.32
C VAL B 129 0.13 44.19 12.05
N LYS B 130 0.61 44.65 10.89
CA LYS B 130 0.17 44.12 9.61
C LYS B 130 1.34 43.41 8.92
N LEU B 131 1.05 42.31 8.22
CA LEU B 131 2.07 41.64 7.44
C LEU B 131 1.84 42.01 5.99
N VAL B 132 2.84 42.64 5.37
CA VAL B 132 2.74 43.07 3.99
C VAL B 132 3.57 42.14 3.13
N ALA B 133 3.20 42.03 1.85
CA ALA B 133 3.93 41.19 0.92
C ALA B 133 5.40 41.61 0.85
N PRO B 134 6.33 40.66 0.73
CA PRO B 134 7.76 41.03 0.73
C PRO B 134 8.09 42.09 -0.30
N GLY B 135 9.10 42.90 0.02
CA GLY B 135 9.54 43.94 -0.90
C GLY B 135 8.77 45.23 -0.72
N ALA B 136 7.48 45.14 -0.41
CA ALA B 136 6.73 46.33 -0.08
C ALA B 136 7.34 47.01 1.14
N LYS B 137 7.13 48.33 1.25
CA LYS B 137 7.76 49.07 2.32
C LYS B 137 7.28 48.56 3.66
N ALA B 138 8.21 48.41 4.61
CA ALA B 138 7.90 47.89 5.92
C ALA B 138 8.71 48.63 6.97
N ASP B 139 8.13 48.75 8.16
CA ASP B 139 8.89 49.21 9.32
C ASP B 139 10.00 48.22 9.68
N ILE B 140 9.72 46.92 9.56
CA ILE B 140 10.66 45.88 9.97
C ILE B 140 10.64 44.82 8.88
N SER B 141 11.75 44.69 8.16
CA SER B 141 11.85 43.81 6.99
C SER B 141 12.82 42.68 7.27
N LEU B 142 12.35 41.45 7.06
CA LEU B 142 13.11 40.24 7.37
C LEU B 142 13.60 39.59 6.08
N SER B 143 14.91 39.39 6.00
CA SER B 143 15.55 38.94 4.77
C SER B 143 16.37 37.70 5.04
N LEU B 144 16.30 36.74 4.13
CA LEU B 144 17.20 35.59 4.15
C LEU B 144 18.43 35.93 3.33
N LEU B 145 19.61 35.64 3.88
CA LEU B 145 20.87 36.02 3.28
C LEU B 145 21.56 34.82 2.65
N LYS B 146 22.52 35.12 1.79
CA LYS B 146 23.13 34.13 0.91
C LYS B 146 24.61 34.04 1.26
N GLY B 147 25.06 32.84 1.63
CA GLY B 147 26.44 32.69 2.05
C GLY B 147 26.64 33.30 3.42
N GLY B 148 27.62 34.18 3.52
CA GLY B 148 27.88 34.79 4.80
C GLY B 148 28.42 33.80 5.82
N ASN B 149 28.56 34.32 7.04
CA ASN B 149 29.23 33.63 8.12
C ASN B 149 28.31 33.43 9.32
N LEU B 150 27.03 33.76 9.17
CA LEU B 150 26.05 33.65 10.26
C LEU B 150 25.78 32.19 10.60
N GLY B 151 25.72 31.33 9.59
CA GLY B 151 25.38 29.94 9.85
C GLY B 151 23.89 29.75 10.15
N ARG B 152 23.60 28.72 10.92
CA ARG B 152 22.23 28.20 10.97
C ARG B 152 21.39 28.98 11.97
N GLU B 153 22.03 29.63 12.95
CA GLU B 153 21.35 30.35 14.02
C GLU B 153 21.80 31.79 14.18
N GLY B 154 22.71 32.28 13.33
CA GLY B 154 23.11 33.67 13.38
C GLY B 154 22.13 34.61 12.67
N TYR B 155 22.32 35.91 12.91
CA TYR B 155 21.44 36.91 12.32
C TYR B 155 22.11 38.28 12.40
N ARG B 156 21.63 39.21 11.58
CA ARG B 156 22.04 40.60 11.63
C ARG B 156 20.82 41.49 11.78
N LEU B 157 20.73 42.16 12.92
CA LEU B 157 19.74 43.22 13.12
C LEU B 157 20.45 44.55 12.92
N GLN B 158 19.87 45.41 12.09
CA GLN B 158 20.54 46.66 11.81
C GLN B 158 19.44 47.71 11.88
N ILE B 159 19.59 48.73 12.73
CA ILE B 159 18.47 49.63 13.01
C ILE B 159 18.81 51.04 12.56
N ALA B 160 17.88 51.65 11.82
CA ALA B 160 18.06 52.97 11.25
C ALA B 160 16.78 53.78 11.35
N ARG B 161 16.89 55.08 11.09
CA ARG B 161 15.74 55.98 11.20
C ARG B 161 14.61 55.62 10.23
N ASP B 162 14.91 54.90 9.15
CA ASP B 162 13.90 54.54 8.17
C ASP B 162 13.32 53.15 8.40
N GLY B 163 13.71 52.45 9.44
CA GLY B 163 13.11 51.17 9.77
C GLY B 163 14.11 50.23 10.42
N VAL B 164 13.71 48.96 10.49
CA VAL B 164 14.49 47.91 11.14
C VAL B 164 14.78 46.82 10.14
N ARG B 165 16.04 46.39 10.10
CA ARG B 165 16.53 45.35 9.21
C ARG B 165 16.81 44.08 10.01
N LEU B 166 16.36 42.94 9.50
CA LEU B 166 16.65 41.67 10.16
C LEU B 166 17.02 40.64 9.10
N GLY B 167 18.31 40.32 9.02
CA GLY B 167 18.80 39.37 8.04
C GLY B 167 19.42 38.16 8.73
N ALA B 168 19.27 37.00 8.08
CA ALA B 168 19.84 35.76 8.58
C ALA B 168 20.06 34.82 7.39
N ALA B 169 20.89 33.79 7.60
CA ALA B 169 21.09 32.80 6.56
C ALA B 169 20.03 31.71 6.58
N ALA B 170 19.35 31.54 7.70
CA ALA B 170 18.32 30.53 7.88
C ALA B 170 17.15 31.17 8.61
N PRO B 171 15.95 30.59 8.49
CA PRO B 171 14.79 31.16 9.18
C PRO B 171 14.90 31.12 10.70
N THR B 172 15.62 30.16 11.27
CA THR B 172 15.71 30.14 12.74
C THR B 172 16.55 31.31 13.23
N GLY B 173 17.60 31.67 12.51
CA GLY B 173 18.32 32.90 12.82
C GLY B 173 17.41 34.10 12.76
N LEU B 174 16.51 34.14 11.77
CA LEU B 174 15.45 35.15 11.78
C LEU B 174 14.67 35.10 13.08
N PHE B 175 14.28 33.89 13.50
CA PHE B 175 13.51 33.76 14.73
C PHE B 175 14.24 34.36 15.92
N TRP B 176 15.48 33.92 16.16
CA TRP B 176 16.26 34.46 17.28
C TRP B 176 16.33 35.99 17.23
N GLY B 177 16.48 36.55 16.03
CA GLY B 177 16.50 38.00 15.90
C GLY B 177 15.22 38.64 16.40
N THR B 178 14.06 38.06 16.04
CA THR B 178 12.80 38.58 16.54
C THR B 178 12.73 38.52 18.06
N ARG B 179 13.41 37.56 18.66
CA ARG B 179 13.47 37.49 20.12
C ARG B 179 14.22 38.68 20.69
N THR B 180 15.39 38.96 20.14
CA THR B 180 16.17 40.13 20.56
C THR B 180 15.34 41.40 20.42
N LEU B 181 14.79 41.62 19.23
CA LEU B 181 14.01 42.81 18.94
C LEU B 181 12.81 42.95 19.87
N LEU B 182 12.24 41.83 20.32
CA LEU B 182 11.12 41.89 21.25
C LEU B 182 11.57 42.14 22.68
N GLN B 183 12.80 41.73 23.02
CA GLN B 183 13.31 42.00 24.36
C GLN B 183 13.64 43.46 24.56
N LEU B 185 11.78 45.99 23.04
CA LEU B 185 10.49 46.68 23.17
C LEU B 185 9.86 46.48 24.53
N ARG B 186 10.20 45.39 25.23
CA ARG B 186 9.76 45.25 26.60
C ARG B 186 10.41 46.27 27.52
N GLN B 187 11.55 46.84 27.09
CA GLN B 187 12.23 47.87 27.89
C GLN B 187 11.82 49.28 27.46
N THR B 188 11.99 49.59 26.18
CA THR B 188 11.58 50.88 25.61
C THR B 188 10.68 50.58 24.43
N PRO B 189 9.36 50.54 24.63
CA PRO B 189 8.43 50.29 23.51
C PRO B 189 8.24 51.49 22.58
N GLY B 190 8.87 52.63 22.87
CA GLY B 190 8.75 53.80 22.01
C GLY B 190 9.70 53.81 20.82
N SER B 191 10.93 53.32 21.01
CA SER B 191 11.94 53.40 19.96
C SER B 191 13.13 52.52 20.31
N VAL B 192 13.91 52.16 19.29
CA VAL B 192 14.95 51.17 19.40
C VAL B 192 16.33 51.84 18.94
N PRO B 193 17.37 51.68 19.72
CA PRO B 193 18.60 52.43 19.38
C PRO B 193 19.13 52.03 18.02
N CYS B 194 19.66 53.01 17.30
CA CYS B 194 20.23 52.74 15.99
C CYS B 194 21.56 52.00 16.12
N GLY B 195 21.82 51.11 15.19
CA GLY B 195 23.07 50.37 15.19
C GLY B 195 22.91 49.04 14.48
N THR B 196 24.06 48.38 14.32
CA THR B 196 24.14 47.07 13.67
C THR B 196 24.54 46.04 14.71
N ALA B 197 23.75 44.97 14.80
CA ALA B 197 24.02 43.88 15.73
C ALA B 197 24.24 42.59 14.96
N VAL B 198 25.37 41.94 15.21
CA VAL B 198 25.66 40.60 14.68
C VAL B 198 25.76 39.65 15.86
N ASP B 199 25.02 38.53 15.79
CA ASP B 199 24.83 37.65 16.93
C ASP B 199 24.74 36.20 16.48
N PHE B 200 25.41 35.31 17.20
CA PHE B 200 25.28 33.88 17.00
C PHE B 200 25.79 33.18 18.26
N PRO B 201 25.36 31.94 18.52
CA PRO B 201 25.74 31.28 19.76
C PRO B 201 27.12 30.66 19.68
N ARG B 202 27.72 30.47 20.86
CA ARG B 202 29.01 29.82 20.95
C ARG B 202 28.88 28.30 20.97
N TYR B 203 27.72 27.78 21.35
CA TYR B 203 27.46 26.35 21.34
C TYR B 203 26.13 26.09 20.63
N GLN B 204 26.07 24.94 19.97
CA GLN B 204 24.92 24.60 19.14
C GLN B 204 23.79 23.92 19.91
N LEU B 205 24.07 23.35 21.08
CA LEU B 205 23.04 22.66 21.86
C LEU B 205 22.92 23.33 23.22
N ARG B 206 21.76 23.97 23.46
CA ARG B 206 21.47 24.71 24.68
C ARG B 206 20.18 24.12 25.26
N GLY B 207 20.31 23.20 26.22
CA GLY B 207 19.27 22.24 26.51
C GLY B 207 18.67 22.26 27.91
N PHE B 208 17.49 21.64 27.99
CA PHE B 208 16.75 21.42 29.22
C PHE B 208 16.13 20.04 29.08
N LEU B 210 13.45 17.34 30.75
CA LEU B 210 12.43 17.35 31.79
C LEU B 210 11.88 15.95 31.99
N ASP B 211 11.93 15.49 33.25
CA ASP B 211 11.28 14.25 33.67
C ASP B 211 9.77 14.40 33.60
N VAL B 212 9.17 14.10 32.45
CA VAL B 212 7.72 14.19 32.34
C VAL B 212 7.06 12.84 32.63
N ALA B 213 7.82 11.88 33.14
CA ALA B 213 7.33 10.52 33.35
C ALA B 213 6.99 10.21 34.81
N ARG B 214 7.83 10.65 35.75
CA ARG B 214 7.58 10.28 37.15
C ARG B 214 6.41 11.03 37.76
N THR B 215 5.89 12.06 37.09
CA THR B 215 4.75 12.85 37.54
C THR B 215 4.31 13.61 36.31
N PRO B 216 3.01 13.75 36.07
CA PRO B 216 2.56 14.22 34.74
C PRO B 216 2.63 15.73 34.57
N TYR B 217 2.80 16.14 33.31
CA TYR B 217 2.79 17.53 32.90
C TYR B 217 1.77 17.68 31.77
N PRO B 218 0.90 18.67 31.81
CA PRO B 218 0.00 18.91 30.67
C PRO B 218 0.73 19.54 29.50
N LEU B 219 0.20 19.27 28.30
CA LEU B 219 0.75 19.84 27.08
C LEU B 219 0.81 21.35 27.13
N SER B 220 -0.21 21.98 27.74
CA SER B 220 -0.20 23.44 27.88
C SER B 220 1.06 23.89 28.61
N TYR B 221 1.42 23.18 29.68
CA TYR B 221 2.62 23.52 30.43
C TYR B 221 3.88 23.38 29.57
N LEU B 222 3.97 22.31 28.77
CA LEU B 222 5.17 22.11 27.96
C LEU B 222 5.31 23.17 26.88
N LYS B 223 4.18 23.67 26.34
CA LYS B 223 4.21 24.79 25.42
C LYS B 223 4.68 26.08 26.11
N ASP B 224 4.27 26.28 27.37
CA ASP B 224 4.83 27.38 28.16
C ASP B 224 6.35 27.28 28.25
N VAL B 225 6.87 26.07 28.44
CA VAL B 225 8.31 25.86 28.52
C VAL B 225 8.98 26.17 27.19
N ILE B 226 8.38 25.73 26.09
CA ILE B 226 8.99 25.93 24.77
C ILE B 226 9.15 27.42 24.49
N ARG B 227 8.09 28.21 24.74
CA ARG B 227 8.15 29.62 24.39
C ARG B 227 9.15 30.38 25.27
N THR B 228 9.20 30.07 26.57
CA THR B 228 10.18 30.72 27.43
C THR B 228 11.60 30.20 27.20
N ALA B 230 12.70 29.40 24.03
CA ALA B 230 13.00 30.23 22.85
C ALA B 230 13.19 31.69 23.22
N TRP B 231 12.61 32.12 24.35
CA TRP B 231 12.70 33.51 24.78
C TRP B 231 14.11 33.86 25.24
N TYR B 232 14.85 32.87 25.73
CA TYR B 232 16.26 33.04 26.03
C TYR B 232 17.16 32.30 25.04
N LYS B 233 16.62 32.00 23.85
CA LYS B 233 17.38 31.43 22.73
C LYS B 233 17.95 30.05 23.05
N ASN B 235 17.32 25.86 22.72
CA ASN B 235 16.81 25.18 21.54
C ASN B 235 16.72 23.66 21.64
N ASP B 236 16.92 23.04 22.81
CA ASP B 236 16.90 21.59 22.90
C ASP B 236 16.07 21.19 24.12
N LEU B 237 14.91 20.59 23.87
CA LEU B 237 14.01 20.15 24.93
C LEU B 237 14.02 18.63 24.93
N HIS B 238 14.66 18.05 25.96
CA HIS B 238 14.83 16.62 26.10
C HIS B 238 13.73 16.12 27.04
N LEU B 239 12.88 15.22 26.56
CA LEU B 239 11.71 14.80 27.32
C LEU B 239 11.80 13.32 27.66
N VAL B 240 11.72 13.00 28.95
CA VAL B 240 11.78 11.62 29.42
C VAL B 240 10.39 11.01 29.27
N ILE B 241 10.24 10.10 28.32
CA ILE B 241 8.89 9.61 28.03
C ILE B 241 8.48 8.50 28.98
N ASN B 242 9.41 7.69 29.47
CA ASN B 242 9.04 6.63 30.40
C ASN B 242 10.02 6.59 31.57
N ASN B 243 9.49 6.26 32.74
CA ASN B 243 10.30 6.09 33.93
C ASN B 243 9.41 5.48 35.00
N ASN B 244 10.00 5.21 36.15
CA ASN B 244 9.23 4.72 37.27
C ASN B 244 9.82 5.26 38.57
N TYR B 245 9.06 5.05 39.64
CA TYR B 245 9.50 5.39 40.99
C TYR B 245 10.80 4.68 41.33
N ILE B 246 11.72 5.39 41.98
CA ILE B 246 13.06 4.86 42.20
C ILE B 246 13.08 3.85 43.35
N PHE B 247 12.42 4.17 44.46
CA PHE B 247 12.66 3.48 45.74
C PHE B 247 11.68 2.32 45.89
N HIS B 248 11.95 1.24 45.14
CA HIS B 248 11.11 0.06 45.20
C HIS B 248 11.17 -0.65 46.55
N GLU B 249 12.28 -0.50 47.28
CA GLU B 249 12.41 -1.10 48.61
C GLU B 249 11.40 -0.53 49.61
N HIS B 250 10.83 0.65 49.36
CA HIS B 250 9.77 1.15 50.23
C HIS B 250 8.57 0.20 50.21
N TYR B 251 8.24 -0.34 49.05
CA TYR B 251 7.16 -1.32 48.98
C TYR B 251 7.59 -2.66 49.56
N VAL B 252 8.77 -3.14 49.19
CA VAL B 252 9.24 -4.44 49.65
C VAL B 252 9.28 -4.48 51.18
N ASP B 253 9.98 -3.52 51.78
CA ASP B 253 10.24 -3.55 53.21
C ASP B 253 8.95 -3.46 54.03
N ASN B 254 7.89 -2.88 53.47
CA ASN B 254 6.59 -2.85 54.11
C ASN B 254 5.66 -3.96 53.62
N GLY B 255 6.21 -4.98 52.97
CA GLY B 255 5.43 -6.13 52.57
C GLY B 255 4.58 -5.93 51.32
N HIS B 256 5.11 -5.28 50.30
CA HIS B 256 4.37 -5.03 49.08
C HIS B 256 5.22 -5.31 47.86
N ASP B 257 4.53 -5.57 46.74
CA ASP B 257 5.18 -5.87 45.48
C ASP B 257 5.43 -4.59 44.71
N PRO B 258 6.67 -4.12 44.61
CA PRO B 258 6.92 -2.94 43.75
C PRO B 258 6.49 -3.19 42.32
N PHE B 259 6.75 -4.40 41.82
CA PHE B 259 6.35 -4.74 40.47
C PHE B 259 4.88 -4.47 40.24
N LYS B 260 4.05 -4.60 41.28
CA LYS B 260 2.65 -4.32 41.06
C LYS B 260 2.21 -2.94 41.54
N GLU B 261 2.96 -2.27 42.43
CA GLU B 261 2.48 -1.00 43.00
C GLU B 261 3.38 0.21 42.79
N SER B 262 4.64 0.05 42.36
CA SER B 262 5.46 1.22 42.09
C SER B 262 4.88 2.01 40.92
N TYR B 263 4.99 3.33 41.01
CA TYR B 263 4.52 4.21 39.95
C TYR B 263 5.44 4.06 38.75
N ALA B 264 4.86 3.72 37.60
CA ALA B 264 5.57 3.69 36.33
C ALA B 264 4.67 4.36 35.29
N ALA B 265 5.28 4.97 34.29
CA ALA B 265 4.48 5.69 33.31
C ALA B 265 5.18 5.68 31.97
N PHE B 266 4.38 5.53 30.92
CA PHE B 266 4.78 5.72 29.53
C PHE B 266 3.84 6.78 28.95
N ARG B 267 4.37 7.96 28.64
CA ARG B 267 3.50 9.11 28.36
C ARG B 267 3.00 9.20 26.93
N LEU B 268 3.36 8.27 26.06
CA LEU B 268 2.90 8.29 24.68
C LEU B 268 1.80 7.26 24.44
N GLU B 269 0.78 7.65 23.70
CA GLU B 269 -0.22 6.70 23.21
C GLU B 269 0.45 5.58 22.43
N SER B 270 0.06 4.34 22.73
CA SER B 270 0.62 3.19 22.04
C SER B 270 -0.43 2.10 21.94
N LYS B 271 -0.27 1.25 20.92
CA LYS B 271 -1.13 0.09 20.77
C LYS B 271 -0.66 -1.08 21.63
N LYS B 273 0.01 -3.74 24.44
CA LYS B 273 -0.67 -4.25 25.60
C LYS B 273 -0.05 -5.59 25.97
N GLY B 274 0.19 -5.79 27.27
CA GLY B 274 0.59 -7.10 27.73
C GLY B 274 -0.55 -8.08 27.61
N LYS B 275 -0.19 -9.37 27.57
CA LYS B 275 -1.27 -10.35 27.47
C LYS B 275 -2.16 -10.34 28.68
N ASP B 276 -1.78 -9.63 29.74
CA ASP B 276 -2.72 -9.44 30.84
C ASP B 276 -3.88 -8.57 30.39
N GLY B 277 -3.61 -7.73 29.38
CA GLY B 277 -4.42 -6.58 29.05
C GLY B 277 -3.83 -5.25 29.47
N THR B 278 -2.71 -5.23 30.22
CA THR B 278 -2.26 -3.95 30.78
C THR B 278 -1.63 -3.13 29.66
N PRO B 279 -1.97 -1.85 29.54
CA PRO B 279 -1.36 -1.03 28.49
C PRO B 279 0.03 -0.54 28.86
N LEU B 280 0.88 -0.42 27.85
CA LEU B 280 2.13 0.30 28.02
C LEU B 280 1.87 1.75 28.39
N THR B 281 0.89 2.38 27.75
CA THR B 281 0.64 3.82 27.95
C THR B 281 0.10 4.09 29.34
N ALA B 282 0.68 5.09 30.01
CA ALA B 282 0.17 5.52 31.31
C ALA B 282 -1.33 5.81 31.20
N ARG B 283 -2.05 5.56 32.29
CA ARG B 283 -3.50 5.68 32.23
C ARG B 283 -4.00 7.02 32.79
N ASP B 284 -3.19 7.70 33.60
CA ASP B 284 -3.62 8.93 34.28
C ASP B 284 -3.44 10.18 33.41
N LEU B 285 -2.36 10.26 32.65
CA LEU B 285 -2.11 11.36 31.73
C LEU B 285 -1.16 10.88 30.65
N PHE B 286 -1.51 11.16 29.40
CA PHE B 286 -0.62 10.79 28.30
C PHE B 286 -0.93 11.66 27.10
N TYR B 287 0.05 11.76 26.22
CA TYR B 287 -0.08 12.51 24.98
C TYR B 287 -0.41 11.53 23.85
N THR B 288 -1.44 11.86 23.08
CA THR B 288 -1.74 11.08 21.89
C THR B 288 -0.63 11.28 20.86
N LYS B 289 -0.60 10.37 19.87
CA LYS B 289 0.39 10.46 18.81
C LYS B 289 0.30 11.81 18.09
N LYS B 290 -0.92 12.28 17.84
CA LYS B 290 -1.07 13.55 17.13
C LYS B 290 -0.73 14.73 18.02
N GLU B 291 -1.19 14.70 19.28
CA GLU B 291 -0.77 15.73 20.22
C GLU B 291 0.76 15.85 20.26
N PHE B 292 1.47 14.72 20.39
CA PHE B 292 2.92 14.82 20.51
C PHE B 292 3.58 15.26 19.20
N ALA B 293 3.13 14.69 18.08
CA ALA B 293 3.65 15.14 16.80
C ALA B 293 3.43 16.64 16.62
N ASP B 294 2.24 17.12 16.94
CA ASP B 294 1.95 18.55 16.85
C ASP B 294 2.88 19.35 17.76
N LEU B 295 3.04 18.88 19.00
CA LEU B 295 3.91 19.58 19.94
C LEU B 295 5.32 19.76 19.39
N VAL B 296 5.85 18.73 18.71
CA VAL B 296 7.20 18.84 18.17
C VAL B 296 7.25 19.89 17.07
N SER B 297 6.29 19.85 16.13
CA SER B 297 6.19 20.92 15.15
C SER B 297 6.04 22.28 15.80
N TYR B 298 5.25 22.39 16.87
CA TYR B 298 5.11 23.70 17.52
C TYR B 298 6.46 24.24 18.00
N ALA B 299 7.28 23.37 18.61
CA ALA B 299 8.57 23.83 19.11
C ALA B 299 9.49 24.24 17.96
N ARG B 300 9.50 23.46 16.87
CA ARG B 300 10.30 23.79 15.69
C ARG B 300 10.02 25.21 15.23
N LYS B 301 8.77 25.63 15.32
CA LYS B 301 8.41 26.96 14.88
C LYS B 301 9.10 28.02 15.74
N TYR B 302 9.42 27.66 16.99
CA TYR B 302 10.15 28.53 17.90
C TYR B 302 11.63 28.16 18.01
N GLY B 303 12.11 27.26 17.16
CA GLY B 303 13.53 26.94 17.13
C GLY B 303 13.98 25.98 18.20
N VAL B 304 13.06 25.23 18.81
CA VAL B 304 13.38 24.27 19.85
C VAL B 304 13.16 22.86 19.31
N ASN B 305 14.14 21.98 19.51
CA ASN B 305 14.05 20.60 19.06
C ASN B 305 13.71 19.71 20.25
N ILE B 306 12.51 19.14 20.23
CA ILE B 306 12.10 18.20 21.26
C ILE B 306 12.72 16.84 20.97
N VAL B 307 13.43 16.31 21.96
CA VAL B 307 14.08 15.02 21.90
C VAL B 307 13.31 14.08 22.82
N PRO B 308 12.63 13.07 22.30
CA PRO B 308 12.01 12.07 23.17
C PRO B 308 13.07 11.08 23.61
N GLU B 309 12.86 10.53 24.80
CA GLU B 309 13.74 9.51 25.38
C GLU B 309 12.91 8.31 25.81
N PHE B 310 13.45 7.12 25.56
CA PHE B 310 12.86 5.83 25.90
C PHE B 310 13.93 5.15 26.78
N ASP B 311 13.81 5.26 28.14
CA ASP B 311 14.83 4.58 28.95
C ASP B 311 14.65 3.05 28.82
N THR B 312 15.74 2.36 28.53
CA THR B 312 15.83 0.90 28.51
C THR B 312 17.31 0.60 28.62
N PRO B 313 17.70 -0.51 29.24
CA PRO B 313 16.86 -1.54 29.83
C PRO B 313 16.42 -1.18 31.22
N GLY B 314 17.05 -0.14 31.77
CA GLY B 314 16.71 0.35 33.09
C GLY B 314 15.53 1.30 33.09
N HIS B 315 15.02 1.56 34.31
CA HIS B 315 13.90 2.47 34.53
C HIS B 315 12.66 2.02 33.76
N ALA B 316 12.60 0.74 33.41
CA ALA B 316 11.67 0.22 32.42
C ALA B 316 10.55 -0.62 33.04
N LEU B 317 10.02 -0.19 34.18
CA LEU B 317 8.96 -0.97 34.82
C LEU B 317 7.67 -0.97 34.00
N SER B 318 7.45 0.05 33.17
CA SER B 318 6.31 0.00 32.25
C SER B 318 6.49 -1.02 31.15
N PHE B 319 7.72 -1.39 30.82
CA PHE B 319 7.94 -2.45 29.85
C PHE B 319 7.86 -3.83 30.48
N THR B 320 8.54 -3.99 31.63
CA THR B 320 8.54 -5.28 32.33
C THR B 320 7.13 -5.70 32.71
N ARG B 321 6.27 -4.74 33.04
CA ARG B 321 4.88 -5.10 33.29
C ARG B 321 4.25 -5.78 32.07
N LEU B 322 4.67 -5.38 30.87
CA LEU B 322 4.19 -6.05 29.65
C LEU B 322 4.83 -7.43 29.50
N ARG B 323 6.15 -7.51 29.64
CA ARG B 323 6.90 -8.74 29.45
C ARG B 323 7.63 -9.08 30.74
N PRO B 324 6.92 -9.58 31.75
CA PRO B 324 7.58 -9.94 33.02
C PRO B 324 8.60 -11.05 32.88
N ASP B 325 8.65 -11.74 31.74
CA ASP B 325 9.63 -12.79 31.51
C ASP B 325 11.00 -12.25 31.11
N LEU B 326 11.08 -11.03 30.59
CA LEU B 326 12.36 -10.44 30.22
C LEU B 326 13.00 -9.64 31.35
N ILE B 327 12.43 -9.71 32.56
CA ILE B 327 13.06 -9.10 33.72
C ILE B 327 14.40 -9.79 34.01
N TYR B 328 15.45 -9.00 34.09
CA TYR B 328 16.79 -9.51 34.36
C TYR B 328 16.82 -10.23 35.70
N LYS B 329 17.51 -11.38 35.75
CA LYS B 329 17.52 -12.17 36.99
C LYS B 329 18.91 -12.63 37.41
N GLY B 330 19.98 -11.99 36.90
CA GLY B 330 21.32 -12.31 37.34
C GLY B 330 21.65 -11.65 38.66
N PRO B 331 22.88 -11.86 39.13
CA PRO B 331 23.28 -11.27 40.42
C PRO B 331 23.37 -9.76 40.29
N ASN B 333 23.37 -5.95 43.02
CA ASN B 333 23.28 -5.36 44.35
C ASN B 333 21.94 -4.65 44.52
N HIS B 334 21.29 -4.91 45.66
CA HIS B 334 20.00 -4.32 46.01
C HIS B 334 18.89 -4.75 45.05
N GLU B 335 18.53 -6.04 45.15
CA GLU B 335 17.54 -6.86 44.46
C GLU B 335 16.14 -6.39 44.64
N LYS B 336 15.90 -5.34 45.41
CA LYS B 336 14.54 -4.86 45.62
C LYS B 336 14.08 -3.95 44.50
N ARG B 337 15.02 -3.46 43.70
CA ARG B 337 14.75 -2.62 42.54
C ARG B 337 14.96 -3.38 41.24
N ARG B 338 14.78 -4.71 41.27
CA ARG B 338 15.01 -5.55 40.08
C ARG B 338 13.89 -5.40 39.05
N CYS B 339 12.64 -5.35 39.51
CA CYS B 339 11.47 -5.39 38.62
C CYS B 339 11.48 -4.27 37.59
N GLU B 340 12.36 -3.27 37.71
CA GLU B 340 12.38 -2.19 36.74
C GLU B 340 13.37 -2.46 35.60
N LEU B 342 15.03 -4.68 32.44
CA LEU B 342 14.96 -5.69 31.38
C LEU B 342 16.29 -6.42 31.24
N ASP B 343 16.22 -7.71 30.92
CA ASP B 343 17.42 -8.50 30.65
C ASP B 343 17.99 -8.13 29.29
N ALA B 344 18.88 -7.13 29.26
CA ALA B 344 19.47 -6.67 28.01
C ALA B 344 20.24 -7.76 27.27
N ALA B 345 20.54 -8.87 27.93
CA ALA B 345 21.20 -10.01 27.31
C ALA B 345 20.24 -10.85 26.47
N ASN B 346 18.93 -10.66 26.60
CA ASN B 346 17.96 -11.48 25.90
C ASN B 346 17.60 -10.88 24.53
N PRO B 347 17.75 -11.63 23.43
CA PRO B 347 17.34 -11.09 22.11
C PRO B 347 15.88 -10.65 22.04
N GLU B 348 15.00 -11.34 22.75
CA GLU B 348 13.60 -10.91 22.81
C GLU B 348 13.46 -9.55 23.47
N THR B 349 14.37 -9.21 24.37
CA THR B 349 14.39 -7.85 24.91
C THR B 349 14.64 -6.83 23.81
N ILE B 350 15.72 -7.02 23.05
CA ILE B 350 16.08 -6.00 22.07
C ILE B 350 15.00 -5.92 20.97
N ASP B 351 14.35 -7.06 20.67
CA ASP B 351 13.18 -7.08 19.79
C ASP B 351 12.08 -6.17 20.32
N LEU B 352 11.74 -6.32 21.61
CA LEU B 352 10.67 -5.51 22.21
C LEU B 352 10.96 -4.02 22.10
N VAL B 353 12.14 -3.61 22.58
CA VAL B 353 12.52 -2.20 22.57
C VAL B 353 12.47 -1.63 21.16
N SER B 354 13.00 -2.39 20.19
CA SER B 354 12.97 -1.94 18.80
CA SER B 354 12.97 -1.96 18.80
C SER B 354 11.55 -1.82 18.30
N LYS B 355 10.66 -2.71 18.74
CA LYS B 355 9.28 -2.62 18.28
C LYS B 355 8.62 -1.34 18.79
N VAL B 356 8.78 -1.05 20.10
CA VAL B 356 8.21 0.15 20.67
C VAL B 356 8.75 1.40 19.97
N PHE B 357 10.08 1.46 19.82
CA PHE B 357 10.67 2.54 19.03
C PHE B 357 10.05 2.64 17.63
N ASP B 358 9.85 1.50 16.97
CA ASP B 358 9.35 1.51 15.60
C ASP B 358 7.97 2.12 15.51
N GLU B 359 7.16 2.01 16.58
CA GLU B 359 5.83 2.59 16.57
C GLU B 359 5.86 4.10 16.40
N TYR B 360 6.96 4.76 16.75
CA TYR B 360 7.07 6.19 16.54
C TYR B 360 8.14 6.56 15.50
N LEU B 362 8.66 4.63 12.56
CA LEU B 362 8.17 4.29 11.24
C LEU B 362 6.87 5.04 10.96
N LYS B 363 6.47 5.00 9.69
CA LYS B 363 5.27 5.67 9.22
C LYS B 363 4.06 5.24 10.05
N ASP B 364 3.28 6.25 10.53
CA ASP B 364 2.04 5.99 11.27
C ASP B 364 0.85 6.02 10.30
N PRO B 365 -0.03 5.01 10.36
CA PRO B 365 -1.12 4.94 9.37
C PRO B 365 -2.03 6.16 9.35
N LYS B 366 -2.31 6.76 10.52
CA LYS B 366 -3.27 7.86 10.54
C LYS B 366 -2.64 9.22 10.30
N LEU B 367 -1.38 9.41 10.70
CA LEU B 367 -0.69 10.65 10.42
C LEU B 367 -0.05 10.68 9.04
N GLY B 368 0.00 9.55 8.33
CA GLY B 368 0.67 9.51 7.04
C GLY B 368 2.14 9.77 7.10
N ARG B 369 2.74 9.73 8.29
CA ARG B 369 4.14 10.06 8.52
C ARG B 369 4.48 9.53 9.92
N PRO B 370 5.75 9.43 10.30
CA PRO B 370 6.07 8.93 11.65
C PRO B 370 5.79 9.98 12.72
N VAL B 371 5.47 9.51 13.93
CA VAL B 371 5.27 10.42 15.07
C VAL B 371 6.52 11.25 15.30
N PHE B 372 7.69 10.64 15.17
CA PHE B 372 8.97 11.27 15.40
C PHE B 372 9.52 11.93 14.14
N ALA B 373 8.67 12.12 13.12
CA ALA B 373 9.13 12.61 11.82
C ALA B 373 9.91 13.91 11.93
N ASP B 374 9.56 14.77 12.89
CA ASP B 374 10.22 16.07 13.04
C ASP B 374 11.23 16.06 14.18
N CYS B 375 11.59 14.89 14.68
CA CYS B 375 12.64 14.74 15.68
C CYS B 375 13.89 14.23 14.98
N GLY B 376 14.90 15.10 14.83
CA GLY B 376 16.16 14.61 14.30
C GLY B 376 16.92 13.72 15.26
N VAL B 377 16.63 13.84 16.56
CA VAL B 377 17.38 13.14 17.61
C VAL B 377 16.40 12.44 18.53
N VAL B 378 16.65 11.15 18.78
CA VAL B 378 15.87 10.35 19.72
C VAL B 378 16.84 9.78 20.76
N HIS B 379 16.48 9.90 22.03
CA HIS B 379 17.30 9.42 23.13
C HIS B 379 16.95 7.97 23.45
N VAL B 380 17.97 7.11 23.54
CA VAL B 380 17.73 5.68 23.63
C VAL B 380 17.90 5.14 25.06
N GLY B 381 18.25 5.99 26.02
CA GLY B 381 18.33 5.56 27.41
C GLY B 381 19.71 4.98 27.75
N ALA B 382 19.73 3.70 28.14
CA ALA B 382 20.97 2.96 28.41
C ALA B 382 21.74 3.60 29.54
N ASP B 383 21.02 4.00 30.59
CA ASP B 383 21.53 4.40 31.89
C ASP B 383 22.49 3.31 32.34
N GLU B 384 21.97 2.07 32.44
CA GLU B 384 22.95 1.11 32.94
C GLU B 384 22.22 -0.24 32.84
N PHE B 385 22.99 -1.32 32.83
CA PHE B 385 22.43 -2.68 32.91
C PHE B 385 22.97 -3.33 34.18
N TYR B 386 22.08 -3.94 35.01
CA TYR B 386 22.56 -4.57 36.27
C TYR B 386 23.33 -5.89 36.06
N GLY B 387 23.64 -6.25 34.82
CA GLY B 387 24.22 -7.54 34.50
C GLY B 387 25.58 -7.43 33.84
N ASP B 388 25.85 -8.29 32.88
CA ASP B 388 27.19 -8.37 32.33
C ASP B 388 27.51 -7.10 31.55
N LYS B 389 28.73 -6.58 31.78
CA LYS B 389 29.18 -5.39 31.07
C LYS B 389 29.12 -5.60 29.55
N GLU B 390 29.48 -6.79 29.08
CA GLU B 390 29.45 -7.03 27.64
C GLU B 390 28.01 -7.02 27.11
N ASP B 391 27.06 -7.55 27.87
CA ASP B 391 25.67 -7.50 27.43
C ASP B 391 25.09 -6.10 27.47
N TYR B 392 25.65 -5.19 28.29
CA TYR B 392 25.23 -3.79 28.20
C TYR B 392 25.69 -3.17 26.88
N ARG B 393 26.99 -3.30 26.57
CA ARG B 393 27.53 -2.72 25.35
C ARG B 393 26.84 -3.29 24.12
N HIS B 394 26.40 -4.54 24.17
CA HIS B 394 25.66 -5.10 23.06
C HIS B 394 24.29 -4.43 22.90
N PHE B 395 23.56 -4.30 24.02
CA PHE B 395 22.27 -3.60 23.99
C PHE B 395 22.45 -2.15 23.55
N ALA B 396 23.43 -1.45 24.15
CA ALA B 396 23.67 -0.07 23.79
C ALA B 396 23.93 0.08 22.30
N ASN B 397 24.84 -0.74 21.78
CA ASN B 397 25.15 -0.68 20.35
C ASN B 397 23.94 -1.04 19.51
N ALA B 398 23.13 -2.00 19.97
CA ALA B 398 21.92 -2.38 19.26
C ALA B 398 20.94 -1.21 19.16
N VAL B 399 20.68 -0.53 20.28
CA VAL B 399 19.62 0.46 20.29
C VAL B 399 20.08 1.74 19.59
N LEU B 400 21.38 2.00 19.55
CA LEU B 400 21.90 3.17 18.86
C LEU B 400 21.84 2.98 17.34
N THR B 401 22.44 1.90 16.85
CA THR B 401 22.37 1.58 15.43
C THR B 401 20.94 1.35 14.96
N HIS B 402 20.04 0.93 15.84
CA HIS B 402 18.65 0.84 15.40
C HIS B 402 18.08 2.24 15.13
N ALA B 403 18.50 3.23 15.91
CA ALA B 403 18.10 4.59 15.61
C ALA B 403 18.70 5.06 14.29
N LEU B 404 20.01 4.88 14.13
CA LEU B 404 20.67 5.35 12.91
C LEU B 404 20.08 4.67 11.67
N LYS B 405 19.82 3.36 11.73
CA LYS B 405 19.29 2.67 10.56
C LYS B 405 17.86 3.08 10.24
N ARG B 406 17.15 3.73 11.17
CA ARG B 406 15.84 4.26 10.89
C ARG B 406 15.87 5.71 10.45
N GLY B 407 17.07 6.30 10.32
CA GLY B 407 17.20 7.68 9.92
C GLY B 407 17.23 8.71 11.03
N TYR B 408 17.70 8.35 12.22
CA TYR B 408 17.70 9.24 13.38
C TYR B 408 19.09 9.35 14.02
N THR B 409 19.38 10.52 14.58
CA THR B 409 20.58 10.61 15.40
C THR B 409 20.26 10.17 16.83
N PRO B 410 21.05 9.24 17.40
CA PRO B 410 20.75 8.75 18.74
C PRO B 410 21.52 9.49 19.83
N ARG B 411 20.86 9.69 20.96
CA ARG B 411 21.49 10.28 22.13
C ARG B 411 21.44 9.27 23.27
N ILE B 412 22.54 9.19 24.01
CA ILE B 412 22.68 8.17 25.06
C ILE B 412 23.30 8.79 26.31
N TRP B 413 22.93 8.23 27.45
CA TRP B 413 23.63 8.51 28.69
C TRP B 413 25.01 7.87 28.64
N GLY B 414 26.06 8.67 28.89
CA GLY B 414 27.42 8.18 28.93
C GLY B 414 27.68 7.26 30.10
N SER B 415 27.91 5.98 29.81
CA SER B 415 28.15 4.96 30.83
C SER B 415 29.34 4.09 30.47
N LEU B 416 30.10 4.42 29.43
CA LEU B 416 31.15 3.55 28.92
C LEU B 416 32.43 3.59 29.74
N SER B 417 32.61 4.56 30.64
CA SER B 417 33.68 4.42 31.63
C SER B 417 33.29 3.42 32.71
N ALA B 418 32.05 3.45 33.18
CA ALA B 418 31.60 2.41 34.09
C ALA B 418 31.45 1.07 33.38
N LYS B 419 31.28 1.06 32.07
CA LYS B 419 31.02 -0.16 31.31
C LYS B 419 32.04 -0.36 30.20
N PRO B 420 33.32 -0.43 30.54
CA PRO B 420 34.32 -0.70 29.50
C PRO B 420 34.11 -2.11 28.97
N GLY B 421 34.72 -2.37 27.84
CA GLY B 421 34.55 -3.72 27.35
C GLY B 421 35.09 -3.82 25.95
N LYS B 422 35.04 -5.06 25.46
CA LYS B 422 35.70 -5.37 24.18
C LYS B 422 34.67 -5.36 23.04
N THR B 423 33.40 -5.62 23.34
CA THR B 423 32.32 -5.46 22.37
C THR B 423 32.30 -4.05 21.82
N PRO B 424 32.25 -3.87 20.49
CA PRO B 424 32.21 -2.52 19.92
C PRO B 424 30.85 -1.83 20.04
N VAL B 425 30.89 -0.54 20.34
CA VAL B 425 29.71 0.32 20.44
C VAL B 425 29.89 1.47 19.45
N VAL B 426 28.89 1.69 18.61
CA VAL B 426 29.04 2.71 17.58
C VAL B 426 29.22 4.08 18.24
N SER B 427 30.13 4.88 17.69
CA SER B 427 30.40 6.22 18.20
C SER B 427 30.21 7.34 17.17
N LYS B 428 30.53 7.10 15.90
CA LYS B 428 30.37 8.13 14.88
C LYS B 428 28.88 8.38 14.64
N GLY B 429 28.48 9.66 14.70
CA GLY B 429 27.08 10.01 14.58
C GLY B 429 26.23 9.82 15.82
N VAL B 430 26.83 9.57 17.00
CA VAL B 430 26.09 9.33 18.23
C VAL B 430 26.26 10.52 19.16
N GLN B 431 25.18 10.93 19.81
CA GLN B 431 25.23 11.98 20.82
C GLN B 431 25.19 11.40 22.23
N ASN B 433 25.06 12.31 26.54
CA ASN B 433 25.00 13.14 27.74
C ASN B 433 26.09 12.72 28.73
N LEU B 434 27.03 13.63 28.99
CA LEU B 434 28.04 13.43 30.03
C LEU B 434 27.42 13.87 31.35
N TRP B 435 26.71 12.95 32.00
CA TRP B 435 26.00 13.28 33.23
C TRP B 435 26.83 13.02 34.48
N SER B 436 27.80 12.12 34.44
CA SER B 436 28.57 11.74 35.61
C SER B 436 30.00 11.34 35.22
N THR B 437 30.99 11.96 35.85
CA THR B 437 32.38 11.67 35.50
C THR B 437 32.71 10.20 35.76
N GLY B 438 32.20 9.66 36.86
CA GLY B 438 32.46 8.28 37.22
C GLY B 438 31.92 7.28 36.24
N TRP B 439 30.91 7.65 35.45
CA TRP B 439 30.36 6.74 34.46
C TRP B 439 30.85 7.00 33.05
N LYS B 441 34.03 9.59 31.37
CA LYS B 441 34.97 10.71 31.41
C LYS B 441 34.91 11.46 30.08
N ALA B 442 34.96 12.79 30.16
CA ALA B 442 34.69 13.60 28.97
C ALA B 442 35.73 13.34 27.88
N TRP B 443 36.99 13.11 28.28
CA TRP B 443 38.02 12.91 27.28
C TRP B 443 37.91 11.54 26.65
N GLU B 444 37.54 10.52 27.43
CA GLU B 444 37.26 9.21 26.83
C GLU B 444 36.18 9.32 25.77
N ALA B 445 35.08 10.00 26.07
CA ALA B 445 33.99 10.11 25.09
C ALA B 445 34.49 10.78 23.82
N VAL B 446 35.23 11.88 23.97
CA VAL B 446 35.81 12.57 22.82
C VAL B 446 36.81 11.68 22.10
N ASN B 447 37.69 11.03 22.83
CA ASN B 447 38.69 10.21 22.16
C ASN B 447 38.04 9.00 21.49
N GLN B 448 36.93 8.52 22.04
CA GLN B 448 36.21 7.42 21.43
C GLN B 448 35.32 7.86 20.26
N GLY B 449 35.11 9.17 20.09
CA GLY B 449 34.48 9.66 18.87
C GLY B 449 33.03 10.12 18.98
N TYR B 450 32.60 10.52 20.16
CA TYR B 450 31.22 10.97 20.37
C TYR B 450 31.10 12.49 20.30
N ASP B 451 29.87 12.95 20.10
CA ASP B 451 29.49 14.34 20.31
C ASP B 451 28.88 14.43 21.70
N VAL B 452 29.45 15.28 22.54
CA VAL B 452 29.21 15.25 23.98
C VAL B 452 28.41 16.47 24.41
N ILE B 453 27.59 16.28 25.45
CA ILE B 453 26.71 17.32 25.98
C ILE B 453 26.93 17.42 27.48
N ASN B 454 27.32 18.60 27.95
CA ASN B 454 27.51 18.83 29.37
C ASN B 454 26.19 18.69 30.14
N THR B 455 26.03 17.57 30.85
CA THR B 455 24.85 17.29 31.67
C THR B 455 25.30 16.91 33.09
N ASN B 456 26.42 17.46 33.52
CA ASN B 456 27.06 17.06 34.78
C ASN B 456 26.08 17.10 35.95
N ASP B 457 25.95 15.95 36.63
CA ASP B 457 24.97 15.82 37.71
C ASP B 457 25.30 16.75 38.87
N GLY B 458 26.58 16.97 39.15
CA GLY B 458 26.95 17.82 40.25
C GLY B 458 26.68 19.30 40.03
N ALA B 459 26.38 19.70 38.81
CA ALA B 459 26.18 21.12 38.51
C ALA B 459 24.85 21.46 37.88
N LEU B 460 24.17 20.51 37.25
CA LEU B 460 23.02 20.84 36.43
C LEU B 460 21.78 20.02 36.77
N TYR B 461 21.82 19.19 37.80
CA TYR B 461 20.65 18.43 38.20
C TYR B 461 19.81 19.22 39.20
N ILE B 462 18.50 19.05 39.13
CA ILE B 462 17.56 19.64 40.06
C ILE B 462 16.58 18.55 40.44
N VAL B 463 16.56 18.16 41.71
CA VAL B 463 15.50 17.28 42.19
C VAL B 463 14.61 18.11 43.11
N PRO B 464 13.41 18.48 42.68
CA PRO B 464 12.61 19.47 43.42
C PRO B 464 12.34 19.03 44.86
N PHE B 465 12.63 19.94 45.80
CA PHE B 465 12.25 19.84 47.21
C PHE B 465 12.98 18.71 47.94
N ALA B 466 14.26 18.53 47.62
CA ALA B 466 15.03 17.43 48.17
C ALA B 466 16.32 17.97 48.79
N GLY B 467 17.04 17.08 49.46
CA GLY B 467 18.30 17.46 50.07
C GLY B 467 19.52 17.31 49.19
N TYR B 468 19.34 16.82 47.97
CA TYR B 468 20.43 16.56 47.05
C TYR B 468 20.04 17.10 45.69
N TYR B 469 21.04 17.41 44.87
CA TYR B 469 20.86 17.89 43.50
C TYR B 469 19.96 19.12 43.48
N ARG B 470 20.51 20.20 44.04
CA ARG B 470 19.75 21.44 44.25
C ARG B 470 20.46 22.58 43.55
N ASP B 472 19.10 24.79 41.63
CA ASP B 472 18.29 26.00 41.78
C ASP B 472 18.80 26.92 42.89
N ARG B 473 19.47 26.36 43.88
CA ARG B 473 20.12 27.14 44.94
C ARG B 473 21.52 27.59 44.56
N ASN B 474 21.91 27.47 43.31
CA ASN B 474 23.23 27.93 42.86
C ASN B 474 23.17 28.66 41.52
N HIS B 475 22.01 29.22 41.13
CA HIS B 475 21.91 30.07 39.94
C HIS B 475 22.94 31.19 40.01
N LYS B 476 23.46 31.43 41.20
CA LYS B 476 24.30 32.53 41.60
C LYS B 476 25.75 32.27 41.21
N GLY B 477 26.28 31.10 41.57
CA GLY B 477 27.60 30.72 41.09
C GLY B 477 27.61 30.23 39.65
N LEU B 478 26.52 29.60 39.21
CA LEU B 478 26.43 29.16 37.81
C LEU B 478 26.62 30.32 36.85
N TYR B 479 25.87 31.42 37.07
CA TYR B 479 25.97 32.58 36.19
C TYR B 479 27.37 33.17 36.18
N ASN B 480 28.11 33.00 37.28
CA ASN B 480 29.40 33.67 37.41
C ASN B 480 30.57 32.86 36.90
N ASN B 481 30.50 31.51 36.94
CA ASN B 481 31.70 30.67 36.78
C ASN B 481 31.55 29.52 35.79
N TRP B 482 30.32 29.07 35.58
CA TRP B 482 30.09 27.85 34.81
C TRP B 482 30.24 28.09 33.31
N ILE B 483 31.06 27.26 32.68
CA ILE B 483 31.25 27.29 31.23
C ILE B 483 30.92 25.91 30.67
N PRO B 484 30.49 25.80 29.40
CA PRO B 484 30.07 24.48 28.89
C PRO B 484 31.21 23.49 28.77
N ASN B 485 32.46 23.95 28.61
CA ASN B 485 33.55 23.05 28.31
C ASN B 485 34.24 22.49 29.55
N ARG B 486 33.88 22.95 30.74
CA ARG B 486 34.38 22.34 31.97
C ARG B 486 33.28 21.45 32.53
N ILE B 487 33.52 20.13 32.49
CA ILE B 487 32.54 19.10 32.78
C ILE B 487 33.05 18.34 33.99
N GLY B 488 32.49 18.65 35.16
CA GLY B 488 33.06 18.12 36.39
C GLY B 488 34.49 18.58 36.53
N ASN B 489 35.39 17.66 36.86
CA ASN B 489 36.80 17.97 37.05
C ASN B 489 37.61 17.86 35.76
N GLU B 490 36.97 17.76 34.61
CA GLU B 490 37.63 17.72 33.32
C GLU B 490 37.29 18.99 32.53
N THR B 491 38.23 19.43 31.69
CA THR B 491 38.08 20.68 30.96
C THR B 491 38.54 20.50 29.50
N LEU B 492 37.57 20.34 28.60
CA LEU B 492 37.80 20.34 27.17
C LEU B 492 38.03 21.76 26.68
N PRO B 493 38.81 21.94 25.60
CA PRO B 493 38.97 23.29 25.04
C PRO B 493 37.64 23.82 24.51
N SER B 494 37.53 25.15 24.50
CA SER B 494 36.27 25.81 24.17
C SER B 494 35.77 25.43 22.79
N GLY B 495 36.66 25.30 21.82
CA GLY B 495 36.25 25.11 20.45
C GLY B 495 36.40 23.68 19.97
N HIS B 496 36.30 22.73 20.89
CA HIS B 496 36.38 21.33 20.51
C HIS B 496 35.19 20.97 19.63
N PRO B 497 35.40 20.49 18.41
CA PRO B 497 34.27 20.29 17.48
C PRO B 497 33.30 19.21 17.91
N GLN B 498 33.62 18.41 18.92
CA GLN B 498 32.70 17.39 19.39
C GLN B 498 31.93 17.84 20.63
N LEU B 499 32.15 19.06 21.09
CA LEU B 499 31.39 19.61 22.21
C LEU B 499 30.19 20.38 21.66
N LEU B 500 28.98 19.87 21.94
CA LEU B 500 27.79 20.49 21.38
C LEU B 500 27.20 21.58 22.27
N GLY B 501 27.41 21.50 23.57
CA GLY B 501 26.83 22.44 24.51
C GLY B 501 26.50 21.75 25.82
N GLY B 502 25.35 22.12 26.40
CA GLY B 502 25.01 21.63 27.72
C GLY B 502 23.52 21.55 27.97
N THR B 503 23.17 20.85 29.04
CA THR B 503 21.78 20.56 29.38
C THR B 503 21.64 20.52 30.89
N PHE B 504 20.73 21.32 31.44
CA PHE B 504 20.32 21.13 32.81
C PHE B 504 19.08 20.25 32.85
N ALA B 505 18.89 19.56 33.97
CA ALA B 505 17.94 18.45 34.06
C ALA B 505 17.11 18.54 35.35
N VAL B 506 15.82 18.26 35.22
CA VAL B 506 14.91 18.24 36.38
C VAL B 506 14.42 16.82 36.55
N TRP B 507 14.70 16.23 37.71
CA TRP B 507 14.34 14.85 38.02
C TRP B 507 13.31 14.84 39.13
N ASN B 508 12.18 14.16 38.90
CA ASN B 508 11.12 14.11 39.91
C ASN B 508 11.20 12.83 40.74
N ASP B 509 12.30 12.72 41.49
CA ASP B 509 12.48 11.54 42.35
C ASP B 509 11.41 11.48 43.42
N GLU B 510 11.21 12.57 44.17
CA GLU B 510 10.36 12.53 45.36
C GLU B 510 8.88 12.56 44.97
N THR B 511 8.45 11.44 44.39
CA THR B 511 7.07 11.26 43.92
C THR B 511 6.48 9.95 44.45
N ASP B 512 5.31 9.57 43.93
CA ASP B 512 4.62 8.34 44.32
C ASP B 512 4.23 8.45 45.79
N ILE B 513 4.55 7.46 46.63
CA ILE B 513 4.27 7.43 48.06
C ILE B 513 5.05 8.49 48.84
N HIS B 515 5.11 11.63 47.33
CA HIS B 515 4.66 12.84 46.63
C HIS B 515 4.02 13.83 47.59
N THR B 516 4.68 14.99 47.78
CA THR B 516 4.12 16.03 48.65
C THR B 516 2.87 16.64 48.02
N GLY B 517 2.73 16.55 46.71
CA GLY B 517 1.64 17.17 45.99
C GLY B 517 2.01 18.35 45.13
N TYR B 518 3.30 18.56 44.85
CA TYR B 518 3.71 19.72 44.08
C TYR B 518 3.30 19.58 42.62
N ALA B 519 3.30 20.71 41.92
CA ALA B 519 2.73 20.84 40.59
C ALA B 519 3.77 21.36 39.63
N PRO B 520 3.51 21.26 38.32
CA PRO B 520 4.33 21.99 37.34
C PRO B 520 4.47 23.48 37.62
N TYR B 521 3.40 24.11 38.12
CA TYR B 521 3.45 25.51 38.51
C TYR B 521 4.47 25.75 39.62
N ASP B 522 4.61 24.80 40.54
CA ASP B 522 5.44 25.04 41.72
C ASP B 522 6.94 25.08 41.42
N ILE B 523 7.37 24.56 40.26
CA ILE B 523 8.78 24.61 39.89
C ILE B 523 9.02 25.51 38.69
N TRP B 524 8.01 26.29 38.29
CA TRP B 524 8.18 27.21 37.16
C TRP B 524 9.29 28.23 37.43
N GLY B 525 9.31 28.81 38.63
CA GLY B 525 10.34 29.77 38.96
C GLY B 525 11.74 29.21 38.80
N ILE B 526 11.98 28.02 39.35
CA ILE B 526 13.34 27.46 39.33
C ILE B 526 13.74 26.98 37.94
N ILE B 527 12.79 26.53 37.11
CA ILE B 527 13.21 26.15 35.78
C ILE B 527 13.38 27.38 34.89
N SER B 528 12.51 28.38 35.04
CA SER B 528 12.70 29.61 34.26
CA SER B 528 12.69 29.61 34.27
C SER B 528 13.96 30.34 34.70
N GLY B 529 14.21 30.42 36.01
CA GLY B 529 15.44 31.02 36.49
C GLY B 529 16.69 30.21 36.16
N SER B 530 16.54 28.92 35.86
CA SER B 530 17.68 28.16 35.39
C SER B 530 17.97 28.45 33.92
N ASP B 532 17.34 31.47 32.39
CA ASP B 532 17.88 32.81 32.20
C ASP B 532 19.36 32.87 32.59
N VAL B 533 19.77 32.04 33.56
CA VAL B 533 21.19 31.80 33.80
C VAL B 533 21.82 31.05 32.63
N LEU B 534 21.41 29.80 32.40
CA LEU B 534 22.22 28.94 31.55
C LEU B 534 22.21 29.36 30.10
N SER B 535 21.20 30.13 29.67
CA SER B 535 21.16 30.61 28.29
C SER B 535 22.26 31.62 28.01
N GLN B 536 22.60 32.45 29.00
CA GLN B 536 23.74 33.35 28.82
C GLN B 536 25.05 32.57 28.62
N LYS B 537 25.28 31.53 29.43
CA LYS B 537 26.54 30.82 29.35
C LYS B 537 26.58 29.83 28.20
N LEU B 538 25.41 29.41 27.71
CA LEU B 538 25.36 28.52 26.56
C LEU B 538 25.52 29.28 25.25
N TRP B 539 24.83 30.42 25.10
CA TRP B 539 24.91 31.22 23.87
C TRP B 539 26.08 32.20 23.87
N GLY B 540 26.41 32.78 25.03
CA GLY B 540 27.35 33.87 25.11
C GLY B 540 28.80 33.43 25.23
N THR B 541 29.62 34.33 25.75
CA THR B 541 31.03 34.07 25.96
C THR B 541 31.27 33.33 27.27
N ALA B 542 32.52 32.90 27.47
CA ALA B 542 32.89 32.30 28.75
C ALA B 542 32.78 33.28 29.90
N LYS B 543 32.48 34.55 29.61
CA LYS B 543 32.55 35.64 30.57
C LYS B 543 31.15 36.17 30.82
N ALA B 544 30.75 36.26 32.08
CA ALA B 544 29.47 36.86 32.40
C ALA B 544 29.51 38.37 32.10
N PRO B 545 28.47 38.90 31.45
CA PRO B 545 28.50 40.32 31.05
C PRO B 545 28.19 41.30 32.17
N ASP B 546 27.76 40.82 33.33
CA ASP B 546 27.24 41.67 34.40
C ASP B 546 27.13 40.84 35.67
N THR B 547 27.01 41.51 36.81
CA THR B 547 26.87 40.78 38.05
C THR B 547 25.56 39.99 38.04
N PHE B 548 25.50 38.98 38.90
CA PHE B 548 24.29 38.18 39.02
C PHE B 548 23.08 39.05 39.33
N GLU B 549 23.25 40.00 40.25
CA GLU B 549 22.12 40.83 40.69
C GLU B 549 21.64 41.75 39.57
N GLN B 550 22.57 42.34 38.81
CA GLN B 550 22.21 43.12 37.64
C GLN B 550 21.44 42.28 36.63
N HIS B 551 21.83 41.01 36.47
CA HIS B 551 21.17 40.10 35.54
C HIS B 551 19.73 39.82 35.96
N ARG B 552 19.52 39.54 37.25
CA ARG B 552 18.17 39.24 37.73
C ARG B 552 17.27 40.47 37.70
N GLU B 553 17.86 41.67 37.70
CA GLU B 553 17.07 42.87 37.46
C GLU B 553 16.60 42.93 36.02
N LEU B 554 17.53 42.77 35.08
CA LEU B 554 17.18 42.79 33.66
C LEU B 554 16.12 41.73 33.34
N VAL B 555 16.08 40.65 34.13
CA VAL B 555 15.09 39.60 33.87
C VAL B 555 13.70 40.13 34.16
N SER B 556 13.54 40.90 35.23
CA SER B 556 12.23 41.50 35.54
C SER B 556 11.84 42.58 34.54
N SER B 557 12.81 43.38 34.09
CA SER B 557 12.50 44.42 33.11
CA SER B 557 12.50 44.43 33.11
C SER B 557 11.99 43.83 31.81
N ILE B 558 12.53 42.68 31.40
CA ILE B 558 12.10 42.06 30.15
C ILE B 558 10.81 41.25 30.36
N GLY B 559 10.72 40.54 31.49
CA GLY B 559 9.50 39.83 31.82
C GLY B 559 9.41 38.43 31.26
N ASN B 560 8.18 37.92 31.10
CA ASN B 560 7.94 36.58 30.59
C ASN B 560 8.09 36.55 29.07
N ALA B 561 7.84 35.39 28.49
CA ALA B 561 7.81 35.30 27.04
C ALA B 561 6.50 35.87 26.49
N PRO B 562 6.52 36.43 25.28
CA PRO B 562 5.29 36.95 24.68
C PRO B 562 4.17 35.93 24.70
N ARG B 563 2.97 36.40 25.02
CA ARG B 563 1.78 35.56 25.08
C ARG B 563 1.98 34.34 25.99
N THR B 564 2.77 34.50 27.05
CA THR B 564 3.02 33.41 27.99
C THR B 564 2.66 33.87 29.39
N ASN B 565 1.63 33.24 29.97
CA ASN B 565 1.17 33.56 31.32
C ASN B 565 1.29 32.30 32.19
N PRO B 566 2.51 31.83 32.43
CA PRO B 566 2.66 30.58 33.20
C PRO B 566 2.07 30.68 34.59
N LEU B 567 2.09 31.87 35.20
CA LEU B 567 1.60 31.94 36.55
C LEU B 567 0.08 32.12 36.58
N HIS B 568 -0.54 32.28 35.41
CA HIS B 568 -1.99 32.42 35.27
C HIS B 568 -2.50 33.61 36.08
N LYS B 569 -2.02 34.78 35.70
CA LYS B 569 -2.30 36.00 36.43
C LYS B 569 -3.14 36.97 35.61
N TRP B 570 -3.88 37.81 36.33
CA TRP B 570 -4.79 38.75 35.71
C TRP B 570 -4.15 40.13 35.59
N LYS B 571 -4.65 40.87 34.61
CA LYS B 571 -4.09 42.16 34.22
C LYS B 571 -4.37 43.24 35.26
N ASP B 572 -5.61 43.32 35.74
CA ASP B 572 -6.00 44.09 36.91
C ASP B 572 -6.34 43.23 38.12
N SER B 573 -7.04 43.84 39.08
CA SER B 573 -7.41 43.17 40.33
C SER B 573 -8.91 43.21 40.59
N GLN B 574 -9.73 43.57 39.60
CA GLN B 574 -11.17 43.55 39.82
C GLN B 574 -11.65 42.11 39.98
N PRO B 575 -12.69 41.91 40.76
CA PRO B 575 -13.24 40.56 40.91
C PRO B 575 -14.10 40.12 39.75
N LEU B 576 -14.76 38.99 39.98
CA LEU B 576 -15.71 38.42 39.03
C LEU B 576 -16.90 37.99 39.86
N THR B 577 -18.05 38.60 39.61
CA THR B 577 -19.20 38.43 40.48
C THR B 577 -20.37 37.97 39.63
N VAL B 578 -20.80 36.73 39.81
CA VAL B 578 -21.86 36.15 39.00
C VAL B 578 -23.01 35.73 39.88
N LYS B 579 -24.20 36.26 39.59
CA LYS B 579 -25.45 35.74 40.13
C LYS B 579 -26.04 34.81 39.09
N PRO B 580 -26.01 33.50 39.30
CA PRO B 580 -26.30 32.57 38.21
C PRO B 580 -27.78 32.50 37.88
N SER B 581 -28.08 32.47 36.58
CA SER B 581 -29.44 32.31 36.11
C SER B 581 -29.90 30.86 36.25
N SER B 582 -29.10 29.93 35.72
CA SER B 582 -29.38 28.50 35.79
C SER B 582 -28.06 27.76 35.75
N LEU B 583 -28.08 26.46 36.07
CA LEU B 583 -26.82 25.73 36.13
C LEU B 583 -26.82 24.57 35.14
N PRO B 584 -25.71 24.35 34.42
CA PRO B 584 -24.40 25.05 34.52
C PRO B 584 -24.39 26.45 33.87
N GLN B 585 -23.30 27.24 33.98
CA GLN B 585 -23.31 28.53 33.32
C GLN B 585 -21.97 28.51 32.58
N LYS B 586 -21.88 29.05 31.37
CA LYS B 586 -20.56 29.44 30.85
C LYS B 586 -20.09 30.75 31.45
N LEU B 587 -18.84 30.76 31.95
CA LEU B 587 -18.16 31.96 32.45
C LEU B 587 -17.15 32.52 31.47
N ASP B 588 -16.46 31.68 30.71
CA ASP B 588 -15.54 32.12 29.65
C ASP B 588 -14.51 33.16 30.15
N LYS B 589 -14.01 32.95 31.37
CA LYS B 589 -12.96 33.81 31.90
C LYS B 589 -11.67 33.02 32.08
N PRO B 590 -10.52 33.65 31.83
CA PRO B 590 -9.24 32.93 31.99
C PRO B 590 -9.03 32.42 33.41
N ALA B 591 -8.40 31.25 33.52
CA ALA B 591 -8.15 30.65 34.82
C ALA B 591 -7.21 31.53 35.64
N LEU B 592 -7.33 31.43 36.97
CA LEU B 592 -6.70 32.36 37.90
C LEU B 592 -5.77 31.61 38.85
N GLY B 593 -4.50 31.96 38.85
CA GLY B 593 -3.53 31.37 39.75
C GLY B 593 -3.43 32.16 41.03
N PRO B 594 -2.59 31.69 41.96
CA PRO B 594 -2.47 32.36 43.27
C PRO B 594 -1.90 33.77 43.13
N ASN B 595 -2.35 34.67 43.99
CA ASN B 595 -3.31 34.37 45.06
C ASN B 595 -4.74 34.83 44.73
N TYR B 596 -5.72 34.18 45.34
CA TYR B 596 -7.12 34.47 45.03
C TYR B 596 -8.00 34.01 46.18
N ARG B 597 -9.19 34.62 46.26
CA ARG B 597 -10.30 34.11 47.05
C ARG B 597 -11.45 33.74 46.13
N LEU B 598 -12.01 32.56 46.34
CA LEU B 598 -13.29 32.17 45.77
C LEU B 598 -14.31 32.21 46.88
N THR B 599 -15.40 32.94 46.68
CA THR B 599 -16.46 33.03 47.66
C THR B 599 -17.76 32.63 46.98
N GLU B 601 -21.95 31.25 47.85
CA GLU B 601 -23.06 30.77 48.65
C GLU B 601 -23.89 29.86 47.78
N LEU B 602 -24.04 28.61 48.22
CA LEU B 602 -24.69 27.58 47.44
C LEU B 602 -25.45 26.64 48.36
N GLU B 603 -26.09 25.64 47.74
CA GLU B 603 -26.79 24.59 48.48
C GLU B 603 -26.72 23.29 47.68
N LEU B 604 -26.46 22.20 48.38
CA LEU B 604 -26.51 20.86 47.80
C LEU B 604 -27.87 20.26 48.09
N THR B 605 -28.67 20.09 47.03
CA THR B 605 -30.00 19.48 47.20
C THR B 605 -29.87 18.01 47.55
N ALA B 606 -29.00 17.29 46.85
CA ALA B 606 -28.82 15.87 47.06
C ALA B 606 -27.46 15.45 46.53
N ALA B 607 -26.80 14.55 47.26
CA ALA B 607 -25.53 13.97 46.85
C ALA B 607 -25.67 12.45 46.79
N PRO B 608 -25.95 11.88 45.63
CA PRO B 608 -26.05 10.42 45.54
C PRO B 608 -24.71 9.78 45.88
N GLU B 609 -24.77 8.63 46.55
CA GLU B 609 -23.58 8.01 47.13
C GLU B 609 -22.68 7.48 46.02
N GLY B 610 -21.45 8.02 45.96
CA GLY B 610 -20.44 7.54 45.04
C GLY B 610 -20.31 8.32 43.74
N LYS B 611 -21.18 9.29 43.48
CA LYS B 611 -21.10 10.02 42.22
C LYS B 611 -20.40 11.35 42.40
N GLU B 612 -19.44 11.61 41.52
CA GLU B 612 -18.67 12.85 41.56
C GLU B 612 -19.45 14.00 40.90
N GLN B 613 -19.54 15.10 41.64
CA GLN B 613 -20.11 16.39 41.29
C GLN B 613 -19.08 17.46 40.97
N VAL B 614 -19.26 18.09 39.81
CA VAL B 614 -18.30 19.05 39.28
C VAL B 614 -18.89 20.45 39.44
N LEU B 615 -18.16 21.31 40.16
CA LEU B 615 -18.68 22.63 40.48
C LEU B 615 -17.99 23.70 39.65
N LEU B 616 -16.66 23.66 39.53
CA LEU B 616 -15.92 24.45 38.54
C LEU B 616 -15.14 23.54 37.60
N ALA B 617 -14.82 24.08 36.43
CA ALA B 617 -14.19 23.29 35.38
C ALA B 617 -13.60 24.20 34.29
N ALA B 618 -12.54 23.71 33.66
CA ALA B 618 -11.78 24.36 32.61
C ALA B 618 -10.67 23.39 32.22
N PRO B 619 -9.89 23.66 31.16
CA PRO B 619 -8.74 22.78 30.87
C PRO B 619 -7.74 22.66 32.02
N GLU B 620 -7.69 23.65 32.90
CA GLU B 620 -6.71 23.66 33.98
C GLU B 620 -7.13 22.85 35.19
N GLY B 621 -8.36 22.38 35.27
CA GLY B 621 -8.77 21.54 36.38
C GLY B 621 -10.26 21.62 36.64
N GLU B 622 -10.65 20.99 37.76
CA GLU B 622 -12.04 20.89 38.19
C GLU B 622 -12.13 21.02 39.71
N LEU B 623 -13.02 21.88 40.17
CA LEU B 623 -13.37 21.95 41.59
C LEU B 623 -14.57 21.04 41.81
N LEU B 624 -14.43 20.08 42.72
CA LEU B 624 -15.44 19.04 42.92
C LEU B 624 -16.20 19.32 44.19
N ALA B 625 -17.48 19.69 44.03
CA ALA B 625 -18.36 19.87 45.18
C ALA B 625 -18.38 18.61 46.05
N VAL B 626 -18.40 17.44 45.42
CA VAL B 626 -18.26 16.18 46.15
C VAL B 626 -17.54 15.19 45.25
N LYS B 628 -15.80 11.09 44.78
CA LYS B 628 -16.57 9.87 44.80
C LYS B 628 -16.53 9.25 46.18
N ASP B 629 -15.64 9.76 47.06
CA ASP B 629 -15.56 9.46 48.50
C ASP B 629 -16.43 10.39 49.34
N GLY B 630 -17.11 11.35 48.72
CA GLY B 630 -18.01 12.23 49.41
C GLY B 630 -17.45 13.60 49.75
N THR B 631 -16.14 13.79 49.68
CA THR B 631 -15.60 14.99 50.31
C THR B 631 -15.58 16.11 49.27
N VAL B 632 -15.01 17.24 49.68
CA VAL B 632 -14.77 18.37 48.78
C VAL B 632 -13.31 18.33 48.36
N GLY B 633 -13.05 18.56 47.08
CA GLY B 633 -11.69 18.56 46.62
C GLY B 633 -11.59 19.03 45.19
N PHE B 634 -10.43 18.75 44.58
CA PHE B 634 -10.21 19.20 43.20
C PHE B 634 -9.22 18.29 42.51
N ARG B 635 -9.31 18.30 41.17
CA ARG B 635 -8.41 17.58 40.28
C ARG B 635 -7.76 18.58 39.35
N ARG B 636 -6.45 18.50 39.19
CA ARG B 636 -5.69 19.45 38.38
C ARG B 636 -5.36 18.85 37.02
N ASP B 637 -5.01 19.74 36.07
CA ASP B 637 -4.63 19.33 34.72
C ASP B 637 -3.36 18.47 34.68
N ASP B 638 -2.71 18.21 35.82
CA ASP B 638 -1.60 17.29 35.88
C ASP B 638 -2.02 15.92 36.38
N SER B 639 -3.34 15.65 36.43
CA SER B 639 -4.02 14.43 36.85
C SER B 639 -4.18 14.29 38.37
N LEU B 640 -3.49 15.12 39.18
CA LEU B 640 -3.45 14.93 40.62
C LEU B 640 -4.74 15.41 41.29
N GLU B 641 -5.20 14.66 42.29
CA GLU B 641 -6.46 14.91 42.96
C GLU B 641 -6.23 15.12 44.46
N PHE B 642 -6.90 16.12 45.02
CA PHE B 642 -6.73 16.52 46.40
C PHE B 642 -8.06 16.53 47.12
N SER B 643 -8.05 16.15 48.39
CA SER B 643 -9.22 16.17 49.25
C SER B 643 -9.06 17.22 50.36
N PHE B 644 -10.17 17.85 50.71
CA PHE B 644 -10.20 18.77 51.85
C PHE B 644 -10.52 18.08 53.16
N GLY B 645 -11.04 16.85 53.10
CA GLY B 645 -11.51 16.14 54.28
C GLY B 645 -12.87 16.56 54.77
N ALA B 646 -13.44 17.64 54.23
CA ALA B 646 -14.71 18.18 54.67
C ALA B 646 -15.75 17.97 53.58
N LYS B 647 -17.00 17.82 53.99
CA LYS B 647 -18.04 17.42 53.05
C LYS B 647 -19.19 18.40 53.14
N LEU B 648 -19.73 18.78 51.98
CA LEU B 648 -20.80 19.76 52.00
C LEU B 648 -22.05 19.17 52.66
N PRO B 649 -22.80 19.98 53.41
CA PRO B 649 -24.08 19.48 53.96
C PRO B 649 -25.22 19.55 52.97
N VAL B 650 -26.15 18.60 53.13
CA VAL B 650 -27.28 18.43 52.22
C VAL B 650 -28.47 19.19 52.77
N GLY B 651 -29.01 20.12 51.97
CA GLY B 651 -30.20 20.85 52.38
C GLY B 651 -29.94 22.22 52.97
N LYS B 652 -29.00 22.32 53.91
CA LYS B 652 -28.59 23.63 54.43
C LYS B 652 -27.80 24.37 53.35
N LYS B 653 -28.12 25.64 53.11
CA LYS B 653 -27.27 26.42 52.22
C LYS B 653 -26.03 26.84 52.99
N VAL B 654 -24.89 26.88 52.31
CA VAL B 654 -23.63 27.20 52.96
C VAL B 654 -22.85 28.20 52.12
N LYS B 655 -22.01 28.97 52.79
CA LYS B 655 -21.08 29.86 52.13
C LYS B 655 -19.71 29.18 52.10
N VAL B 656 -19.08 29.20 50.93
CA VAL B 656 -17.87 28.44 50.65
C VAL B 656 -16.78 29.43 50.26
N GLU B 657 -15.64 29.37 50.96
CA GLU B 657 -14.46 30.14 50.62
C GLU B 657 -13.32 29.19 50.36
N ILE B 658 -12.56 29.47 49.31
CA ILE B 658 -11.33 28.75 49.00
C ILE B 658 -10.24 29.78 48.72
N VAL B 659 -9.13 29.68 49.43
CA VAL B 659 -8.01 30.58 49.25
C VAL B 659 -6.89 29.84 48.53
N GLY B 660 -6.54 30.32 47.35
CA GLY B 660 -5.45 29.76 46.59
C GLY B 660 -4.15 30.54 46.71
N GLU B 661 -3.27 30.06 47.55
CA GLU B 661 -1.89 30.47 47.75
C GLU B 661 -0.95 29.50 47.03
N PRO B 662 0.30 29.88 46.80
CA PRO B 662 1.25 28.91 46.22
C PRO B 662 1.50 27.76 47.20
N GLU B 663 1.39 26.54 46.70
CA GLU B 663 1.65 25.29 47.44
C GLU B 663 0.61 25.02 48.52
N LYS B 664 -0.43 25.83 48.62
CA LYS B 664 -1.46 25.62 49.62
C LYS B 664 -2.78 26.21 49.19
N THR B 665 -3.82 25.38 49.26
CA THR B 665 -5.19 25.78 48.96
C THR B 665 -6.08 25.26 50.08
N SER B 666 -6.86 26.15 50.71
CA SER B 666 -7.64 25.78 51.88
C SER B 666 -9.10 26.16 51.71
N LEU B 667 -9.95 25.43 52.43
CA LEU B 667 -11.39 25.58 52.37
C LEU B 667 -11.91 26.07 53.72
N LEU B 668 -13.04 26.76 53.65
CA LEU B 668 -13.74 27.38 54.78
C LEU B 668 -15.22 27.23 54.52
N LEU B 669 -15.95 26.76 55.54
CA LEU B 669 -17.39 26.55 55.46
C LEU B 669 -18.07 27.41 56.51
N ASP B 670 -18.72 28.48 56.06
CA ASP B 670 -19.37 29.46 56.94
C ASP B 670 -18.37 30.05 57.94
N GLY B 671 -17.23 30.50 57.42
CA GLY B 671 -16.22 31.14 58.23
C GLY B 671 -15.32 30.24 59.02
N GLU B 672 -15.72 28.91 59.24
CA GLU B 672 -14.75 28.09 59.97
C GLU B 672 -13.82 27.37 59.00
N PRO B 673 -12.59 27.10 59.41
CA PRO B 673 -11.70 26.28 58.56
C PRO B 673 -12.28 24.89 58.38
N ALA B 674 -12.42 24.48 57.11
CA ALA B 674 -12.83 23.13 56.82
C ALA B 674 -11.65 22.19 56.66
N GLY B 675 -10.50 22.72 56.24
CA GLY B 675 -9.30 21.92 56.11
C GLY B 675 -8.47 22.38 54.94
N THR B 676 -7.19 21.98 54.97
CA THR B 676 -6.26 22.22 53.87
C THR B 676 -6.19 20.98 53.00
N ALA B 677 -6.04 21.18 51.70
CA ALA B 677 -6.15 20.09 50.73
C ALA B 677 -4.97 19.14 50.83
N VAL B 678 -5.25 17.84 50.63
CA VAL B 678 -4.26 16.77 50.71
C VAL B 678 -4.33 15.95 49.43
N LEU B 679 -3.16 15.62 48.87
CA LEU B 679 -3.08 14.73 47.72
C LEU B 679 -3.67 13.36 48.06
N LYS B 680 -4.38 12.78 47.10
CA LYS B 680 -5.03 11.49 47.32
C LYS B 680 -4.58 10.40 46.35
N ASN B 681 -3.70 10.69 45.41
CA ASN B 681 -3.48 9.78 44.29
C ASN B 681 -2.65 8.54 44.67
N PHE B 682 -1.77 8.64 45.68
CA PHE B 682 -0.83 7.55 45.94
C PHE B 682 -0.81 7.13 47.41
N SER B 683 -1.89 7.38 48.14
CA SER B 683 -1.88 7.14 49.58
C SER B 683 -2.58 5.86 49.98
N ASP B 684 -3.49 5.40 49.14
CA ASP B 684 -4.34 4.26 49.40
C ASP B 684 -3.71 2.95 48.93
N LYS B 685 -2.38 2.94 48.84
CA LYS B 685 -1.52 1.77 48.91
C LYS B 685 -0.47 1.84 50.01
N SER B 686 -0.21 3.03 50.58
CA SER B 686 0.69 3.16 51.73
C SER B 686 -0.05 3.38 53.04
N LYS B 687 -1.30 2.92 53.13
CA LYS B 687 -2.05 3.13 54.35
C LYS B 687 -1.61 2.14 55.41
N ASP B 688 -1.50 0.87 55.02
CA ASP B 688 -1.09 -0.20 55.93
C ASP B 688 0.43 -0.20 56.13
N PHE B 689 1.04 0.97 56.02
CA PHE B 689 2.47 1.15 56.24
C PHE B 689 2.72 1.54 57.69
N SER B 690 3.77 0.99 58.28
CA SER B 690 4.07 1.25 59.69
C SER B 690 5.52 0.94 60.01
N ASP B 691 6.13 0.02 59.24
CA ASP B 691 7.52 -0.38 59.43
C ASP B 691 8.48 0.74 59.06
N LYS B 692 8.52 1.80 59.89
CA LYS B 692 9.35 2.98 59.66
C LYS B 692 9.10 3.57 58.28
N PHE B 693 7.85 3.93 57.99
CA PHE B 693 7.66 4.68 56.75
C PHE B 693 7.99 6.14 57.03
N LYS B 694 9.29 6.36 57.26
CA LYS B 694 9.85 7.68 57.52
C LYS B 694 9.94 8.47 56.22
N HIS B 695 9.11 8.10 55.25
CA HIS B 695 9.13 8.73 53.94
C HIS B 695 7.77 9.25 53.48
N ARG B 696 6.67 8.84 54.13
CA ARG B 696 5.45 9.62 54.31
C ARG B 696 5.68 11.09 54.00
N PRO B 697 4.97 11.69 53.04
CA PRO B 697 5.11 13.14 52.84
C PRO B 697 4.89 13.92 54.12
N LYS B 698 5.87 14.71 54.56
CA LYS B 698 5.67 15.62 55.70
C LYS B 698 5.37 17.06 55.33
N VAL B 699 5.22 17.38 54.07
CA VAL B 699 4.65 18.66 53.68
C VAL B 699 3.55 18.36 52.67
N HIS B 700 2.37 18.95 52.88
CA HIS B 700 1.22 18.73 51.99
C HIS B 700 1.05 19.98 51.13
N ARG B 701 1.64 19.96 49.94
CA ARG B 701 1.48 21.04 48.97
C ARG B 701 0.24 20.79 48.11
N SER B 702 -0.43 21.89 47.73
CA SER B 702 -1.74 21.76 47.12
C SER B 702 -2.08 22.94 46.22
N THR B 703 -1.12 23.40 45.40
CA THR B 703 -1.39 24.49 44.47
C THR B 703 -2.60 24.17 43.61
N PHE B 704 -3.42 25.20 43.35
CA PHE B 704 -4.66 25.01 42.59
C PHE B 704 -4.94 26.23 41.73
N ILE B 705 -4.74 26.10 40.42
CA ILE B 705 -5.16 27.12 39.47
C ILE B 705 -6.68 27.09 39.36
N LEU B 706 -7.33 28.17 39.73
CA LEU B 706 -8.80 28.20 39.76
C LEU B 706 -9.40 28.16 38.36
N PRO B 707 -10.20 27.14 38.03
CA PRO B 707 -10.81 27.06 36.68
C PRO B 707 -12.07 27.89 36.58
N LEU B 708 -12.18 28.69 35.52
CA LEU B 708 -13.26 29.67 35.38
C LEU B 708 -13.85 29.64 33.96
N LYS B 709 -14.15 28.45 33.46
CA LYS B 709 -14.86 28.33 32.21
C LYS B 709 -16.33 27.96 32.39
N GLU B 710 -16.63 26.98 33.23
CA GLU B 710 -18.02 26.58 33.47
C GLU B 710 -18.28 26.42 34.94
N LEU B 711 -19.45 26.89 35.37
CA LEU B 711 -19.90 26.81 36.75
C LEU B 711 -20.97 25.73 36.87
N GLY B 712 -20.93 24.96 37.95
CA GLY B 712 -21.94 23.92 38.18
C GLY B 712 -22.07 22.89 37.07
N SER B 713 -20.94 22.46 36.49
CA SER B 713 -20.99 21.58 35.33
C SER B 713 -21.79 20.31 35.62
N SER B 714 -21.71 19.80 36.85
CA SER B 714 -22.39 18.57 37.25
C SER B 714 -22.81 18.67 38.71
N PHE B 715 -23.19 19.87 39.14
CA PHE B 715 -23.51 20.16 40.54
C PHE B 715 -25.03 20.02 40.72
N GLN B 716 -25.46 19.01 41.47
CA GLN B 716 -26.89 18.82 41.75
C GLN B 716 -27.27 19.72 42.92
N GLY B 717 -27.43 20.99 42.61
CA GLY B 717 -27.88 21.94 43.60
C GLY B 717 -28.14 23.31 43.02
N LYS B 718 -27.96 24.32 43.84
CA LYS B 718 -28.20 25.69 43.45
C LYS B 718 -27.07 26.53 44.03
N VAL B 719 -26.44 27.33 43.19
CA VAL B 719 -25.48 28.33 43.66
C VAL B 719 -26.16 29.69 43.56
N PHE B 720 -25.98 30.52 44.58
CA PHE B 720 -26.65 31.81 44.65
C PHE B 720 -25.72 32.96 44.28
N HIS B 721 -24.53 32.98 44.88
CA HIS B 721 -23.56 34.03 44.64
C HIS B 721 -22.19 33.42 44.42
N ASN B 723 -17.98 34.82 43.77
CA ASN B 723 -17.03 35.91 43.62
C ASN B 723 -15.60 35.37 43.54
N VAL B 724 -14.87 35.83 42.54
CA VAL B 724 -13.47 35.48 42.33
C VAL B 724 -12.66 36.77 42.45
N GLN B 725 -11.71 36.80 43.39
CA GLN B 725 -10.94 38.01 43.65
C GLN B 725 -9.44 37.69 43.65
N PRO B 726 -8.64 38.30 42.78
CA PRO B 726 -7.17 38.22 42.90
C PRO B 726 -6.69 38.98 44.14
N LEU B 727 -6.06 38.26 45.05
CA LEU B 727 -5.49 38.88 46.25
C LEU B 727 -4.13 39.50 45.96
N ALA C 1 -7.18 -26.67 38.11
CA ALA C 1 -8.06 -27.14 37.04
C ALA C 1 -7.42 -28.26 36.19
N ASP C 2 -6.11 -28.15 36.03
CA ASP C 2 -5.15 -29.08 35.42
C ASP C 2 -5.51 -30.56 35.66
N SER C 3 -5.08 -31.13 36.81
CA SER C 3 -5.14 -32.57 37.18
C SER C 3 -4.29 -33.50 36.29
N LEU C 4 -3.95 -34.68 36.82
CA LEU C 4 -3.24 -35.76 36.14
C LEU C 4 -3.97 -37.09 36.10
N SER C 5 -3.17 -38.15 36.12
CA SER C 5 -3.55 -39.49 35.72
C SER C 5 -3.70 -40.38 36.94
N ILE C 6 -4.56 -41.40 36.81
CA ILE C 6 -4.98 -42.15 37.98
C ILE C 6 -4.84 -43.68 37.79
N PRO C 7 -5.65 -44.44 37.03
CA PRO C 7 -5.64 -45.92 37.25
C PRO C 7 -4.97 -46.68 36.12
N PRO C 8 -4.62 -47.96 36.37
CA PRO C 8 -4.13 -48.87 35.31
C PRO C 8 -5.24 -49.73 34.72
N VAL C 9 -4.96 -50.44 33.63
CA VAL C 9 -5.98 -51.19 32.89
C VAL C 9 -5.61 -52.67 32.86
N LYS C 10 -6.60 -53.52 33.13
CA LYS C 10 -6.39 -54.96 33.21
C LYS C 10 -6.59 -55.60 31.84
N ALA C 11 -5.77 -56.61 31.55
CA ALA C 11 -5.86 -57.31 30.27
C ALA C 11 -7.22 -57.98 30.09
N GLY C 12 -7.82 -57.78 28.92
CA GLY C 12 -9.08 -58.40 28.59
C GLY C 12 -10.30 -57.82 29.29
N ALA C 13 -10.16 -56.66 29.94
CA ALA C 13 -11.25 -56.07 30.69
C ALA C 13 -12.43 -55.71 29.76
N LYS C 14 -13.57 -55.43 30.40
CA LYS C 14 -14.81 -55.11 29.72
C LYS C 14 -15.31 -53.72 30.07
N GLN C 15 -14.54 -52.95 30.84
CA GLN C 15 -14.97 -51.68 31.40
C GLN C 15 -13.74 -50.86 31.80
N LEU C 16 -13.84 -49.54 31.64
CA LEU C 16 -12.72 -48.64 31.89
C LEU C 16 -12.75 -48.13 33.33
N PRO C 17 -11.70 -48.32 34.12
CA PRO C 17 -11.62 -47.67 35.44
C PRO C 17 -11.33 -46.18 35.27
N PRO C 19 -10.67 -41.90 37.10
CA PRO C 19 -10.09 -41.13 38.22
C PRO C 19 -11.07 -40.94 39.37
N SER C 20 -10.52 -40.94 40.58
CA SER C 20 -11.26 -40.56 41.77
C SER C 20 -11.04 -39.11 42.17
N VAL C 21 -9.86 -38.57 41.83
CA VAL C 21 -9.22 -37.35 42.35
C VAL C 21 -10.07 -36.67 43.44
N SER C 22 -9.60 -36.71 44.68
CA SER C 22 -10.41 -36.20 45.77
C SER C 22 -10.48 -34.68 45.65
N GLY C 23 -11.63 -34.18 45.20
CA GLY C 23 -11.84 -32.77 45.01
C GLY C 23 -12.56 -32.39 43.73
N ALA C 24 -13.06 -33.37 42.98
CA ALA C 24 -13.64 -33.11 41.66
C ALA C 24 -14.41 -34.33 41.16
N GLN C 25 -15.31 -34.09 40.20
CA GLN C 25 -15.94 -35.17 39.44
C GLN C 25 -15.34 -35.27 38.05
N ILE C 26 -15.00 -36.50 37.65
CA ILE C 26 -14.31 -36.81 36.40
C ILE C 26 -15.23 -37.67 35.55
N LYS C 27 -15.77 -37.09 34.48
CA LYS C 27 -16.58 -37.81 33.51
C LYS C 27 -15.83 -37.91 32.20
N LEU C 28 -15.79 -39.12 31.65
CA LEU C 28 -15.13 -39.37 30.37
C LEU C 28 -15.71 -38.50 29.26
N LEU C 29 -14.82 -37.89 28.47
CA LEU C 29 -15.17 -37.07 27.32
C LEU C 29 -15.39 -37.91 26.06
N GLY C 30 -14.46 -38.82 25.77
CA GLY C 30 -14.56 -39.70 24.62
C GLY C 30 -13.24 -40.32 24.23
N ALA C 31 -13.30 -41.45 23.53
CA ALA C 31 -12.12 -42.12 22.99
C ALA C 31 -11.92 -41.74 21.53
N ASP C 32 -10.67 -41.82 21.07
CA ASP C 32 -10.37 -41.63 19.66
C ASP C 32 -10.41 -42.94 18.87
N TYR C 33 -10.73 -44.05 19.53
CA TYR C 33 -11.23 -45.27 18.88
C TYR C 33 -12.54 -45.65 19.56
N GLU C 34 -13.57 -44.86 19.24
CA GLU C 34 -14.92 -45.01 19.74
C GLU C 34 -15.50 -46.41 19.50
N GLN C 35 -14.96 -47.18 18.53
CA GLN C 35 -15.36 -48.58 18.40
C GLN C 35 -14.73 -49.48 19.46
N LEU C 36 -13.62 -49.06 20.06
CA LEU C 36 -12.95 -49.86 21.08
C LEU C 36 -13.42 -49.50 22.48
N VAL C 37 -13.63 -48.21 22.73
CA VAL C 37 -14.07 -47.71 24.02
C VAL C 37 -15.21 -46.74 23.75
N ASN C 38 -16.43 -47.12 24.11
CA ASN C 38 -17.57 -46.27 23.84
C ASN C 38 -17.74 -45.25 24.98
N SER C 39 -18.60 -44.27 24.72
CA SER C 39 -18.88 -43.17 25.63
C SER C 39 -19.10 -43.59 27.08
N LYS C 40 -19.67 -44.78 27.30
CA LYS C 40 -19.89 -45.31 28.63
C LYS C 40 -18.70 -46.08 29.20
N GLY C 41 -17.55 -46.06 28.50
CA GLY C 41 -16.35 -46.71 28.95
C GLY C 41 -16.26 -48.18 28.68
N LYS C 42 -17.30 -48.84 28.20
CA LYS C 42 -17.21 -50.27 27.95
C LYS C 42 -16.09 -50.52 26.92
N ILE C 43 -15.13 -51.33 27.28
CA ILE C 43 -14.05 -51.64 26.36
C ILE C 43 -14.47 -52.83 25.50
N ALA C 44 -14.03 -52.86 24.25
CA ALA C 44 -14.33 -53.96 23.36
C ALA C 44 -13.16 -54.92 23.26
N PRO C 45 -13.41 -56.19 22.90
CA PRO C 45 -12.31 -57.14 22.67
C PRO C 45 -11.29 -56.66 21.65
N VAL C 46 -10.19 -57.41 21.54
CA VAL C 46 -9.03 -57.06 20.73
C VAL C 46 -8.36 -58.35 20.28
N ILE C 47 -7.92 -58.40 19.02
CA ILE C 47 -7.14 -59.54 18.52
C ILE C 47 -5.66 -59.21 18.39
N SER C 48 -5.27 -57.96 18.61
CA SER C 48 -3.90 -57.49 18.44
C SER C 48 -3.75 -56.25 19.31
N ASP C 49 -2.88 -56.32 20.32
CA ASP C 49 -2.64 -55.21 21.25
C ASP C 49 -2.71 -53.86 20.54
N THR C 50 -3.62 -52.98 20.99
CA THR C 50 -3.95 -51.75 20.23
C THR C 50 -4.07 -50.53 21.15
N PRO C 51 -3.39 -49.43 20.83
CA PRO C 51 -3.48 -48.23 21.67
C PRO C 51 -4.81 -47.51 21.46
N VAL C 52 -5.30 -46.92 22.56
CA VAL C 52 -6.52 -46.13 22.57
C VAL C 52 -6.29 -44.92 23.44
N ASN C 53 -6.58 -43.75 22.91
CA ASN C 53 -6.34 -42.52 23.62
C ASN C 53 -7.66 -42.01 24.21
N VAL C 54 -7.60 -41.58 25.46
CA VAL C 54 -8.79 -41.19 26.21
C VAL C 54 -8.55 -39.85 26.91
N SER C 55 -9.64 -39.12 27.10
CA SER C 55 -9.66 -37.80 27.72
C SER C 55 -10.96 -37.73 28.52
N PHE C 56 -11.03 -36.83 29.51
CA PHE C 56 -12.22 -36.86 30.36
C PHE C 56 -12.73 -35.43 30.51
N LYS C 57 -13.71 -35.25 31.40
CA LYS C 57 -14.20 -33.95 31.82
C LYS C 57 -14.20 -33.89 33.34
N VAL C 58 -13.33 -33.02 33.89
CA VAL C 58 -13.27 -32.77 35.32
C VAL C 58 -13.93 -31.43 35.64
N THR C 59 -14.87 -31.45 36.60
CA THR C 59 -15.71 -30.29 36.92
C THR C 59 -15.15 -29.47 38.09
N LYS C 60 -14.32 -30.07 38.94
CA LYS C 60 -13.52 -29.38 39.96
C LYS C 60 -14.36 -28.45 40.85
N ASP C 61 -14.11 -27.13 40.84
CA ASP C 61 -14.88 -26.19 41.64
C ASP C 61 -15.62 -25.24 40.69
N GLY C 62 -16.69 -25.76 40.09
CA GLY C 62 -17.44 -24.97 39.14
C GLY C 62 -16.60 -24.43 38.00
N LYS C 63 -15.57 -25.17 37.59
CA LYS C 63 -14.82 -24.89 36.38
C LYS C 63 -14.89 -26.08 35.45
N GLU C 64 -15.02 -25.79 34.16
CA GLU C 64 -15.20 -26.77 33.10
C GLU C 64 -13.82 -27.03 32.51
N ALA C 65 -13.35 -28.28 32.58
CA ALA C 65 -11.94 -28.52 32.27
C ALA C 65 -11.76 -29.57 31.18
N VAL C 66 -10.99 -29.20 30.16
CA VAL C 66 -10.74 -30.02 28.98
C VAL C 66 -9.51 -30.88 29.25
N SER C 67 -9.73 -32.14 29.60
CA SER C 67 -8.63 -33.04 29.89
C SER C 67 -7.71 -33.22 28.68
N LYS C 68 -6.44 -33.44 28.97
CA LYS C 68 -5.49 -33.83 27.95
C LYS C 68 -5.66 -35.33 27.69
N ASP C 69 -5.03 -35.79 26.64
CA ASP C 69 -5.35 -37.10 26.09
C ASP C 69 -4.41 -38.15 26.69
N TYR C 70 -4.92 -39.36 26.90
CA TYR C 70 -4.20 -40.38 27.66
C TYR C 70 -4.15 -41.69 26.89
N GLU C 71 -2.96 -42.24 26.72
CA GLU C 71 -2.78 -43.43 25.89
C GLU C 71 -2.87 -44.66 26.78
N ILE C 72 -4.07 -45.24 26.88
CA ILE C 72 -4.14 -46.55 27.47
C ILE C 72 -3.87 -47.46 26.31
N LEU C 74 -4.71 -51.55 25.12
CA LEU C 74 -5.62 -52.65 25.31
C LEU C 74 -4.89 -53.93 24.95
N GLN C 75 -5.01 -54.94 25.80
CA GLN C 75 -4.29 -56.18 25.56
C GLN C 75 -5.20 -57.27 25.00
N ALA C 76 -4.61 -58.17 24.23
CA ALA C 76 -5.30 -59.27 23.56
C ALA C 76 -4.97 -60.61 24.21
N PRO C 77 -5.80 -61.64 23.97
CA PRO C 77 -5.41 -63.02 24.34
C PRO C 77 -4.00 -63.44 23.93
N GLN C 78 -3.48 -64.47 24.60
CA GLN C 78 -2.20 -65.05 24.21
C GLN C 78 -2.35 -65.72 22.84
N ALA C 79 -1.40 -65.47 21.93
CA ALA C 79 -1.49 -66.14 20.63
C ALA C 79 -0.15 -66.73 20.18
N ALA C 80 -0.11 -67.31 18.98
CA ALA C 80 1.02 -68.08 18.47
C ALA C 80 1.93 -67.26 17.55
N GLN C 81 2.09 -65.96 17.82
CA GLN C 81 2.78 -65.04 16.93
C GLN C 81 2.20 -65.10 15.52
N GLY C 82 2.59 -66.11 14.75
CA GLY C 82 2.02 -66.32 13.42
C GLY C 82 2.74 -65.54 12.34
N ASN C 83 2.03 -65.35 11.23
CA ASN C 83 2.54 -64.51 10.16
C ASN C 83 2.60 -63.05 10.62
N PRO C 84 3.54 -62.27 10.10
CA PRO C 84 3.60 -60.85 10.46
C PRO C 84 2.46 -60.08 9.81
N LYS C 85 2.20 -58.89 10.34
CA LYS C 85 1.11 -58.09 9.79
C LYS C 85 1.43 -57.68 8.37
N PRO C 86 0.56 -57.97 7.40
CA PRO C 86 0.75 -57.43 6.05
C PRO C 86 0.69 -55.91 6.09
N ARG C 87 1.45 -55.30 5.20
CA ARG C 87 1.87 -53.91 5.34
C ARG C 87 1.11 -53.10 4.27
N ILE C 88 0.06 -52.40 4.71
CA ILE C 88 -0.96 -51.83 3.83
C ILE C 88 -1.10 -50.34 4.12
N ILE C 89 -1.65 -49.60 3.16
CA ILE C 89 -1.84 -48.17 3.31
C ILE C 89 -3.33 -47.84 3.20
N PRO C 90 -3.96 -47.33 4.26
CA PRO C 90 -3.31 -47.15 5.57
C PRO C 90 -3.12 -48.46 6.33
N GLU C 91 -2.44 -48.40 7.47
CA GLU C 91 -2.08 -49.58 8.24
C GLU C 91 -3.32 -50.27 8.82
N ILE C 92 -3.23 -51.59 8.94
CA ILE C 92 -4.29 -52.37 9.56
C ILE C 92 -4.16 -52.24 11.07
N LEU C 93 -5.27 -51.91 11.74
CA LEU C 93 -5.21 -51.59 13.17
C LEU C 93 -4.89 -52.82 14.01
N GLN C 94 -5.42 -53.98 13.63
CA GLN C 94 -5.29 -55.20 14.42
C GLN C 94 -5.00 -56.37 13.51
N TRP C 95 -3.97 -57.16 13.85
CA TRP C 95 -3.60 -58.33 13.08
C TRP C 95 -3.29 -59.49 14.03
N LYS C 96 -4.02 -60.59 13.87
CA LYS C 96 -3.75 -61.83 14.59
C LYS C 96 -3.13 -62.81 13.58
N GLY C 97 -1.81 -62.92 13.60
CA GLY C 97 -1.14 -63.73 12.59
C GLY C 97 -1.52 -65.21 12.70
N GLY C 98 -1.65 -65.85 11.54
CA GLY C 98 -1.87 -67.27 11.46
C GLY C 98 -0.65 -67.99 10.90
N GLN C 99 -0.81 -69.30 10.67
CA GLN C 99 0.14 -70.09 9.90
C GLN C 99 -0.29 -70.40 8.47
N GLY C 100 0.62 -70.16 7.55
CA GLY C 100 0.61 -70.67 6.18
C GLY C 100 0.30 -69.57 5.17
N GLU C 101 0.31 -69.98 3.91
CA GLU C 101 -0.17 -69.13 2.83
C GLU C 101 -1.47 -69.75 2.33
N TYR C 102 -2.43 -68.92 1.92
CA TYR C 102 -3.35 -69.38 0.88
C TYR C 102 -3.04 -68.83 -0.51
N LYS C 103 -2.48 -69.78 -1.28
CA LYS C 103 -2.10 -69.68 -2.68
C LYS C 103 -3.33 -69.82 -3.56
N LEU C 104 -3.47 -68.87 -4.49
CA LEU C 104 -4.58 -68.87 -5.44
C LEU C 104 -4.22 -69.65 -6.69
N GLY C 105 -5.22 -70.27 -7.29
CA GLY C 105 -5.08 -70.85 -8.62
C GLY C 105 -5.14 -69.75 -9.65
N ASN C 106 -5.36 -70.13 -10.90
CA ASN C 106 -5.60 -69.12 -11.93
C ASN C 106 -7.04 -69.16 -12.43
N THR C 107 -7.98 -69.29 -11.49
CA THR C 107 -9.33 -68.74 -11.58
C THR C 107 -9.71 -68.43 -10.15
N VAL C 108 -10.35 -67.29 -9.94
CA VAL C 108 -10.66 -66.82 -8.61
C VAL C 108 -12.17 -66.68 -8.54
N THR C 109 -12.78 -67.19 -7.47
CA THR C 109 -14.22 -67.05 -7.27
C THR C 109 -14.47 -65.98 -6.21
N ILE C 110 -15.49 -65.14 -6.42
CA ILE C 110 -15.95 -64.19 -5.41
C ILE C 110 -17.46 -64.30 -5.25
N ALA C 111 -17.91 -64.29 -3.99
CA ALA C 111 -19.32 -64.29 -3.63
C ALA C 111 -19.62 -63.02 -2.85
N CYS C 112 -20.38 -62.12 -3.45
CA CYS C 112 -20.69 -60.85 -2.83
C CYS C 112 -22.18 -60.57 -2.85
N PRO C 113 -22.73 -60.03 -1.76
CA PRO C 113 -24.16 -59.72 -1.71
C PRO C 113 -24.53 -58.46 -2.47
N ASP C 114 -23.76 -57.38 -2.27
CA ASP C 114 -23.99 -56.15 -3.03
C ASP C 114 -23.65 -56.37 -4.49
N LYS C 115 -24.67 -56.29 -5.35
CA LYS C 115 -24.46 -56.57 -6.76
C LYS C 115 -23.43 -55.64 -7.39
N GLU C 116 -23.43 -54.35 -7.06
CA GLU C 116 -22.58 -53.52 -7.90
C GLU C 116 -21.17 -53.48 -7.34
N LEU C 117 -21.04 -53.62 -6.02
CA LEU C 117 -19.73 -53.77 -5.40
C LEU C 117 -19.06 -55.07 -5.84
N GLY C 118 -19.82 -56.16 -5.88
CA GLY C 118 -19.28 -57.39 -6.41
C GLY C 118 -18.79 -57.23 -7.83
N LYS C 119 -19.47 -56.39 -8.62
CA LYS C 119 -19.06 -56.15 -9.99
C LYS C 119 -17.70 -55.45 -10.08
N LEU C 120 -17.47 -54.39 -9.28
CA LEU C 120 -16.23 -53.64 -9.49
C LEU C 120 -15.05 -54.42 -8.95
N PHE C 121 -15.26 -55.08 -7.81
CA PHE C 121 -14.20 -55.82 -7.16
C PHE C 121 -13.71 -56.94 -8.07
N ALA C 122 -14.64 -57.63 -8.73
CA ALA C 122 -14.28 -58.62 -9.73
C ALA C 122 -13.30 -58.02 -10.75
N ALA C 123 -13.65 -56.86 -11.31
CA ALA C 123 -12.82 -56.27 -12.34
C ALA C 123 -11.48 -55.78 -11.77
N ASP C 124 -11.50 -55.26 -10.54
CA ASP C 124 -10.26 -54.79 -9.93
C ASP C 124 -9.24 -55.92 -9.83
N GLU C 126 -9.00 -58.66 -11.47
CA GLU C 126 -8.60 -59.18 -12.77
C GLU C 126 -7.55 -58.27 -13.41
N ASP C 127 -7.62 -56.96 -13.14
CA ASP C 127 -6.54 -56.05 -13.53
C ASP C 127 -5.31 -56.19 -12.64
N VAL C 128 -5.48 -56.56 -11.37
CA VAL C 128 -4.32 -56.69 -10.49
C VAL C 128 -3.62 -58.03 -10.69
N LEU C 129 -4.38 -59.11 -10.81
CA LEU C 129 -3.79 -60.45 -10.91
C LEU C 129 -3.39 -60.80 -12.33
N GLY C 130 -4.22 -60.43 -13.31
CA GLY C 130 -4.03 -60.87 -14.67
C GLY C 130 -4.70 -62.17 -15.05
N LYS C 131 -5.76 -62.61 -14.38
CA LYS C 131 -6.42 -63.89 -14.69
C LYS C 131 -7.94 -63.72 -14.58
N LYS C 132 -8.80 -64.61 -15.19
CA LYS C 132 -10.16 -64.11 -15.31
C LYS C 132 -10.56 -64.13 -13.86
N VAL C 133 -11.59 -63.41 -13.57
CA VAL C 133 -12.35 -63.67 -12.37
C VAL C 133 -13.80 -63.64 -12.79
N LYS C 134 -14.67 -64.37 -12.08
CA LYS C 134 -16.10 -64.17 -12.21
C LYS C 134 -16.83 -64.67 -10.98
N LEU C 135 -18.10 -64.23 -10.84
CA LEU C 135 -18.76 -64.22 -9.55
C LEU C 135 -19.58 -65.48 -9.36
N VAL C 136 -20.12 -65.67 -8.15
CA VAL C 136 -20.99 -66.78 -7.81
C VAL C 136 -22.11 -66.28 -6.91
N ALA C 137 -23.03 -67.20 -6.55
CA ALA C 137 -24.18 -66.93 -5.68
C ALA C 137 -23.74 -66.26 -4.38
N PRO C 138 -24.58 -65.39 -3.78
CA PRO C 138 -24.12 -64.65 -2.58
C PRO C 138 -23.67 -65.56 -1.45
N GLY C 139 -24.29 -66.72 -1.31
CA GLY C 139 -23.82 -67.74 -0.39
C GLY C 139 -23.52 -69.02 -1.15
N ALA C 140 -22.35 -69.08 -1.77
CA ALA C 140 -21.85 -70.30 -2.42
C ALA C 140 -20.39 -70.45 -2.06
N LYS C 141 -19.85 -71.63 -2.34
CA LYS C 141 -18.52 -71.97 -1.87
C LYS C 141 -17.52 -71.26 -2.77
N ALA C 142 -16.83 -70.26 -2.22
CA ALA C 142 -15.97 -69.37 -3.01
C ALA C 142 -14.69 -69.05 -2.27
N ASP C 143 -13.60 -69.05 -3.03
CA ASP C 143 -12.32 -68.39 -2.75
C ASP C 143 -12.50 -67.25 -1.76
N ILE C 144 -12.87 -66.08 -2.28
CA ILE C 144 -13.20 -64.92 -1.47
C ILE C 144 -14.71 -64.87 -1.35
N SER C 145 -15.20 -64.76 -0.11
CA SER C 145 -16.64 -64.66 0.12
C SER C 145 -16.90 -63.52 1.08
N LEU C 146 -17.81 -62.63 0.71
CA LEU C 146 -18.14 -61.45 1.51
C LEU C 146 -19.56 -61.57 2.05
N SER C 147 -19.78 -61.03 3.25
CA SER C 147 -21.12 -61.06 3.85
C SER C 147 -21.20 -59.95 4.89
N LEU C 148 -22.36 -59.86 5.52
CA LEU C 148 -22.76 -58.70 6.31
C LEU C 148 -22.86 -59.15 7.75
N LEU C 149 -22.09 -58.53 8.64
CA LEU C 149 -22.13 -58.92 10.04
C LEU C 149 -23.39 -58.41 10.74
N LYS C 150 -23.78 -59.15 11.77
CA LYS C 150 -24.82 -58.77 12.72
C LYS C 150 -24.14 -58.23 13.98
N GLY C 151 -24.35 -56.94 14.25
CA GLY C 151 -23.79 -56.33 15.44
C GLY C 151 -22.30 -56.04 15.36
N GLY C 152 -21.51 -56.71 16.22
CA GLY C 152 -20.09 -56.43 16.27
C GLY C 152 -19.82 -55.00 16.71
N ASN C 153 -18.55 -54.60 16.52
CA ASN C 153 -18.16 -53.22 16.72
C ASN C 153 -17.63 -52.57 15.45
N LEU C 154 -17.57 -53.32 14.35
CA LEU C 154 -16.92 -52.84 13.12
C LEU C 154 -17.43 -51.46 12.71
N GLY C 155 -18.74 -51.26 12.72
CA GLY C 155 -19.29 -49.98 12.34
C GLY C 155 -19.52 -49.89 10.85
N ARG C 156 -19.70 -48.67 10.36
CA ARG C 156 -20.09 -48.55 8.97
C ARG C 156 -18.89 -48.77 8.05
N GLU C 157 -17.68 -48.50 8.55
CA GLU C 157 -16.50 -48.57 7.72
C GLU C 157 -15.59 -49.75 8.03
N GLY C 158 -15.72 -50.38 9.21
CA GLY C 158 -14.82 -51.46 9.57
C GLY C 158 -15.08 -52.75 8.83
N TYR C 159 -14.08 -53.64 8.85
CA TYR C 159 -14.19 -54.95 8.22
C TYR C 159 -13.37 -55.97 9.02
N ARG C 160 -13.71 -57.24 8.80
CA ARG C 160 -13.01 -58.43 9.28
C ARG C 160 -12.49 -59.25 8.09
N LEU C 161 -11.18 -59.23 7.91
CA LEU C 161 -10.51 -59.96 6.84
C LEU C 161 -9.87 -61.21 7.43
N GLN C 162 -10.33 -62.38 7.00
CA GLN C 162 -9.85 -63.65 7.51
C GLN C 162 -9.28 -64.50 6.38
N ILE C 163 -8.13 -65.11 6.64
CA ILE C 163 -7.41 -65.85 5.61
C ILE C 163 -6.92 -67.18 6.16
N ALA C 164 -7.61 -68.25 5.77
CA ALA C 164 -7.12 -69.62 5.86
C ALA C 164 -6.79 -70.07 4.44
N ARG C 165 -6.46 -71.35 4.27
CA ARG C 165 -6.43 -71.96 2.95
C ARG C 165 -7.73 -72.61 2.53
N ASP C 166 -8.79 -72.53 3.33
CA ASP C 166 -10.06 -72.95 2.78
C ASP C 166 -10.69 -71.83 1.96
N GLY C 167 -10.39 -70.59 2.31
CA GLY C 167 -10.93 -69.47 1.56
C GLY C 167 -10.57 -68.19 2.28
N VAL C 168 -10.91 -67.08 1.61
CA VAL C 168 -10.76 -65.76 2.19
C VAL C 168 -12.17 -65.32 2.56
N ARG C 169 -12.36 -64.78 3.76
CA ARG C 169 -13.70 -64.39 4.20
C ARG C 169 -13.63 -62.98 4.79
N LEU C 170 -14.18 -62.01 4.05
CA LEU C 170 -14.23 -60.62 4.46
C LEU C 170 -15.67 -60.25 4.78
N GLY C 171 -15.88 -59.69 5.97
CA GLY C 171 -17.23 -59.32 6.38
C GLY C 171 -17.22 -57.95 7.05
N ALA C 172 -18.40 -57.35 7.08
CA ALA C 172 -18.52 -56.01 7.65
C ALA C 172 -19.98 -55.77 8.03
N ALA C 173 -20.18 -54.78 8.90
CA ALA C 173 -21.54 -54.40 9.27
C ALA C 173 -22.24 -53.63 8.16
N ALA C 174 -21.48 -53.02 7.26
CA ALA C 174 -22.01 -52.17 6.20
C ALA C 174 -21.33 -52.52 4.88
N PRO C 175 -21.93 -52.15 3.75
CA PRO C 175 -21.25 -52.38 2.46
C PRO C 175 -20.00 -51.54 2.29
N THR C 176 -19.90 -50.39 2.95
CA THR C 176 -18.71 -49.57 2.80
C THR C 176 -17.48 -50.28 3.34
N GLY C 177 -17.61 -50.92 4.51
CA GLY C 177 -16.50 -51.69 5.05
C GLY C 177 -16.12 -52.87 4.16
N LEU C 178 -17.13 -53.48 3.53
CA LEU C 178 -16.85 -54.49 2.51
C LEU C 178 -15.92 -53.94 1.44
N PHE C 179 -16.15 -52.69 1.01
CA PHE C 179 -15.34 -52.12 -0.05
C PHE C 179 -13.94 -51.75 0.45
N TRP C 180 -13.85 -51.12 1.63
CA TRP C 180 -12.53 -50.90 2.22
C TRP C 180 -11.78 -52.21 2.36
N GLY C 181 -12.49 -53.29 2.69
CA GLY C 181 -11.83 -54.57 2.84
C GLY C 181 -11.20 -55.04 1.55
N THR C 182 -11.85 -54.76 0.42
CA THR C 182 -11.25 -55.08 -0.87
C THR C 182 -9.98 -54.27 -1.10
N ARG C 183 -9.98 -53.01 -0.70
CA ARG C 183 -8.78 -52.21 -0.85
C ARG C 183 -7.62 -52.86 -0.10
N THR C 184 -7.85 -53.30 1.14
CA THR C 184 -6.81 -54.01 1.87
C THR C 184 -6.37 -55.25 1.11
N LEU C 185 -7.32 -56.05 0.61
CA LEU C 185 -6.92 -57.16 -0.24
C LEU C 185 -6.08 -56.68 -1.42
N LEU C 186 -6.66 -55.86 -2.30
CA LEU C 186 -5.99 -55.66 -3.59
C LEU C 186 -4.59 -55.10 -3.40
N GLN C 187 -4.37 -54.31 -2.36
CA GLN C 187 -3.03 -53.79 -2.08
C GLN C 187 -2.04 -54.93 -1.80
N LEU C 189 -2.25 -58.10 -2.76
CA LEU C 189 -2.05 -58.90 -3.97
C LEU C 189 -1.13 -58.17 -4.95
N ARG C 190 -1.03 -56.84 -4.84
CA ARG C 190 -0.01 -56.10 -5.57
C ARG C 190 1.39 -56.50 -5.12
N GLN C 191 1.58 -56.71 -3.82
CA GLN C 191 2.87 -57.10 -3.27
C GLN C 191 3.15 -58.57 -3.52
N THR C 192 2.18 -59.43 -3.20
CA THR C 192 2.29 -60.88 -3.36
C THR C 192 1.09 -61.33 -4.20
N PRO C 193 1.20 -61.30 -5.53
CA PRO C 193 0.06 -61.70 -6.36
C PRO C 193 -0.25 -63.19 -6.28
N GLY C 194 0.75 -64.02 -5.98
CA GLY C 194 0.50 -65.45 -5.94
C GLY C 194 -0.36 -65.87 -4.74
N SER C 195 -0.06 -65.30 -3.57
CA SER C 195 -0.63 -65.82 -2.33
C SER C 195 -0.59 -64.76 -1.23
N VAL C 196 -1.46 -64.93 -0.24
CA VAL C 196 -1.54 -63.99 0.88
C VAL C 196 -1.24 -64.71 2.19
N PRO C 197 -0.64 -64.02 3.18
CA PRO C 197 -0.40 -64.67 4.47
C PRO C 197 -1.71 -64.92 5.21
N CYS C 198 -1.72 -65.99 6.00
CA CYS C 198 -2.90 -66.42 6.72
C CYS C 198 -3.04 -65.67 8.03
N GLY C 199 -4.28 -65.53 8.48
CA GLY C 199 -4.58 -64.81 9.70
C GLY C 199 -5.89 -64.06 9.59
N THR C 200 -6.10 -63.17 10.55
CA THR C 200 -7.34 -62.40 10.66
C THR C 200 -7.01 -60.94 10.96
N ALA C 201 -7.60 -60.04 10.17
CA ALA C 201 -7.46 -58.61 10.38
C ALA C 201 -8.78 -58.01 10.85
N VAL C 202 -8.69 -57.10 11.82
CA VAL C 202 -9.82 -56.27 12.22
C VAL C 202 -9.36 -54.81 12.09
N ASP C 203 -9.98 -54.07 11.17
CA ASP C 203 -9.56 -52.73 10.83
C ASP C 203 -10.76 -51.80 10.75
N PHE C 204 -10.55 -50.55 11.19
CA PHE C 204 -11.56 -49.50 11.06
C PHE C 204 -10.89 -48.14 11.22
N PRO C 205 -11.48 -47.08 10.66
CA PRO C 205 -10.87 -45.75 10.72
C PRO C 205 -10.90 -45.18 12.13
N ARG C 206 -9.86 -44.43 12.51
CA ARG C 206 -9.95 -43.79 13.82
C ARG C 206 -10.72 -42.48 13.68
N TYR C 207 -10.78 -41.93 12.46
CA TYR C 207 -11.54 -40.73 12.13
C TYR C 207 -12.53 -40.99 11.00
N GLN C 208 -13.63 -40.24 11.03
CA GLN C 208 -14.74 -40.42 10.10
C GLN C 208 -14.42 -39.82 8.74
N LEU C 209 -14.11 -38.53 8.73
CA LEU C 209 -13.97 -37.74 7.52
C LEU C 209 -12.50 -37.68 7.14
N ARG C 210 -12.16 -38.28 6.00
CA ARG C 210 -10.78 -38.34 5.51
C ARG C 210 -10.76 -37.72 4.12
N GLY C 211 -10.51 -36.41 4.07
CA GLY C 211 -10.89 -35.62 2.92
C GLY C 211 -9.82 -34.89 2.13
N PHE C 212 -10.18 -34.53 0.89
CA PHE C 212 -9.32 -33.79 -0.02
C PHE C 212 -10.17 -32.74 -0.72
N LEU C 214 -10.42 -29.88 -3.72
CA LEU C 214 -9.84 -29.50 -5.01
C LEU C 214 -10.59 -28.31 -5.59
N ASP C 215 -9.85 -27.23 -5.85
CA ASP C 215 -10.38 -26.03 -6.50
C ASP C 215 -10.50 -26.29 -7.99
N VAL C 216 -11.66 -26.76 -8.43
CA VAL C 216 -11.91 -27.04 -9.84
C VAL C 216 -12.49 -25.82 -10.55
N ALA C 217 -12.29 -24.63 -10.01
CA ALA C 217 -12.90 -23.43 -10.55
C ALA C 217 -11.91 -22.45 -11.16
N ARG C 218 -10.74 -22.30 -10.56
CA ARG C 218 -9.81 -21.28 -11.06
C ARG C 218 -9.06 -21.76 -12.28
N THR C 219 -8.97 -23.07 -12.49
CA THR C 219 -8.46 -23.71 -13.68
C THR C 219 -9.24 -25.01 -13.84
N PRO C 220 -9.42 -25.50 -15.05
CA PRO C 220 -10.41 -26.57 -15.25
C PRO C 220 -9.83 -27.97 -15.06
N TYR C 221 -10.74 -28.89 -14.74
CA TYR C 221 -10.42 -30.29 -14.49
C TYR C 221 -11.47 -31.12 -15.21
N PRO C 222 -11.09 -31.92 -16.21
CA PRO C 222 -12.06 -32.81 -16.84
C PRO C 222 -12.52 -33.91 -15.89
N LEU C 223 -13.69 -34.47 -16.20
CA LEU C 223 -14.28 -35.50 -15.34
C LEU C 223 -13.38 -36.73 -15.24
N SER C 224 -12.73 -37.11 -16.35
CA SER C 224 -11.84 -38.26 -16.33
C SER C 224 -10.79 -38.13 -15.24
N TYR C 225 -10.25 -36.92 -15.05
CA TYR C 225 -9.33 -36.68 -13.95
C TYR C 225 -10.02 -36.81 -12.60
N LEU C 226 -11.24 -36.29 -12.48
CA LEU C 226 -11.95 -36.38 -11.22
C LEU C 226 -12.24 -37.83 -10.85
N LYS C 227 -12.38 -38.71 -11.85
CA LYS C 227 -12.60 -40.12 -11.54
C LYS C 227 -11.29 -40.81 -11.17
N ASP C 228 -10.16 -40.33 -11.69
CA ASP C 228 -8.87 -40.76 -11.20
C ASP C 228 -8.62 -40.32 -9.77
N VAL C 229 -9.25 -39.21 -9.35
CA VAL C 229 -9.10 -38.79 -7.97
C VAL C 229 -9.97 -39.63 -7.04
N ILE C 230 -11.18 -39.98 -7.48
CA ILE C 230 -12.06 -40.81 -6.65
C ILE C 230 -11.44 -42.17 -6.38
N ARG C 231 -10.85 -42.79 -7.40
CA ARG C 231 -10.32 -44.15 -7.22
C ARG C 231 -9.05 -44.15 -6.39
N THR C 232 -8.18 -43.15 -6.60
CA THR C 232 -6.90 -43.14 -5.89
C THR C 232 -7.09 -42.90 -4.39
N ALA C 234 -9.92 -43.82 -2.79
CA ALA C 234 -10.42 -45.06 -2.22
C ALA C 234 -9.27 -46.04 -1.99
N TRP C 235 -8.30 -46.05 -2.90
CA TRP C 235 -7.11 -46.88 -2.76
C TRP C 235 -6.41 -46.66 -1.43
N TYR C 236 -6.56 -45.48 -0.84
CA TYR C 236 -5.98 -45.19 0.46
C TYR C 236 -7.06 -44.97 1.52
N LYS C 237 -8.31 -45.36 1.23
CA LYS C 237 -9.41 -45.32 2.20
C LYS C 237 -9.72 -43.89 2.66
N ASN C 239 -12.44 -40.68 2.08
CA ASN C 239 -13.87 -40.76 1.83
C ASN C 239 -14.58 -39.44 1.61
N ASP C 240 -13.88 -38.31 1.58
CA ASP C 240 -14.53 -37.00 1.47
C ASP C 240 -13.84 -36.19 0.37
N LEU C 241 -14.61 -35.81 -0.65
CA LEU C 241 -14.08 -35.08 -1.80
C LEU C 241 -14.81 -33.74 -1.90
N HIS C 242 -14.10 -32.66 -1.59
CA HIS C 242 -14.66 -31.32 -1.53
C HIS C 242 -14.29 -30.61 -2.83
N LEU C 243 -15.29 -30.34 -3.66
CA LEU C 243 -15.09 -29.72 -4.97
C LEU C 243 -15.66 -28.32 -4.97
N VAL C 244 -14.78 -27.33 -5.17
CA VAL C 244 -15.18 -25.94 -5.29
C VAL C 244 -15.80 -25.72 -6.67
N ILE C 245 -17.12 -25.53 -6.73
CA ILE C 245 -17.84 -25.44 -8.00
C ILE C 245 -17.70 -24.06 -8.65
N ASN C 246 -17.52 -23.01 -7.85
CA ASN C 246 -17.38 -21.69 -8.43
C ASN C 246 -16.35 -20.90 -7.64
N ASN C 247 -15.63 -20.05 -8.36
CA ASN C 247 -14.69 -19.11 -7.75
C ASN C 247 -14.19 -18.15 -8.83
N ASN C 248 -13.31 -17.23 -8.45
CA ASN C 248 -12.55 -16.39 -9.38
C ASN C 248 -11.10 -16.17 -8.97
N TYR C 249 -10.40 -15.57 -9.93
CA TYR C 249 -9.09 -14.96 -9.75
C TYR C 249 -9.11 -13.99 -8.58
N ILE C 250 -8.04 -14.05 -7.77
CA ILE C 250 -7.97 -13.31 -6.53
C ILE C 250 -7.61 -11.85 -6.77
N PHE C 251 -6.61 -11.61 -7.61
CA PHE C 251 -5.86 -10.35 -7.58
C PHE C 251 -6.41 -9.37 -8.61
N HIS C 252 -7.64 -8.91 -8.33
CA HIS C 252 -8.29 -7.95 -9.21
C HIS C 252 -7.47 -6.68 -9.35
N GLU C 253 -6.68 -6.34 -8.33
CA GLU C 253 -5.81 -5.17 -8.43
C GLU C 253 -4.93 -5.23 -9.67
N HIS C 254 -4.52 -6.46 -10.06
CA HIS C 254 -3.63 -6.62 -11.22
C HIS C 254 -4.18 -5.97 -12.47
N TYR C 255 -5.50 -6.05 -12.66
CA TYR C 255 -6.17 -5.36 -13.75
C TYR C 255 -6.34 -3.87 -13.44
N VAL C 256 -6.95 -3.56 -12.28
CA VAL C 256 -7.16 -2.17 -11.88
C VAL C 256 -5.87 -1.37 -12.02
N ASP C 257 -4.77 -1.89 -11.45
CA ASP C 257 -3.54 -1.10 -11.41
C ASP C 257 -2.91 -0.93 -12.78
N ASN C 258 -3.43 -1.58 -13.82
CA ASN C 258 -2.85 -1.51 -15.15
C ASN C 258 -3.86 -1.02 -16.17
N GLY C 259 -4.92 -0.38 -15.70
CA GLY C 259 -5.92 0.19 -16.58
C GLY C 259 -6.95 -0.78 -17.12
N HIS C 260 -7.25 -1.87 -16.43
CA HIS C 260 -8.24 -2.79 -16.94
C HIS C 260 -9.31 -3.07 -15.89
N ASP C 261 -10.45 -3.56 -16.38
CA ASP C 261 -11.64 -3.79 -15.58
C ASP C 261 -11.70 -5.24 -15.13
N PRO C 262 -11.43 -5.54 -13.87
CA PRO C 262 -11.55 -6.92 -13.40
C PRO C 262 -12.96 -7.45 -13.49
N PHE C 263 -13.96 -6.58 -13.44
CA PHE C 263 -15.34 -7.04 -13.54
C PHE C 263 -15.61 -7.68 -14.90
N LYS C 264 -14.85 -7.27 -15.92
CA LYS C 264 -14.99 -7.82 -17.26
C LYS C 264 -13.94 -8.87 -17.58
N GLU C 265 -12.75 -8.80 -16.97
CA GLU C 265 -11.58 -9.53 -17.45
C GLU C 265 -11.01 -10.58 -16.49
N SER C 266 -11.27 -10.47 -15.19
CA SER C 266 -10.80 -11.50 -14.27
C SER C 266 -11.46 -12.83 -14.61
N TYR C 267 -10.70 -13.91 -14.48
CA TYR C 267 -11.23 -15.24 -14.71
C TYR C 267 -12.24 -15.59 -13.63
N ALA C 268 -13.38 -16.11 -14.05
CA ALA C 268 -14.36 -16.62 -13.10
C ALA C 268 -15.00 -17.86 -13.70
N ALA C 269 -15.44 -18.76 -12.83
CA ALA C 269 -16.08 -19.97 -13.35
C ALA C 269 -17.12 -20.46 -12.36
N PHE C 270 -18.21 -21.00 -12.91
CA PHE C 270 -19.23 -21.76 -12.20
C PHE C 270 -19.38 -23.05 -12.98
N ARG C 271 -18.86 -24.15 -12.44
CA ARG C 271 -18.57 -25.34 -13.23
C ARG C 271 -19.78 -26.22 -13.50
N LEU C 272 -20.94 -25.95 -12.90
CA LEU C 272 -22.13 -26.74 -13.16
C LEU C 272 -23.02 -26.06 -14.20
N GLU C 273 -23.44 -26.83 -15.20
CA GLU C 273 -24.46 -26.40 -16.14
C GLU C 273 -25.74 -25.93 -15.44
N SER C 274 -26.12 -24.69 -15.71
CA SER C 274 -27.23 -24.01 -15.06
C SER C 274 -28.06 -23.22 -16.06
N LYS C 275 -29.36 -23.12 -15.79
CA LYS C 275 -30.19 -22.26 -16.60
C LYS C 275 -30.02 -20.78 -16.25
N LYS C 277 -29.01 -17.30 -16.41
CA LYS C 277 -28.35 -16.31 -17.29
C LYS C 277 -28.66 -14.90 -16.84
N GLY C 278 -27.80 -13.97 -17.29
CA GLY C 278 -27.97 -12.58 -16.99
C GLY C 278 -28.79 -11.85 -18.04
N LYS C 279 -29.11 -10.60 -17.74
CA LYS C 279 -29.89 -9.80 -18.68
C LYS C 279 -29.15 -9.62 -20.00
N ASP C 280 -27.87 -9.25 -19.95
CA ASP C 280 -27.13 -9.11 -21.20
C ASP C 280 -26.96 -10.44 -21.95
N GLY C 281 -27.40 -11.55 -21.38
CA GLY C 281 -27.15 -12.85 -21.94
C GLY C 281 -25.90 -13.55 -21.43
N THR C 282 -25.38 -13.15 -20.26
CA THR C 282 -24.19 -13.81 -19.71
C THR C 282 -24.61 -15.00 -18.86
N PRO C 283 -24.06 -16.19 -19.09
CA PRO C 283 -24.47 -17.36 -18.30
C PRO C 283 -23.66 -17.50 -17.02
N LEU C 284 -24.34 -18.01 -15.99
CA LEU C 284 -23.64 -18.38 -14.76
C LEU C 284 -22.58 -19.43 -15.04
N THR C 285 -22.93 -20.43 -15.84
CA THR C 285 -22.02 -21.54 -16.09
C THR C 285 -20.83 -21.09 -16.93
N ALA C 286 -19.63 -21.46 -16.50
CA ALA C 286 -18.44 -21.15 -17.28
C ALA C 286 -18.51 -21.86 -18.63
N ARG C 287 -17.94 -21.22 -19.64
CA ARG C 287 -18.13 -21.63 -21.02
C ARG C 287 -16.93 -22.37 -21.61
N ASP C 288 -15.80 -22.41 -20.90
CA ASP C 288 -14.61 -23.11 -21.40
C ASP C 288 -14.63 -24.60 -21.06
N LEU C 289 -15.07 -24.95 -19.85
CA LEU C 289 -15.28 -26.34 -19.45
C LEU C 289 -16.32 -26.33 -18.34
N PHE C 290 -17.21 -27.33 -18.36
CA PHE C 290 -18.18 -27.46 -17.28
C PHE C 290 -18.71 -28.88 -17.25
N TYR C 291 -19.50 -29.17 -16.23
CA TYR C 291 -20.16 -30.45 -16.07
C TYR C 291 -21.67 -30.27 -16.16
N THR C 292 -22.32 -31.13 -16.92
CA THR C 292 -23.78 -31.11 -16.95
C THR C 292 -24.34 -31.66 -15.65
N LYS C 293 -25.56 -31.22 -15.31
CA LYS C 293 -26.28 -31.80 -14.17
C LYS C 293 -26.22 -33.32 -14.20
N LYS C 294 -26.41 -33.92 -15.39
CA LYS C 294 -26.38 -35.37 -15.51
C LYS C 294 -24.98 -35.92 -15.22
N GLU C 295 -23.95 -35.26 -15.74
CA GLU C 295 -22.59 -35.75 -15.52
C GLU C 295 -22.24 -35.72 -14.04
N PHE C 296 -22.59 -34.64 -13.35
CA PHE C 296 -22.20 -34.48 -11.96
C PHE C 296 -22.93 -35.49 -11.06
N ALA C 297 -24.25 -35.60 -11.24
CA ALA C 297 -25.01 -36.58 -10.46
C ALA C 297 -24.51 -37.99 -10.71
N ASP C 298 -24.09 -38.29 -11.95
CA ASP C 298 -23.44 -39.56 -12.24
C ASP C 298 -22.07 -39.67 -11.59
N LEU C 299 -21.36 -38.55 -11.45
CA LEU C 299 -20.07 -38.58 -10.77
C LEU C 299 -20.25 -38.76 -9.26
N VAL C 300 -21.29 -38.15 -8.68
CA VAL C 300 -21.51 -38.30 -7.24
C VAL C 300 -21.79 -39.75 -6.88
N SER C 301 -22.61 -40.43 -7.70
CA SER C 301 -22.92 -41.83 -7.44
C SER C 301 -21.83 -42.78 -7.91
N TYR C 302 -20.87 -42.32 -8.73
CA TYR C 302 -19.69 -43.13 -8.99
C TYR C 302 -18.78 -43.13 -7.78
N ALA C 303 -18.66 -41.97 -7.12
CA ALA C 303 -17.90 -41.92 -5.89
C ALA C 303 -18.57 -42.75 -4.78
N ARG C 304 -19.92 -42.80 -4.75
CA ARG C 304 -20.59 -43.56 -3.69
C ARG C 304 -20.09 -44.99 -3.70
N LYS C 305 -19.93 -45.54 -4.91
CA LYS C 305 -19.50 -46.92 -5.09
C LYS C 305 -18.14 -47.15 -4.49
N TYR C 306 -17.28 -46.13 -4.48
CA TYR C 306 -15.93 -46.23 -3.96
C TYR C 306 -15.79 -45.63 -2.58
N GLY C 307 -16.90 -45.57 -1.83
CA GLY C 307 -16.88 -45.05 -0.47
C GLY C 307 -16.51 -43.59 -0.37
N VAL C 308 -16.58 -42.85 -1.46
CA VAL C 308 -16.17 -41.46 -1.51
C VAL C 308 -17.41 -40.57 -1.55
N ASN C 309 -17.46 -39.59 -0.67
CA ASN C 309 -18.56 -38.63 -0.61
C ASN C 309 -18.12 -37.31 -1.23
N ILE C 310 -18.74 -36.93 -2.35
CA ILE C 310 -18.45 -35.67 -3.01
C ILE C 310 -19.24 -34.55 -2.34
N VAL C 311 -18.53 -33.50 -1.93
CA VAL C 311 -19.16 -32.36 -1.28
C VAL C 311 -19.00 -31.15 -2.19
N PRO C 312 -20.06 -30.66 -2.82
CA PRO C 312 -19.94 -29.49 -3.70
C PRO C 312 -19.99 -28.20 -2.90
N GLU C 313 -19.21 -27.22 -3.35
CA GLU C 313 -19.14 -25.92 -2.68
C GLU C 313 -19.61 -24.81 -3.63
N PHE C 314 -20.68 -24.11 -3.25
CA PHE C 314 -21.08 -22.85 -3.88
C PHE C 314 -20.53 -21.73 -3.02
N ASP C 315 -19.44 -21.11 -3.44
CA ASP C 315 -18.72 -20.18 -2.58
C ASP C 315 -19.35 -18.80 -2.74
N THR C 316 -20.14 -18.40 -1.75
CA THR C 316 -20.75 -17.10 -1.62
C THR C 316 -20.62 -16.67 -0.16
N PRO C 317 -20.78 -15.38 0.14
CA PRO C 317 -21.00 -14.22 -0.74
C PRO C 317 -19.72 -13.80 -1.47
N GLY C 318 -18.58 -14.28 -0.95
CA GLY C 318 -17.32 -14.00 -1.59
C GLY C 318 -16.95 -15.00 -2.67
N HIS C 319 -15.99 -14.59 -3.51
CA HIS C 319 -15.55 -15.40 -4.64
C HIS C 319 -16.72 -15.69 -5.58
N ALA C 320 -17.56 -14.66 -5.79
CA ALA C 320 -18.82 -14.81 -6.50
C ALA C 320 -18.89 -13.92 -7.74
N LEU C 321 -17.75 -13.64 -8.37
CA LEU C 321 -17.74 -12.86 -9.60
C LEU C 321 -18.65 -13.46 -10.67
N SER C 322 -18.74 -14.79 -10.72
CA SER C 322 -19.71 -15.42 -11.60
C SER C 322 -21.13 -15.04 -11.23
N PHE C 323 -21.38 -14.68 -9.98
CA PHE C 323 -22.70 -14.20 -9.60
C PHE C 323 -22.86 -12.70 -9.84
N THR C 324 -21.90 -11.90 -9.39
CA THR C 324 -22.03 -10.46 -9.56
C THR C 324 -22.07 -10.05 -11.03
N ARG C 325 -21.61 -10.91 -11.93
CA ARG C 325 -21.72 -10.62 -13.36
C ARG C 325 -23.14 -10.76 -13.88
N LEU C 326 -24.02 -11.42 -13.14
CA LEU C 326 -25.44 -11.46 -13.51
C LEU C 326 -26.23 -10.35 -12.83
N ARG C 327 -25.86 -10.00 -11.61
CA ARG C 327 -26.58 -9.01 -10.82
C ARG C 327 -25.58 -7.99 -10.29
N PRO C 328 -25.09 -7.10 -11.15
CA PRO C 328 -24.13 -6.08 -10.70
C PRO C 328 -24.65 -5.18 -9.59
N ASP C 329 -25.96 -5.06 -9.43
CA ASP C 329 -26.53 -4.27 -8.33
C ASP C 329 -26.35 -4.94 -6.97
N LEU C 330 -26.04 -6.23 -6.95
CA LEU C 330 -25.83 -6.96 -5.71
C LEU C 330 -24.38 -6.94 -5.24
N ILE C 331 -23.48 -6.27 -5.98
CA ILE C 331 -22.14 -6.04 -5.49
C ILE C 331 -22.20 -5.22 -4.20
N TYR C 332 -21.41 -5.63 -3.20
CA TYR C 332 -21.45 -5.01 -1.88
C TYR C 332 -21.05 -3.53 -1.94
N LYS C 333 -21.85 -2.69 -1.27
CA LYS C 333 -21.77 -1.24 -1.42
C LYS C 333 -20.92 -0.54 -0.37
N GLY C 334 -20.87 -1.04 0.87
CA GLY C 334 -20.24 -0.31 1.95
C GLY C 334 -18.73 -0.16 1.92
N PRO C 335 -18.13 0.13 3.07
CA PRO C 335 -16.67 0.37 3.13
C PRO C 335 -15.88 -0.93 3.27
N ASN C 337 -11.43 -2.73 2.99
CA ASN C 337 -10.07 -2.77 2.50
C ASN C 337 -10.01 -3.62 1.25
N HIS C 338 -8.93 -3.48 0.50
CA HIS C 338 -8.80 -4.14 -0.81
C HIS C 338 -10.02 -3.83 -1.68
N GLU C 339 -10.36 -2.53 -1.71
CA GLU C 339 -11.53 -2.04 -2.45
C GLU C 339 -11.49 -2.41 -3.93
N LYS C 340 -10.30 -2.63 -4.47
CA LYS C 340 -10.20 -3.04 -5.86
C LYS C 340 -10.76 -4.43 -6.10
N ARG C 341 -10.93 -5.23 -5.05
CA ARG C 341 -11.53 -6.56 -5.16
C ARG C 341 -13.05 -6.55 -4.95
N ARG C 342 -13.69 -5.38 -4.97
CA ARG C 342 -15.10 -5.30 -4.58
C ARG C 342 -16.01 -6.05 -5.55
N CYS C 343 -15.71 -6.04 -6.86
CA CYS C 343 -16.60 -6.67 -7.85
C CYS C 343 -16.79 -8.17 -7.63
N GLU C 344 -15.98 -8.77 -6.77
CA GLU C 344 -16.14 -10.17 -6.36
C GLU C 344 -17.23 -10.35 -5.31
N LEU C 346 -20.66 -10.10 -2.96
CA LEU C 346 -22.11 -9.94 -2.96
C LEU C 346 -22.56 -9.25 -1.67
N ASP C 347 -23.56 -8.40 -1.79
CA ASP C 347 -24.03 -7.61 -0.65
C ASP C 347 -24.83 -8.50 0.31
N ALA C 348 -24.19 -8.94 1.39
CA ALA C 348 -24.91 -9.68 2.43
C ALA C 348 -25.98 -8.83 3.12
N ALA C 349 -25.84 -7.51 3.07
CA ALA C 349 -26.87 -6.63 3.62
C ALA C 349 -28.10 -6.57 2.72
N ASN C 350 -27.91 -6.67 1.42
CA ASN C 350 -29.02 -6.57 0.48
C ASN C 350 -29.98 -7.75 0.61
N PRO C 351 -31.26 -7.51 0.90
CA PRO C 351 -32.21 -8.63 0.99
C PRO C 351 -32.27 -9.47 -0.27
N GLU C 352 -31.97 -8.88 -1.44
CA GLU C 352 -32.05 -9.62 -2.69
C GLU C 352 -30.95 -10.67 -2.83
N THR C 353 -29.84 -10.53 -2.12
CA THR C 353 -28.73 -11.46 -2.29
C THR C 353 -29.13 -12.87 -1.91
N ILE C 354 -29.64 -13.04 -0.69
CA ILE C 354 -30.03 -14.38 -0.25
C ILE C 354 -31.11 -14.96 -1.17
N ASP C 355 -31.90 -14.11 -1.82
CA ASP C 355 -32.89 -14.58 -2.79
C ASP C 355 -32.21 -15.24 -3.98
N LEU C 356 -31.30 -14.52 -4.61
CA LEU C 356 -30.54 -15.06 -5.74
C LEU C 356 -29.77 -16.32 -5.33
N VAL C 357 -29.14 -16.27 -4.15
CA VAL C 357 -28.27 -17.36 -3.72
C VAL C 357 -29.08 -18.62 -3.45
N SER C 358 -30.20 -18.49 -2.73
CA SER C 358 -31.06 -19.65 -2.46
CA SER C 358 -31.06 -19.65 -2.46
C SER C 358 -31.67 -20.21 -3.73
N LYS C 359 -31.80 -19.41 -4.78
CA LYS C 359 -32.37 -19.93 -6.02
C LYS C 359 -31.37 -20.76 -6.78
N VAL C 360 -30.10 -20.33 -6.81
CA VAL C 360 -29.05 -21.16 -7.40
C VAL C 360 -28.96 -22.50 -6.67
N PHE C 361 -28.98 -22.46 -5.35
CA PHE C 361 -28.95 -23.68 -4.56
C PHE C 361 -30.15 -24.57 -4.88
N ASP C 362 -31.32 -23.97 -5.04
CA ASP C 362 -32.53 -24.76 -5.26
C ASP C 362 -32.52 -25.46 -6.60
N GLU C 363 -31.70 -24.99 -7.55
CA GLU C 363 -31.62 -25.63 -8.85
C GLU C 363 -30.96 -26.99 -8.78
N TYR C 364 -30.21 -27.25 -7.72
CA TYR C 364 -29.58 -28.54 -7.51
C TYR C 364 -30.06 -29.24 -6.25
N LEU C 366 -33.23 -29.07 -5.04
CA LEU C 366 -34.58 -29.55 -5.30
C LEU C 366 -34.58 -30.49 -6.50
N LYS C 367 -35.69 -31.22 -6.65
CA LYS C 367 -35.77 -32.25 -7.68
C LYS C 367 -35.68 -31.64 -9.08
N ASP C 368 -34.74 -32.17 -9.87
CA ASP C 368 -34.67 -31.81 -11.29
C ASP C 368 -35.72 -32.59 -12.06
N PRO C 369 -36.52 -31.92 -12.90
CA PRO C 369 -37.55 -32.65 -13.67
C PRO C 369 -36.98 -33.76 -14.54
N LYS C 370 -35.87 -33.52 -15.24
CA LYS C 370 -35.36 -34.50 -16.19
C LYS C 370 -34.66 -35.66 -15.48
N LEU C 371 -34.00 -35.39 -14.36
CA LEU C 371 -33.41 -36.44 -13.55
C LEU C 371 -34.44 -37.15 -12.67
N GLY C 372 -35.55 -36.49 -12.37
CA GLY C 372 -36.48 -37.02 -11.39
C GLY C 372 -35.93 -37.02 -9.99
N ARG C 373 -34.88 -36.22 -9.75
CA ARG C 373 -34.11 -36.26 -8.53
C ARG C 373 -33.51 -34.87 -8.35
N PRO C 374 -33.13 -34.51 -7.13
CA PRO C 374 -32.22 -33.37 -6.97
C PRO C 374 -30.86 -33.71 -7.58
N VAL C 375 -30.24 -32.71 -8.19
CA VAL C 375 -28.90 -32.94 -8.74
C VAL C 375 -27.95 -33.39 -7.65
N PHE C 376 -28.09 -32.82 -6.45
CA PHE C 376 -27.30 -33.20 -5.28
C PHE C 376 -27.93 -34.33 -4.48
N ALA C 377 -28.68 -35.23 -5.14
CA ALA C 377 -29.47 -36.21 -4.41
C ALA C 377 -28.60 -37.14 -3.56
N ASP C 378 -27.37 -37.40 -3.99
CA ASP C 378 -26.46 -38.27 -3.25
C ASP C 378 -25.37 -37.47 -2.55
N CYS C 379 -25.66 -36.20 -2.24
CA CYS C 379 -24.77 -35.33 -1.48
C CYS C 379 -25.44 -35.03 -0.14
N GLY C 380 -25.05 -35.76 0.90
CA GLY C 380 -25.54 -35.45 2.23
C GLY C 380 -24.99 -34.15 2.80
N VAL C 381 -23.89 -33.65 2.24
CA VAL C 381 -23.25 -32.43 2.71
C VAL C 381 -23.05 -31.49 1.53
N VAL C 382 -23.44 -30.23 1.70
CA VAL C 382 -23.26 -29.19 0.70
C VAL C 382 -22.51 -28.04 1.36
N HIS C 383 -21.37 -27.66 0.80
CA HIS C 383 -20.61 -26.55 1.34
C HIS C 383 -21.23 -25.23 0.89
N VAL C 384 -21.36 -24.29 1.82
CA VAL C 384 -21.97 -23.00 1.56
C VAL C 384 -20.95 -21.87 1.52
N GLY C 385 -19.68 -22.16 1.78
CA GLY C 385 -18.65 -21.16 1.64
C GLY C 385 -18.56 -20.20 2.81
N ALA C 386 -19.05 -18.97 2.61
CA ALA C 386 -18.98 -17.92 3.64
C ALA C 386 -17.55 -17.77 4.15
N ASP C 387 -16.62 -17.58 3.22
CA ASP C 387 -15.20 -17.57 3.54
C ASP C 387 -14.84 -16.26 4.27
N GLU C 388 -15.46 -15.20 3.82
CA GLU C 388 -15.23 -13.78 4.10
C GLU C 388 -16.50 -13.01 3.77
N PHE C 389 -16.65 -11.81 4.34
CA PHE C 389 -17.57 -10.80 3.77
C PHE C 389 -16.94 -9.43 3.54
N TYR C 390 -15.92 -9.05 4.30
CA TYR C 390 -15.30 -7.72 4.25
C TYR C 390 -16.31 -6.61 4.07
N GLY C 391 -17.41 -6.73 4.80
CA GLY C 391 -18.34 -5.67 5.12
C GLY C 391 -18.65 -5.74 6.61
N ASP C 392 -19.84 -5.32 7.03
CA ASP C 392 -20.15 -5.34 8.46
C ASP C 392 -20.32 -6.77 8.95
N LYS C 393 -19.72 -7.07 10.10
CA LYS C 393 -19.61 -8.45 10.53
C LYS C 393 -20.98 -9.06 10.82
N GLU C 394 -21.90 -8.25 11.35
CA GLU C 394 -23.24 -8.76 11.62
C GLU C 394 -23.99 -9.03 10.32
N ASP C 395 -23.64 -8.31 9.24
CA ASP C 395 -24.21 -8.61 7.93
C ASP C 395 -23.71 -9.94 7.39
N TYR C 396 -22.45 -10.28 7.68
CA TYR C 396 -21.93 -11.60 7.32
C TYR C 396 -22.66 -12.69 8.12
N ARG C 397 -22.70 -12.54 9.45
CA ARG C 397 -23.38 -13.52 10.28
C ARG C 397 -24.83 -13.70 9.84
N HIS C 398 -25.50 -12.59 9.51
CA HIS C 398 -26.88 -12.68 9.03
C HIS C 398 -26.96 -13.52 7.77
N PHE C 399 -26.02 -13.32 6.84
CA PHE C 399 -26.01 -14.08 5.61
C PHE C 399 -25.61 -15.54 5.85
N ALA C 400 -24.52 -15.75 6.59
CA ALA C 400 -24.07 -17.11 6.87
C ALA C 400 -25.19 -17.93 7.51
N ASN C 401 -25.99 -17.29 8.36
CA ASN C 401 -27.12 -17.96 9.01
C ASN C 401 -28.15 -18.39 7.97
N ALA C 402 -28.49 -17.49 7.03
CA ALA C 402 -29.54 -17.76 6.06
C ALA C 402 -29.12 -18.85 5.08
N VAL C 403 -27.87 -18.80 4.59
CA VAL C 403 -27.41 -19.81 3.66
C VAL C 403 -27.25 -21.16 4.37
N LEU C 404 -26.90 -21.17 5.66
CA LEU C 404 -26.82 -22.42 6.41
C LEU C 404 -28.20 -23.00 6.66
N THR C 405 -29.12 -22.17 7.15
CA THR C 405 -30.48 -22.62 7.44
C THR C 405 -31.14 -23.19 6.19
N HIS C 406 -30.94 -22.54 5.04
CA HIS C 406 -31.56 -22.99 3.79
C HIS C 406 -31.12 -24.40 3.44
N ALA C 407 -29.82 -24.69 3.56
CA ALA C 407 -29.35 -26.06 3.37
C ALA C 407 -30.01 -26.99 4.35
N LEU C 408 -30.03 -26.61 5.63
CA LEU C 408 -30.71 -27.39 6.66
C LEU C 408 -32.19 -27.52 6.35
N LYS C 409 -32.80 -26.45 5.87
CA LYS C 409 -34.22 -26.45 5.53
C LYS C 409 -34.51 -27.33 4.32
N ARG C 410 -33.56 -27.41 3.37
CA ARG C 410 -33.71 -28.27 2.21
C ARG C 410 -33.29 -29.71 2.47
N GLY C 411 -32.83 -30.01 3.68
CA GLY C 411 -32.50 -31.37 4.05
C GLY C 411 -31.05 -31.77 3.90
N TYR C 412 -30.13 -30.81 3.83
CA TYR C 412 -28.72 -31.09 3.68
C TYR C 412 -27.96 -30.64 4.93
N THR C 413 -26.87 -31.33 5.21
CA THR C 413 -25.96 -30.88 6.24
C THR C 413 -25.03 -29.85 5.65
N PRO C 414 -25.05 -28.60 6.10
CA PRO C 414 -24.18 -27.59 5.50
C PRO C 414 -22.77 -27.66 6.09
N ARG C 415 -21.79 -27.45 5.22
CA ARG C 415 -20.40 -27.31 5.62
C ARG C 415 -19.95 -25.89 5.27
N ILE C 416 -19.23 -25.26 6.20
CA ILE C 416 -18.93 -23.83 6.08
C ILE C 416 -17.46 -23.58 6.44
N TRP C 417 -16.89 -22.55 5.81
CA TRP C 417 -15.56 -22.11 6.20
C TRP C 417 -15.65 -21.37 7.53
N GLY C 418 -14.88 -21.83 8.52
CA GLY C 418 -14.96 -21.24 9.85
C GLY C 418 -14.39 -19.83 9.86
N SER C 419 -15.25 -18.84 10.17
CA SER C 419 -14.82 -17.44 10.17
C SER C 419 -15.37 -16.64 11.35
N LEU C 420 -15.83 -17.29 12.41
CA LEU C 420 -16.61 -16.58 13.43
C LEU C 420 -15.73 -15.80 14.40
N SER C 421 -14.56 -16.34 14.76
CA SER C 421 -13.60 -15.55 15.53
C SER C 421 -13.27 -14.25 14.81
N ALA C 422 -13.18 -14.27 13.49
CA ALA C 422 -12.87 -13.06 12.74
C ALA C 422 -14.11 -12.25 12.41
N LYS C 423 -15.29 -12.86 12.53
CA LYS C 423 -16.57 -12.17 12.33
C LYS C 423 -17.45 -12.37 13.57
N PRO C 424 -17.03 -11.86 14.72
CA PRO C 424 -17.86 -11.98 15.92
C PRO C 424 -18.98 -10.95 15.90
N GLY C 425 -20.00 -11.22 16.71
CA GLY C 425 -21.09 -10.27 16.80
C GLY C 425 -22.29 -10.86 17.52
N LYS C 426 -23.40 -10.14 17.39
CA LYS C 426 -24.60 -10.40 18.17
C LYS C 426 -25.62 -11.24 17.41
N THR C 427 -25.61 -11.16 16.09
CA THR C 427 -26.55 -11.90 15.25
C THR C 427 -26.26 -13.40 15.36
N PRO C 428 -27.16 -14.21 15.92
CA PRO C 428 -26.84 -15.62 16.14
C PRO C 428 -26.67 -16.39 14.82
N VAL C 429 -25.82 -17.41 14.87
CA VAL C 429 -25.53 -18.26 13.72
C VAL C 429 -25.78 -19.71 14.09
N VAL C 430 -26.38 -20.45 13.16
CA VAL C 430 -26.77 -21.83 13.45
C VAL C 430 -25.52 -22.65 13.80
N SER C 431 -25.72 -23.67 14.61
CA SER C 431 -24.66 -24.50 15.14
C SER C 431 -24.97 -25.97 15.00
N LYS C 432 -26.21 -26.37 15.32
CA LYS C 432 -26.57 -27.78 15.36
C LYS C 432 -26.74 -28.32 13.94
N GLY C 433 -26.11 -29.45 13.65
CA GLY C 433 -26.16 -30.01 12.32
C GLY C 433 -25.23 -29.38 11.32
N VAL C 434 -24.34 -28.48 11.77
CA VAL C 434 -23.43 -27.75 10.89
C VAL C 434 -22.02 -28.33 11.03
N GLN C 435 -21.41 -28.67 9.91
CA GLN C 435 -19.99 -29.00 9.85
C GLN C 435 -19.19 -27.73 9.54
N ASN C 437 -15.08 -26.04 8.59
CA ASN C 437 -13.70 -26.16 8.18
C ASN C 437 -12.87 -25.18 9.01
N LEU C 438 -11.98 -25.72 9.83
CA LEU C 438 -11.03 -24.87 10.58
C LEU C 438 -9.82 -24.62 9.68
N TRP C 439 -9.97 -23.68 8.75
CA TRP C 439 -8.91 -23.47 7.77
C TRP C 439 -7.84 -22.50 8.28
N SER C 440 -8.21 -21.59 9.18
CA SER C 440 -7.27 -20.66 9.80
C SER C 440 -7.70 -20.40 11.23
N THR C 441 -6.73 -20.45 12.16
CA THR C 441 -7.07 -20.13 13.54
C THR C 441 -7.22 -18.63 13.77
N GLY C 442 -6.67 -17.79 12.88
CA GLY C 442 -6.94 -16.37 12.99
C GLY C 442 -8.35 -15.97 12.61
N TRP C 443 -9.09 -16.88 11.97
CA TRP C 443 -10.49 -16.69 11.59
C TRP C 443 -11.44 -17.50 12.44
N LYS C 445 -10.93 -20.10 15.98
CA LYS C 445 -10.18 -20.94 16.91
C LYS C 445 -10.94 -22.23 17.17
N ALA C 446 -10.20 -23.34 17.23
CA ALA C 446 -10.82 -24.67 17.26
C ALA C 446 -11.61 -24.91 18.53
N TRP C 447 -11.16 -24.38 19.67
CA TRP C 447 -11.98 -24.48 20.88
C TRP C 447 -13.20 -23.57 20.79
N GLU C 448 -13.01 -22.35 20.29
CA GLU C 448 -14.11 -21.41 20.13
C GLU C 448 -15.22 -21.97 19.25
N ALA C 449 -14.88 -22.86 18.30
CA ALA C 449 -15.88 -23.44 17.41
C ALA C 449 -16.54 -24.67 18.01
N VAL C 450 -15.76 -25.54 18.65
CA VAL C 450 -16.32 -26.66 19.40
C VAL C 450 -17.30 -26.15 20.45
N ASN C 451 -16.87 -25.14 21.21
CA ASN C 451 -17.69 -24.57 22.28
C ASN C 451 -19.00 -23.98 21.78
N GLN C 452 -19.14 -23.75 20.48
CA GLN C 452 -20.39 -23.25 19.93
C GLN C 452 -21.24 -24.37 19.32
N GLY C 453 -20.71 -25.58 19.23
CA GLY C 453 -21.50 -26.74 18.85
C GLY C 453 -21.25 -27.31 17.48
N TYR C 454 -20.19 -26.91 16.80
CA TYR C 454 -19.92 -27.36 15.44
C TYR C 454 -19.15 -28.67 15.40
N ASP C 455 -19.53 -29.54 14.46
CA ASP C 455 -18.65 -30.61 14.05
C ASP C 455 -17.52 -30.01 13.22
N VAL C 456 -16.29 -30.27 13.61
CA VAL C 456 -15.15 -29.57 13.03
C VAL C 456 -14.29 -30.51 12.18
N ILE C 457 -13.50 -29.89 11.32
CA ILE C 457 -12.65 -30.57 10.35
C ILE C 457 -11.32 -29.81 10.33
N ASN C 458 -10.22 -30.53 10.58
CA ASN C 458 -8.91 -29.89 10.55
C ASN C 458 -8.54 -29.56 9.11
N THR C 459 -8.56 -28.27 8.75
CA THR C 459 -8.25 -27.83 7.39
C THR C 459 -7.18 -26.73 7.43
N ASN C 460 -6.24 -26.83 8.36
CA ASN C 460 -5.34 -25.71 8.63
C ASN C 460 -4.52 -25.35 7.40
N ASP C 461 -4.40 -24.03 7.16
CA ASP C 461 -3.72 -23.57 5.95
C ASP C 461 -2.23 -23.85 6.02
N GLY C 462 -1.58 -23.46 7.14
CA GLY C 462 -0.14 -23.60 7.26
C GLY C 462 0.35 -25.03 7.18
N ALA C 463 -0.53 -26.01 7.34
CA ALA C 463 -0.15 -27.41 7.34
C ALA C 463 -0.65 -28.20 6.13
N LEU C 464 -1.78 -27.80 5.52
CA LEU C 464 -2.47 -28.67 4.58
C LEU C 464 -2.87 -27.96 3.29
N TYR C 465 -2.32 -26.79 3.01
CA TYR C 465 -2.67 -26.03 1.82
C TYR C 465 -1.59 -26.21 0.75
N ILE C 466 -2.02 -26.50 -0.48
CA ILE C 466 -1.12 -26.55 -1.64
C ILE C 466 -1.59 -25.49 -2.62
N VAL C 467 -0.69 -24.56 -2.95
CA VAL C 467 -0.87 -23.67 -4.09
C VAL C 467 0.22 -24.01 -5.10
N PRO C 468 -0.11 -24.77 -6.14
CA PRO C 468 0.93 -25.37 -7.01
C PRO C 468 1.95 -24.37 -7.52
N PHE C 469 3.24 -24.74 -7.37
CA PHE C 469 4.39 -24.04 -7.94
C PHE C 469 4.52 -22.60 -7.48
N ALA C 470 3.98 -22.30 -6.29
CA ALA C 470 3.98 -20.94 -5.76
C ALA C 470 5.05 -20.77 -4.67
N GLY C 471 5.19 -19.53 -4.21
CA GLY C 471 6.09 -19.17 -3.15
C GLY C 471 5.47 -19.15 -1.76
N TYR C 472 4.26 -19.69 -1.61
CA TYR C 472 3.61 -19.83 -0.32
C TYR C 472 2.74 -21.08 -0.37
N TYR C 473 2.25 -21.50 0.79
CA TYR C 473 1.39 -22.68 0.93
C TYR C 473 1.92 -23.88 0.14
N ARG C 474 3.15 -24.28 0.45
CA ARG C 474 3.83 -25.36 -0.26
C ARG C 474 3.90 -26.60 0.62
N ASP C 476 3.28 -29.49 -0.32
CA ASP C 476 3.80 -30.58 -1.12
C ASP C 476 5.29 -30.82 -0.83
N ARG C 477 5.99 -29.81 -0.30
CA ARG C 477 7.37 -29.95 0.12
C ARG C 477 7.54 -30.41 1.56
N ASN C 478 6.46 -30.77 2.26
CA ASN C 478 6.54 -31.16 3.66
C ASN C 478 5.83 -32.50 3.91
N HIS C 479 5.93 -33.41 2.95
CA HIS C 479 5.24 -34.69 3.11
C HIS C 479 5.89 -35.54 4.19
N LYS C 480 7.21 -35.45 4.35
CA LYS C 480 7.86 -36.14 5.45
C LYS C 480 7.46 -35.52 6.78
N GLY C 481 7.50 -34.17 6.87
CA GLY C 481 7.08 -33.51 8.07
C GLY C 481 5.68 -33.90 8.49
N LEU C 482 4.79 -34.10 7.52
CA LEU C 482 3.41 -34.47 7.85
C LEU C 482 3.34 -35.91 8.31
N TYR C 483 4.02 -36.81 7.59
CA TYR C 483 3.92 -38.22 7.92
C TYR C 483 4.45 -38.53 9.32
N ASN C 484 5.47 -37.80 9.75
CA ASN C 484 6.11 -38.08 11.03
C ASN C 484 5.43 -37.37 12.20
N ASN C 485 4.77 -36.25 11.95
CA ASN C 485 4.33 -35.39 13.05
C ASN C 485 2.89 -34.91 12.98
N TRP C 486 2.23 -34.95 11.83
CA TRP C 486 0.90 -34.35 11.71
C TRP C 486 -0.17 -35.28 12.26
N ILE C 487 -0.94 -34.80 13.24
CA ILE C 487 -2.07 -35.57 13.74
C ILE C 487 -3.34 -34.77 13.54
N PRO C 488 -4.48 -35.41 13.29
CA PRO C 488 -5.70 -34.65 12.96
C PRO C 488 -6.12 -33.66 14.03
N ASN C 489 -5.80 -33.92 15.29
CA ASN C 489 -6.33 -33.08 16.37
C ASN C 489 -5.40 -31.94 16.76
N ARG C 490 -4.24 -31.79 16.12
CA ARG C 490 -3.57 -30.49 16.16
C ARG C 490 -4.04 -29.67 14.99
N ILE C 491 -4.60 -28.51 15.29
CA ILE C 491 -5.21 -27.60 14.35
C ILE C 491 -4.56 -26.25 14.60
N GLY C 492 -3.37 -26.06 14.05
CA GLY C 492 -2.59 -24.87 14.32
C GLY C 492 -1.93 -24.95 15.68
N ASN C 493 -1.90 -23.83 16.41
CA ASN C 493 -1.36 -23.90 17.75
C ASN C 493 -2.32 -24.56 18.73
N GLU C 494 -3.58 -24.78 18.36
CA GLU C 494 -4.43 -25.28 19.42
C GLU C 494 -4.39 -26.81 19.31
N THR C 495 -4.77 -27.50 20.38
CA THR C 495 -4.90 -28.95 20.26
C THR C 495 -6.18 -29.39 20.95
N LEU C 496 -6.86 -30.37 20.34
CA LEU C 496 -8.07 -30.97 20.89
C LEU C 496 -7.76 -32.41 21.32
N PRO C 497 -8.48 -32.93 22.32
CA PRO C 497 -8.40 -34.37 22.58
C PRO C 497 -8.77 -35.13 21.32
N SER C 498 -7.89 -36.05 20.92
CA SER C 498 -8.13 -36.85 19.72
C SER C 498 -9.48 -37.54 19.76
N GLY C 499 -10.00 -37.82 20.95
CA GLY C 499 -11.29 -38.47 21.12
C GLY C 499 -12.48 -37.54 21.17
N HIS C 500 -12.29 -36.25 20.94
CA HIS C 500 -13.41 -35.32 20.94
C HIS C 500 -14.46 -35.77 19.93
N PRO C 501 -15.71 -35.94 20.34
CA PRO C 501 -16.73 -36.40 19.36
C PRO C 501 -17.01 -35.38 18.27
N GLN C 502 -16.87 -34.09 18.56
CA GLN C 502 -17.13 -33.05 17.57
C GLN C 502 -16.01 -32.93 16.53
N LEU C 503 -14.93 -33.75 16.66
CA LEU C 503 -13.85 -33.79 15.68
C LEU C 503 -14.33 -34.76 14.59
N LEU C 504 -14.34 -34.32 13.34
CA LEU C 504 -14.63 -35.32 12.33
C LEU C 504 -13.39 -35.86 11.64
N GLY C 505 -12.30 -35.11 11.61
CA GLY C 505 -11.11 -35.51 10.88
C GLY C 505 -10.41 -34.33 10.23
N GLY C 506 -9.85 -34.55 9.03
CA GLY C 506 -9.10 -33.51 8.36
C GLY C 506 -9.21 -33.59 6.85
N THR C 507 -8.96 -32.45 6.22
CA THR C 507 -8.99 -32.27 4.79
C THR C 507 -7.78 -31.45 4.39
N PHE C 508 -7.04 -31.92 3.40
CA PHE C 508 -6.03 -31.07 2.78
C PHE C 508 -6.62 -30.46 1.51
N ALA C 509 -6.06 -29.32 1.12
CA ALA C 509 -6.67 -28.48 0.10
C ALA C 509 -5.65 -28.02 -0.92
N VAL C 510 -6.05 -28.06 -2.20
CA VAL C 510 -5.25 -27.57 -3.31
C VAL C 510 -5.96 -26.36 -3.91
N TRP C 511 -5.39 -25.17 -3.72
CA TRP C 511 -5.95 -23.92 -4.23
C TRP C 511 -5.15 -23.47 -5.44
N ASN C 512 -5.83 -23.08 -6.51
CA ASN C 512 -5.14 -22.74 -7.76
C ASN C 512 -5.05 -21.22 -7.92
N ASP C 513 -4.27 -20.60 -7.03
CA ASP C 513 -4.16 -19.16 -7.02
C ASP C 513 -3.46 -18.63 -8.28
N GLU C 514 -2.33 -19.23 -8.67
CA GLU C 514 -1.55 -18.65 -9.77
C GLU C 514 -2.08 -19.13 -11.12
N THR C 515 -3.25 -18.60 -11.46
CA THR C 515 -3.92 -18.89 -12.72
C THR C 515 -4.25 -17.60 -13.43
N ASP C 516 -5.09 -17.66 -14.48
CA ASP C 516 -5.48 -16.50 -15.29
C ASP C 516 -4.20 -15.86 -15.81
N ILE C 517 -3.99 -14.55 -15.62
CA ILE C 517 -2.89 -13.83 -16.24
C ILE C 517 -1.58 -14.19 -15.56
N HIS C 519 -1.10 -17.67 -15.10
CA HIS C 519 -1.06 -19.11 -15.35
C HIS C 519 0.19 -19.50 -16.13
N THR C 520 0.96 -20.42 -15.55
CA THR C 520 2.16 -20.98 -16.15
C THR C 520 1.84 -22.08 -17.15
N GLY C 521 0.57 -22.46 -17.27
CA GLY C 521 0.17 -23.51 -18.17
C GLY C 521 0.19 -24.88 -17.55
N TYR C 522 0.27 -24.98 -16.23
CA TYR C 522 0.37 -26.27 -15.60
C TYR C 522 -0.95 -27.02 -15.71
N ALA C 523 -0.86 -28.34 -15.73
CA ALA C 523 -1.98 -29.22 -15.97
C ALA C 523 -2.43 -29.90 -14.67
N PRO C 524 -3.65 -30.43 -14.64
CA PRO C 524 -4.00 -31.43 -13.62
C PRO C 524 -3.00 -32.56 -13.51
N TYR C 525 -2.50 -33.04 -14.66
CA TYR C 525 -1.45 -34.04 -14.66
C TYR C 525 -0.25 -33.58 -13.86
N ASP C 526 0.14 -32.32 -14.03
CA ASP C 526 1.37 -31.82 -13.43
C ASP C 526 1.33 -31.84 -11.91
N ILE C 527 0.15 -31.97 -11.31
CA ILE C 527 0.05 -32.00 -9.85
C ILE C 527 -0.43 -33.36 -9.35
N TRP C 528 -0.36 -34.39 -10.20
CA TRP C 528 -0.77 -35.72 -9.75
C TRP C 528 0.20 -36.27 -8.73
N GLY C 529 1.50 -36.07 -8.94
CA GLY C 529 2.48 -36.56 -7.99
C GLY C 529 2.28 -36.00 -6.60
N ILE C 530 1.95 -34.70 -6.52
CA ILE C 530 1.88 -34.09 -5.20
C ILE C 530 0.56 -34.42 -4.52
N ILE C 531 -0.53 -34.56 -5.26
CA ILE C 531 -1.78 -34.86 -4.57
C ILE C 531 -1.90 -36.35 -4.28
N SER C 532 -1.29 -37.22 -5.10
CA SER C 532 -1.22 -38.62 -4.73
CA SER C 532 -1.22 -38.62 -4.73
C SER C 532 -0.23 -38.85 -3.59
N GLY C 533 0.84 -38.05 -3.55
CA GLY C 533 1.76 -38.12 -2.44
C GLY C 533 1.17 -37.59 -1.15
N SER C 534 0.31 -36.55 -1.25
CA SER C 534 -0.40 -36.07 -0.07
C SER C 534 -1.38 -37.12 0.44
N ASP C 536 -1.22 -40.38 0.17
CA ASP C 536 -0.67 -41.57 0.78
C ASP C 536 -0.15 -41.28 2.20
N VAL C 537 0.46 -40.12 2.43
CA VAL C 537 0.89 -39.82 3.78
C VAL C 537 -0.32 -39.49 4.66
N LEU C 538 -1.21 -38.62 4.20
CA LEU C 538 -2.28 -38.15 5.07
C LEU C 538 -3.30 -39.25 5.36
N SER C 539 -3.39 -40.29 4.51
CA SER C 539 -4.36 -41.36 4.79
C SER C 539 -3.92 -42.23 5.95
N GLN C 540 -2.61 -42.40 6.16
CA GLN C 540 -2.13 -43.17 7.30
C GLN C 540 -2.45 -42.44 8.59
N LYS C 541 -2.38 -41.12 8.55
CA LYS C 541 -2.51 -40.27 9.72
C LYS C 541 -3.96 -39.88 9.99
N LEU C 542 -4.90 -40.14 9.07
CA LEU C 542 -6.35 -40.06 9.28
C LEU C 542 -7.06 -41.38 9.58
N TRP C 543 -6.66 -42.48 8.96
CA TRP C 543 -7.32 -43.75 9.26
C TRP C 543 -6.65 -44.49 10.42
N GLY C 544 -5.36 -44.25 10.65
CA GLY C 544 -4.56 -45.04 11.57
C GLY C 544 -4.15 -44.26 12.81
N THR C 545 -3.13 -44.77 13.49
CA THR C 545 -2.78 -44.30 14.83
C THR C 545 -2.11 -42.91 14.78
N ALA C 546 -1.57 -42.48 15.93
CA ALA C 546 -0.89 -41.18 16.01
C ALA C 546 0.58 -41.26 15.65
N LYS C 547 1.18 -42.44 15.72
CA LYS C 547 2.56 -42.64 15.26
C LYS C 547 2.53 -43.37 13.93
N ALA C 548 3.29 -42.86 12.96
CA ALA C 548 3.51 -43.60 11.73
C ALA C 548 4.13 -44.95 12.05
N PRO C 549 3.72 -46.02 11.35
CA PRO C 549 4.28 -47.35 11.64
C PRO C 549 5.70 -47.55 11.12
N ASP C 550 6.31 -46.56 10.47
CA ASP C 550 7.67 -46.73 9.98
C ASP C 550 8.26 -45.35 9.65
N THR C 551 9.41 -45.37 8.98
CA THR C 551 10.00 -44.14 8.50
C THR C 551 9.36 -43.71 7.18
N PHE C 552 9.49 -42.42 6.88
CA PHE C 552 8.91 -41.87 5.65
C PHE C 552 9.44 -42.59 4.41
N GLU C 553 10.71 -42.99 4.42
CA GLU C 553 11.28 -43.65 3.26
C GLU C 553 10.68 -45.04 3.07
N GLN C 554 10.49 -45.77 4.16
CA GLN C 554 9.86 -47.09 4.05
C GLN C 554 8.43 -46.97 3.59
N HIS C 555 7.74 -45.91 4.05
CA HIS C 555 6.43 -45.56 3.49
C HIS C 555 6.47 -45.51 1.98
N ARG C 556 7.39 -44.74 1.44
CA ARG C 556 7.34 -44.37 0.03
C ARG C 556 7.68 -45.54 -0.87
N GLU C 557 8.69 -46.34 -0.50
CA GLU C 557 9.01 -47.55 -1.25
C GLU C 557 7.96 -48.64 -1.03
N LEU C 558 7.18 -48.57 0.06
CA LEU C 558 5.96 -49.37 0.14
C LEU C 558 4.92 -48.85 -0.86
N VAL C 559 4.82 -47.52 -0.98
CA VAL C 559 3.92 -46.93 -1.97
C VAL C 559 4.32 -47.39 -3.37
N SER C 560 5.62 -47.28 -3.68
CA SER C 560 6.10 -47.72 -4.99
C SER C 560 5.75 -49.18 -5.24
N SER C 561 5.89 -50.04 -4.22
CA SER C 561 5.59 -51.47 -4.40
CA SER C 561 5.59 -51.46 -4.41
C SER C 561 4.09 -51.69 -4.60
N ILE C 562 3.26 -50.98 -3.85
CA ILE C 562 1.81 -51.16 -3.98
C ILE C 562 1.31 -50.59 -5.31
N GLY C 563 1.92 -49.51 -5.79
CA GLY C 563 1.60 -49.01 -7.11
C GLY C 563 0.37 -48.11 -7.15
N ASN C 564 -0.05 -47.82 -8.37
CA ASN C 564 -1.22 -46.98 -8.56
C ASN C 564 -2.49 -47.79 -8.31
N ALA C 565 -3.61 -47.07 -8.14
CA ALA C 565 -4.88 -47.73 -7.90
C ALA C 565 -5.25 -48.63 -9.09
N PRO C 566 -6.03 -49.69 -8.85
CA PRO C 566 -6.36 -50.63 -9.94
C PRO C 566 -7.16 -49.96 -11.04
N ARG C 567 -6.84 -50.33 -12.28
CA ARG C 567 -7.53 -49.79 -13.45
C ARG C 567 -7.49 -48.26 -13.44
N THR C 568 -6.29 -47.73 -13.27
CA THR C 568 -6.09 -46.29 -13.12
C THR C 568 -4.70 -45.98 -13.63
N ASN C 569 -4.62 -45.29 -14.75
CA ASN C 569 -3.35 -44.93 -15.37
C ASN C 569 -3.30 -43.40 -15.49
N PRO C 570 -3.11 -42.71 -14.36
CA PRO C 570 -3.17 -41.24 -14.40
C PRO C 570 -1.96 -40.61 -15.07
N LEU C 571 -0.81 -41.25 -15.08
CA LEU C 571 0.33 -40.73 -15.84
C LEU C 571 0.35 -41.20 -17.30
N HIS C 572 -0.65 -42.00 -17.71
CA HIS C 572 -0.87 -42.39 -19.11
C HIS C 572 0.35 -43.05 -19.74
N LYS C 573 0.91 -44.03 -19.02
CA LYS C 573 2.05 -44.80 -19.50
C LYS C 573 1.58 -46.03 -20.28
N TRP C 574 2.47 -46.56 -21.09
CA TRP C 574 2.16 -47.78 -21.82
C TRP C 574 2.83 -49.00 -21.16
N LYS C 575 2.29 -50.18 -21.48
CA LYS C 575 2.78 -51.41 -20.88
C LYS C 575 4.20 -51.74 -21.34
N ASP C 576 4.46 -51.79 -22.64
CA ASP C 576 5.83 -51.95 -23.10
C ASP C 576 6.35 -50.58 -23.50
N SER C 577 7.65 -50.48 -23.74
CA SER C 577 8.17 -49.30 -24.42
C SER C 577 8.34 -49.52 -25.92
N GLN C 578 7.55 -50.42 -26.52
CA GLN C 578 7.77 -50.63 -27.95
C GLN C 578 6.95 -49.64 -28.76
N PRO C 579 7.53 -49.12 -29.83
CA PRO C 579 6.92 -47.99 -30.55
C PRO C 579 5.66 -48.36 -31.31
N LEU C 580 4.91 -47.31 -31.66
CA LEU C 580 3.78 -47.29 -32.60
C LEU C 580 4.25 -46.78 -33.95
N THR C 581 4.11 -47.60 -34.98
CA THR C 581 4.44 -47.20 -36.34
C THR C 581 3.20 -47.33 -37.22
N VAL C 582 2.92 -46.30 -38.02
CA VAL C 582 1.76 -46.29 -38.90
C VAL C 582 2.15 -45.74 -40.26
N LYS C 583 1.70 -46.41 -41.32
CA LYS C 583 1.75 -45.91 -42.70
C LYS C 583 0.30 -45.80 -43.15
N PRO C 584 -0.33 -44.65 -42.96
CA PRO C 584 -1.77 -44.54 -43.23
C PRO C 584 -2.08 -44.54 -44.72
N SER C 585 -3.28 -44.98 -45.05
CA SER C 585 -3.72 -45.06 -46.44
C SER C 585 -4.56 -43.86 -46.85
N SER C 586 -5.34 -43.31 -45.92
CA SER C 586 -6.18 -42.15 -46.19
C SER C 586 -6.42 -41.41 -44.88
N LEU C 587 -6.54 -40.08 -44.98
CA LEU C 587 -6.84 -39.30 -43.78
C LEU C 587 -8.28 -38.81 -43.83
N PRO C 588 -8.99 -38.76 -42.69
CA PRO C 588 -8.49 -39.21 -41.38
C PRO C 588 -8.42 -40.72 -41.26
N GLN C 589 -7.61 -41.24 -40.34
CA GLN C 589 -7.46 -42.67 -40.11
C GLN C 589 -7.57 -42.98 -38.62
N LYS C 590 -8.38 -43.98 -38.28
CA LYS C 590 -8.51 -44.40 -36.89
C LYS C 590 -7.26 -45.13 -36.44
N LEU C 591 -6.78 -44.76 -35.25
CA LEU C 591 -5.64 -45.40 -34.61
C LEU C 591 -6.07 -46.27 -33.44
N ASP C 592 -6.97 -45.75 -32.61
CA ASP C 592 -7.56 -46.43 -31.46
C ASP C 592 -6.51 -46.94 -30.46
N LYS C 593 -5.35 -46.32 -30.43
CA LYS C 593 -4.36 -46.54 -29.39
C LYS C 593 -4.70 -45.65 -28.19
N PRO C 594 -4.13 -45.96 -27.02
CA PRO C 594 -4.42 -45.13 -25.84
C PRO C 594 -3.47 -43.96 -25.72
N ALA C 595 -3.95 -42.92 -25.05
CA ALA C 595 -3.17 -41.70 -24.90
C ALA C 595 -1.84 -42.00 -24.22
N LEU C 596 -0.81 -41.23 -24.59
CA LEU C 596 0.54 -41.44 -24.10
C LEU C 596 1.04 -40.17 -23.42
N GLY C 597 1.42 -40.29 -22.15
CA GLY C 597 2.03 -39.19 -21.41
C GLY C 597 3.54 -39.20 -21.53
N PRO C 598 4.20 -38.18 -20.97
CA PRO C 598 5.67 -38.09 -21.05
C PRO C 598 6.37 -39.25 -20.34
N ASN C 599 7.57 -39.59 -20.81
CA ASN C 599 8.23 -38.92 -21.94
C ASN C 599 8.04 -39.70 -23.24
N TYR C 600 7.95 -38.97 -24.36
CA TYR C 600 7.72 -39.62 -25.65
C TYR C 600 8.34 -38.80 -26.76
N ARG C 601 8.60 -39.48 -27.88
CA ARG C 601 9.05 -38.83 -29.11
C ARG C 601 8.08 -39.22 -30.22
N LEU C 602 7.30 -38.25 -30.70
CA LEU C 602 6.41 -38.43 -31.84
C LEU C 602 7.12 -37.90 -33.09
N THR C 603 7.28 -38.77 -34.09
CA THR C 603 7.90 -38.43 -35.37
C THR C 603 6.93 -38.63 -36.52
N GLU C 605 6.44 -37.84 -40.98
CA GLU C 605 6.77 -37.38 -42.33
C GLU C 605 5.46 -36.95 -42.97
N LEU C 606 5.28 -35.65 -43.20
CA LEU C 606 4.01 -35.15 -43.71
C LEU C 606 4.22 -34.04 -44.74
N GLU C 607 3.13 -33.70 -45.41
CA GLU C 607 3.10 -32.60 -46.35
C GLU C 607 1.78 -31.84 -46.19
N LEU C 608 1.87 -30.53 -46.01
CA LEU C 608 0.70 -29.67 -45.90
C LEU C 608 0.34 -29.18 -47.30
N THR C 609 -0.81 -29.63 -47.82
CA THR C 609 -1.19 -29.23 -49.18
C THR C 609 -1.87 -27.87 -49.19
N ALA C 610 -2.45 -27.45 -48.08
CA ALA C 610 -3.17 -26.18 -48.01
C ALA C 610 -3.23 -25.72 -46.56
N ALA C 611 -2.96 -24.44 -46.34
CA ALA C 611 -3.09 -23.83 -45.02
C ALA C 611 -3.65 -22.42 -45.19
N PRO C 612 -4.91 -22.31 -45.60
CA PRO C 612 -5.55 -21.00 -45.65
C PRO C 612 -5.65 -20.44 -44.25
N GLU C 613 -5.19 -19.20 -44.11
CA GLU C 613 -5.02 -18.64 -42.79
C GLU C 613 -6.41 -18.33 -42.21
N GLY C 614 -6.63 -18.74 -40.97
CA GLY C 614 -7.95 -18.66 -40.37
C GLY C 614 -8.62 -19.98 -40.16
N LYS C 615 -8.06 -21.07 -40.70
CA LYS C 615 -8.65 -22.41 -40.69
C LYS C 615 -7.77 -23.31 -39.83
N GLU C 616 -8.32 -23.81 -38.72
CA GLU C 616 -7.58 -24.69 -37.83
C GLU C 616 -7.62 -26.13 -38.32
N GLN C 617 -6.47 -26.78 -38.43
CA GLN C 617 -6.37 -28.17 -38.90
C GLN C 617 -5.87 -29.07 -37.77
N VAL C 618 -6.67 -30.10 -37.45
CA VAL C 618 -6.35 -31.06 -36.39
C VAL C 618 -5.58 -32.24 -36.99
N LEU C 619 -4.51 -32.66 -36.31
CA LEU C 619 -3.65 -33.74 -36.77
C LEU C 619 -3.73 -35.01 -35.93
N LEU C 620 -3.87 -34.89 -34.59
CA LEU C 620 -4.11 -36.02 -33.70
C LEU C 620 -5.27 -35.68 -32.78
N ALA C 621 -6.10 -36.67 -32.44
CA ALA C 621 -7.30 -36.37 -31.69
C ALA C 621 -7.70 -37.56 -30.82
N ALA C 622 -8.04 -37.24 -29.58
CA ALA C 622 -8.57 -38.17 -28.59
C ALA C 622 -9.33 -37.33 -27.57
N PRO C 623 -10.08 -37.95 -26.65
CA PRO C 623 -10.68 -37.15 -25.58
C PRO C 623 -9.65 -36.37 -24.77
N GLU C 624 -8.39 -36.80 -24.76
CA GLU C 624 -7.33 -36.16 -23.99
C GLU C 624 -6.82 -34.87 -24.61
N GLY C 625 -7.16 -34.56 -25.85
CA GLY C 625 -6.67 -33.36 -26.47
C GLY C 625 -6.54 -33.52 -27.98
N GLU C 626 -6.07 -32.43 -28.61
CA GLU C 626 -5.94 -32.31 -30.06
C GLU C 626 -4.59 -31.68 -30.37
N LEU C 627 -3.80 -32.36 -31.19
CA LEU C 627 -2.59 -31.78 -31.75
C LEU C 627 -2.95 -31.00 -33.02
N LEU C 628 -2.61 -29.72 -33.05
CA LEU C 628 -3.01 -28.83 -34.14
C LEU C 628 -1.79 -28.56 -35.01
N ALA C 629 -1.83 -29.09 -36.24
CA ALA C 629 -0.79 -28.76 -37.20
C ALA C 629 -0.93 -27.33 -37.69
N VAL C 630 -2.16 -26.78 -37.67
CA VAL C 630 -2.43 -25.40 -38.06
C VAL C 630 -3.50 -24.86 -37.13
N LYS C 632 -5.76 -21.17 -36.06
CA LYS C 632 -6.19 -19.92 -36.71
C LYS C 632 -5.06 -18.91 -36.72
N ASP C 633 -4.21 -18.96 -35.69
CA ASP C 633 -2.92 -18.29 -35.68
C ASP C 633 -2.06 -18.58 -36.91
N GLY C 634 -2.26 -19.73 -37.55
CA GLY C 634 -1.35 -20.18 -38.59
C GLY C 634 -0.22 -21.05 -38.10
N THR C 635 -0.11 -21.25 -36.79
CA THR C 635 1.03 -21.91 -36.17
C THR C 635 0.66 -23.33 -35.71
N VAL C 636 1.67 -24.06 -35.27
CA VAL C 636 1.50 -25.40 -34.71
C VAL C 636 1.25 -25.27 -33.21
N GLY C 637 0.26 -26.02 -32.72
CA GLY C 637 -0.03 -26.00 -31.31
C GLY C 637 -0.89 -27.19 -30.93
N PHE C 638 -1.48 -27.09 -29.74
CA PHE C 638 -2.34 -28.17 -29.26
C PHE C 638 -3.31 -27.62 -28.23
N ARG C 639 -4.37 -28.39 -28.00
CA ARG C 639 -5.43 -28.08 -27.06
C ARG C 639 -5.62 -29.28 -26.15
N ARG C 640 -5.74 -29.03 -24.86
CA ARG C 640 -5.83 -30.13 -23.91
C ARG C 640 -7.27 -30.29 -23.45
N ASP C 641 -7.51 -31.39 -22.72
CA ASP C 641 -8.85 -31.66 -22.22
C ASP C 641 -9.24 -30.74 -21.08
N ASP C 642 -8.30 -30.00 -20.51
CA ASP C 642 -8.63 -28.96 -19.55
C ASP C 642 -8.88 -27.61 -20.24
N SER C 643 -9.06 -27.63 -21.56
CA SER C 643 -9.44 -26.52 -22.44
C SER C 643 -8.32 -25.52 -22.66
N LEU C 644 -7.11 -25.79 -22.19
CA LEU C 644 -6.00 -24.86 -22.36
C LEU C 644 -5.31 -25.09 -23.71
N GLU C 645 -4.96 -24.00 -24.39
CA GLU C 645 -4.33 -24.04 -25.70
C GLU C 645 -2.89 -23.55 -25.63
N PHE C 646 -2.03 -24.17 -26.44
CA PHE C 646 -0.62 -23.84 -26.51
C PHE C 646 -0.20 -23.69 -27.97
N SER C 647 0.75 -22.78 -28.21
CA SER C 647 1.34 -22.55 -29.52
C SER C 647 2.84 -22.81 -29.45
N PHE C 648 3.39 -23.40 -30.51
CA PHE C 648 4.83 -23.53 -30.61
C PHE C 648 5.50 -22.31 -31.23
N GLY C 649 4.73 -21.32 -31.69
CA GLY C 649 5.27 -20.15 -32.34
C GLY C 649 5.78 -20.38 -33.75
N ALA C 650 5.90 -21.62 -34.19
CA ALA C 650 6.38 -21.93 -35.52
C ALA C 650 5.22 -22.34 -36.42
N LYS C 651 5.45 -22.23 -37.73
CA LYS C 651 4.44 -22.59 -38.72
C LYS C 651 5.00 -23.69 -39.61
N LEU C 652 4.15 -24.65 -39.96
CA LEU C 652 4.55 -25.65 -40.95
C LEU C 652 4.63 -24.99 -42.33
N PRO C 653 5.58 -25.41 -43.16
CA PRO C 653 5.60 -24.95 -44.55
C PRO C 653 4.60 -25.73 -45.40
N VAL C 654 4.02 -25.02 -46.37
CA VAL C 654 2.94 -25.55 -47.20
C VAL C 654 3.50 -26.09 -48.51
N GLY C 655 2.86 -27.14 -49.01
CA GLY C 655 3.29 -27.74 -50.26
C GLY C 655 4.68 -28.32 -50.22
N LYS C 656 5.23 -28.59 -49.03
CA LYS C 656 6.57 -29.13 -48.96
C LYS C 656 6.57 -30.28 -47.96
N LYS C 657 7.34 -31.33 -48.25
CA LYS C 657 7.52 -32.38 -47.26
C LYS C 657 8.37 -31.83 -46.13
N VAL C 658 8.02 -32.19 -44.90
CA VAL C 658 8.82 -31.80 -43.75
C VAL C 658 8.70 -32.88 -42.67
N LYS C 659 9.82 -33.15 -41.99
CA LYS C 659 9.82 -34.12 -40.90
C LYS C 659 9.37 -33.44 -39.61
N VAL C 660 8.31 -33.97 -39.01
CA VAL C 660 7.72 -33.37 -37.81
C VAL C 660 7.95 -34.30 -36.63
N GLU C 661 8.36 -33.71 -35.52
CA GLU C 661 8.83 -34.47 -34.37
C GLU C 661 8.65 -33.64 -33.09
N ILE C 662 7.82 -34.17 -32.18
CA ILE C 662 7.38 -33.49 -30.97
C ILE C 662 7.85 -34.28 -29.76
N VAL C 663 8.52 -33.61 -28.84
CA VAL C 663 9.11 -34.25 -27.67
C VAL C 663 8.32 -33.83 -26.44
N GLY C 664 7.49 -34.74 -25.92
CA GLY C 664 6.74 -34.48 -24.71
C GLY C 664 7.42 -34.91 -23.42
N GLU C 665 7.99 -33.95 -22.69
CA GLU C 665 8.53 -34.11 -21.34
C GLU C 665 7.54 -33.55 -20.32
N PRO C 666 7.67 -33.90 -19.05
CA PRO C 666 6.80 -33.27 -18.02
C PRO C 666 6.96 -31.76 -18.03
N GLU C 667 5.84 -31.05 -18.21
CA GLU C 667 5.75 -29.59 -18.24
C GLU C 667 6.45 -28.95 -19.44
N LYS C 668 6.97 -29.74 -20.39
CA LYS C 668 7.59 -29.16 -21.57
C LYS C 668 7.36 -30.05 -22.79
N THR C 669 6.70 -29.48 -23.80
CA THR C 669 6.59 -30.10 -25.11
C THR C 669 7.34 -29.23 -26.12
N SER C 670 8.15 -29.87 -26.97
CA SER C 670 9.01 -29.15 -27.90
CA SER C 670 9.00 -29.13 -27.90
C SER C 670 8.76 -29.61 -29.33
N LEU C 671 9.03 -28.72 -30.28
CA LEU C 671 8.85 -29.00 -31.69
C LEU C 671 10.19 -28.91 -32.40
N LEU C 672 10.44 -29.86 -33.31
CA LEU C 672 11.56 -29.81 -34.22
C LEU C 672 11.05 -30.02 -35.64
N LEU C 673 11.40 -29.12 -36.55
CA LEU C 673 11.07 -29.23 -37.97
C LEU C 673 12.37 -29.49 -38.73
N ASP C 674 12.47 -30.68 -39.32
CA ASP C 674 13.65 -31.15 -40.06
C ASP C 674 14.90 -31.19 -39.17
N GLY C 675 14.76 -31.76 -37.98
CA GLY C 675 15.86 -31.90 -37.06
C GLY C 675 16.37 -30.61 -36.44
N GLU C 676 15.74 -29.47 -36.75
CA GLU C 676 16.09 -28.17 -36.18
C GLU C 676 15.02 -27.72 -35.18
N PRO C 677 15.41 -27.07 -34.07
CA PRO C 677 14.43 -26.71 -33.04
C PRO C 677 13.48 -25.62 -33.50
N ALA C 678 12.18 -25.88 -33.37
CA ALA C 678 11.15 -24.95 -33.81
C ALA C 678 10.64 -24.04 -32.71
N GLY C 679 10.61 -24.51 -31.48
CA GLY C 679 10.18 -23.70 -30.36
C GLY C 679 9.57 -24.57 -29.28
N THR C 680 9.21 -23.92 -28.17
CA THR C 680 8.56 -24.58 -27.05
C THR C 680 7.15 -24.02 -26.91
N ALA C 681 6.25 -24.87 -26.41
CA ALA C 681 4.84 -24.52 -26.34
C ALA C 681 4.57 -23.52 -25.21
N VAL C 682 3.77 -22.49 -25.51
CA VAL C 682 3.43 -21.46 -24.52
C VAL C 682 1.91 -21.27 -24.50
N LEU C 683 1.34 -21.28 -23.30
CA LEU C 683 -0.10 -21.11 -23.11
C LEU C 683 -0.59 -19.83 -23.79
N LYS C 684 -1.75 -19.91 -24.44
CA LYS C 684 -2.30 -18.80 -25.24
C LYS C 684 -3.61 -18.25 -24.67
N ASN C 685 -4.17 -18.93 -23.66
CA ASN C 685 -5.51 -18.63 -23.14
C ASN C 685 -5.67 -17.22 -22.59
N PHE C 686 -4.78 -16.77 -21.73
CA PHE C 686 -5.02 -15.51 -21.04
C PHE C 686 -4.03 -14.42 -21.39
N SER C 687 -3.02 -14.74 -22.20
CA SER C 687 -1.87 -13.85 -22.33
C SER C 687 -2.24 -12.48 -22.91
N ASP C 688 -3.26 -12.41 -23.78
CA ASP C 688 -3.52 -11.14 -24.45
C ASP C 688 -4.21 -10.08 -23.59
N LYS C 689 -4.81 -10.44 -22.45
CA LYS C 689 -5.33 -9.40 -21.58
C LYS C 689 -4.19 -8.56 -21.01
N SER C 690 -3.05 -9.20 -20.72
CA SER C 690 -1.93 -8.55 -20.06
C SER C 690 -0.80 -8.18 -21.03
N LYS C 691 -0.98 -8.44 -22.33
CA LYS C 691 0.09 -8.30 -23.30
C LYS C 691 0.61 -6.88 -23.39
N ASP C 692 -0.15 -5.89 -22.92
CA ASP C 692 0.28 -4.50 -22.96
C ASP C 692 0.60 -3.93 -21.58
N PHE C 693 0.52 -4.73 -20.51
CA PHE C 693 0.94 -4.25 -19.20
C PHE C 693 2.42 -3.89 -19.23
N SER C 694 2.78 -2.83 -18.54
CA SER C 694 4.18 -2.46 -18.49
C SER C 694 4.92 -3.40 -17.53
N ASP C 695 6.19 -3.11 -17.34
CA ASP C 695 7.00 -3.92 -16.46
C ASP C 695 6.82 -3.60 -14.96
N LYS C 696 6.04 -2.59 -14.51
CA LYS C 696 5.71 -2.63 -13.07
C LYS C 696 4.62 -3.65 -12.74
N PHE C 697 4.04 -4.31 -13.73
CA PHE C 697 3.29 -5.52 -13.45
C PHE C 697 4.29 -6.65 -13.26
N LYS C 698 4.28 -7.28 -12.09
CA LYS C 698 5.35 -8.18 -11.71
C LYS C 698 4.94 -9.65 -11.69
N HIS C 699 3.82 -10.02 -12.31
CA HIS C 699 3.24 -11.33 -12.03
C HIS C 699 2.92 -12.11 -13.29
N ARG C 700 3.77 -12.02 -14.31
CA ARG C 700 3.69 -12.94 -15.41
C ARG C 700 4.06 -14.34 -14.94
N PRO C 701 3.61 -15.38 -15.62
CA PRO C 701 4.18 -16.71 -15.37
C PRO C 701 5.68 -16.68 -15.55
N LYS C 702 6.40 -17.08 -14.49
CA LYS C 702 7.86 -17.09 -14.54
C LYS C 702 8.40 -18.21 -15.40
N VAL C 703 7.63 -19.27 -15.60
CA VAL C 703 8.01 -20.40 -16.42
C VAL C 703 6.87 -20.65 -17.39
N HIS C 704 7.17 -21.27 -18.53
CA HIS C 704 6.14 -21.72 -19.47
C HIS C 704 6.05 -23.23 -19.43
N ARG C 705 5.17 -23.76 -18.59
CA ARG C 705 4.89 -25.20 -18.59
C ARG C 705 3.96 -25.56 -19.75
N SER C 706 4.18 -26.74 -20.32
CA SER C 706 3.49 -27.11 -21.54
C SER C 706 3.36 -28.63 -21.68
N THR C 707 2.96 -29.30 -20.60
CA THR C 707 2.65 -30.72 -20.65
C THR C 707 1.61 -31.00 -21.74
N PHE C 708 1.87 -32.01 -22.56
CA PHE C 708 0.94 -32.41 -23.59
C PHE C 708 0.86 -33.94 -23.61
N ILE C 709 -0.22 -34.49 -23.07
CA ILE C 709 -0.48 -35.92 -23.22
C ILE C 709 -0.90 -36.19 -24.65
N LEU C 710 -0.24 -37.14 -25.30
CA LEU C 710 -0.40 -37.34 -26.74
C LEU C 710 -1.71 -38.03 -27.07
N PRO C 711 -2.59 -37.42 -27.87
CA PRO C 711 -3.82 -38.10 -28.29
C PRO C 711 -3.61 -39.04 -29.47
N LEU C 712 -4.14 -40.26 -29.40
CA LEU C 712 -3.90 -41.28 -30.43
C LEU C 712 -5.15 -42.09 -30.75
N LYS C 713 -6.27 -41.40 -30.98
CA LYS C 713 -7.48 -42.07 -31.47
C LYS C 713 -7.73 -41.87 -32.96
N GLU C 714 -7.40 -40.70 -33.50
CA GLU C 714 -7.62 -40.43 -34.92
C GLU C 714 -6.48 -39.59 -35.46
N LEU C 715 -6.03 -39.93 -36.66
CA LEU C 715 -4.94 -39.24 -37.33
C LEU C 715 -5.49 -38.42 -38.49
N GLY C 716 -4.97 -37.20 -38.65
CA GLY C 716 -5.40 -36.31 -39.71
C GLY C 716 -6.86 -35.94 -39.67
N SER C 717 -7.40 -35.70 -38.47
CA SER C 717 -8.83 -35.48 -38.29
C SER C 717 -9.35 -34.40 -39.23
N SER C 718 -8.60 -33.32 -39.41
CA SER C 718 -8.98 -32.22 -40.30
C SER C 718 -7.73 -31.66 -40.99
N PHE C 719 -6.78 -32.54 -41.27
CA PHE C 719 -5.52 -32.17 -41.88
C PHE C 719 -5.66 -32.12 -43.40
N GLN C 720 -5.46 -30.93 -43.99
CA GLN C 720 -5.49 -30.76 -45.43
C GLN C 720 -4.11 -31.03 -46.05
N GLY C 721 -3.67 -32.25 -45.86
CA GLY C 721 -2.38 -32.68 -46.33
C GLY C 721 -2.36 -34.18 -46.26
N LYS C 722 -1.17 -34.72 -46.11
CA LYS C 722 -1.03 -36.16 -46.15
C LYS C 722 0.10 -36.54 -45.18
N VAL C 723 -0.06 -37.68 -44.52
CA VAL C 723 0.92 -38.19 -43.58
C VAL C 723 1.55 -39.44 -44.18
N PHE C 724 2.84 -39.37 -44.46
CA PHE C 724 3.54 -40.50 -45.07
C PHE C 724 4.02 -41.53 -44.06
N HIS C 725 4.30 -41.09 -42.84
CA HIS C 725 4.84 -41.98 -41.81
C HIS C 725 4.66 -41.35 -40.42
N ASN C 727 5.37 -42.23 -36.20
CA ASN C 727 6.01 -43.13 -35.24
C ASN C 727 5.92 -42.54 -33.84
N VAL C 728 5.20 -43.22 -32.95
CA VAL C 728 5.08 -42.85 -31.55
C VAL C 728 6.01 -43.71 -30.73
N GLN C 729 6.91 -43.08 -29.97
CA GLN C 729 7.95 -43.78 -29.23
C GLN C 729 7.97 -43.38 -27.75
N PRO C 730 7.49 -44.23 -26.85
CA PRO C 730 7.69 -43.95 -25.42
C PRO C 730 9.18 -43.91 -25.10
N LEU C 731 9.55 -43.08 -24.14
CA LEU C 731 10.95 -42.95 -23.78
C LEU C 731 11.24 -43.48 -22.38
N LYS D 1 12.50 23.75 -38.20
CA LYS D 1 11.13 23.38 -37.83
C LYS D 1 10.54 22.16 -38.59
N GLN D 2 9.30 22.34 -39.03
CA GLN D 2 8.69 21.42 -39.99
C GLN D 2 9.42 21.39 -41.32
N ILE D 3 10.14 22.47 -41.67
CA ILE D 3 11.16 22.37 -42.72
C ILE D 3 11.99 21.10 -42.55
N ALA D 4 12.68 20.95 -41.41
CA ALA D 4 13.59 19.84 -41.17
C ALA D 4 12.98 18.49 -41.57
N ASP D 5 11.71 18.28 -41.24
CA ASP D 5 11.01 17.05 -41.59
C ASP D 5 10.26 17.12 -42.92
N SER D 6 9.93 18.31 -43.42
CA SER D 6 9.40 18.41 -44.78
C SER D 6 10.52 18.55 -45.81
N LEU D 7 11.79 18.47 -45.38
CA LEU D 7 12.91 18.49 -46.31
C LEU D 7 12.77 17.50 -47.45
N SER D 8 13.49 17.80 -48.52
CA SER D 8 13.42 17.04 -49.75
C SER D 8 14.84 17.07 -50.30
N ILE D 9 15.69 16.25 -49.69
CA ILE D 9 17.01 15.98 -50.29
C ILE D 9 16.72 15.23 -51.58
N PRO D 10 17.61 15.29 -52.56
CA PRO D 10 17.62 14.29 -53.61
C PRO D 10 18.68 13.26 -53.30
N PRO D 11 18.34 11.98 -53.12
CA PRO D 11 19.40 10.97 -53.09
C PRO D 11 20.15 11.02 -54.41
N VAL D 12 21.43 11.39 -54.35
CA VAL D 12 22.15 11.81 -55.55
C VAL D 12 23.19 10.86 -56.11
N LYS D 13 24.15 11.48 -56.78
CA LYS D 13 24.97 10.94 -57.85
C LYS D 13 25.76 9.73 -57.37
N ALA D 14 26.04 8.82 -58.31
CA ALA D 14 27.02 7.78 -58.05
C ALA D 14 28.42 8.33 -58.26
N GLY D 15 29.36 7.84 -57.47
CA GLY D 15 30.68 8.46 -57.46
C GLY D 15 30.72 9.84 -56.86
N ALA D 16 29.65 10.28 -56.20
CA ALA D 16 29.67 11.55 -55.50
C ALA D 16 30.73 11.54 -54.41
N LYS D 17 31.48 12.63 -54.31
CA LYS D 17 32.47 12.76 -53.25
C LYS D 17 32.07 13.76 -52.18
N GLN D 18 31.14 14.67 -52.46
CA GLN D 18 30.60 15.57 -51.47
C GLN D 18 29.08 15.43 -51.44
N LEU D 19 28.51 15.47 -50.25
CA LEU D 19 27.06 15.33 -50.14
C LEU D 19 26.42 16.69 -50.39
N PRO D 20 25.45 16.79 -51.30
CA PRO D 20 24.79 18.07 -51.54
C PRO D 20 23.78 18.37 -50.45
N PRO D 22 20.43 20.21 -48.97
CA PRO D 22 19.21 20.89 -49.40
C PRO D 22 19.29 22.35 -49.02
N SER D 23 18.59 23.19 -49.78
CA SER D 23 18.39 24.57 -49.39
C SER D 23 16.91 24.86 -49.17
N VAL D 24 16.65 25.91 -48.41
CA VAL D 24 15.27 26.36 -48.22
C VAL D 24 15.13 27.84 -48.58
N SER D 25 14.82 28.68 -47.59
CA SER D 25 14.56 30.09 -47.83
C SER D 25 15.60 30.97 -47.13
N GLY D 26 15.40 31.20 -45.84
CA GLY D 26 16.33 31.97 -45.04
C GLY D 26 16.77 31.16 -43.83
N ALA D 27 16.81 29.85 -43.99
CA ALA D 27 17.34 28.98 -42.97
C ALA D 27 18.72 28.48 -43.40
N GLN D 28 19.57 28.24 -42.41
CA GLN D 28 20.84 27.59 -42.65
C GLN D 28 20.66 26.12 -42.34
N ILE D 29 21.07 25.25 -43.26
CA ILE D 29 21.00 23.81 -43.04
C ILE D 29 22.43 23.28 -43.02
N LYS D 30 22.77 22.53 -41.97
CA LYS D 30 24.06 21.86 -41.93
C LYS D 30 23.85 20.42 -41.47
N LEU D 31 24.82 19.59 -41.82
CA LEU D 31 24.77 18.17 -41.52
C LEU D 31 24.92 17.92 -40.02
N LEU D 32 23.98 17.17 -39.45
CA LEU D 32 24.07 16.77 -38.05
C LEU D 32 25.01 15.57 -37.87
N GLY D 33 24.91 14.58 -38.75
CA GLY D 33 25.74 13.39 -38.70
C GLY D 33 25.13 12.28 -39.51
N ALA D 34 25.94 11.28 -39.82
CA ALA D 34 25.50 10.06 -40.48
C ALA D 34 25.68 8.88 -39.52
N ASP D 35 24.82 7.86 -39.66
CA ASP D 35 24.99 6.65 -38.87
C ASP D 35 26.34 5.99 -39.14
N TYR D 36 26.81 6.04 -40.37
CA TYR D 36 28.13 5.51 -40.70
C TYR D 36 29.04 6.72 -40.93
N GLU D 37 29.76 7.12 -39.89
CA GLU D 37 30.64 8.28 -40.01
C GLU D 37 31.82 7.99 -40.91
N GLN D 38 32.17 6.71 -41.06
CA GLN D 38 33.27 6.30 -41.94
C GLN D 38 32.95 6.51 -43.41
N LEU D 39 31.67 6.61 -43.77
CA LEU D 39 31.24 6.78 -45.16
C LEU D 39 30.85 8.21 -45.49
N VAL D 40 30.30 8.95 -44.52
CA VAL D 40 29.91 10.34 -44.69
C VAL D 40 30.28 11.08 -43.41
N ASN D 41 31.31 11.91 -43.48
CA ASN D 41 31.74 12.63 -42.29
C ASN D 41 30.96 13.92 -42.12
N SER D 42 31.20 14.60 -40.98
CA SER D 42 30.39 15.75 -40.60
C SER D 42 30.43 16.84 -41.66
N LYS D 43 31.60 17.06 -42.26
CA LYS D 43 31.74 18.06 -43.32
C LYS D 43 30.95 17.68 -44.57
N GLY D 44 30.54 16.41 -44.71
CA GLY D 44 29.76 15.96 -45.82
C GLY D 44 30.53 15.20 -46.87
N LYS D 45 31.79 14.89 -46.61
CA LYS D 45 32.64 14.25 -47.59
C LYS D 45 32.30 12.75 -47.66
N ILE D 46 32.03 12.24 -48.86
CA ILE D 46 31.55 10.87 -48.96
C ILE D 46 32.72 9.95 -49.29
N ALA D 47 32.71 8.73 -48.73
CA ALA D 47 33.78 7.77 -48.97
C ALA D 47 33.35 6.71 -49.99
N PRO D 48 34.30 6.17 -50.76
CA PRO D 48 33.98 5.10 -51.69
C PRO D 48 33.48 3.84 -51.00
N VAL D 49 32.74 3.03 -51.74
CA VAL D 49 32.31 1.72 -51.28
C VAL D 49 32.68 0.69 -52.33
N ILE D 50 32.63 -0.58 -51.94
CA ILE D 50 32.87 -1.67 -52.87
C ILE D 50 31.59 -2.43 -53.21
N SER D 51 30.53 -2.31 -52.41
CA SER D 51 29.19 -2.71 -52.76
C SER D 51 28.24 -1.60 -52.34
N ASP D 52 26.99 -1.66 -52.79
CA ASP D 52 26.06 -0.59 -52.46
C ASP D 52 25.74 -0.64 -50.96
N THR D 53 25.88 0.49 -50.27
CA THR D 53 25.68 0.56 -48.82
C THR D 53 24.72 1.69 -48.45
N PRO D 54 23.70 1.42 -47.62
CA PRO D 54 22.79 2.49 -47.18
C PRO D 54 23.37 3.28 -46.02
N VAL D 55 23.14 4.60 -46.08
CA VAL D 55 23.56 5.53 -45.03
C VAL D 55 22.36 6.40 -44.68
N ASN D 56 22.19 6.69 -43.39
CA ASN D 56 21.17 7.63 -42.94
C ASN D 56 21.85 8.90 -42.46
N VAL D 57 21.38 10.04 -42.98
CA VAL D 57 21.92 11.35 -42.65
C VAL D 57 20.80 12.20 -42.08
N SER D 58 21.19 13.18 -41.27
CA SER D 58 20.27 14.10 -40.61
C SER D 58 20.89 15.50 -40.64
N PHE D 59 20.05 16.50 -40.43
CA PHE D 59 20.44 17.90 -40.63
C PHE D 59 20.03 18.76 -39.45
N LYS D 60 20.79 19.82 -39.23
CA LYS D 60 20.55 20.79 -38.16
C LYS D 60 20.05 22.07 -38.81
N VAL D 61 18.73 22.29 -38.83
CA VAL D 61 18.17 23.44 -39.55
C VAL D 61 18.03 24.59 -38.57
N THR D 62 18.35 25.80 -39.00
CA THR D 62 18.31 26.95 -38.09
C THR D 62 17.74 28.16 -38.84
N LYS D 63 16.42 28.18 -39.01
CA LYS D 63 15.77 29.38 -39.53
C LYS D 63 15.52 30.38 -38.42
N ASP D 64 15.76 31.66 -38.72
CA ASP D 64 15.72 32.75 -37.73
C ASP D 64 16.73 32.36 -36.66
N GLY D 65 16.35 32.30 -35.38
CA GLY D 65 17.26 31.87 -34.34
C GLY D 65 17.07 30.45 -33.88
N LYS D 66 16.27 29.67 -34.62
CA LYS D 66 15.60 28.51 -34.08
C LYS D 66 15.99 27.25 -34.80
N GLU D 67 16.39 26.31 -33.97
CA GLU D 67 17.05 25.11 -34.39
C GLU D 67 16.19 23.90 -34.10
N ALA D 68 16.16 23.00 -35.07
CA ALA D 68 15.44 21.72 -35.00
C ALA D 68 16.32 20.71 -35.71
N VAL D 69 16.44 19.52 -35.18
CA VAL D 69 17.22 18.54 -35.92
C VAL D 69 16.24 17.72 -36.74
N SER D 70 16.69 17.28 -37.90
CA SER D 70 15.79 16.58 -38.81
C SER D 70 15.62 15.12 -38.38
N LYS D 71 14.69 14.45 -39.06
CA LYS D 71 14.63 13.01 -39.01
C LYS D 71 15.67 12.42 -39.97
N ASP D 72 15.79 11.09 -39.96
CA ASP D 72 16.79 10.42 -40.77
C ASP D 72 16.36 10.39 -42.23
N TYR D 73 17.33 10.57 -43.12
CA TYR D 73 17.12 10.41 -44.56
C TYR D 73 18.09 9.36 -45.05
N GLU D 74 17.56 8.27 -45.59
CA GLU D 74 18.40 7.21 -46.11
C GLU D 74 18.86 7.53 -47.54
N ILE D 75 20.17 7.68 -47.72
CA ILE D 75 20.78 7.80 -49.04
C ILE D 75 21.44 6.48 -49.33
N LEU D 77 24.76 4.95 -51.09
CA LEU D 77 26.06 5.04 -51.75
C LEU D 77 26.25 3.86 -52.67
N GLN D 78 26.76 4.12 -53.86
CA GLN D 78 26.81 3.12 -54.92
C GLN D 78 28.24 2.84 -55.32
N ALA D 79 28.52 1.55 -55.52
CA ALA D 79 29.88 1.09 -55.79
C ALA D 79 30.28 1.41 -57.23
N PRO D 80 31.58 1.58 -57.49
CA PRO D 80 32.02 1.84 -58.88
C PRO D 80 31.49 0.81 -59.86
N GLN D 81 31.64 -0.48 -59.55
CA GLN D 81 31.06 -1.56 -60.32
C GLN D 81 30.46 -2.56 -59.34
N ALA D 82 29.33 -3.15 -59.70
CA ALA D 82 28.62 -4.08 -58.84
C ALA D 82 27.45 -4.65 -59.63
N ALA D 83 26.92 -5.80 -59.19
CA ALA D 83 27.45 -6.67 -58.13
C ALA D 83 27.91 -7.96 -58.79
N GLN D 84 29.03 -8.52 -58.35
CA GLN D 84 29.70 -9.55 -59.12
C GLN D 84 30.26 -10.63 -58.21
N GLY D 85 30.43 -11.82 -58.79
CA GLY D 85 31.27 -12.85 -58.22
C GLY D 85 30.68 -13.71 -57.13
N ASN D 86 31.50 -14.05 -56.15
CA ASN D 86 31.07 -14.88 -55.04
C ASN D 86 30.09 -14.10 -54.17
N PRO D 87 29.04 -14.75 -53.67
CA PRO D 87 28.13 -14.06 -52.75
C PRO D 87 28.81 -13.74 -51.41
N LYS D 88 28.18 -12.84 -50.68
CA LYS D 88 28.74 -12.40 -49.40
C LYS D 88 28.65 -13.53 -48.36
N PRO D 89 29.76 -13.86 -47.69
CA PRO D 89 29.69 -14.87 -46.62
C PRO D 89 28.80 -14.43 -45.47
N ARG D 90 28.08 -15.40 -44.90
CA ARG D 90 27.19 -15.14 -43.76
C ARG D 90 27.99 -15.11 -42.46
N ILE D 91 28.17 -13.90 -41.92
CA ILE D 91 28.87 -13.66 -40.67
C ILE D 91 27.89 -12.99 -39.70
N ILE D 92 28.17 -13.14 -38.41
CA ILE D 92 27.45 -12.44 -37.35
C ILE D 92 28.46 -11.64 -36.54
N PRO D 93 28.36 -10.31 -36.50
CA PRO D 93 27.36 -9.54 -37.25
C PRO D 93 27.66 -9.51 -38.75
N GLU D 94 26.67 -9.07 -39.54
CA GLU D 94 26.78 -9.07 -41.00
C GLU D 94 27.94 -8.21 -41.47
N ILE D 95 28.58 -8.65 -42.57
CA ILE D 95 29.59 -7.84 -43.23
C ILE D 95 28.91 -6.71 -43.99
N LEU D 96 29.40 -5.48 -43.79
CA LEU D 96 28.77 -4.31 -44.40
C LEU D 96 28.93 -4.32 -45.91
N GLN D 97 30.16 -4.23 -46.40
CA GLN D 97 30.47 -4.22 -47.83
C GLN D 97 31.14 -5.51 -48.27
N TRP D 98 30.84 -5.93 -49.49
CA TRP D 98 31.47 -7.13 -50.04
C TRP D 98 31.45 -7.04 -51.55
N LYS D 99 32.63 -7.10 -52.18
CA LYS D 99 32.76 -7.19 -53.62
C LYS D 99 33.27 -8.58 -53.96
N GLY D 100 32.40 -9.41 -54.53
CA GLY D 100 32.73 -10.83 -54.65
C GLY D 100 33.77 -11.14 -55.72
N GLY D 101 34.52 -12.22 -55.50
CA GLY D 101 35.55 -12.67 -56.39
C GLY D 101 35.18 -13.94 -57.15
N GLN D 102 36.21 -14.63 -57.64
CA GLN D 102 36.04 -15.88 -58.38
C GLN D 102 36.94 -16.94 -57.77
N GLY D 103 36.36 -18.06 -57.35
CA GLY D 103 37.10 -19.21 -56.87
C GLY D 103 37.04 -19.36 -55.37
N GLU D 104 37.89 -20.26 -54.86
CA GLU D 104 38.07 -20.48 -53.43
C GLU D 104 39.53 -20.24 -53.10
N TYR D 105 39.81 -19.84 -51.87
CA TYR D 105 41.15 -20.04 -51.33
C TYR D 105 41.10 -21.32 -50.51
N LYS D 106 41.76 -22.36 -51.01
CA LYS D 106 41.82 -23.66 -50.36
C LYS D 106 42.96 -23.67 -49.34
N LEU D 107 42.63 -23.97 -48.09
CA LEU D 107 43.63 -23.95 -47.02
C LEU D 107 44.47 -25.22 -46.98
N GLY D 108 45.79 -25.03 -46.84
CA GLY D 108 46.72 -26.14 -46.75
C GLY D 108 46.65 -26.86 -45.41
N ASN D 109 47.51 -27.88 -45.29
CA ASN D 109 47.54 -28.75 -44.12
C ASN D 109 48.14 -28.05 -42.93
N THR D 110 49.05 -27.12 -43.18
CA THR D 110 49.72 -26.35 -42.15
C THR D 110 49.52 -24.89 -42.53
N VAL D 111 48.86 -24.13 -41.65
CA VAL D 111 48.48 -22.76 -41.96
C VAL D 111 49.47 -21.83 -41.30
N THR D 112 50.06 -20.94 -42.09
CA THR D 112 50.92 -19.87 -41.60
C THR D 112 50.24 -18.50 -41.59
N ILE D 113 50.64 -17.69 -40.62
CA ILE D 113 50.08 -16.37 -40.36
C ILE D 113 51.22 -15.40 -40.09
N ALA D 114 51.23 -14.27 -40.80
CA ALA D 114 52.13 -13.17 -40.49
C ALA D 114 51.33 -12.07 -39.79
N CYS D 115 51.90 -11.52 -38.72
CA CYS D 115 51.17 -10.52 -37.95
C CYS D 115 52.12 -9.60 -37.19
N PRO D 116 51.93 -8.28 -37.28
CA PRO D 116 52.79 -7.36 -36.53
C PRO D 116 52.44 -7.26 -35.06
N ASP D 117 51.27 -7.74 -34.65
CA ASP D 117 50.87 -7.77 -33.24
C ASP D 117 51.11 -9.17 -32.68
N LYS D 118 52.02 -9.27 -31.71
CA LYS D 118 52.47 -10.58 -31.25
C LYS D 118 51.40 -11.31 -30.45
N GLU D 119 50.58 -10.57 -29.72
CA GLU D 119 49.64 -11.22 -28.82
C GLU D 119 48.34 -11.55 -29.53
N LEU D 120 47.96 -10.70 -30.50
CA LEU D 120 46.86 -11.02 -31.41
C LEU D 120 47.19 -12.25 -32.24
N GLY D 121 48.43 -12.35 -32.73
CA GLY D 121 48.81 -13.50 -33.54
C GLY D 121 48.71 -14.79 -32.78
N LYS D 122 49.28 -14.82 -31.57
CA LYS D 122 49.21 -16.01 -30.73
C LYS D 122 47.77 -16.39 -30.42
N LEU D 123 46.95 -15.39 -30.08
CA LEU D 123 45.51 -15.57 -29.90
C LEU D 123 44.87 -16.16 -31.16
N PHE D 124 45.08 -15.49 -32.29
CA PHE D 124 44.51 -15.92 -33.57
C PHE D 124 44.93 -17.35 -33.91
N ALA D 125 46.21 -17.65 -33.75
CA ALA D 125 46.74 -18.98 -34.08
C ALA D 125 46.06 -20.07 -33.26
N ALA D 126 45.98 -19.88 -31.95
CA ALA D 126 45.32 -20.87 -31.10
C ALA D 126 43.86 -21.03 -31.48
N ASP D 127 43.17 -19.91 -31.71
CA ASP D 127 41.80 -19.97 -32.22
C ASP D 127 41.74 -20.70 -33.56
N GLU D 129 43.78 -23.05 -34.59
CA GLU D 129 43.95 -24.47 -34.31
C GLU D 129 42.66 -25.09 -33.80
N ASP D 130 41.90 -24.34 -33.00
CA ASP D 130 40.70 -24.88 -32.38
C ASP D 130 39.58 -25.07 -33.39
N VAL D 131 39.49 -24.22 -34.40
CA VAL D 131 38.43 -24.33 -35.39
C VAL D 131 38.79 -25.32 -36.48
N LEU D 132 40.03 -25.29 -36.98
CA LEU D 132 40.39 -26.13 -38.12
C LEU D 132 40.80 -27.54 -37.74
N GLY D 133 41.35 -27.73 -36.54
CA GLY D 133 41.99 -28.98 -36.24
C GLY D 133 43.29 -29.23 -36.98
N LYS D 134 43.99 -28.16 -37.36
CA LYS D 134 45.25 -28.21 -38.07
C LYS D 134 46.29 -27.44 -37.29
N LYS D 135 47.54 -27.58 -37.66
CA LYS D 135 48.51 -26.83 -36.89
C LYS D 135 48.80 -25.52 -37.59
N VAL D 136 49.15 -24.52 -36.79
CA VAL D 136 49.23 -23.16 -37.28
C VAL D 136 50.55 -22.56 -36.86
N LYS D 137 51.32 -22.06 -37.83
CA LYS D 137 52.66 -21.53 -37.58
C LYS D 137 52.67 -20.01 -37.76
N LEU D 138 53.33 -19.30 -36.82
CA LEU D 138 53.43 -17.85 -36.85
C LEU D 138 54.82 -17.45 -37.38
N VAL D 139 54.85 -16.80 -38.54
CA VAL D 139 56.09 -16.29 -39.10
C VAL D 139 56.28 -14.84 -38.67
N ALA D 140 57.48 -14.27 -38.97
CA ALA D 140 57.68 -12.85 -38.69
C ALA D 140 57.05 -11.99 -39.81
N PRO D 141 56.44 -10.86 -39.45
CA PRO D 141 55.83 -10.00 -40.47
C PRO D 141 56.79 -9.65 -41.59
N GLY D 142 56.33 -9.82 -42.83
CA GLY D 142 57.14 -9.70 -44.02
C GLY D 142 57.44 -11.03 -44.69
N ALA D 143 57.57 -12.10 -43.91
CA ALA D 143 57.67 -13.43 -44.49
C ALA D 143 56.33 -13.84 -45.08
N LYS D 144 56.38 -14.53 -46.22
CA LYS D 144 55.15 -14.95 -46.89
C LYS D 144 54.40 -15.94 -46.02
N ALA D 145 53.09 -15.72 -45.89
CA ALA D 145 52.21 -16.55 -45.09
C ALA D 145 50.86 -16.63 -45.79
N ASP D 146 50.14 -17.72 -45.54
CA ASP D 146 48.81 -17.88 -46.13
C ASP D 146 47.89 -16.73 -45.73
N ILE D 147 47.95 -16.32 -44.47
CA ILE D 147 47.14 -15.23 -43.94
C ILE D 147 48.07 -14.16 -43.40
N SER D 148 48.04 -12.98 -44.00
CA SER D 148 48.94 -11.89 -43.66
C SER D 148 48.14 -10.71 -43.12
N LEU D 149 48.38 -10.35 -41.87
CA LEU D 149 47.73 -9.20 -41.25
C LEU D 149 48.61 -7.97 -41.37
N SER D 150 47.96 -6.81 -41.48
CA SER D 150 48.61 -5.59 -41.93
C SER D 150 48.03 -4.39 -41.19
N LEU D 151 48.85 -3.36 -41.03
CA LEU D 151 48.37 -2.05 -40.59
C LEU D 151 48.47 -1.06 -41.74
N LEU D 152 47.36 -0.38 -42.02
CA LEU D 152 47.20 0.50 -43.17
C LEU D 152 47.35 1.95 -42.74
N LYS D 153 47.93 2.77 -43.60
CA LYS D 153 47.95 4.21 -43.35
C LYS D 153 46.73 4.84 -44.02
N GLY D 154 46.12 5.81 -43.33
CA GLY D 154 44.98 6.49 -43.91
C GLY D 154 43.77 5.58 -44.09
N GLY D 155 42.83 6.08 -44.88
CA GLY D 155 41.58 5.38 -45.11
C GLY D 155 40.50 5.76 -44.12
N ASN D 156 39.35 5.10 -44.28
CA ASN D 156 38.16 5.39 -43.48
C ASN D 156 37.85 4.31 -42.46
N LEU D 157 38.73 3.33 -42.27
CA LEU D 157 38.39 2.19 -41.42
C LEU D 157 38.20 2.58 -39.96
N GLY D 158 38.98 3.54 -39.46
CA GLY D 158 38.95 3.81 -38.07
C GLY D 158 39.63 2.70 -37.25
N ARG D 159 39.72 2.98 -35.97
CA ARG D 159 39.71 1.98 -34.90
C ARG D 159 38.78 0.74 -34.95
N GLU D 160 37.58 0.64 -35.47
CA GLU D 160 37.19 -0.81 -35.47
C GLU D 160 37.09 -1.50 -36.83
N GLY D 161 37.42 -0.82 -37.92
CA GLY D 161 37.19 -1.35 -39.25
C GLY D 161 38.32 -2.20 -39.75
N TYR D 162 38.01 -2.94 -40.81
CA TYR D 162 39.02 -3.80 -41.41
C TYR D 162 38.66 -4.04 -42.87
N ARG D 163 39.66 -4.51 -43.61
CA ARG D 163 39.55 -4.90 -45.00
C ARG D 163 40.09 -6.32 -45.11
N LEU D 164 39.26 -7.24 -45.61
CA LEU D 164 39.60 -8.67 -45.64
C LEU D 164 39.60 -9.15 -47.09
N GLN D 165 40.79 -9.30 -47.68
CA GLN D 165 40.93 -9.68 -49.09
C GLN D 165 41.26 -11.16 -49.20
N ILE D 166 40.41 -11.90 -49.91
CA ILE D 166 40.58 -13.35 -50.06
C ILE D 166 40.87 -13.63 -51.52
N ALA D 167 42.11 -14.03 -51.82
CA ALA D 167 42.56 -14.39 -53.16
C ALA D 167 42.83 -15.89 -53.24
N ARG D 168 43.22 -16.34 -54.43
CA ARG D 168 43.58 -17.74 -54.60
C ARG D 168 44.95 -18.09 -54.02
N ASP D 169 45.82 -17.10 -53.82
CA ASP D 169 47.11 -17.31 -53.18
C ASP D 169 47.11 -16.93 -51.69
N GLY D 170 45.95 -16.63 -51.10
CA GLY D 170 45.97 -16.32 -49.69
C GLY D 170 45.07 -15.19 -49.23
N VAL D 171 45.03 -15.00 -47.91
CA VAL D 171 44.16 -14.02 -47.28
C VAL D 171 45.00 -12.84 -46.81
N ARG D 172 44.61 -11.64 -47.20
CA ARG D 172 45.22 -10.42 -46.71
C ARG D 172 44.17 -9.67 -45.88
N LEU D 173 44.54 -9.34 -44.64
CA LEU D 173 43.64 -8.71 -43.69
C LEU D 173 44.30 -7.44 -43.18
N GLY D 174 43.69 -6.28 -43.46
CA GLY D 174 44.25 -5.00 -43.10
C GLY D 174 43.35 -4.18 -42.22
N ALA D 175 43.93 -3.30 -41.41
CA ALA D 175 43.15 -2.44 -40.53
C ALA D 175 43.93 -1.16 -40.27
N ALA D 176 43.22 -0.14 -39.78
CA ALA D 176 43.91 1.08 -39.35
C ALA D 176 44.50 0.90 -37.96
N ALA D 177 43.80 0.19 -37.09
CA ALA D 177 44.23 -0.05 -35.72
C ALA D 177 44.22 -1.54 -35.43
N PRO D 178 45.00 -2.00 -34.45
CA PRO D 178 45.01 -3.44 -34.14
C PRO D 178 43.64 -3.98 -33.75
N THR D 179 42.78 -3.17 -33.16
CA THR D 179 41.49 -3.68 -32.72
C THR D 179 40.68 -4.18 -33.90
N GLY D 180 40.66 -3.44 -35.01
CA GLY D 180 39.98 -3.91 -36.20
C GLY D 180 40.62 -5.15 -36.83
N LEU D 181 41.94 -5.29 -36.70
CA LEU D 181 42.55 -6.55 -37.08
C LEU D 181 41.90 -7.69 -36.29
N PHE D 182 41.64 -7.47 -35.01
CA PHE D 182 41.08 -8.55 -34.20
C PHE D 182 39.66 -8.89 -34.64
N TRP D 183 38.83 -7.86 -34.86
CA TRP D 183 37.49 -8.11 -35.38
C TRP D 183 37.55 -8.88 -36.69
N GLY D 184 38.51 -8.52 -37.56
CA GLY D 184 38.68 -9.24 -38.80
C GLY D 184 38.92 -10.72 -38.61
N THR D 185 39.75 -11.09 -37.63
CA THR D 185 39.96 -12.50 -37.36
C THR D 185 38.67 -13.19 -36.93
N ARG D 186 37.79 -12.48 -36.23
CA ARG D 186 36.54 -13.09 -35.83
C ARG D 186 35.73 -13.49 -37.06
N THR D 187 35.78 -12.66 -38.10
CA THR D 187 35.01 -12.96 -39.30
C THR D 187 35.63 -14.11 -40.07
N LEU D 188 36.96 -14.09 -40.22
CA LEU D 188 37.61 -15.17 -40.93
C LEU D 188 37.36 -16.50 -40.24
N LEU D 189 37.40 -16.48 -38.90
CA LEU D 189 37.18 -17.70 -38.13
C LEU D 189 35.74 -18.17 -38.23
N GLN D 190 34.79 -17.23 -38.26
CA GLN D 190 33.39 -17.61 -38.40
C GLN D 190 33.10 -18.28 -39.75
N LEU D 192 35.42 -20.22 -41.44
CA LEU D 192 36.03 -21.53 -41.28
C LEU D 192 35.17 -22.45 -40.40
N ARG D 193 34.35 -21.89 -39.51
CA ARG D 193 33.39 -22.73 -38.79
C ARG D 193 32.43 -23.43 -39.74
N GLN D 194 32.04 -22.77 -40.83
CA GLN D 194 31.09 -23.32 -41.78
C GLN D 194 31.77 -24.11 -42.89
N THR D 195 32.88 -23.62 -43.41
CA THR D 195 33.63 -24.29 -44.48
C THR D 195 35.08 -24.24 -44.03
N PRO D 196 35.52 -25.20 -43.22
CA PRO D 196 36.92 -25.23 -42.78
C PRO D 196 37.91 -25.49 -43.89
N GLY D 197 37.46 -26.07 -45.01
CA GLY D 197 38.41 -26.41 -46.06
C GLY D 197 38.87 -25.20 -46.85
N SER D 198 37.97 -24.25 -47.10
CA SER D 198 38.29 -23.14 -47.99
C SER D 198 37.35 -21.97 -47.71
N VAL D 199 37.70 -20.82 -48.26
CA VAL D 199 36.92 -19.59 -48.11
C VAL D 199 36.72 -18.92 -49.46
N PRO D 200 35.55 -18.33 -49.71
CA PRO D 200 35.26 -17.74 -51.02
C PRO D 200 36.12 -16.51 -51.30
N CYS D 201 36.67 -16.47 -52.51
CA CYS D 201 37.46 -15.33 -52.97
C CYS D 201 36.60 -14.07 -53.03
N GLY D 202 37.25 -12.93 -52.77
CA GLY D 202 36.57 -11.65 -52.76
C GLY D 202 37.08 -10.72 -51.68
N THR D 203 36.55 -9.50 -51.64
CA THR D 203 36.97 -8.48 -50.70
C THR D 203 35.81 -8.08 -49.80
N ALA D 204 36.08 -8.00 -48.50
CA ALA D 204 35.13 -7.54 -47.51
C ALA D 204 35.68 -6.30 -46.83
N VAL D 205 34.88 -5.23 -46.80
CA VAL D 205 35.16 -4.04 -46.00
C VAL D 205 34.07 -3.92 -44.95
N ASP D 206 34.48 -3.79 -43.68
CA ASP D 206 33.57 -3.85 -42.54
C ASP D 206 33.96 -2.87 -41.44
N PHE D 207 32.96 -2.23 -40.85
CA PHE D 207 33.13 -1.38 -39.66
C PHE D 207 31.78 -1.18 -39.01
N PRO D 208 31.75 -0.88 -37.71
CA PRO D 208 30.48 -0.84 -36.97
C PRO D 208 29.73 0.47 -37.09
N ARG D 209 28.40 0.35 -36.99
CA ARG D 209 27.51 1.51 -37.07
C ARG D 209 27.48 2.31 -35.77
N TYR D 210 27.84 1.69 -34.65
CA TYR D 210 27.79 2.31 -33.34
C TYR D 210 29.04 1.93 -32.57
N GLN D 211 29.63 2.88 -31.85
CA GLN D 211 30.92 2.60 -31.24
C GLN D 211 30.82 1.85 -29.91
N LEU D 212 29.64 1.81 -29.28
CA LEU D 212 29.44 1.11 -28.01
C LEU D 212 28.38 0.03 -28.19
N ARG D 213 28.82 -1.23 -28.15
CA ARG D 213 27.95 -2.40 -28.30
C ARG D 213 28.18 -3.26 -27.06
N GLY D 214 27.28 -3.15 -26.07
CA GLY D 214 27.61 -3.48 -24.71
C GLY D 214 26.62 -4.41 -24.05
N PHE D 215 27.07 -4.94 -22.90
CA PHE D 215 26.34 -5.89 -22.06
C PHE D 215 26.65 -5.55 -20.61
N LEU D 217 26.24 -6.78 -16.70
CA LEU D 217 25.96 -7.96 -15.89
C LEU D 217 25.99 -7.59 -14.41
N ASP D 218 24.89 -7.87 -13.72
CA ASP D 218 24.88 -7.72 -12.27
C ASP D 218 25.62 -8.88 -11.58
N VAL D 219 26.91 -8.70 -11.30
CA VAL D 219 27.68 -9.73 -10.63
C VAL D 219 27.73 -9.50 -9.13
N ALA D 220 26.81 -8.68 -8.62
CA ALA D 220 26.80 -8.34 -7.19
C ALA D 220 25.76 -9.10 -6.40
N ARG D 221 24.51 -9.17 -6.87
CA ARG D 221 23.45 -9.79 -6.07
C ARG D 221 23.60 -11.30 -6.04
N THR D 222 24.34 -11.87 -6.97
CA THR D 222 24.67 -13.28 -6.92
C THR D 222 26.05 -13.39 -7.56
N PRO D 223 26.87 -14.34 -7.13
CA PRO D 223 28.27 -14.38 -7.58
C PRO D 223 28.45 -15.01 -8.95
N TYR D 224 29.53 -14.58 -9.62
CA TYR D 224 30.00 -15.09 -10.89
C TYR D 224 31.50 -15.29 -10.79
N PRO D 225 32.01 -16.48 -11.09
CA PRO D 225 33.47 -16.70 -11.08
C PRO D 225 34.14 -16.15 -12.32
N LEU D 226 35.41 -15.75 -12.13
CA LEU D 226 36.21 -15.20 -13.21
C LEU D 226 36.19 -16.08 -14.47
N SER D 227 36.14 -17.40 -14.31
CA SER D 227 36.06 -18.27 -15.48
C SER D 227 34.87 -17.91 -16.36
N TYR D 228 33.73 -17.61 -15.75
CA TYR D 228 32.52 -17.30 -16.51
C TYR D 228 32.64 -15.93 -17.16
N LEU D 229 33.33 -14.99 -16.52
CA LEU D 229 33.56 -13.71 -17.17
C LEU D 229 34.51 -13.86 -18.36
N LYS D 230 35.52 -14.72 -18.23
CA LYS D 230 36.39 -15.05 -19.36
C LYS D 230 35.57 -15.62 -20.52
N ASP D 231 34.62 -16.52 -20.21
CA ASP D 231 33.72 -17.03 -21.23
C ASP D 231 32.91 -15.91 -21.88
N VAL D 232 32.31 -15.05 -21.05
CA VAL D 232 31.48 -13.94 -21.54
C VAL D 232 32.28 -13.04 -22.47
N ILE D 233 33.50 -12.68 -22.05
CA ILE D 233 34.37 -11.80 -22.84
C ILE D 233 34.56 -12.37 -24.24
N ARG D 234 35.01 -13.63 -24.32
CA ARG D 234 35.28 -14.24 -25.62
C ARG D 234 34.02 -14.34 -26.47
N THR D 235 32.88 -14.70 -25.86
CA THR D 235 31.65 -14.77 -26.63
C THR D 235 31.20 -13.40 -27.11
N ALA D 237 33.25 -10.95 -27.90
CA ALA D 237 34.12 -10.62 -29.01
C ALA D 237 33.74 -11.40 -30.26
N TRP D 238 33.18 -12.60 -30.08
CA TRP D 238 32.82 -13.47 -31.20
C TRP D 238 31.73 -12.85 -32.06
N TYR D 239 30.86 -12.05 -31.45
CA TYR D 239 29.86 -11.26 -32.17
C TYR D 239 30.22 -9.78 -32.25
N LYS D 240 31.48 -9.44 -32.00
CA LYS D 240 32.00 -8.06 -32.13
C LYS D 240 31.35 -7.06 -31.16
N ASN D 242 31.76 -4.88 -27.60
CA ASN D 242 33.03 -4.40 -27.05
C ASN D 242 32.91 -3.66 -25.71
N ASP D 243 31.83 -3.83 -24.96
CA ASP D 243 31.60 -3.03 -23.75
C ASP D 243 30.96 -3.90 -22.68
N LEU D 244 31.73 -4.29 -21.69
CA LEU D 244 31.24 -5.19 -20.65
C LEU D 244 31.15 -4.41 -19.34
N HIS D 245 29.92 -4.20 -18.89
CA HIS D 245 29.59 -3.37 -17.73
C HIS D 245 29.36 -4.29 -16.52
N LEU D 246 30.17 -4.13 -15.48
CA LEU D 246 30.12 -5.02 -14.31
C LEU D 246 29.71 -4.24 -13.06
N VAL D 247 28.62 -4.67 -12.43
CA VAL D 247 28.11 -4.06 -11.20
C VAL D 247 28.89 -4.64 -10.02
N ILE D 248 29.86 -3.87 -9.52
CA ILE D 248 30.73 -4.38 -8.45
C ILE D 248 30.00 -4.50 -7.12
N ASN D 249 29.05 -3.61 -6.84
CA ASN D 249 28.36 -3.68 -5.56
C ASN D 249 26.87 -3.43 -5.75
N ASN D 250 26.07 -4.12 -4.98
CA ASN D 250 24.63 -3.97 -4.92
C ASN D 250 24.15 -4.78 -3.71
N ASN D 251 22.84 -4.94 -3.61
CA ASN D 251 22.26 -5.64 -2.47
C ASN D 251 20.82 -6.00 -2.81
N TYR D 252 20.25 -6.87 -1.99
CA TYR D 252 18.83 -7.21 -2.08
C TYR D 252 17.98 -5.94 -2.14
N ILE D 253 16.93 -5.98 -2.96
CA ILE D 253 16.03 -4.85 -3.11
C ILE D 253 14.97 -4.81 -2.00
N PHE D 254 14.44 -5.98 -1.65
CA PHE D 254 13.16 -6.06 -0.94
C PHE D 254 13.37 -6.20 0.55
N HIS D 255 13.97 -5.16 1.12
CA HIS D 255 14.22 -5.13 2.55
C HIS D 255 12.93 -5.31 3.34
N GLU D 256 11.80 -4.79 2.83
CA GLU D 256 10.52 -5.01 3.49
C GLU D 256 10.28 -6.48 3.83
N HIS D 257 10.71 -7.39 2.95
CA HIS D 257 10.57 -8.82 3.23
C HIS D 257 11.09 -9.18 4.62
N TYR D 258 12.22 -8.59 5.02
CA TYR D 258 12.73 -8.83 6.37
C TYR D 258 11.89 -8.10 7.42
N VAL D 259 11.78 -6.77 7.28
CA VAL D 259 11.07 -5.96 8.26
C VAL D 259 9.67 -6.50 8.50
N ASP D 260 8.95 -6.85 7.44
CA ASP D 260 7.58 -7.29 7.60
C ASP D 260 7.47 -8.65 8.26
N ASN D 261 8.55 -9.42 8.33
CA ASN D 261 8.53 -10.72 8.99
C ASN D 261 9.32 -10.72 10.28
N GLY D 262 9.66 -9.55 10.80
CA GLY D 262 10.33 -9.49 12.07
C GLY D 262 11.83 -9.57 12.04
N HIS D 263 12.46 -9.28 10.91
CA HIS D 263 13.92 -9.33 10.85
C HIS D 263 14.47 -7.98 10.46
N ASP D 264 15.78 -7.82 10.63
CA ASP D 264 16.47 -6.58 10.32
C ASP D 264 17.25 -6.69 9.01
N PRO D 265 16.82 -6.02 7.94
CA PRO D 265 17.59 -6.07 6.68
C PRO D 265 18.97 -5.47 6.79
N PHE D 266 19.20 -4.55 7.73
CA PHE D 266 20.53 -3.99 7.91
C PHE D 266 21.55 -5.08 8.25
N LYS D 267 21.10 -6.12 8.94
CA LYS D 267 21.92 -7.25 9.30
C LYS D 267 21.81 -8.41 8.30
N GLU D 268 20.60 -8.72 7.83
CA GLU D 268 20.31 -9.98 7.17
C GLU D 268 20.16 -9.89 5.66
N SER D 269 19.89 -8.70 5.09
CA SER D 269 19.81 -8.61 3.64
C SER D 269 21.16 -8.88 2.99
N TYR D 270 21.12 -9.57 1.85
CA TYR D 270 22.33 -9.91 1.11
C TYR D 270 22.92 -8.65 0.48
N ALA D 271 24.18 -8.37 0.78
CA ALA D 271 24.93 -7.32 0.12
C ALA D 271 26.27 -7.88 -0.31
N ALA D 272 26.94 -7.17 -1.21
CA ALA D 272 28.15 -7.68 -1.81
C ALA D 272 28.91 -6.56 -2.50
N PHE D 273 30.22 -6.52 -2.26
CA PHE D 273 31.16 -5.63 -2.93
C PHE D 273 32.29 -6.52 -3.43
N ARG D 274 32.36 -6.72 -4.75
CA ARG D 274 33.10 -7.84 -5.30
C ARG D 274 34.59 -7.56 -5.50
N LEU D 275 35.05 -6.33 -5.32
CA LEU D 275 36.47 -6.07 -5.42
C LEU D 275 37.10 -6.11 -4.04
N GLU D 276 38.23 -6.81 -3.95
CA GLU D 276 39.18 -6.69 -2.84
C GLU D 276 39.36 -5.26 -2.33
N SER D 277 39.06 -5.04 -1.06
CA SER D 277 39.23 -3.72 -0.48
C SER D 277 39.77 -3.83 0.94
N LYS D 278 40.71 -2.93 1.26
CA LYS D 278 41.17 -2.76 2.62
C LYS D 278 40.16 -2.00 3.48
N LYS D 280 37.20 -1.26 5.90
CA LYS D 280 36.69 -2.09 6.98
C LYS D 280 36.06 -1.19 8.04
N GLY D 281 34.96 -1.67 8.63
CA GLY D 281 34.26 -0.92 9.65
C GLY D 281 34.84 -1.09 11.05
N LYS D 282 34.44 -0.16 11.93
CA LYS D 282 34.81 -0.24 13.35
C LYS D 282 34.47 -1.61 13.94
N ASP D 283 33.22 -2.05 13.73
CA ASP D 283 32.79 -3.41 14.04
C ASP D 283 33.80 -4.45 13.57
N GLY D 284 34.51 -4.19 12.48
CA GLY D 284 35.25 -5.21 11.77
C GLY D 284 34.50 -5.86 10.63
N THR D 285 33.50 -5.22 10.08
CA THR D 285 32.92 -5.89 8.93
C THR D 285 33.68 -5.42 7.70
N PRO D 286 34.07 -6.28 6.78
CA PRO D 286 34.80 -5.78 5.62
C PRO D 286 33.86 -5.33 4.52
N LEU D 287 34.31 -4.34 3.76
CA LEU D 287 33.53 -3.93 2.58
C LEU D 287 33.46 -5.06 1.55
N THR D 288 34.55 -5.79 1.37
CA THR D 288 34.62 -6.84 0.37
C THR D 288 33.74 -8.03 0.76
N ALA D 289 32.96 -8.51 -0.20
CA ALA D 289 32.08 -9.64 0.04
C ALA D 289 32.88 -10.83 0.53
N ARG D 290 32.24 -11.68 1.34
CA ARG D 290 32.98 -12.80 1.90
C ARG D 290 32.74 -14.11 1.17
N ASP D 291 31.65 -14.25 0.40
CA ASP D 291 31.43 -15.52 -0.26
C ASP D 291 32.28 -15.64 -1.51
N LEU D 292 32.37 -14.58 -2.30
CA LEU D 292 33.16 -14.56 -3.52
C LEU D 292 33.53 -13.11 -3.84
N PHE D 293 34.77 -12.91 -4.28
CA PHE D 293 35.26 -11.58 -4.63
C PHE D 293 36.45 -11.75 -5.56
N TYR D 294 36.85 -10.66 -6.19
CA TYR D 294 38.00 -10.68 -7.08
C TYR D 294 39.12 -9.86 -6.46
N THR D 295 40.32 -10.38 -6.52
CA THR D 295 41.44 -9.61 -6.02
C THR D 295 41.79 -8.50 -7.00
N LYS D 296 42.49 -7.49 -6.49
CA LYS D 296 42.88 -6.37 -7.33
C LYS D 296 43.74 -6.83 -8.51
N LYS D 297 44.68 -7.75 -8.29
CA LYS D 297 45.43 -8.32 -9.41
C LYS D 297 44.50 -9.09 -10.35
N GLU D 298 43.60 -9.90 -9.77
CA GLU D 298 42.66 -10.68 -10.58
C GLU D 298 41.84 -9.78 -11.50
N PHE D 299 41.31 -8.69 -10.94
CA PHE D 299 40.47 -7.80 -11.75
C PHE D 299 41.30 -7.09 -12.81
N ALA D 300 42.43 -6.52 -12.38
CA ALA D 300 43.31 -5.83 -13.33
C ALA D 300 43.78 -6.77 -14.44
N ASP D 301 43.95 -8.06 -14.13
CA ASP D 301 44.26 -9.04 -15.16
C ASP D 301 43.06 -9.25 -16.10
N LEU D 302 41.85 -9.40 -15.54
CA LEU D 302 40.66 -9.55 -16.36
C LEU D 302 40.45 -8.36 -17.30
N VAL D 303 40.84 -7.16 -16.86
CA VAL D 303 40.62 -6.00 -17.72
C VAL D 303 41.62 -6.03 -18.88
N SER D 304 42.87 -6.40 -18.60
CA SER D 304 43.83 -6.52 -19.70
C SER D 304 43.48 -7.66 -20.64
N TYR D 305 42.89 -8.73 -20.10
CA TYR D 305 42.60 -9.89 -20.93
C TYR D 305 41.41 -9.60 -21.84
N ALA D 306 40.46 -8.78 -21.37
CA ALA D 306 39.38 -8.34 -22.25
C ALA D 306 39.88 -7.40 -23.35
N ARG D 307 40.87 -6.56 -23.05
CA ARG D 307 41.43 -5.66 -24.06
C ARG D 307 42.01 -6.43 -25.24
N LYS D 308 42.61 -7.61 -24.99
CA LYS D 308 43.07 -8.47 -26.08
C LYS D 308 41.94 -8.78 -27.04
N TYR D 309 40.74 -9.01 -26.52
CA TYR D 309 39.61 -9.46 -27.32
C TYR D 309 38.71 -8.28 -27.73
N GLY D 310 39.22 -7.06 -27.63
CA GLY D 310 38.49 -5.88 -28.04
C GLY D 310 37.33 -5.50 -27.14
N VAL D 311 37.29 -5.98 -25.91
CA VAL D 311 36.20 -5.67 -24.99
C VAL D 311 36.71 -4.72 -23.91
N ASN D 312 36.00 -3.61 -23.74
CA ASN D 312 36.31 -2.65 -22.68
C ASN D 312 35.43 -2.95 -21.47
N ILE D 313 36.05 -3.22 -20.32
CA ILE D 313 35.34 -3.52 -19.09
C ILE D 313 35.05 -2.21 -18.36
N VAL D 314 33.80 -2.02 -17.97
CA VAL D 314 33.37 -0.85 -17.23
C VAL D 314 32.94 -1.30 -15.85
N PRO D 315 33.76 -1.08 -14.83
CA PRO D 315 33.34 -1.38 -13.45
C PRO D 315 32.39 -0.31 -12.93
N GLU D 316 31.44 -0.74 -12.13
CA GLU D 316 30.46 0.20 -11.56
C GLU D 316 30.44 0.10 -10.05
N PHE D 317 30.69 1.24 -9.38
CA PHE D 317 30.51 1.38 -7.93
C PHE D 317 29.20 2.13 -7.71
N ASP D 318 28.19 1.40 -7.24
CA ASP D 318 26.84 1.92 -7.31
C ASP D 318 26.52 2.58 -5.96
N THR D 319 26.46 3.91 -5.97
CA THR D 319 26.17 4.80 -4.85
C THR D 319 25.37 5.96 -5.43
N PRO D 320 24.59 6.67 -4.59
CA PRO D 320 24.39 6.52 -3.15
C PRO D 320 23.43 5.39 -2.79
N GLY D 321 22.69 4.88 -3.76
CA GLY D 321 21.81 3.76 -3.50
C GLY D 321 22.48 2.42 -3.74
N HIS D 322 21.82 1.37 -3.28
CA HIS D 322 22.34 -0.01 -3.32
C HIS D 322 23.69 -0.11 -2.60
N ALA D 323 23.84 0.63 -1.50
CA ALA D 323 25.14 0.75 -0.85
C ALA D 323 25.15 0.14 0.56
N LEU D 324 24.34 -0.89 0.78
CA LEU D 324 24.33 -1.60 2.06
C LEU D 324 25.69 -2.23 2.38
N SER D 325 26.54 -2.42 1.39
CA SER D 325 27.92 -2.77 1.69
C SER D 325 28.66 -1.58 2.26
N PHE D 326 28.22 -0.35 1.96
CA PHE D 326 28.84 0.85 2.51
C PHE D 326 28.21 1.28 3.84
N THR D 327 26.87 1.28 3.93
CA THR D 327 26.20 1.67 5.17
C THR D 327 26.51 0.71 6.31
N ARG D 328 26.92 -0.51 6.00
CA ARG D 328 27.28 -1.40 7.10
C ARG D 328 28.59 -0.97 7.75
N LEU D 329 29.45 -0.27 7.01
CA LEU D 329 30.65 0.28 7.62
C LEU D 329 30.35 1.57 8.37
N ARG D 330 29.42 2.37 7.86
CA ARG D 330 29.14 3.70 8.41
C ARG D 330 27.63 3.91 8.52
N PRO D 331 27.00 3.35 9.55
CA PRO D 331 25.55 3.53 9.72
C PRO D 331 25.12 4.98 9.92
N ASP D 332 26.06 5.85 10.35
CA ASP D 332 25.76 7.26 10.49
C ASP D 332 25.47 7.93 9.15
N LEU D 333 26.02 7.39 8.05
CA LEU D 333 25.81 7.99 6.74
C LEU D 333 24.52 7.51 6.08
N ILE D 334 23.71 6.72 6.79
CA ILE D 334 22.38 6.34 6.30
C ILE D 334 21.49 7.58 6.19
N TYR D 335 20.74 7.66 5.09
CA TYR D 335 19.91 8.82 4.79
C TYR D 335 18.88 9.08 5.88
N LYS D 336 18.75 10.36 6.28
CA LYS D 336 17.96 10.77 7.42
C LYS D 336 16.50 11.13 7.09
N GLY D 337 16.29 11.89 6.02
CA GLY D 337 15.01 12.55 5.79
C GLY D 337 13.82 11.63 5.52
N PRO D 338 12.75 12.23 5.01
CA PRO D 338 11.54 11.45 4.71
C PRO D 338 11.67 10.73 3.39
N ASN D 340 9.38 7.59 0.63
CA ASN D 340 8.47 6.48 0.39
C ASN D 340 9.29 5.20 0.25
N HIS D 341 8.61 4.06 0.44
CA HIS D 341 9.25 2.78 0.72
C HIS D 341 10.29 2.93 1.83
N GLU D 342 9.79 3.46 2.95
CA GLU D 342 10.58 3.71 4.14
C GLU D 342 11.43 2.51 4.56
N LYS D 343 10.89 1.31 4.39
CA LYS D 343 11.54 0.13 4.94
C LYS D 343 12.82 -0.25 4.20
N ARG D 344 13.25 0.55 3.20
CA ARG D 344 14.49 0.31 2.47
C ARG D 344 15.57 1.34 2.78
N ARG D 345 15.36 2.19 3.80
CA ARG D 345 16.29 3.29 4.07
C ARG D 345 17.73 2.81 4.28
N CYS D 346 17.91 1.61 4.85
CA CYS D 346 19.23 1.20 5.31
C CYS D 346 20.24 1.01 4.19
N GLU D 347 19.81 0.91 2.93
CA GLU D 347 20.73 0.72 1.81
C GLU D 347 21.24 2.05 1.23
N LEU D 349 22.88 5.96 1.23
CA LEU D 349 23.81 6.91 1.82
C LEU D 349 23.22 8.31 1.80
N ASP D 350 23.52 9.10 2.83
CA ASP D 350 22.97 10.45 2.90
C ASP D 350 23.81 11.37 2.04
N ALA D 351 23.30 11.68 0.84
CA ALA D 351 24.02 12.56 -0.06
C ALA D 351 24.03 14.00 0.42
N ALA D 352 23.16 14.35 1.37
CA ALA D 352 23.23 15.66 2.02
C ALA D 352 24.41 15.72 2.99
N ASN D 353 24.72 14.60 3.64
CA ASN D 353 25.83 14.52 4.59
C ASN D 353 27.18 14.74 3.92
N PRO D 354 27.94 15.76 4.30
CA PRO D 354 29.25 15.99 3.65
C PRO D 354 30.22 14.84 3.81
N GLU D 355 30.08 14.03 4.86
CA GLU D 355 30.98 12.91 5.05
C GLU D 355 30.73 11.78 4.04
N THR D 356 29.58 11.79 3.38
CA THR D 356 29.26 10.71 2.46
C THR D 356 30.17 10.73 1.24
N ILE D 357 30.40 11.92 0.67
CA ILE D 357 31.26 12.00 -0.50
C ILE D 357 32.71 11.73 -0.11
N ASP D 358 33.07 11.95 1.15
CA ASP D 358 34.43 11.65 1.59
C ASP D 358 34.66 10.15 1.60
N LEU D 359 33.65 9.37 1.99
CA LEU D 359 33.80 7.91 1.96
C LEU D 359 33.84 7.39 0.54
N VAL D 360 32.95 7.90 -0.32
CA VAL D 360 32.83 7.39 -1.68
C VAL D 360 34.11 7.68 -2.47
N SER D 361 34.62 8.91 -2.39
CA SER D 361 35.88 9.21 -3.04
CA SER D 361 35.89 9.23 -3.03
C SER D 361 37.01 8.37 -2.47
N LYS D 362 37.00 8.14 -1.15
CA LYS D 362 37.97 7.24 -0.55
C LYS D 362 37.95 5.89 -1.25
N VAL D 363 36.76 5.33 -1.44
CA VAL D 363 36.65 4.02 -2.08
C VAL D 363 37.12 4.09 -3.53
N PHE D 364 36.60 5.06 -4.30
CA PHE D 364 37.01 5.19 -5.69
C PHE D 364 38.52 5.35 -5.81
N ASP D 365 39.13 6.16 -4.94
CA ASP D 365 40.56 6.40 -5.04
C ASP D 365 41.37 5.14 -4.82
N GLU D 366 40.80 4.15 -4.10
CA GLU D 366 41.50 2.90 -3.89
C GLU D 366 41.72 2.15 -5.19
N TYR D 367 41.02 2.53 -6.25
CA TYR D 367 41.14 1.89 -7.54
C TYR D 367 41.49 2.86 -8.65
N LEU D 369 43.62 5.61 -8.13
CA LEU D 369 44.99 6.02 -7.88
C LEU D 369 45.93 4.82 -7.93
N LYS D 370 47.22 5.12 -7.97
CA LYS D 370 48.25 4.10 -8.11
C LYS D 370 48.21 3.10 -6.96
N ASP D 371 48.01 1.84 -7.28
CA ASP D 371 48.15 0.82 -6.26
C ASP D 371 49.63 0.58 -5.96
N PRO D 372 50.03 0.52 -4.69
CA PRO D 372 51.48 0.38 -4.39
C PRO D 372 52.08 -0.91 -4.92
N LYS D 373 51.35 -2.02 -4.85
CA LYS D 373 51.92 -3.32 -5.20
C LYS D 373 51.80 -3.65 -6.68
N LEU D 374 50.82 -3.06 -7.40
CA LEU D 374 50.78 -3.14 -8.85
C LEU D 374 51.61 -2.07 -9.53
N GLY D 375 51.98 -1.01 -8.81
CA GLY D 375 52.62 0.12 -9.46
C GLY D 375 51.77 0.77 -10.52
N ARG D 376 50.45 0.69 -10.38
CA ARG D 376 49.60 1.15 -11.46
C ARG D 376 48.21 1.14 -10.83
N PRO D 377 47.26 1.97 -11.26
CA PRO D 377 45.90 1.82 -10.73
C PRO D 377 45.30 0.45 -11.07
N VAL D 378 44.38 0.00 -10.21
CA VAL D 378 43.58 -1.19 -10.53
C VAL D 378 42.75 -0.94 -11.78
N PHE D 379 42.18 0.27 -11.90
CA PHE D 379 41.37 0.68 -13.03
C PHE D 379 42.19 1.34 -14.14
N ALA D 380 43.49 1.08 -14.19
CA ALA D 380 44.37 1.77 -15.14
C ALA D 380 43.93 1.54 -16.58
N ASP D 381 43.54 0.31 -16.89
CA ASP D 381 43.07 -0.02 -18.23
C ASP D 381 41.57 0.16 -18.39
N CYS D 382 40.93 0.87 -17.47
CA CYS D 382 39.51 1.20 -17.57
C CYS D 382 39.40 2.66 -18.00
N GLY D 383 39.09 2.88 -19.27
CA GLY D 383 38.86 4.25 -19.72
C GLY D 383 37.61 4.84 -19.08
N VAL D 384 36.58 4.02 -18.90
CA VAL D 384 35.30 4.45 -18.36
C VAL D 384 35.09 3.77 -17.01
N VAL D 385 34.65 4.54 -16.02
CA VAL D 385 34.21 4.02 -14.73
C VAL D 385 32.78 4.51 -14.51
N HIS D 386 31.88 3.57 -14.24
CA HIS D 386 30.49 3.90 -13.97
C HIS D 386 30.29 4.24 -12.48
N VAL D 387 29.51 5.29 -12.22
CA VAL D 387 29.40 5.82 -10.86
C VAL D 387 27.98 5.71 -10.31
N GLY D 388 27.09 5.00 -11.00
CA GLY D 388 25.81 4.65 -10.42
C GLY D 388 24.81 5.79 -10.43
N ALA D 389 24.41 6.22 -9.23
CA ALA D 389 23.56 7.40 -9.05
C ALA D 389 22.22 7.23 -9.76
N ASP D 390 21.66 6.02 -9.68
CA ASP D 390 20.31 5.80 -10.18
C ASP D 390 19.29 6.62 -9.40
N GLU D 391 19.38 6.61 -8.07
CA GLU D 391 18.42 7.34 -7.26
C GLU D 391 18.98 7.75 -5.90
N PHE D 392 18.40 8.84 -5.38
CA PHE D 392 18.48 9.25 -3.99
C PHE D 392 17.06 9.28 -3.43
N TYR D 393 16.89 8.78 -2.20
CA TYR D 393 15.56 8.67 -1.58
C TYR D 393 15.08 9.95 -0.95
N GLY D 394 15.80 11.06 -1.11
CA GLY D 394 15.42 12.26 -0.42
C GLY D 394 15.38 13.50 -1.27
N ASP D 395 16.01 14.56 -0.79
CA ASP D 395 15.95 15.84 -1.49
C ASP D 395 16.55 15.74 -2.89
N LYS D 396 15.85 16.33 -3.83
CA LYS D 396 16.17 16.24 -5.25
C LYS D 396 17.44 17.02 -5.56
N GLU D 397 17.58 18.19 -4.94
CA GLU D 397 18.79 19.00 -5.16
C GLU D 397 20.02 18.36 -4.55
N ASP D 398 19.86 17.68 -3.41
CA ASP D 398 21.01 16.97 -2.83
C ASP D 398 21.54 15.94 -3.80
N TYR D 399 20.64 15.17 -4.42
CA TYR D 399 21.05 14.21 -5.45
C TYR D 399 21.93 14.88 -6.48
N ARG D 400 21.47 16.00 -7.03
CA ARG D 400 22.26 16.69 -8.04
C ARG D 400 23.63 17.09 -7.53
N HIS D 401 23.73 17.48 -6.25
CA HIS D 401 25.03 17.82 -5.68
C HIS D 401 25.94 16.60 -5.63
N PHE D 402 25.40 15.45 -5.21
CA PHE D 402 26.19 14.23 -5.08
C PHE D 402 26.50 13.65 -6.44
N ALA D 403 25.50 13.59 -7.33
CA ALA D 403 25.73 13.09 -8.67
C ALA D 403 26.84 13.90 -9.34
N ASN D 404 26.76 15.23 -9.22
CA ASN D 404 27.84 16.11 -9.65
C ASN D 404 29.18 15.67 -9.10
N ALA D 405 29.23 15.28 -7.82
CA ALA D 405 30.51 15.11 -7.15
C ALA D 405 31.21 13.82 -7.55
N VAL D 406 30.48 12.70 -7.63
CA VAL D 406 31.14 11.47 -8.08
C VAL D 406 31.53 11.58 -9.54
N LEU D 407 30.71 12.27 -10.36
CA LEU D 407 31.08 12.51 -11.74
C LEU D 407 32.33 13.37 -11.83
N THR D 408 32.33 14.51 -11.14
CA THR D 408 33.47 15.42 -11.20
C THR D 408 34.73 14.74 -10.73
N HIS D 409 34.61 13.88 -9.72
CA HIS D 409 35.77 13.20 -9.16
C HIS D 409 36.43 12.31 -10.20
N ALA D 410 35.62 11.48 -10.88
CA ALA D 410 36.15 10.61 -11.93
C ALA D 410 36.91 11.41 -12.99
N LEU D 411 36.33 12.53 -13.43
CA LEU D 411 37.01 13.39 -14.40
C LEU D 411 38.33 13.90 -13.83
N LYS D 412 38.28 14.42 -12.60
CA LYS D 412 39.47 14.84 -11.86
C LYS D 412 40.57 13.78 -11.89
N ARG D 413 40.18 12.51 -11.78
CA ARG D 413 41.14 11.43 -11.76
C ARG D 413 41.46 10.91 -13.15
N GLY D 414 41.09 11.64 -14.19
CA GLY D 414 41.38 11.22 -15.55
C GLY D 414 40.55 10.06 -16.04
N TYR D 415 39.33 9.89 -15.54
CA TYR D 415 38.46 8.80 -15.97
C TYR D 415 37.19 9.37 -16.59
N THR D 416 36.69 8.67 -17.60
CA THR D 416 35.40 9.02 -18.17
C THR D 416 34.29 8.44 -17.31
N PRO D 417 33.45 9.26 -16.69
CA PRO D 417 32.38 8.73 -15.86
C PRO D 417 31.16 8.33 -16.69
N ARG D 418 30.47 7.29 -16.20
CA ARG D 418 29.20 6.87 -16.75
C ARG D 418 28.19 6.77 -15.62
N ILE D 419 26.95 7.20 -15.88
CA ILE D 419 25.96 7.37 -14.82
C ILE D 419 24.60 6.93 -15.35
N TRP D 420 23.78 6.37 -14.46
CA TRP D 420 22.39 6.11 -14.80
C TRP D 420 21.65 7.43 -14.97
N GLY D 421 21.03 7.63 -16.13
CA GLY D 421 20.36 8.88 -16.43
C GLY D 421 19.13 9.05 -15.56
N SER D 422 19.10 10.10 -14.73
CA SER D 422 17.95 10.31 -13.87
C SER D 422 17.52 11.76 -13.78
N LEU D 423 18.11 12.67 -14.56
CA LEU D 423 17.91 14.10 -14.36
C LEU D 423 16.51 14.57 -14.74
N SER D 424 15.74 13.79 -15.49
CA SER D 424 14.34 14.12 -15.70
C SER D 424 13.49 13.89 -14.46
N ALA D 425 13.82 12.86 -13.67
CA ALA D 425 13.15 12.63 -12.40
C ALA D 425 13.72 13.51 -11.30
N LYS D 426 14.95 13.97 -11.47
CA LYS D 426 15.67 14.73 -10.44
C LYS D 426 16.05 16.11 -10.97
N PRO D 427 15.08 16.90 -11.45
CA PRO D 427 15.41 18.23 -11.96
C PRO D 427 15.78 19.15 -10.82
N GLY D 428 16.49 20.21 -11.14
CA GLY D 428 16.81 21.19 -10.12
C GLY D 428 17.77 22.27 -10.59
N LYS D 429 17.93 23.26 -9.73
CA LYS D 429 18.85 24.36 -9.99
C LYS D 429 20.31 23.90 -9.98
N THR D 430 20.62 22.85 -9.24
CA THR D 430 22.01 22.50 -9.00
C THR D 430 22.65 22.00 -10.29
N PRO D 431 23.72 22.62 -10.78
CA PRO D 431 24.35 22.15 -12.01
C PRO D 431 24.96 20.78 -11.83
N VAL D 432 24.76 19.91 -12.82
CA VAL D 432 25.44 18.62 -12.89
C VAL D 432 26.34 18.64 -14.11
N VAL D 433 27.61 18.26 -13.92
CA VAL D 433 28.54 18.28 -15.05
C VAL D 433 27.97 17.46 -16.21
N SER D 434 28.23 17.92 -17.43
CA SER D 434 27.79 17.12 -18.58
C SER D 434 28.95 16.83 -19.52
N LYS D 435 29.91 17.73 -19.60
CA LYS D 435 31.00 17.57 -20.56
C LYS D 435 31.88 16.39 -20.18
N GLY D 436 32.09 15.48 -21.13
CA GLY D 436 32.89 14.30 -20.88
C GLY D 436 32.18 13.22 -20.10
N VAL D 437 30.84 13.23 -20.08
CA VAL D 437 30.05 12.31 -19.28
C VAL D 437 29.30 11.38 -20.22
N GLN D 438 29.29 10.11 -19.88
CA GLN D 438 28.46 9.14 -20.59
C GLN D 438 27.23 8.86 -19.74
N ASN D 440 23.72 6.21 -19.31
CA ASN D 440 22.85 5.09 -19.63
C ASN D 440 21.40 5.54 -19.55
N LEU D 441 20.74 5.65 -20.71
CA LEU D 441 19.32 5.96 -20.78
C LEU D 441 18.54 4.68 -20.53
N TRP D 442 18.22 4.42 -19.27
CA TRP D 442 17.53 3.21 -18.88
C TRP D 442 16.02 3.36 -18.77
N SER D 443 15.52 4.47 -18.22
CA SER D 443 14.08 4.66 -18.11
C SER D 443 13.70 6.03 -18.68
N THR D 444 12.64 6.06 -19.51
CA THR D 444 12.20 7.33 -20.08
C THR D 444 11.67 8.27 -18.99
N GLY D 445 10.98 7.72 -17.98
CA GLY D 445 10.48 8.54 -16.90
C GLY D 445 11.54 9.11 -16.00
N TRP D 446 12.77 8.59 -16.08
CA TRP D 446 13.87 9.13 -15.30
C TRP D 446 14.80 10.00 -16.13
N LYS D 448 14.56 11.61 -20.21
CA LYS D 448 14.10 11.66 -21.58
C LYS D 448 15.31 11.81 -22.51
N ALA D 449 15.31 11.04 -23.60
CA ALA D 449 16.51 10.97 -24.43
C ALA D 449 16.88 12.31 -25.03
N TRP D 450 15.87 13.12 -25.39
CA TRP D 450 16.17 14.43 -25.97
C TRP D 450 16.72 15.42 -24.94
N GLU D 451 16.23 15.36 -23.68
CA GLU D 451 16.81 16.21 -22.65
C GLU D 451 18.28 15.87 -22.42
N ALA D 452 18.59 14.56 -22.34
CA ALA D 452 19.97 14.14 -22.13
C ALA D 452 20.87 14.60 -23.26
N VAL D 453 20.38 14.51 -24.49
CA VAL D 453 21.13 15.01 -25.64
C VAL D 453 21.37 16.51 -25.51
N ASN D 454 20.30 17.28 -25.26
CA ASN D 454 20.41 18.74 -25.17
C ASN D 454 21.25 19.18 -23.96
N GLN D 455 21.18 18.46 -22.84
CA GLN D 455 21.99 18.84 -21.68
C GLN D 455 23.48 18.58 -21.91
N GLY D 456 23.85 17.90 -22.98
CA GLY D 456 25.24 17.72 -23.36
C GLY D 456 25.86 16.34 -23.14
N TYR D 457 25.05 15.29 -22.94
CA TYR D 457 25.54 13.96 -22.58
C TYR D 457 25.68 13.05 -23.79
N ASP D 458 26.71 12.19 -23.75
CA ASP D 458 26.78 11.06 -24.66
C ASP D 458 25.90 9.95 -24.11
N VAL D 459 24.98 9.44 -24.93
CA VAL D 459 23.93 8.59 -24.39
C VAL D 459 24.08 7.16 -24.89
N ILE D 460 23.52 6.24 -24.12
CA ILE D 460 23.54 4.81 -24.39
C ILE D 460 22.12 4.30 -24.20
N ASN D 461 21.54 3.75 -25.27
CA ASN D 461 20.22 3.15 -25.16
C ASN D 461 20.30 1.93 -24.24
N THR D 462 19.69 2.04 -23.06
CA THR D 462 19.67 0.97 -22.06
C THR D 462 18.25 0.77 -21.58
N ASN D 463 17.29 0.86 -22.48
CA ASN D 463 15.91 1.03 -22.05
C ASN D 463 15.37 -0.25 -21.41
N ASP D 464 14.81 -0.09 -20.21
CA ASP D 464 14.41 -1.24 -19.41
C ASP D 464 13.35 -2.08 -20.11
N GLY D 465 12.35 -1.44 -20.73
CA GLY D 465 11.28 -2.19 -21.35
C GLY D 465 11.75 -3.07 -22.50
N ALA D 466 12.85 -2.68 -23.15
CA ALA D 466 13.38 -3.35 -24.32
C ALA D 466 14.57 -4.26 -24.03
N LEU D 467 15.40 -3.95 -23.02
CA LEU D 467 16.73 -4.54 -22.92
C LEU D 467 17.06 -5.12 -21.56
N TYR D 468 16.11 -5.14 -20.61
CA TYR D 468 16.40 -5.68 -19.28
C TYR D 468 16.02 -7.15 -19.18
N ILE D 469 16.90 -7.94 -18.60
CA ILE D 469 16.59 -9.32 -18.25
C ILE D 469 16.73 -9.49 -16.74
N VAL D 470 15.65 -9.93 -16.10
CA VAL D 470 15.70 -10.40 -14.72
C VAL D 470 15.43 -11.90 -14.73
N PRO D 471 16.47 -12.73 -14.58
CA PRO D 471 16.32 -14.18 -14.76
C PRO D 471 15.17 -14.80 -13.99
N PHE D 472 14.31 -15.50 -14.73
CA PHE D 472 13.26 -16.35 -14.17
C PHE D 472 12.25 -15.53 -13.36
N ALA D 473 11.96 -14.32 -13.82
CA ALA D 473 11.05 -13.42 -13.15
C ALA D 473 9.75 -13.25 -13.95
N GLY D 474 8.77 -12.63 -13.28
CA GLY D 474 7.52 -12.26 -13.91
C GLY D 474 7.52 -10.88 -14.54
N TYR D 475 8.71 -10.32 -14.80
CA TYR D 475 8.85 -9.00 -15.41
C TYR D 475 10.23 -8.88 -16.02
N TYR D 476 10.43 -7.82 -16.81
CA TYR D 476 11.68 -7.55 -17.52
C TYR D 476 12.22 -8.81 -18.20
N ARG D 477 11.41 -9.41 -19.07
CA ARG D 477 11.80 -10.70 -19.64
C ARG D 477 12.15 -10.57 -21.11
N ASP D 479 14.46 -11.83 -22.66
CA ASP D 479 14.84 -13.13 -23.21
C ASP D 479 13.67 -13.80 -23.92
N ARG D 480 12.42 -13.41 -23.62
CA ARG D 480 11.27 -13.90 -24.36
C ARG D 480 10.93 -13.07 -25.60
N ASN D 481 11.82 -12.18 -26.01
CA ASN D 481 11.53 -11.26 -27.11
C ASN D 481 12.77 -11.06 -27.99
N HIS D 482 13.51 -12.14 -28.25
CA HIS D 482 14.68 -12.02 -29.10
C HIS D 482 14.26 -11.81 -30.56
N LYS D 483 13.21 -12.51 -30.99
CA LYS D 483 12.75 -12.34 -32.37
C LYS D 483 12.33 -10.89 -32.62
N GLY D 484 11.58 -10.30 -31.68
CA GLY D 484 11.20 -8.90 -31.82
C GLY D 484 12.41 -7.98 -31.91
N LEU D 485 13.35 -8.14 -30.98
CA LEU D 485 14.57 -7.33 -31.03
C LEU D 485 15.20 -7.43 -32.41
N TYR D 486 15.47 -8.67 -32.85
CA TYR D 486 16.16 -8.88 -34.11
C TYR D 486 15.46 -8.19 -35.26
N ASN D 487 14.13 -8.30 -35.31
CA ASN D 487 13.39 -7.71 -36.43
C ASN D 487 13.26 -6.19 -36.32
N ASN D 488 13.02 -5.65 -35.12
CA ASN D 488 12.51 -4.28 -34.97
C ASN D 488 13.38 -3.34 -34.14
N TRP D 489 14.32 -3.84 -33.35
CA TRP D 489 15.07 -2.96 -32.46
C TRP D 489 16.20 -2.25 -33.20
N ILE D 490 16.29 -0.95 -33.01
CA ILE D 490 17.41 -0.15 -33.51
C ILE D 490 17.94 0.68 -32.35
N PRO D 491 19.24 0.99 -32.33
CA PRO D 491 19.81 1.66 -31.14
C PRO D 491 19.26 3.06 -30.92
N ASN D 492 18.87 3.76 -31.99
CA ASN D 492 18.42 5.13 -31.85
C ASN D 492 16.95 5.24 -31.46
N ARG D 493 16.20 4.14 -31.42
CA ARG D 493 14.84 4.18 -30.87
C ARG D 493 14.90 3.85 -29.38
N ILE D 494 14.80 4.88 -28.55
CA ILE D 494 14.98 4.69 -27.11
C ILE D 494 13.64 4.92 -26.42
N GLY D 495 12.89 3.85 -26.19
CA GLY D 495 11.53 3.96 -25.69
C GLY D 495 10.61 4.64 -26.70
N ASN D 496 9.79 5.58 -26.24
CA ASN D 496 8.86 6.28 -27.12
C ASN D 496 9.50 7.51 -27.78
N GLU D 497 10.79 7.73 -27.57
CA GLU D 497 11.53 8.75 -28.29
C GLU D 497 12.39 8.11 -29.37
N THR D 498 12.81 8.94 -30.33
CA THR D 498 13.68 8.47 -31.41
C THR D 498 14.63 9.57 -31.83
N LEU D 499 15.93 9.35 -31.63
CA LEU D 499 17.05 10.15 -32.08
C LEU D 499 17.40 9.81 -33.53
N PRO D 500 17.96 10.76 -34.28
CA PRO D 500 18.56 10.40 -35.56
C PRO D 500 19.75 9.47 -35.35
N SER D 501 19.76 8.36 -36.07
CA SER D 501 20.82 7.37 -35.93
C SER D 501 22.22 7.97 -36.04
N GLY D 502 22.38 9.03 -36.82
CA GLY D 502 23.67 9.65 -36.95
C GLY D 502 23.96 10.71 -35.92
N HIS D 503 23.11 10.84 -34.91
CA HIS D 503 23.35 11.81 -33.85
C HIS D 503 24.70 11.52 -33.20
N PRO D 504 25.61 12.49 -33.18
CA PRO D 504 26.98 12.19 -32.69
C PRO D 504 27.05 11.87 -31.22
N GLN D 505 26.02 12.17 -30.44
CA GLN D 505 26.06 11.88 -29.01
C GLN D 505 25.48 10.50 -28.68
N LEU D 506 24.99 9.77 -29.69
CA LEU D 506 24.41 8.45 -29.49
C LEU D 506 25.51 7.42 -29.63
N LEU D 507 26.02 6.92 -28.49
CA LEU D 507 27.16 6.01 -28.53
C LEU D 507 26.77 4.62 -29.02
N GLY D 508 25.61 4.11 -28.60
CA GLY D 508 25.20 2.76 -28.93
C GLY D 508 24.18 2.22 -27.95
N GLY D 509 24.36 0.97 -27.50
CA GLY D 509 23.37 0.34 -26.65
C GLY D 509 23.94 -0.77 -25.79
N THR D 510 23.22 -1.06 -24.71
CA THR D 510 23.59 -2.06 -23.73
C THR D 510 22.33 -2.77 -23.28
N PHE D 511 22.32 -4.10 -23.35
CA PHE D 511 21.30 -4.87 -22.66
C PHE D 511 21.84 -5.28 -21.30
N ALA D 512 20.94 -5.44 -20.34
CA ALA D 512 21.32 -5.62 -18.95
C ALA D 512 20.63 -6.84 -18.35
N VAL D 513 21.40 -7.59 -17.56
CA VAL D 513 20.89 -8.71 -16.77
C VAL D 513 20.98 -8.30 -15.31
N TRP D 514 19.84 -8.14 -14.66
CA TRP D 514 19.75 -7.80 -13.24
C TRP D 514 19.30 -9.01 -12.44
N ASN D 515 20.02 -9.32 -11.36
CA ASN D 515 19.69 -10.52 -10.58
C ASN D 515 18.85 -10.14 -9.36
N ASP D 516 17.60 -9.77 -9.65
CA ASP D 516 16.67 -9.33 -8.61
C ASP D 516 16.29 -10.50 -7.70
N GLU D 517 15.81 -11.61 -8.27
CA GLU D 517 15.21 -12.66 -7.45
C GLU D 517 16.28 -13.56 -6.86
N THR D 518 17.01 -12.99 -5.90
CA THR D 518 18.08 -13.72 -5.24
C THR D 518 17.84 -13.73 -3.73
N ASP D 519 18.89 -13.94 -2.94
CA ASP D 519 18.79 -13.89 -1.48
C ASP D 519 17.71 -14.90 -1.08
N ILE D 520 16.74 -14.53 -0.24
CA ILE D 520 15.78 -15.47 0.30
C ILE D 520 14.81 -15.89 -0.79
N HIS D 522 16.19 -16.65 -3.88
CA HIS D 522 17.05 -17.40 -4.79
C HIS D 522 16.57 -18.82 -5.00
N THR D 523 16.32 -19.16 -6.26
CA THR D 523 15.94 -20.49 -6.67
C THR D 523 17.14 -21.39 -6.89
N GLY D 524 18.35 -20.88 -6.64
CA GLY D 524 19.54 -21.67 -6.83
C GLY D 524 20.04 -21.70 -8.25
N TYR D 525 19.47 -20.88 -9.13
CA TYR D 525 19.89 -20.85 -10.51
C TYR D 525 21.34 -20.41 -10.61
N ALA D 526 22.02 -20.90 -11.63
CA ALA D 526 23.45 -20.73 -11.79
C ALA D 526 23.76 -19.82 -12.96
N PRO D 527 24.98 -19.29 -13.02
CA PRO D 527 25.45 -18.64 -14.26
C PRO D 527 25.27 -19.51 -15.51
N TYR D 528 25.44 -20.83 -15.39
CA TYR D 528 25.21 -21.73 -16.50
C TYR D 528 23.76 -21.67 -16.97
N ASP D 529 22.82 -21.53 -16.03
CA ASP D 529 21.40 -21.60 -16.38
C ASP D 529 20.94 -20.43 -17.24
N ILE D 530 21.72 -19.35 -17.30
CA ILE D 530 21.35 -18.18 -18.09
C ILE D 530 22.31 -17.95 -19.24
N TRP D 531 23.22 -18.90 -19.48
CA TRP D 531 24.15 -18.73 -20.59
C TRP D 531 23.43 -18.68 -21.93
N GLY D 532 22.41 -19.51 -22.10
CA GLY D 532 21.67 -19.51 -23.35
C GLY D 532 21.01 -18.17 -23.64
N ILE D 533 20.43 -17.55 -22.60
CA ILE D 533 19.69 -16.32 -22.83
C ILE D 533 20.63 -15.14 -23.00
N ILE D 534 21.78 -15.13 -22.32
CA ILE D 534 22.67 -13.99 -22.54
C ILE D 534 23.42 -14.16 -23.85
N SER D 535 23.77 -15.39 -24.21
CA SER D 535 24.43 -15.61 -25.50
CA SER D 535 24.43 -15.60 -25.50
C SER D 535 23.45 -15.41 -26.66
N GLY D 536 22.19 -15.81 -26.47
CA GLY D 536 21.18 -15.51 -27.46
C GLY D 536 20.92 -14.02 -27.60
N SER D 537 21.00 -13.26 -26.50
CA SER D 537 20.83 -11.81 -26.56
C SER D 537 21.99 -11.15 -27.28
N ASP D 539 23.80 -12.62 -29.83
CA ASP D 539 23.80 -12.88 -31.27
C ASP D 539 22.74 -12.07 -31.99
N VAL D 540 21.69 -11.66 -31.29
CA VAL D 540 20.66 -10.78 -31.86
C VAL D 540 21.13 -9.32 -31.85
N LEU D 541 21.44 -8.79 -30.67
CA LEU D 541 21.74 -7.37 -30.58
C LEU D 541 23.05 -7.00 -31.25
N SER D 542 24.02 -7.91 -31.33
CA SER D 542 25.26 -7.57 -32.01
C SER D 542 25.00 -7.21 -33.47
N GLN D 543 23.97 -7.81 -34.07
CA GLN D 543 23.61 -7.45 -35.44
C GLN D 543 23.07 -6.02 -35.51
N LYS D 544 22.11 -5.69 -34.64
CA LYS D 544 21.50 -4.37 -34.65
C LYS D 544 22.45 -3.29 -34.13
N LEU D 545 23.50 -3.65 -33.42
CA LEU D 545 24.44 -2.65 -32.93
C LEU D 545 25.58 -2.40 -33.90
N TRP D 546 26.11 -3.47 -34.48
CA TRP D 546 27.19 -3.36 -35.47
C TRP D 546 26.64 -3.03 -36.85
N GLY D 547 25.46 -3.57 -37.20
CA GLY D 547 24.99 -3.55 -38.57
C GLY D 547 24.00 -2.43 -38.88
N THR D 548 23.45 -2.49 -40.08
CA THR D 548 22.50 -1.52 -40.58
C THR D 548 21.16 -1.66 -39.83
N ALA D 549 20.20 -0.83 -40.22
CA ALA D 549 18.94 -0.75 -39.49
C ALA D 549 18.00 -1.93 -39.74
N LYS D 550 18.24 -2.71 -40.80
CA LYS D 550 17.34 -3.78 -41.21
C LYS D 550 18.04 -5.11 -41.07
N ALA D 551 17.35 -6.08 -40.49
CA ALA D 551 17.94 -7.40 -40.34
C ALA D 551 18.18 -7.99 -41.72
N PRO D 552 19.31 -8.68 -41.93
CA PRO D 552 19.62 -9.21 -43.26
C PRO D 552 18.89 -10.49 -43.60
N ASP D 553 18.17 -11.09 -42.64
CA ASP D 553 17.51 -12.37 -42.85
C ASP D 553 16.35 -12.47 -41.87
N THR D 554 15.76 -13.65 -41.76
CA THR D 554 14.71 -13.83 -40.76
C THR D 554 15.33 -14.33 -39.46
N PHE D 555 14.55 -14.23 -38.38
CA PHE D 555 15.05 -14.63 -37.08
C PHE D 555 15.29 -16.14 -37.05
N GLU D 556 14.55 -16.90 -37.84
CA GLU D 556 14.72 -18.34 -37.91
C GLU D 556 15.93 -18.73 -38.75
N GLN D 557 16.21 -17.99 -39.83
CA GLN D 557 17.45 -18.19 -40.57
C GLN D 557 18.65 -17.69 -39.80
N HIS D 558 18.46 -16.62 -39.02
CA HIS D 558 19.53 -16.11 -38.18
C HIS D 558 19.98 -17.16 -37.18
N ARG D 559 19.02 -17.82 -36.53
CA ARG D 559 19.40 -18.80 -35.52
C ARG D 559 20.05 -20.02 -36.14
N GLU D 560 19.57 -20.45 -37.31
CA GLU D 560 20.21 -21.57 -37.99
C GLU D 560 21.68 -21.24 -38.28
N LEU D 561 21.94 -20.00 -38.69
CA LEU D 561 23.33 -19.57 -38.85
C LEU D 561 24.06 -19.47 -37.52
N VAL D 562 23.35 -19.04 -36.45
CA VAL D 562 23.96 -19.04 -35.13
C VAL D 562 24.49 -20.42 -34.82
N SER D 563 23.67 -21.43 -35.09
CA SER D 563 24.02 -22.81 -34.76
C SER D 563 25.11 -23.35 -35.67
N SER D 564 25.13 -22.94 -36.93
CA SER D 564 26.18 -23.38 -37.84
CA SER D 564 26.18 -23.38 -37.83
C SER D 564 27.53 -22.81 -37.44
N ILE D 565 27.54 -21.61 -36.83
CA ILE D 565 28.81 -20.98 -36.48
C ILE D 565 29.33 -21.49 -35.14
N GLY D 566 28.43 -21.90 -34.24
CA GLY D 566 28.84 -22.50 -32.99
C GLY D 566 29.26 -21.52 -31.92
N ASN D 567 29.92 -22.08 -30.90
CA ASN D 567 30.39 -21.31 -29.77
C ASN D 567 31.67 -20.57 -30.14
N ALA D 568 32.01 -19.59 -29.33
CA ALA D 568 33.26 -18.87 -29.54
C ALA D 568 34.45 -19.84 -29.52
N PRO D 569 35.48 -19.58 -30.32
CA PRO D 569 36.67 -20.45 -30.33
C PRO D 569 37.22 -20.66 -28.94
N ARG D 570 37.56 -21.92 -28.63
CA ARG D 570 38.19 -22.31 -27.36
C ARG D 570 37.32 -21.94 -26.16
N THR D 571 36.01 -22.06 -26.32
CA THR D 571 35.04 -21.69 -25.30
C THR D 571 33.98 -22.77 -25.23
N ASN D 572 33.89 -23.44 -24.08
CA ASN D 572 32.98 -24.56 -23.86
C ASN D 572 32.09 -24.20 -22.67
N PRO D 573 31.25 -23.18 -22.81
CA PRO D 573 30.51 -22.68 -21.63
C PRO D 573 29.51 -23.69 -21.08
N LEU D 574 29.00 -24.58 -21.93
CA LEU D 574 28.10 -25.63 -21.46
C LEU D 574 28.84 -26.88 -20.98
N HIS D 575 30.17 -26.91 -21.11
CA HIS D 575 31.03 -27.98 -20.59
C HIS D 575 30.60 -29.36 -21.13
N LYS D 576 30.59 -29.48 -22.45
CA LYS D 576 30.27 -30.73 -23.12
C LYS D 576 31.53 -31.52 -23.47
N TRP D 577 31.36 -32.83 -23.60
CA TRP D 577 32.46 -33.66 -24.09
C TRP D 577 32.32 -33.94 -25.58
N LYS D 578 33.47 -34.24 -26.21
CA LYS D 578 33.54 -34.50 -27.65
C LYS D 578 32.75 -35.75 -28.03
N ASP D 579 33.31 -36.89 -27.71
CA ASP D 579 32.52 -38.10 -27.49
C ASP D 579 31.67 -38.10 -26.22
N SER D 580 30.49 -38.78 -26.31
CA SER D 580 29.65 -39.31 -25.22
C SER D 580 30.11 -40.69 -24.73
N GLN D 581 31.38 -41.05 -24.97
CA GLN D 581 31.92 -42.37 -24.64
C GLN D 581 32.37 -42.38 -23.18
N PRO D 582 31.88 -43.30 -22.35
CA PRO D 582 31.98 -43.16 -20.88
C PRO D 582 33.40 -43.08 -20.36
N LEU D 583 33.48 -42.68 -19.09
CA LEU D 583 34.69 -42.82 -18.27
C LEU D 583 34.47 -43.85 -17.17
N THR D 584 35.38 -44.81 -17.08
CA THR D 584 35.36 -45.77 -15.99
C THR D 584 36.71 -45.77 -15.28
N VAL D 585 36.66 -45.72 -13.95
CA VAL D 585 37.86 -45.71 -13.11
C VAL D 585 37.71 -46.78 -12.03
N LYS D 586 38.71 -47.66 -11.92
CA LYS D 586 38.94 -48.39 -10.69
C LYS D 586 40.03 -47.65 -9.93
N PRO D 587 39.69 -46.96 -8.85
CA PRO D 587 40.71 -46.20 -8.12
C PRO D 587 41.57 -47.11 -7.28
N SER D 588 42.89 -46.85 -7.30
CA SER D 588 43.84 -47.65 -6.56
C SER D 588 44.17 -47.08 -5.18
N SER D 589 44.08 -45.76 -5.03
CA SER D 589 44.30 -45.09 -3.76
C SER D 589 43.96 -43.60 -3.89
N LEU D 590 43.11 -43.10 -2.99
CA LEU D 590 42.64 -41.73 -2.89
C LEU D 590 43.58 -40.92 -1.99
N PRO D 591 43.74 -39.62 -2.28
CA PRO D 591 43.15 -38.92 -3.43
C PRO D 591 43.75 -39.36 -4.77
N GLN D 592 42.91 -39.61 -5.75
CA GLN D 592 43.37 -40.03 -7.07
C GLN D 592 43.16 -38.91 -8.08
N LYS D 593 44.20 -38.65 -8.86
CA LYS D 593 44.17 -37.59 -9.86
C LYS D 593 43.53 -38.12 -11.14
N LEU D 594 42.41 -37.50 -11.55
CA LEU D 594 41.71 -37.89 -12.77
C LEU D 594 42.10 -37.00 -13.95
N ASP D 595 41.89 -35.69 -13.81
CA ASP D 595 42.28 -34.69 -14.81
C ASP D 595 41.45 -34.77 -16.08
N LYS D 596 40.20 -35.22 -15.98
CA LYS D 596 39.25 -35.11 -17.07
C LYS D 596 38.60 -33.74 -17.04
N PRO D 597 38.01 -33.29 -18.16
CA PRO D 597 37.32 -31.99 -18.15
C PRO D 597 35.97 -32.07 -17.46
N ALA D 598 35.52 -30.92 -16.98
CA ALA D 598 34.23 -30.85 -16.30
C ALA D 598 33.10 -31.22 -17.27
N LEU D 599 32.07 -31.87 -16.74
CA LEU D 599 30.97 -32.39 -17.53
C LEU D 599 29.67 -31.73 -17.08
N GLY D 600 29.06 -30.94 -17.99
CA GLY D 600 27.77 -30.35 -17.72
C GLY D 600 26.66 -31.32 -18.00
N PRO D 601 25.45 -30.97 -17.58
CA PRO D 601 24.29 -31.80 -17.91
C PRO D 601 24.22 -32.05 -19.41
N ASN D 602 23.70 -33.22 -19.78
CA ASN D 602 23.25 -34.24 -18.85
C ASN D 602 24.29 -35.35 -18.63
N TYR D 603 24.17 -36.05 -17.50
CA TYR D 603 25.09 -37.13 -17.14
C TYR D 603 24.46 -38.01 -16.08
N ARG D 604 25.01 -39.20 -15.93
CA ARG D 604 24.70 -40.09 -14.80
C ARG D 604 26.03 -40.55 -14.21
N LEU D 605 26.35 -40.03 -13.03
CA LEU D 605 27.53 -40.42 -12.25
C LEU D 605 27.17 -41.60 -11.36
N THR D 606 27.83 -42.73 -11.55
CA THR D 606 27.56 -43.95 -10.77
C THR D 606 28.78 -44.34 -9.96
N GLU D 608 30.34 -46.85 -6.65
CA GLU D 608 30.35 -47.91 -5.65
C GLU D 608 31.35 -47.48 -4.60
N LEU D 609 30.91 -47.33 -3.36
CA LEU D 609 31.82 -46.80 -2.36
C LEU D 609 31.39 -47.21 -0.95
N GLU D 610 32.31 -47.03 -0.01
CA GLU D 610 32.01 -47.22 1.40
C GLU D 610 32.65 -46.09 2.20
N LEU D 611 31.86 -45.52 3.11
CA LEU D 611 32.29 -44.41 3.95
C LEU D 611 32.67 -44.98 5.31
N THR D 612 33.97 -45.02 5.61
CA THR D 612 34.47 -45.74 6.78
C THR D 612 34.42 -44.92 8.08
N ALA D 613 34.22 -43.61 7.99
CA ALA D 613 34.14 -42.74 9.16
C ALA D 613 33.51 -41.42 8.73
N ALA D 614 32.70 -40.83 9.63
CA ALA D 614 32.02 -39.56 9.36
C ALA D 614 31.96 -38.73 10.62
N PRO D 615 33.11 -38.21 11.07
CA PRO D 615 33.12 -37.27 12.19
C PRO D 615 32.19 -36.08 11.95
N GLU D 616 31.52 -35.63 13.01
CA GLU D 616 30.40 -34.72 12.83
C GLU D 616 30.84 -33.26 12.76
N GLY D 617 30.33 -32.57 11.75
CA GLY D 617 30.73 -31.21 11.50
C GLY D 617 31.93 -31.07 10.59
N LYS D 618 32.45 -32.18 10.07
CA LYS D 618 33.59 -32.13 9.16
C LYS D 618 33.17 -32.53 7.75
N GLU D 619 33.79 -31.88 6.75
CA GLU D 619 33.38 -31.95 5.36
C GLU D 619 34.28 -32.90 4.60
N GLN D 620 33.69 -33.78 3.79
CA GLN D 620 34.44 -34.73 2.97
C GLN D 620 34.17 -34.47 1.49
N VAL D 621 35.22 -34.17 0.75
CA VAL D 621 35.12 -33.89 -0.68
C VAL D 621 35.36 -35.18 -1.44
N LEU D 622 34.41 -35.56 -2.29
CA LEU D 622 34.51 -36.78 -3.09
C LEU D 622 34.97 -36.52 -4.53
N LEU D 623 34.55 -35.40 -5.13
CA LEU D 623 35.07 -34.96 -6.43
C LEU D 623 35.37 -33.48 -6.36
N ALA D 624 36.40 -33.05 -7.10
CA ALA D 624 36.87 -31.67 -6.99
C ALA D 624 37.45 -31.22 -8.32
N ALA D 625 37.32 -29.92 -8.58
CA ALA D 625 37.84 -29.23 -9.74
C ALA D 625 37.55 -27.74 -9.57
N PRO D 626 38.13 -26.87 -10.40
CA PRO D 626 37.76 -25.44 -10.33
C PRO D 626 36.26 -25.20 -10.40
N GLU D 627 35.52 -26.03 -11.13
CA GLU D 627 34.10 -25.81 -11.35
C GLU D 627 33.22 -26.20 -10.16
N GLY D 628 33.78 -26.79 -9.12
CA GLY D 628 32.98 -27.15 -7.96
C GLY D 628 33.52 -28.37 -7.25
N GLU D 629 32.81 -28.75 -6.18
CA GLU D 629 33.16 -29.85 -5.29
C GLU D 629 31.93 -30.67 -4.96
N LEU D 630 32.01 -31.98 -5.15
CA LEU D 630 30.96 -32.87 -4.66
C LEU D 630 31.29 -33.27 -3.23
N LEU D 631 30.32 -33.11 -2.32
CA LEU D 631 30.55 -33.37 -0.90
C LEU D 631 29.84 -34.67 -0.52
N ALA D 632 30.62 -35.68 -0.14
CA ALA D 632 30.01 -36.92 0.34
C ALA D 632 29.42 -36.70 1.72
N VAL D 633 30.05 -35.83 2.51
CA VAL D 633 29.56 -35.46 3.82
C VAL D 633 29.70 -33.95 3.95
N LYS D 635 28.95 -30.40 6.42
CA LYS D 635 29.09 -30.11 7.85
C LYS D 635 27.83 -30.51 8.61
N ASP D 636 26.68 -30.55 7.93
CA ASP D 636 25.44 -31.03 8.53
C ASP D 636 25.29 -32.54 8.35
N GLY D 637 26.27 -33.19 7.72
CA GLY D 637 26.27 -34.63 7.61
C GLY D 637 25.64 -35.21 6.37
N THR D 638 24.98 -34.39 5.54
CA THR D 638 24.26 -34.85 4.35
C THR D 638 25.16 -34.89 3.11
N VAL D 639 24.62 -35.43 2.02
CA VAL D 639 25.28 -35.40 0.72
C VAL D 639 24.87 -34.13 -0.02
N GLY D 640 25.85 -33.39 -0.52
CA GLY D 640 25.64 -32.19 -1.29
C GLY D 640 26.85 -31.85 -2.13
N PHE D 641 26.90 -30.59 -2.58
CA PHE D 641 27.98 -30.09 -3.41
C PHE D 641 28.01 -28.59 -3.24
N ARG D 642 29.15 -27.98 -3.58
CA ARG D 642 29.10 -26.52 -3.76
C ARG D 642 29.75 -26.20 -5.11
N ARG D 643 29.14 -25.26 -5.84
CA ARG D 643 29.59 -24.82 -7.16
C ARG D 643 30.64 -23.72 -7.04
N ASP D 644 31.17 -23.31 -8.20
CA ASP D 644 32.17 -22.26 -8.23
C ASP D 644 31.57 -20.86 -8.14
N ASP D 645 30.25 -20.71 -8.02
CA ASP D 645 29.69 -19.43 -7.60
C ASP D 645 29.49 -19.38 -6.08
N SER D 646 30.06 -20.36 -5.36
CA SER D 646 30.02 -20.51 -3.90
C SER D 646 28.64 -20.88 -3.38
N LEU D 647 27.74 -21.39 -4.23
CA LEU D 647 26.43 -21.84 -3.77
C LEU D 647 26.47 -23.32 -3.40
N GLU D 648 25.94 -23.63 -2.21
CA GLU D 648 25.96 -24.97 -1.65
C GLU D 648 24.57 -25.58 -1.74
N PHE D 649 24.52 -26.89 -1.98
CA PHE D 649 23.26 -27.61 -2.11
C PHE D 649 23.32 -28.87 -1.27
N SER D 650 22.17 -29.28 -0.77
CA SER D 650 22.01 -30.51 -0.03
C SER D 650 21.04 -31.42 -0.75
N PHE D 651 21.29 -32.72 -0.70
CA PHE D 651 20.30 -33.70 -1.16
C PHE D 651 19.37 -34.14 -0.04
N GLY D 652 19.61 -33.70 1.19
CA GLY D 652 18.81 -34.11 2.32
C GLY D 652 19.03 -35.53 2.80
N ALA D 653 19.93 -36.27 2.18
CA ALA D 653 20.19 -37.65 2.53
C ALA D 653 21.61 -37.79 3.04
N LYS D 654 21.84 -38.80 3.88
CA LYS D 654 23.15 -39.08 4.43
C LYS D 654 23.66 -40.43 3.94
N LEU D 655 24.92 -40.48 3.56
CA LEU D 655 25.57 -41.75 3.28
C LEU D 655 25.62 -42.62 4.52
N PRO D 656 25.37 -43.92 4.39
CA PRO D 656 25.56 -44.82 5.53
C PRO D 656 27.04 -45.09 5.79
N VAL D 657 27.40 -45.19 7.07
CA VAL D 657 28.78 -45.41 7.49
C VAL D 657 28.98 -46.88 7.81
N GLY D 658 30.05 -47.45 7.24
CA GLY D 658 30.39 -48.83 7.44
C GLY D 658 29.86 -49.78 6.38
N LYS D 659 28.82 -49.39 5.66
CA LYS D 659 28.25 -50.25 4.63
C LYS D 659 28.51 -49.67 3.25
N LYS D 660 28.81 -50.57 2.32
CA LYS D 660 28.95 -50.26 0.91
C LYS D 660 27.60 -49.85 0.33
N VAL D 661 27.62 -48.87 -0.57
CA VAL D 661 26.39 -48.29 -1.12
C VAL D 661 26.65 -47.83 -2.54
N LYS D 662 25.62 -47.91 -3.38
CA LYS D 662 25.72 -47.47 -4.77
C LYS D 662 25.19 -46.05 -4.89
N VAL D 663 26.00 -45.16 -5.45
CA VAL D 663 25.70 -43.72 -5.49
C VAL D 663 25.54 -43.31 -6.94
N GLU D 664 24.32 -42.91 -7.31
CA GLU D 664 24.01 -42.41 -8.64
C GLU D 664 23.56 -40.96 -8.53
N ILE D 665 24.21 -40.08 -9.29
CA ILE D 665 23.85 -38.67 -9.36
C ILE D 665 23.56 -38.31 -10.81
N VAL D 666 22.29 -38.08 -11.12
CA VAL D 666 21.86 -37.66 -12.46
C VAL D 666 21.83 -36.14 -12.47
N GLY D 667 22.69 -35.53 -13.30
CA GLY D 667 22.67 -34.08 -13.44
C GLY D 667 21.99 -33.61 -14.71
N GLU D 668 20.82 -33.00 -14.58
CA GLU D 668 20.06 -32.38 -15.67
C GLU D 668 20.09 -30.86 -15.52
N PRO D 669 19.72 -30.12 -16.56
CA PRO D 669 19.69 -28.65 -16.42
C PRO D 669 18.70 -28.22 -15.35
N GLU D 670 19.20 -27.43 -14.39
CA GLU D 670 18.40 -26.92 -13.26
C GLU D 670 17.89 -28.03 -12.34
N LYS D 671 18.57 -29.20 -12.32
CA LYS D 671 18.20 -30.31 -11.45
C LYS D 671 19.32 -31.35 -11.34
N THR D 672 19.78 -31.63 -10.11
CA THR D 672 20.71 -32.71 -9.84
C THR D 672 20.07 -33.64 -8.83
N SER D 673 20.01 -34.94 -9.13
CA SER D 673 19.27 -35.90 -8.33
CA SER D 673 19.27 -35.89 -8.31
C SER D 673 20.21 -36.94 -7.74
N LEU D 674 19.77 -37.55 -6.63
CA LEU D 674 20.54 -38.52 -5.88
C LEU D 674 19.78 -39.82 -5.73
N LEU D 675 20.43 -40.93 -6.08
CA LEU D 675 19.90 -42.27 -5.87
C LEU D 675 20.90 -43.05 -5.02
N LEU D 676 20.43 -43.58 -3.89
CA LEU D 676 21.22 -44.47 -3.07
C LEU D 676 20.66 -45.88 -3.19
N ASP D 677 21.52 -46.82 -3.58
CA ASP D 677 21.13 -48.23 -3.76
C ASP D 677 19.86 -48.34 -4.61
N GLY D 678 19.84 -47.60 -5.73
CA GLY D 678 18.73 -47.64 -6.65
C GLY D 678 17.48 -46.91 -6.20
N GLU D 679 17.42 -46.47 -4.94
CA GLU D 679 16.23 -45.71 -4.54
C GLU D 679 16.52 -44.21 -4.55
N PRO D 680 15.61 -43.41 -5.07
CA PRO D 680 15.84 -41.96 -5.09
C PRO D 680 15.93 -41.43 -3.67
N ALA D 681 16.96 -40.61 -3.42
CA ALA D 681 17.22 -40.09 -2.08
C ALA D 681 16.93 -38.61 -1.94
N GLY D 682 16.86 -37.86 -3.03
CA GLY D 682 16.41 -36.48 -2.97
C GLY D 682 16.94 -35.69 -4.13
N THR D 683 16.47 -34.44 -4.21
CA THR D 683 16.96 -33.47 -5.19
C THR D 683 17.66 -32.34 -4.47
N ALA D 684 18.72 -31.84 -5.08
CA ALA D 684 19.50 -30.76 -4.47
C ALA D 684 18.64 -29.53 -4.22
N VAL D 685 18.87 -28.88 -3.08
CA VAL D 685 18.19 -27.64 -2.74
C VAL D 685 19.23 -26.63 -2.23
N LEU D 686 19.07 -25.37 -2.62
CA LEU D 686 19.99 -24.34 -2.19
C LEU D 686 19.82 -24.06 -0.70
N LYS D 687 20.95 -24.03 0.03
CA LYS D 687 20.95 -23.86 1.47
C LYS D 687 21.54 -22.54 1.92
N ASN D 688 22.09 -21.74 0.99
CA ASN D 688 22.91 -20.59 1.38
C ASN D 688 22.12 -19.60 2.24
N PHE D 689 20.88 -19.28 1.85
CA PHE D 689 20.13 -18.21 2.50
C PHE D 689 18.85 -18.69 3.17
N SER D 690 18.50 -19.98 3.06
CA SER D 690 17.16 -20.39 3.46
C SER D 690 16.97 -20.29 4.97
N ASP D 691 18.04 -20.43 5.75
CA ASP D 691 17.95 -20.34 7.21
CA ASP D 691 17.90 -20.35 7.19
C ASP D 691 17.40 -18.99 7.66
N LYS D 692 17.53 -17.95 6.83
CA LYS D 692 17.09 -16.63 7.28
C LYS D 692 15.58 -16.46 7.25
N SER D 693 14.87 -17.21 6.41
CA SER D 693 13.43 -17.07 6.27
C SER D 693 12.68 -18.36 6.61
N LYS D 694 13.36 -19.30 7.29
CA LYS D 694 12.78 -20.59 7.60
C LYS D 694 11.59 -20.48 8.55
N ASP D 695 11.44 -19.36 9.26
CA ASP D 695 10.34 -19.20 10.19
C ASP D 695 9.34 -18.14 9.74
N PHE D 696 9.52 -17.57 8.55
CA PHE D 696 8.51 -16.68 8.00
C PHE D 696 7.21 -17.45 7.85
N SER D 697 6.11 -16.82 8.23
CA SER D 697 4.79 -17.42 8.09
C SER D 697 4.38 -17.41 6.62
N ASP D 698 3.19 -17.96 6.34
CA ASP D 698 2.71 -18.02 4.97
C ASP D 698 2.26 -16.67 4.44
N LYS D 699 2.16 -15.62 5.28
CA LYS D 699 1.88 -14.31 4.71
C LYS D 699 3.04 -13.82 3.86
N PHE D 700 4.22 -14.44 4.04
CA PHE D 700 5.35 -14.25 3.13
C PHE D 700 5.16 -15.17 1.93
N LYS D 701 5.29 -14.54 0.76
CA LYS D 701 4.78 -14.93 -0.55
C LYS D 701 5.93 -15.29 -1.50
N HIS D 702 7.18 -15.01 -1.11
CA HIS D 702 8.30 -14.93 -2.04
C HIS D 702 9.40 -15.98 -1.78
N ARG D 703 9.02 -17.14 -1.24
CA ARG D 703 9.92 -18.27 -1.28
C ARG D 703 10.17 -18.64 -2.74
N PRO D 704 11.32 -19.25 -3.05
CA PRO D 704 11.58 -19.73 -4.42
C PRO D 704 10.50 -20.72 -4.83
N LYS D 705 9.82 -20.42 -5.94
CA LYS D 705 8.75 -21.28 -6.43
C LYS D 705 9.27 -22.61 -6.96
N VAL D 706 10.56 -22.71 -7.21
CA VAL D 706 11.17 -23.94 -7.72
C VAL D 706 12.61 -24.00 -7.23
N HIS D 707 13.06 -25.20 -6.85
CA HIS D 707 14.44 -25.40 -6.43
C HIS D 707 15.25 -25.89 -7.63
N ARG D 708 16.01 -24.98 -8.24
CA ARG D 708 16.93 -25.35 -9.29
C ARG D 708 18.26 -25.79 -8.69
N SER D 709 18.91 -26.75 -9.38
CA SER D 709 19.98 -27.54 -8.79
C SER D 709 21.13 -27.83 -9.76
N THR D 710 21.34 -27.01 -10.79
CA THR D 710 22.38 -27.28 -11.76
C THR D 710 23.72 -27.50 -11.08
N PHE D 711 24.41 -28.57 -11.48
CA PHE D 711 25.73 -28.92 -10.94
C PHE D 711 26.63 -29.42 -12.06
N ILE D 712 27.65 -28.64 -12.41
CA ILE D 712 28.66 -29.08 -13.36
C ILE D 712 29.57 -30.08 -12.64
N LEU D 713 29.63 -31.31 -13.14
CA LEU D 713 30.39 -32.37 -12.48
C LEU D 713 31.89 -32.07 -12.50
N PRO D 714 32.54 -31.92 -11.36
CA PRO D 714 34.01 -31.77 -11.34
C PRO D 714 34.68 -33.13 -11.44
N LEU D 715 35.75 -33.21 -12.26
CA LEU D 715 36.45 -34.47 -12.48
C LEU D 715 37.96 -34.28 -12.54
N LYS D 716 38.51 -33.53 -11.59
CA LYS D 716 39.96 -33.36 -11.52
C LYS D 716 40.64 -34.30 -10.52
N GLU D 717 40.12 -34.38 -9.30
CA GLU D 717 40.69 -35.24 -8.27
C GLU D 717 39.56 -35.98 -7.57
N LEU D 718 39.77 -37.27 -7.32
CA LEU D 718 38.77 -38.14 -6.72
C LEU D 718 39.13 -38.37 -5.26
N GLY D 719 38.19 -38.06 -4.36
CA GLY D 719 38.34 -38.36 -2.95
C GLY D 719 39.35 -37.49 -2.22
N SER D 720 39.32 -36.18 -2.49
CA SER D 720 40.26 -35.25 -1.87
C SER D 720 40.33 -35.42 -0.36
N SER D 721 39.19 -35.65 0.30
CA SER D 721 39.16 -35.70 1.76
C SER D 721 38.12 -36.71 2.24
N PHE D 722 38.07 -37.87 1.59
CA PHE D 722 37.02 -38.86 1.80
C PHE D 722 37.57 -39.95 2.73
N GLN D 723 37.06 -40.02 3.97
CA GLN D 723 37.48 -41.16 4.78
C GLN D 723 36.71 -42.37 4.28
N GLY D 724 37.19 -43.02 3.24
CA GLY D 724 36.44 -44.14 2.73
C GLY D 724 37.15 -44.78 1.57
N LYS D 725 36.45 -45.71 0.92
CA LYS D 725 36.94 -46.38 -0.27
C LYS D 725 35.96 -46.12 -1.41
N VAL D 726 36.52 -45.91 -2.60
CA VAL D 726 35.75 -45.83 -3.84
C VAL D 726 36.03 -47.12 -4.60
N PHE D 727 35.03 -47.99 -4.70
CA PHE D 727 35.25 -49.25 -5.38
C PHE D 727 35.17 -49.08 -6.89
N HIS D 728 34.16 -48.35 -7.37
CA HIS D 728 33.90 -48.24 -8.79
C HIS D 728 33.31 -46.88 -9.10
N ASN D 730 31.79 -44.42 -12.45
CA ASN D 730 31.40 -44.38 -13.85
C ASN D 730 30.76 -43.05 -14.19
N VAL D 731 31.30 -42.36 -15.20
CA VAL D 731 30.77 -41.09 -15.69
C VAL D 731 30.21 -41.31 -17.10
N GLN D 732 28.89 -41.14 -17.23
CA GLN D 732 28.18 -41.39 -18.48
C GLN D 732 27.53 -40.10 -18.98
N PRO D 733 28.11 -39.43 -19.96
CA PRO D 733 27.37 -38.34 -20.63
C PRO D 733 26.08 -38.83 -21.24
N LEU D 734 25.05 -37.98 -21.22
CA LEU D 734 23.76 -38.37 -21.78
C LEU D 734 23.27 -37.44 -22.90
#